data_7Y7J
#
_entry.id   7Y7J
#
_cell.length_a   1.00
_cell.length_b   1.00
_cell.length_c   1.00
_cell.angle_alpha   90.00
_cell.angle_beta   90.00
_cell.angle_gamma   90.00
#
_symmetry.space_group_name_H-M   'P 1'
#
loop_
_entity.id
_entity.type
_entity.pdbx_description
1 polymer 'Spike glycoprotein'
2 polymer '1F VH'
3 polymer '1F VL'
4 branched 2-acetamido-2-deoxy-beta-D-glucopyranose-(1-4)-2-acetamido-2-deoxy-beta-D-glucopyranose
5 non-polymer 2-acetamido-2-deoxy-beta-D-glucopyranose
#
loop_
_entity_poly.entity_id
_entity_poly.type
_entity_poly.pdbx_seq_one_letter_code
_entity_poly.pdbx_strand_id
1 'polypeptide(L)'
;MFVFLVLLPLVSSQCVNLTTRTQLPPAYTNSFTRGVYYPDKVFRSSVLHSTQDLFLPFFSNVTWFHAIHVSGTNGTKRFD
NPVLPFNDGVYFASTEKSNIIRGWIFGTTLDSKTQSLLIVNNATNVVIKVCEFQFCNDPFLGVYYHKNNKSWMESEFRVY
SSANNCTFEYVSQPFLMDLEGKQGNFKNLREFVFKNIDGYFKIYSKHTPINLVRDLPQGFSALEPLVDLPIGINITRFQT
LLALHRSYLTPGDSSSGWTAGAAAYYVGYLQPRTFLLKYNENGTITDAVDCALDPLSETKCTLKSFTVEKGIYQTSNFRV
QPTESIVRFPNITNLCPFGEVFNATRFASVYAWNRKRISNCVADYSVLYNSASFSTFKCYGVSPTKLNDLCFTNVYADSF
VIRGDEVRQIAPGQTGKIADYNYKLPDDFTGCVIAWNSNNLDSKVGGNYNYLYRLFRKSNLKPFERDISTEIYQAGSTPC
NGVEGFNCYFPLQSYGFQPTNGVGYQPYRVVVLSFELLHAPATVCGPKKSTNLVKNKCVNFNFNGLTGTGVLTESNKKFL
PFQQFGRDIADTTDAVRDPQTLEILDITPCSFGGVSVITPGTNTSNQVAVLYQDVNCTEVPVAIHADQLTPTWRVYSTGS
NVFQTRAGCLIGAEHVNNSYECDIPIGAGICASYQTQTNSPGSASSVASQSIIAYTMSLGAENSVAYSNNSIAIPTNFTI
SVTTEILPVSMTKTSVDCTMYICGDSTECSNLLLQYGSFCTQLNRALTGIAVEQDKNTQEVFAQVKQIYKTPPIKDFGGF
NFSQILPDPSKPSKRSFIEDLLFNKVTLADAGFIKQYGDCLGDIAARDLICAQKFNGLTVLPPLLTDEMIAQYTSALLAG
TITSGWTFGAGAALQIPFAMQMAYRFNGIGVTQNVLYENQKLIANQFNSAIGKIQDSLSSTASALGKLQDVVNQNAQALN
TLVKQLSSNFGAISSVLNDILSRLDPPEAEVQIDRLITGRLQSLQTYVTQQLIRAAEIRASANLAATKMSECVLGQSKRV
DFCGKGYHLMSFPQSAPHGVVFLHVTYVPAQEKNFTTAPAICHDGKAHFPREGVFVSNGTHWFVTQRNFYEPQIITTDNT
FVSGNCDVVIGIVNNTVYDPLQPELDSFKEELDKYFKNHTSPDVDLGDISGINASVVNIQKEIDRLNEVAKNLNESLIDL
QELGKYEQGSGYIPEAPRDGQAYVRKDGEWVFLSTFLSGLEVLFQGPGGWSHPQFEKGGGSGGGSGGSAWSHPQFEKGGS
HHHHHHHH
;
A,B,C
2 'polypeptide(L)'
;EVQLVESGPGLVKPSETLSLTCTVSGGSISSSSYYWGWIRQPPGKGLEWIGSIYYRGSTYYNPSLKSRVTISVDTSKNQF
SLKLSSVTAADTAVYYCARHVRSAYYYGSGSYRDEGNWFDPWGQGTLVTVSS
;
E
3 'polypeptide(L)'
;QSVLTQPPSVSGAPGQRVTISCTGTRSNIGAGHDVHWYQQLPGTAPKLLIYGNNNRPSGVPDRFSGAKSGTSASLAITGL
QAEDEADYYCQSYDRTLTSYVFGTGTKVTVL
;
D
#
# COMPACT_ATOMS: atom_id res chain seq x y z
N ALA A 27 19.69 47.58 26.35
CA ALA A 27 19.74 48.18 25.02
C ALA A 27 19.43 47.14 23.95
N TYR A 28 18.18 47.07 23.53
CA TYR A 28 17.75 46.11 22.54
C TYR A 28 17.71 46.74 21.16
N THR A 29 17.56 45.90 20.13
CA THR A 29 17.57 46.39 18.76
C THR A 29 16.78 45.43 17.89
N ASN A 30 16.42 45.90 16.69
CA ASN A 30 15.61 45.15 15.73
C ASN A 30 16.51 44.46 14.72
N SER A 31 16.60 43.13 14.80
CA SER A 31 17.29 42.32 13.81
C SER A 31 16.39 42.17 12.59
N PHE A 32 16.38 43.21 11.76
CA PHE A 32 15.46 43.33 10.65
C PHE A 32 15.45 42.12 9.72
N THR A 33 16.55 41.89 9.01
CA THR A 33 16.66 40.71 8.15
C THR A 33 18.00 40.02 8.19
N ARG A 34 19.02 40.58 8.83
CA ARG A 34 20.36 40.02 8.77
C ARG A 34 20.39 38.61 9.35
N GLY A 35 21.48 37.91 9.09
CA GLY A 35 21.68 36.58 9.61
C GLY A 35 21.48 35.44 8.64
N VAL A 36 21.36 35.71 7.37
CA VAL A 36 21.21 34.68 6.36
C VAL A 36 22.59 34.25 5.90
N TYR A 37 22.77 32.96 5.64
CA TYR A 37 24.06 32.47 5.23
C TYR A 37 23.87 31.30 4.26
N TYR A 38 24.93 30.97 3.56
CA TYR A 38 24.92 29.87 2.61
C TYR A 38 24.91 28.52 3.32
N PRO A 39 23.82 27.77 3.29
CA PRO A 39 23.73 26.55 4.10
C PRO A 39 24.67 25.45 3.67
N ASP A 40 25.11 25.41 2.42
CA ASP A 40 25.98 24.33 1.98
C ASP A 40 26.81 24.79 0.78
N LYS A 41 27.87 24.03 0.50
CA LYS A 41 28.84 24.34 -0.53
C LYS A 41 28.37 23.97 -1.92
N VAL A 42 27.07 23.75 -2.10
CA VAL A 42 26.51 23.40 -3.40
C VAL A 42 26.02 24.68 -4.08
N PHE A 43 26.03 24.66 -5.41
CA PHE A 43 25.77 25.84 -6.21
C PHE A 43 24.37 25.77 -6.82
N ARG A 44 23.61 26.85 -6.66
CA ARG A 44 22.28 27.01 -7.24
C ARG A 44 22.18 28.42 -7.80
N SER A 45 21.33 28.59 -8.80
CA SER A 45 21.14 29.93 -9.36
C SER A 45 19.77 30.04 -9.99
N SER A 46 19.21 31.24 -9.93
CA SER A 46 17.93 31.55 -10.57
C SER A 46 16.84 30.57 -10.13
N VAL A 47 16.84 30.22 -8.85
CA VAL A 47 15.92 29.21 -8.33
C VAL A 47 15.69 29.47 -6.85
N LEU A 48 14.45 29.28 -6.42
CA LEU A 48 14.09 29.36 -5.01
C LEU A 48 14.30 27.99 -4.38
N HIS A 49 14.94 27.95 -3.22
CA HIS A 49 15.13 26.69 -2.51
C HIS A 49 14.79 26.87 -1.04
N SER A 50 14.06 25.92 -0.49
CA SER A 50 13.64 25.97 0.91
C SER A 50 14.43 24.92 1.67
N THR A 51 15.13 25.35 2.72
CA THR A 51 15.88 24.45 3.58
C THR A 51 15.62 24.79 5.05
N GLN A 52 15.82 23.78 5.89
CA GLN A 52 15.72 23.94 7.33
C GLN A 52 17.11 23.91 7.95
N ASP A 53 17.39 24.91 8.78
CA ASP A 53 18.67 25.01 9.47
C ASP A 53 18.52 26.05 10.58
N LEU A 54 19.61 26.27 11.31
CA LEU A 54 19.66 27.26 12.37
C LEU A 54 19.81 28.65 11.74
N PHE A 55 18.90 29.56 12.07
CA PHE A 55 18.99 30.92 11.55
C PHE A 55 18.58 31.90 12.63
N LEU A 56 18.68 33.18 12.30
CA LEU A 56 18.27 34.23 13.21
C LEU A 56 16.87 34.69 12.88
N PRO A 57 15.87 34.46 13.75
CA PRO A 57 14.51 34.87 13.44
C PRO A 57 14.43 36.34 13.12
N PHE A 58 13.67 36.66 12.08
CA PHE A 58 13.55 38.03 11.60
C PHE A 58 12.88 38.92 12.63
N PHE A 59 13.31 40.18 12.65
CA PHE A 59 12.77 41.19 13.55
C PHE A 59 12.88 40.79 15.01
N SER A 60 13.72 39.81 15.33
CA SER A 60 13.94 39.52 16.73
C SER A 60 14.71 40.66 17.37
N ASN A 61 14.77 40.65 18.69
CA ASN A 61 15.53 41.68 19.38
C ASN A 61 16.98 41.24 19.44
N VAL A 62 17.87 42.23 19.52
CA VAL A 62 19.29 41.96 19.70
C VAL A 62 19.79 42.77 20.89
N THR A 63 20.92 42.33 21.45
CA THR A 63 21.51 43.01 22.59
C THR A 63 22.61 43.94 22.11
N TRP A 64 22.70 45.12 22.71
CA TRP A 64 23.58 46.19 22.26
C TRP A 64 24.53 46.54 23.39
N PHE A 65 25.83 46.40 23.15
CA PHE A 65 26.86 46.77 24.11
C PHE A 65 27.68 47.93 23.58
N HIS A 66 28.27 48.68 24.50
CA HIS A 66 29.02 49.87 24.14
C HIS A 66 30.36 49.91 24.86
N PHE A 79 34.57 50.32 29.73
CA PHE A 79 33.22 49.83 29.51
C PHE A 79 33.04 48.47 30.15
N ASP A 80 31.83 47.92 30.03
CA ASP A 80 31.46 46.65 30.61
C ASP A 80 31.31 45.61 29.50
N ASN A 81 32.27 44.68 29.41
CA ASN A 81 32.12 43.55 28.50
C ASN A 81 31.99 42.26 29.30
N PRO A 82 30.77 41.83 29.60
CA PRO A 82 30.58 40.58 30.36
C PRO A 82 30.82 39.35 29.51
N VAL A 83 30.90 38.21 30.19
CA VAL A 83 30.98 36.92 29.53
C VAL A 83 29.59 36.55 29.05
N LEU A 84 29.50 35.80 27.94
CA LEU A 84 28.20 35.58 27.31
C LEU A 84 28.00 34.11 26.95
N PRO A 85 26.87 33.55 27.36
CA PRO A 85 26.46 32.22 26.87
C PRO A 85 26.51 32.10 25.36
N PHE A 86 26.85 30.90 24.89
CA PHE A 86 26.96 30.62 23.47
C PHE A 86 25.65 30.09 22.86
N ASN A 87 24.78 29.51 23.69
CA ASN A 87 23.37 29.28 23.36
C ASN A 87 23.16 28.69 21.95
N ASP A 88 23.97 27.70 21.60
CA ASP A 88 23.85 27.00 20.31
C ASP A 88 23.91 27.97 19.14
N GLY A 89 25.02 28.67 19.05
CA GLY A 89 25.26 29.55 17.93
C GLY A 89 25.11 31.01 18.36
N VAL A 90 25.87 31.87 17.71
CA VAL A 90 25.90 33.28 18.10
C VAL A 90 26.03 34.15 16.86
N TYR A 91 25.08 35.07 16.68
CA TYR A 91 25.25 36.13 15.71
C TYR A 91 25.94 37.31 16.39
N PHE A 92 27.01 37.81 15.76
CA PHE A 92 27.75 38.94 16.28
C PHE A 92 27.83 39.98 15.18
N ALA A 93 27.67 41.25 15.54
CA ALA A 93 27.89 42.30 14.55
C ALA A 93 28.48 43.51 15.21
N SER A 94 29.30 44.25 14.47
CA SER A 94 29.86 45.48 15.04
C SER A 94 30.48 46.31 13.93
N THR A 95 31.09 47.43 14.32
CA THR A 95 31.77 48.31 13.38
C THR A 95 33.24 48.48 13.75
N ASN A 99 37.73 50.77 16.48
CA ASN A 99 38.08 49.40 16.15
C ASN A 99 38.59 48.70 17.40
N ILE A 100 37.87 48.91 18.50
CA ILE A 100 38.30 48.38 19.79
C ILE A 100 38.08 46.89 19.97
N ILE A 101 37.18 46.28 19.21
CA ILE A 101 36.99 44.83 19.30
C ILE A 101 38.06 44.13 18.49
N ARG A 102 38.71 43.13 19.10
CA ARG A 102 39.88 42.52 18.50
C ARG A 102 39.75 41.02 18.27
N GLY A 103 39.00 40.30 19.10
CA GLY A 103 38.92 38.86 18.96
C GLY A 103 37.96 38.27 19.96
N TRP A 104 38.07 36.95 20.16
CA TRP A 104 37.16 36.25 21.05
C TRP A 104 37.88 35.18 21.83
N ILE A 105 37.18 34.65 22.84
CA ILE A 105 37.63 33.54 23.68
C ILE A 105 36.44 32.63 23.93
N PHE A 106 36.44 31.46 23.31
CA PHE A 106 35.35 30.51 23.47
C PHE A 106 35.74 29.34 24.37
N GLY A 107 34.81 28.89 25.20
CA GLY A 107 35.11 27.77 26.06
C GLY A 107 34.05 27.57 27.13
N THR A 108 34.11 26.40 27.75
CA THR A 108 33.14 26.02 28.77
C THR A 108 33.28 26.88 30.02
N THR A 109 34.52 27.02 30.51
CA THR A 109 34.78 27.79 31.72
C THR A 109 35.86 28.85 31.56
N LEU A 110 36.52 28.92 30.40
CA LEU A 110 37.57 29.90 30.15
C LEU A 110 38.69 29.87 31.19
N ASP A 111 38.85 28.74 31.89
CA ASP A 111 39.83 28.63 32.96
C ASP A 111 40.86 27.56 32.61
N SER A 112 41.72 27.25 33.58
CA SER A 112 42.73 26.19 33.51
C SER A 112 42.15 24.80 33.54
N LYS A 113 40.84 24.65 33.48
CA LYS A 113 40.23 23.33 33.61
C LYS A 113 40.02 22.64 32.27
N THR A 114 39.75 23.40 31.21
CA THR A 114 39.41 22.82 29.92
C THR A 114 39.90 23.73 28.79
N GLN A 115 40.41 23.11 27.74
CA GLN A 115 40.81 23.78 26.51
C GLN A 115 39.82 24.88 26.12
N SER A 116 40.35 26.01 25.69
CA SER A 116 39.51 27.11 25.25
C SER A 116 40.15 27.83 24.08
N LEU A 117 39.32 28.15 23.08
CA LEU A 117 39.78 28.60 21.78
C LEU A 117 39.89 30.11 21.81
N LEU A 118 41.12 30.58 22.07
CA LEU A 118 41.51 31.98 22.05
C LEU A 118 41.74 32.43 20.61
N ILE A 119 40.65 32.84 19.96
CA ILE A 119 40.69 33.36 18.60
C ILE A 119 41.15 34.80 18.69
N VAL A 120 42.44 35.05 18.58
CA VAL A 120 43.05 36.36 18.78
C VAL A 120 43.51 36.90 17.43
N ASN A 121 43.59 38.22 17.32
CA ASN A 121 44.02 38.90 16.10
C ASN A 121 44.98 40.01 16.47
N ASN A 122 46.27 39.78 16.18
CA ASN A 122 47.38 40.62 16.60
C ASN A 122 47.83 41.62 15.53
N ALA A 123 46.89 42.14 14.74
CA ALA A 123 47.09 43.29 13.86
C ALA A 123 47.96 43.01 12.64
N THR A 124 48.54 41.82 12.57
CA THR A 124 49.20 41.39 11.33
C THR A 124 48.73 40.01 10.90
N ASN A 125 48.33 39.20 11.88
CA ASN A 125 47.87 37.85 11.64
C ASN A 125 46.79 37.52 12.65
N VAL A 126 45.94 36.57 12.26
CA VAL A 126 44.96 35.99 13.18
C VAL A 126 45.50 34.64 13.65
N VAL A 127 45.59 34.50 14.96
CA VAL A 127 46.12 33.31 15.61
C VAL A 127 45.03 32.73 16.51
N ILE A 128 44.86 31.42 16.45
CA ILE A 128 43.91 30.73 17.30
C ILE A 128 44.69 29.72 18.11
N LYS A 129 44.30 29.57 19.38
CA LYS A 129 44.97 28.60 20.25
C LYS A 129 43.95 27.91 21.15
N VAL A 130 44.02 26.59 21.21
CA VAL A 130 43.13 25.80 22.06
C VAL A 130 43.79 25.43 23.40
N CYS A 131 44.78 26.21 23.84
CA CYS A 131 45.54 25.87 25.04
C CYS A 131 44.67 25.99 26.29
N GLU A 132 45.30 25.76 27.44
CA GLU A 132 44.65 25.75 28.75
C GLU A 132 44.97 27.07 29.44
N PHE A 133 44.17 28.10 29.15
CA PHE A 133 44.40 29.43 29.69
C PHE A 133 43.59 29.63 30.98
N GLN A 134 44.29 29.97 32.05
CA GLN A 134 43.63 30.30 33.32
C GLN A 134 42.59 31.39 33.11
N PHE A 135 41.60 31.43 33.99
CA PHE A 135 40.55 32.43 33.88
C PHE A 135 41.15 33.82 34.05
N CYS A 136 40.60 34.79 33.31
CA CYS A 136 41.04 36.18 33.38
C CYS A 136 39.88 37.04 33.81
N ASN A 137 40.02 37.70 34.96
CA ASN A 137 38.98 38.60 35.45
C ASN A 137 38.67 39.69 34.42
N ASP A 138 39.71 40.34 33.89
CA ASP A 138 39.53 41.40 32.89
C ASP A 138 40.61 41.26 31.84
N PRO A 139 40.48 40.30 30.93
CA PRO A 139 41.45 40.15 29.84
C PRO A 139 41.33 41.30 28.87
N PHE A 140 42.44 41.68 28.27
CA PHE A 140 42.42 42.69 27.22
C PHE A 140 43.75 42.65 26.48
N LEU A 141 43.96 43.64 25.61
CA LEU A 141 45.22 43.84 24.91
C LEU A 141 46.03 44.92 25.64
N GLY A 142 46.62 44.52 26.75
CA GLY A 142 47.40 45.42 27.56
C GLY A 142 48.63 44.78 28.16
N GLU A 156 51.43 43.96 23.27
CA GLU A 156 50.96 44.31 24.61
C GLU A 156 49.62 43.66 24.90
N PHE A 157 49.65 42.42 25.42
CA PHE A 157 48.45 41.67 25.70
C PHE A 157 48.61 41.02 27.07
N ARG A 158 47.48 40.75 27.71
CA ARG A 158 47.45 40.03 28.97
C ARG A 158 46.41 38.93 29.03
N VAL A 159 45.56 38.80 28.00
CA VAL A 159 44.48 37.82 28.03
C VAL A 159 45.03 36.41 28.14
N TYR A 160 46.16 36.14 27.48
CA TYR A 160 46.74 34.81 27.54
C TYR A 160 47.35 34.59 28.91
N SER A 161 46.56 34.02 29.81
CA SER A 161 46.99 33.82 31.19
C SER A 161 47.99 32.68 31.29
N SER A 162 47.66 31.52 30.74
CA SER A 162 48.52 30.34 30.82
C SER A 162 48.50 29.60 29.50
N ALA A 163 49.61 29.84 28.79
CA ALA A 163 49.85 29.40 27.42
C ALA A 163 50.52 28.05 27.31
N ASN A 164 50.49 27.30 28.39
CA ASN A 164 51.02 25.95 28.38
C ASN A 164 49.89 24.99 28.02
N ASN A 165 50.21 23.71 27.95
CA ASN A 165 49.23 22.66 27.64
C ASN A 165 48.33 22.99 26.44
N CYS A 166 48.92 23.09 25.25
CA CYS A 166 48.18 23.42 24.04
C CYS A 166 47.84 22.20 23.19
N THR A 167 46.75 22.30 22.42
CA THR A 167 46.40 21.19 21.54
C THR A 167 46.25 21.60 20.08
N PHE A 168 46.00 22.87 19.79
CA PHE A 168 45.85 23.33 18.43
C PHE A 168 46.29 24.78 18.36
N GLU A 169 46.99 25.13 17.28
CA GLU A 169 47.38 26.51 17.03
C GLU A 169 47.35 26.73 15.53
N TYR A 170 46.77 27.85 15.11
CA TYR A 170 46.73 28.17 13.69
C TYR A 170 46.92 29.67 13.51
N VAL A 171 47.55 30.05 12.40
CA VAL A 171 47.85 31.45 12.11
C VAL A 171 47.54 31.71 10.64
N SER A 172 46.95 32.87 10.36
CA SER A 172 46.56 33.21 9.00
C SER A 172 46.50 34.73 8.83
N GLN A 173 45.98 35.15 7.68
CA GLN A 173 45.84 36.54 7.28
C GLN A 173 44.85 37.34 8.12
N PRO A 174 45.06 38.65 8.24
CA PRO A 174 44.22 39.49 9.10
C PRO A 174 42.81 39.66 8.54
N PHE A 175 41.87 39.94 9.43
CA PHE A 175 40.49 40.18 9.00
C PHE A 175 40.37 41.45 8.17
N LEU A 176 40.90 42.55 8.67
CA LEU A 176 40.86 43.83 7.96
C LEU A 176 39.44 44.25 7.59
N LYS A 187 31.51 53.57 9.72
CA LYS A 187 32.74 53.09 9.10
C LYS A 187 32.49 51.81 8.31
N ASN A 188 33.05 50.71 8.81
CA ASN A 188 32.85 49.40 8.21
C ASN A 188 32.14 48.49 9.21
N LEU A 189 31.20 47.71 8.70
CA LEU A 189 30.37 46.83 9.51
C LEU A 189 30.79 45.40 9.25
N ARG A 190 31.21 44.71 10.31
CA ARG A 190 31.63 43.32 10.23
C ARG A 190 30.59 42.45 10.92
N GLU A 191 30.14 41.41 10.21
CA GLU A 191 29.11 40.50 10.70
C GLU A 191 29.68 39.09 10.74
N PHE A 192 29.36 38.36 11.81
CA PHE A 192 29.81 37.00 11.98
C PHE A 192 28.68 36.13 12.54
N VAL A 193 28.69 34.87 12.14
CA VAL A 193 27.84 33.82 12.68
C VAL A 193 28.76 32.68 13.11
N PHE A 194 28.57 32.20 14.33
CA PHE A 194 29.42 31.13 14.86
C PHE A 194 28.56 29.95 15.27
N LYS A 195 28.84 28.77 14.70
CA LYS A 195 28.10 27.56 15.07
C LYS A 195 29.05 26.42 15.39
N ASN A 196 28.63 25.58 16.34
CA ASN A 196 29.34 24.38 16.73
C ASN A 196 28.53 23.15 16.30
N ILE A 197 29.09 22.31 15.44
CA ILE A 197 28.38 21.14 14.94
C ILE A 197 29.36 19.98 14.76
N ASP A 198 29.05 18.85 15.39
CA ASP A 198 29.77 17.59 15.18
C ASP A 198 31.29 17.74 15.34
N GLY A 199 31.69 18.54 16.31
CA GLY A 199 33.11 18.73 16.57
C GLY A 199 33.78 19.75 15.70
N TYR A 200 33.01 20.46 14.88
CA TYR A 200 33.49 21.48 13.97
C TYR A 200 32.97 22.83 14.43
N PHE A 201 33.84 23.83 14.43
CA PHE A 201 33.44 25.19 14.78
C PHE A 201 33.34 26.00 13.50
N LYS A 202 32.18 25.93 12.85
CA LYS A 202 32.02 26.61 11.59
C LYS A 202 31.81 28.10 11.81
N ILE A 203 32.47 28.89 10.97
CA ILE A 203 32.49 30.34 11.04
C ILE A 203 31.94 30.90 9.74
N TYR A 204 31.00 31.83 9.84
CA TYR A 204 30.43 32.51 8.68
C TYR A 204 30.60 33.99 8.93
N SER A 205 30.85 34.77 7.88
CA SER A 205 31.08 36.18 8.14
C SER A 205 30.97 36.97 6.85
N LYS A 206 31.13 38.29 6.99
CA LYS A 206 31.22 39.19 5.86
C LYS A 206 31.55 40.59 6.37
N HIS A 207 32.03 41.43 5.46
CA HIS A 207 32.24 42.85 5.68
C HIS A 207 31.21 43.65 4.91
N THR A 208 31.08 44.93 5.25
CA THR A 208 30.12 45.76 4.57
C THR A 208 30.41 47.24 4.79
N PRO A 209 30.52 48.04 3.73
CA PRO A 209 30.57 49.49 3.92
C PRO A 209 29.22 49.99 4.38
N ILE A 210 29.23 50.82 5.43
CA ILE A 210 28.01 51.33 6.04
C ILE A 210 28.29 52.72 6.59
N ASN A 211 27.23 53.51 6.72
CA ASN A 211 27.34 54.85 7.27
C ASN A 211 26.29 55.20 8.31
N LEU A 212 25.28 54.36 8.53
CA LEU A 212 24.30 54.61 9.58
C LEU A 212 24.89 54.15 10.91
N VAL A 213 25.76 55.00 11.46
CA VAL A 213 26.51 54.67 12.66
C VAL A 213 25.65 54.61 13.92
N ARG A 214 24.46 55.23 13.90
CA ARG A 214 23.65 55.31 15.12
C ARG A 214 23.24 53.94 15.63
N ASP A 215 22.44 53.21 14.85
CA ASP A 215 21.91 51.93 15.31
C ASP A 215 22.22 50.81 14.32
N LEU A 216 21.66 49.63 14.54
CA LEU A 216 21.90 48.53 13.62
C LEU A 216 21.28 48.85 12.27
N PRO A 217 22.03 48.77 11.18
CA PRO A 217 21.49 49.12 9.88
C PRO A 217 20.57 48.04 9.30
N GLN A 218 19.51 48.49 8.66
CA GLN A 218 18.62 47.61 7.92
C GLN A 218 19.29 47.19 6.61
N GLY A 219 18.57 46.46 5.78
CA GLY A 219 19.10 45.93 4.55
C GLY A 219 19.25 44.42 4.60
N PHE A 220 19.91 43.89 3.58
CA PHE A 220 20.10 42.45 3.44
C PHE A 220 21.51 42.14 2.97
N SER A 221 22.09 41.07 3.51
CA SER A 221 23.43 40.64 3.13
C SER A 221 23.61 39.18 3.50
N ALA A 222 23.91 38.34 2.52
CA ALA A 222 24.19 36.94 2.79
C ALA A 222 25.63 36.78 3.27
N LEU A 223 25.82 35.89 4.25
CA LEU A 223 27.12 35.71 4.88
C LEU A 223 27.72 34.38 4.48
N GLU A 224 28.93 34.42 3.93
CA GLU A 224 29.60 33.21 3.47
C GLU A 224 30.37 32.56 4.61
N PRO A 225 30.58 31.25 4.55
CA PRO A 225 31.48 30.62 5.51
C PRO A 225 32.92 30.94 5.19
N LEU A 226 33.75 30.99 6.23
CA LEU A 226 35.16 31.29 6.05
C LEU A 226 36.06 30.11 6.35
N VAL A 227 36.02 29.57 7.57
CA VAL A 227 36.88 28.47 7.97
C VAL A 227 36.14 27.59 8.97
N ASP A 228 36.26 26.28 8.79
CA ASP A 228 35.81 25.31 9.78
C ASP A 228 37.00 24.83 10.60
N LEU A 229 36.76 24.54 11.88
CA LEU A 229 37.81 24.08 12.78
C LEU A 229 37.32 22.82 13.48
N PRO A 230 38.00 21.68 13.31
CA PRO A 230 37.60 20.43 13.98
C PRO A 230 38.09 20.32 15.43
N ILE A 231 37.36 20.95 16.34
CA ILE A 231 37.79 21.03 17.73
C ILE A 231 37.24 19.84 18.51
N GLY A 232 35.92 19.74 18.59
CA GLY A 232 35.30 18.66 19.33
C GLY A 232 35.19 18.90 20.82
N ILE A 233 34.96 20.14 21.24
CA ILE A 233 34.91 20.47 22.66
C ILE A 233 33.54 21.08 22.97
N ASN A 234 33.22 21.13 24.27
CA ASN A 234 31.96 21.68 24.75
C ASN A 234 32.17 23.14 25.16
N ILE A 235 31.70 24.05 24.33
CA ILE A 235 31.79 25.49 24.55
C ILE A 235 30.41 25.98 25.00
N THR A 236 30.32 26.52 26.22
CA THR A 236 29.02 26.98 26.71
C THR A 236 29.02 28.46 27.06
N ARG A 237 30.05 29.20 26.68
CA ARG A 237 30.16 30.61 27.01
C ARG A 237 31.27 31.20 26.15
N PHE A 238 31.16 32.50 25.88
CA PHE A 238 32.20 33.20 25.14
C PHE A 238 32.10 34.69 25.48
N GLN A 239 33.26 35.32 25.63
CA GLN A 239 33.32 36.76 25.84
C GLN A 239 34.32 37.31 24.83
N THR A 240 34.00 38.45 24.24
CA THR A 240 34.84 39.04 23.22
C THR A 240 36.09 39.67 23.81
N LEU A 241 36.87 40.35 22.95
CA LEU A 241 38.12 40.99 23.30
C LEU A 241 38.06 42.47 22.96
N LEU A 242 38.42 43.29 23.93
CA LEU A 242 38.41 44.74 23.82
C LEU A 242 39.80 45.23 24.22
N ALA A 243 40.51 45.79 23.25
CA ALA A 243 41.91 46.16 23.46
C ALA A 243 42.07 47.21 24.55
N LEU A 244 43.02 46.97 25.44
CA LEU A 244 43.26 47.85 26.57
C LEU A 244 44.00 49.07 26.06
N HIS A 245 43.33 50.21 26.01
CA HIS A 245 43.98 51.47 25.71
C HIS A 245 43.13 52.61 26.23
N ARG A 246 43.76 53.55 26.94
CA ARG A 246 43.06 54.67 27.54
C ARG A 246 43.56 55.98 26.95
N GLY A 261 36.74 55.73 24.29
CA GLY A 261 36.02 55.60 23.04
C GLY A 261 35.39 54.24 22.85
N ALA A 262 34.52 53.85 23.77
CA ALA A 262 33.88 52.54 23.69
C ALA A 262 32.95 52.49 22.47
N ALA A 263 33.13 51.49 21.63
CA ALA A 263 32.27 51.26 20.49
C ALA A 263 31.22 50.21 20.82
N ALA A 264 30.21 50.11 19.95
CA ALA A 264 29.10 49.21 20.19
C ALA A 264 29.27 47.90 19.43
N TYR A 265 28.55 46.88 19.91
CA TYR A 265 28.53 45.57 19.29
C TYR A 265 27.19 44.93 19.61
N TYR A 266 26.53 44.38 18.60
CA TYR A 266 25.26 43.72 18.81
C TYR A 266 25.46 42.21 18.84
N VAL A 267 24.57 41.53 19.56
CA VAL A 267 24.62 40.08 19.72
C VAL A 267 23.22 39.48 19.65
N GLY A 268 23.05 38.48 18.78
CA GLY A 268 21.81 37.74 18.69
C GLY A 268 22.06 36.25 18.82
N TYR A 269 20.96 35.49 18.81
CA TYR A 269 21.03 34.05 18.94
C TYR A 269 20.31 33.36 17.79
N LEU A 270 20.74 32.14 17.47
CA LEU A 270 20.17 31.38 16.37
C LEU A 270 19.10 30.41 16.84
N GLN A 271 18.22 30.02 15.91
CA GLN A 271 17.15 29.08 16.14
C GLN A 271 16.90 28.26 14.88
N PRO A 272 16.45 27.02 15.01
CA PRO A 272 16.15 26.16 13.84
C PRO A 272 14.82 26.49 13.15
N ARG A 273 14.84 27.54 12.32
CA ARG A 273 13.66 28.03 11.62
C ARG A 273 13.82 27.87 10.12
N THR A 274 12.95 27.06 9.51
CA THR A 274 13.04 26.80 8.08
C THR A 274 12.93 28.10 7.29
N PHE A 275 13.84 28.28 6.35
CA PHE A 275 13.85 29.46 5.48
C PHE A 275 13.73 29.05 4.02
N LEU A 276 13.07 29.90 3.24
CA LEU A 276 13.06 29.77 1.79
C LEU A 276 13.90 30.88 1.19
N LEU A 277 15.00 30.49 0.55
CA LEU A 277 16.05 31.36 0.02
C LEU A 277 15.88 31.59 -1.46
N LYS A 278 15.98 32.85 -1.89
CA LYS A 278 15.84 33.25 -3.27
C LYS A 278 17.22 33.44 -3.90
N TYR A 279 17.52 32.66 -4.93
CA TYR A 279 18.79 32.76 -5.64
C TYR A 279 18.62 33.58 -6.91
N ASN A 280 19.64 34.36 -7.26
CA ASN A 280 19.58 35.20 -8.44
C ASN A 280 20.28 34.55 -9.62
N GLU A 281 20.44 35.34 -10.70
CA GLU A 281 21.14 34.88 -11.88
C GLU A 281 22.61 34.58 -11.62
N ASN A 282 23.18 35.14 -10.56
CA ASN A 282 24.57 34.93 -10.22
C ASN A 282 24.75 33.82 -9.20
N GLY A 283 23.67 33.16 -8.82
CA GLY A 283 23.77 32.15 -7.79
C GLY A 283 23.94 32.74 -6.42
N THR A 284 23.52 33.99 -6.24
CA THR A 284 23.64 34.70 -4.97
C THR A 284 22.31 34.71 -4.24
N ILE A 285 22.35 34.48 -2.94
CA ILE A 285 21.15 34.58 -2.13
C ILE A 285 20.84 36.04 -1.89
N THR A 286 19.71 36.51 -2.40
CA THR A 286 19.37 37.91 -2.29
C THR A 286 18.19 38.18 -1.39
N ASP A 287 17.34 37.19 -1.16
CA ASP A 287 16.19 37.36 -0.28
C ASP A 287 15.88 36.04 0.40
N ALA A 288 14.92 36.08 1.32
CA ALA A 288 14.51 34.89 2.05
C ALA A 288 13.21 35.19 2.77
N VAL A 289 12.44 34.14 3.00
CA VAL A 289 11.22 34.21 3.80
C VAL A 289 11.33 33.23 4.95
N ASP A 290 11.04 33.72 6.15
CA ASP A 290 11.03 32.94 7.38
C ASP A 290 9.67 32.26 7.54
N CYS A 291 9.64 30.96 7.31
CA CYS A 291 8.40 30.20 7.18
C CYS A 291 7.69 29.99 8.48
N ALA A 292 8.02 30.66 9.58
CA ALA A 292 7.20 30.51 10.77
C ALA A 292 6.96 31.84 11.46
N LEU A 293 7.28 32.96 10.83
CA LEU A 293 7.14 34.26 11.48
C LEU A 293 5.67 34.62 11.66
N ASP A 294 4.94 34.75 10.56
CA ASP A 294 3.57 35.20 10.65
C ASP A 294 2.69 34.42 9.67
N PRO A 295 1.37 34.48 9.79
CA PRO A 295 0.51 33.73 8.87
C PRO A 295 0.78 33.97 7.41
N LEU A 296 1.22 35.17 7.02
CA LEU A 296 1.43 35.40 5.60
C LEU A 296 2.64 34.63 5.10
N SER A 297 3.78 34.76 5.78
CA SER A 297 4.96 34.02 5.37
C SER A 297 4.72 32.52 5.44
N GLU A 298 3.86 32.09 6.36
CA GLU A 298 3.50 30.69 6.45
C GLU A 298 2.79 30.18 5.21
N THR A 299 2.27 31.08 4.38
CA THR A 299 1.57 30.66 3.17
C THR A 299 2.39 30.89 1.93
N LYS A 300 3.15 31.99 1.87
CA LYS A 300 4.21 32.12 0.88
C LYS A 300 5.05 30.86 0.82
N CYS A 301 5.45 30.35 1.98
CA CYS A 301 6.27 29.14 2.00
C CYS A 301 5.50 27.94 1.47
N THR A 302 4.36 27.61 2.08
CA THR A 302 3.65 26.41 1.66
C THR A 302 3.21 26.47 0.21
N LEU A 303 3.14 27.66 -0.38
CA LEU A 303 2.87 27.80 -1.80
C LEU A 303 4.15 27.89 -2.63
N LYS A 304 5.29 28.15 -1.99
CA LYS A 304 6.58 28.26 -2.68
C LYS A 304 6.53 29.37 -3.72
N SER A 305 6.13 30.55 -3.29
CA SER A 305 6.07 31.73 -4.14
C SER A 305 6.17 32.98 -3.31
N PHE A 306 6.82 34.00 -3.86
CA PHE A 306 6.91 35.27 -3.17
C PHE A 306 5.70 36.17 -3.39
N THR A 307 4.82 35.84 -4.32
CA THR A 307 3.56 36.55 -4.51
C THR A 307 2.41 35.56 -4.54
N VAL A 308 1.58 35.57 -3.53
CA VAL A 308 0.37 34.75 -3.52
C VAL A 308 -0.81 35.61 -3.95
N GLU A 309 -1.68 35.02 -4.79
CA GLU A 309 -2.80 35.74 -5.36
C GLU A 309 -3.94 35.82 -4.36
N LYS A 310 -5.00 36.52 -4.74
CA LYS A 310 -6.22 36.61 -3.94
C LYS A 310 -6.77 35.24 -3.58
N GLY A 311 -7.55 35.16 -2.51
CA GLY A 311 -8.36 33.99 -2.23
C GLY A 311 -7.99 33.34 -0.90
N ILE A 312 -8.49 32.13 -0.72
CA ILE A 312 -8.35 31.36 0.51
C ILE A 312 -7.38 30.21 0.29
N TYR A 313 -6.42 30.06 1.19
CA TYR A 313 -5.39 29.05 1.10
C TYR A 313 -5.25 28.36 2.45
N GLN A 314 -5.12 27.04 2.42
CA GLN A 314 -4.84 26.26 3.62
C GLN A 314 -3.34 26.12 3.82
N THR A 315 -2.87 26.35 5.04
CA THR A 315 -1.44 26.31 5.30
C THR A 315 -1.00 25.28 6.31
N SER A 316 -1.82 24.90 7.28
CA SER A 316 -1.38 23.94 8.29
C SER A 316 -2.59 23.45 9.06
N ASN A 317 -2.34 22.48 9.95
CA ASN A 317 -3.33 22.07 10.92
C ASN A 317 -2.95 22.57 12.30
N PHE A 318 -3.79 22.26 13.28
CA PHE A 318 -3.53 22.57 14.67
C PHE A 318 -4.26 21.56 15.53
N ARG A 319 -3.82 21.43 16.78
CA ARG A 319 -4.52 20.58 17.73
C ARG A 319 -4.21 21.08 19.13
N VAL A 320 -5.08 20.75 20.07
CA VAL A 320 -4.84 21.04 21.48
C VAL A 320 -3.98 19.95 22.09
N GLN A 321 -2.78 20.31 22.54
CA GLN A 321 -1.88 19.30 23.08
C GLN A 321 -2.39 18.80 24.43
N PRO A 322 -2.31 17.49 24.67
CA PRO A 322 -2.84 16.93 25.92
C PRO A 322 -1.98 17.38 27.10
N THR A 323 -2.63 17.66 28.23
CA THR A 323 -1.92 18.12 29.41
C THR A 323 -2.25 17.24 30.61
N GLU A 324 -1.32 17.20 31.56
CA GLU A 324 -1.49 16.60 32.88
C GLU A 324 -2.14 15.22 32.82
N SER A 325 -1.44 14.28 32.19
CA SER A 325 -1.96 12.92 32.05
C SER A 325 -2.38 12.34 33.40
N ILE A 326 -3.40 11.48 33.38
CA ILE A 326 -3.89 10.86 34.60
C ILE A 326 -3.89 9.33 34.45
N VAL A 327 -4.09 8.65 35.58
CA VAL A 327 -3.91 7.21 35.69
C VAL A 327 -4.98 6.66 36.64
N ARG A 328 -5.79 5.72 36.17
CA ARG A 328 -6.88 5.23 37.00
C ARG A 328 -6.90 3.71 37.05
N LEU A 335 -3.31 -8.23 49.97
CA LEU A 335 -1.86 -8.20 49.77
C LEU A 335 -1.20 -9.40 50.43
N CYS A 336 0.10 -9.61 50.18
CA CYS A 336 0.77 -10.78 50.73
C CYS A 336 1.11 -10.56 52.20
N PRO A 337 1.61 -11.61 52.89
CA PRO A 337 1.93 -11.47 54.31
C PRO A 337 3.41 -11.42 54.65
N PHE A 338 4.21 -10.64 53.92
CA PHE A 338 5.64 -10.54 54.23
C PHE A 338 5.91 -10.31 55.72
N GLY A 339 5.02 -9.62 56.44
CA GLY A 339 5.23 -9.46 57.87
C GLY A 339 5.22 -10.77 58.62
N GLU A 340 4.57 -11.80 58.06
CA GLU A 340 4.55 -13.14 58.63
C GLU A 340 5.83 -13.91 58.37
N VAL A 341 6.67 -13.44 57.46
CA VAL A 341 7.93 -14.10 57.12
C VAL A 341 9.11 -13.39 57.77
N PHE A 342 9.05 -12.07 57.84
CA PHE A 342 10.15 -11.24 58.32
C PHE A 342 10.00 -10.98 59.81
N ASN A 343 8.88 -10.38 60.19
CA ASN A 343 8.53 -10.16 61.59
C ASN A 343 8.06 -11.44 62.28
N ALA A 344 8.35 -12.61 61.72
CA ALA A 344 7.89 -13.86 62.28
C ALA A 344 8.56 -14.15 63.63
N THR A 345 7.91 -15.01 64.41
CA THR A 345 8.36 -15.31 65.77
C THR A 345 9.50 -16.33 65.78
N ARG A 346 9.26 -17.52 65.23
CA ARG A 346 10.21 -18.61 65.29
C ARG A 346 10.80 -18.89 63.92
N PHE A 347 12.08 -19.27 63.90
CA PHE A 347 12.80 -19.59 62.69
C PHE A 347 13.32 -21.02 62.78
N ALA A 348 13.31 -21.71 61.65
CA ALA A 348 13.78 -23.09 61.56
C ALA A 348 15.30 -23.16 61.45
N SER A 349 15.87 -24.25 61.97
CA SER A 349 17.30 -24.43 61.86
C SER A 349 17.69 -24.74 60.42
N VAL A 350 18.98 -24.53 60.12
CA VAL A 350 19.41 -24.52 58.72
C VAL A 350 19.28 -25.90 58.08
N TYR A 351 19.48 -26.97 58.84
CA TYR A 351 19.34 -28.29 58.27
C TYR A 351 17.92 -28.60 57.86
N ALA A 352 16.93 -28.05 58.57
CA ALA A 352 15.52 -28.27 58.27
C ALA A 352 14.78 -26.98 57.94
N TRP A 353 15.30 -26.21 56.99
CA TRP A 353 14.73 -24.91 56.68
C TRP A 353 13.29 -25.04 56.22
N ASN A 354 12.58 -23.92 56.25
CA ASN A 354 11.13 -23.88 56.05
C ASN A 354 10.85 -23.18 54.73
N ARG A 355 10.24 -23.90 53.78
CA ARG A 355 9.84 -23.35 52.50
C ARG A 355 8.36 -23.04 52.51
N LYS A 356 8.01 -21.82 52.09
CA LYS A 356 6.62 -21.39 51.97
C LYS A 356 6.36 -20.83 50.58
N ARG A 357 5.28 -21.32 49.95
CA ARG A 357 4.86 -20.85 48.63
C ARG A 357 3.92 -19.66 48.78
N ILE A 358 4.06 -18.69 47.88
CA ILE A 358 3.30 -17.45 47.90
C ILE A 358 2.82 -17.15 46.48
N SER A 359 1.51 -16.93 46.34
CA SER A 359 0.90 -16.68 45.04
C SER A 359 -0.43 -15.99 45.26
N ASN A 360 -0.87 -15.23 44.25
CA ASN A 360 -2.19 -14.60 44.23
C ASN A 360 -2.30 -13.62 45.40
N CYS A 361 -1.47 -12.58 45.36
CA CYS A 361 -1.50 -11.56 46.39
C CYS A 361 -0.70 -10.35 45.91
N VAL A 362 -0.85 -9.25 46.64
CA VAL A 362 -0.20 -7.99 46.34
C VAL A 362 1.01 -7.84 47.25
N ALA A 363 2.18 -7.62 46.67
CA ALA A 363 3.41 -7.50 47.44
C ALA A 363 4.06 -6.15 47.15
N ASP A 364 4.56 -5.50 48.19
CA ASP A 364 5.34 -4.28 48.04
C ASP A 364 6.76 -4.55 48.51
N TYR A 365 7.72 -4.56 47.58
CA TYR A 365 9.08 -4.87 47.95
C TYR A 365 9.79 -3.66 48.54
N SER A 366 9.53 -2.48 47.99
CA SER A 366 10.24 -1.30 48.42
C SER A 366 9.93 -0.91 49.86
N VAL A 367 8.94 -1.52 50.52
CA VAL A 367 8.80 -1.21 51.92
C VAL A 367 9.91 -1.90 52.69
N LEU A 368 10.30 -3.08 52.23
CA LEU A 368 11.27 -3.91 52.92
C LEU A 368 12.66 -3.62 52.38
N TYR A 369 12.80 -3.59 51.05
CA TYR A 369 14.11 -3.34 50.47
C TYR A 369 14.59 -1.94 50.86
N ASN A 370 13.67 -0.98 50.91
CA ASN A 370 14.00 0.35 51.37
C ASN A 370 13.82 0.52 52.87
N SER A 371 13.40 -0.52 53.59
CA SER A 371 13.29 -0.40 55.03
C SER A 371 14.64 -0.25 55.72
N ALA A 372 15.72 -0.70 55.08
CA ALA A 372 17.07 -0.59 55.64
C ALA A 372 17.15 -1.23 57.02
N SER A 373 16.54 -2.40 57.18
CA SER A 373 16.49 -3.10 58.46
C SER A 373 17.29 -4.39 58.46
N PHE A 374 17.80 -4.82 57.32
CA PHE A 374 18.51 -6.08 57.21
C PHE A 374 19.99 -5.86 56.99
N SER A 375 20.79 -6.81 57.47
CA SER A 375 22.22 -6.75 57.29
C SER A 375 22.68 -7.29 55.94
N THR A 376 21.87 -8.14 55.30
CA THR A 376 22.24 -8.69 54.01
C THR A 376 21.02 -8.74 53.10
N PHE A 377 21.16 -8.19 51.90
CA PHE A 377 20.07 -8.17 50.93
C PHE A 377 20.73 -8.18 49.54
N LYS A 378 20.90 -9.38 49.00
CA LYS A 378 21.59 -9.54 47.72
C LYS A 378 20.66 -10.24 46.75
N CYS A 379 20.47 -9.65 45.58
CA CYS A 379 19.57 -10.19 44.56
C CYS A 379 20.36 -10.54 43.31
N TYR A 380 20.23 -11.77 42.85
CA TYR A 380 20.96 -12.27 41.69
C TYR A 380 19.95 -12.53 40.58
N GLY A 381 20.25 -12.01 39.39
CA GLY A 381 19.35 -12.14 38.26
C GLY A 381 18.50 -10.90 38.06
N VAL A 382 17.49 -10.74 38.91
CA VAL A 382 16.59 -9.59 38.88
C VAL A 382 17.19 -8.45 39.69
N SER A 383 16.91 -7.23 39.27
CA SER A 383 17.38 -6.07 40.03
C SER A 383 16.57 -5.93 41.31
N PRO A 384 17.21 -5.78 42.47
CA PRO A 384 16.45 -5.57 43.71
C PRO A 384 15.77 -4.23 43.81
N THR A 385 16.28 -3.20 43.13
CA THR A 385 15.78 -1.85 43.30
C THR A 385 14.41 -1.63 42.69
N LYS A 386 13.35 -1.90 43.46
CA LYS A 386 12.00 -1.49 43.09
C LYS A 386 11.60 -2.12 41.75
N LEU A 387 11.81 -3.42 41.67
CA LEU A 387 11.45 -4.22 40.49
C LEU A 387 10.30 -5.16 40.80
N ASN A 388 9.36 -4.71 41.64
CA ASN A 388 8.10 -5.42 41.79
C ASN A 388 7.15 -5.11 40.65
N ASP A 389 7.68 -4.57 39.55
CA ASP A 389 6.97 -4.38 38.31
C ASP A 389 6.93 -5.63 37.45
N LEU A 390 7.07 -6.80 38.08
CA LEU A 390 7.08 -8.08 37.39
C LEU A 390 6.00 -8.97 38.00
N CYS A 391 5.65 -10.02 37.27
CA CYS A 391 4.66 -10.97 37.75
C CYS A 391 5.19 -12.37 37.57
N PHE A 392 5.29 -13.12 38.65
CA PHE A 392 5.78 -14.49 38.64
C PHE A 392 4.68 -15.47 39.00
N THR A 393 4.90 -16.72 38.63
CA THR A 393 3.92 -17.77 38.91
C THR A 393 3.86 -18.06 40.41
N ASN A 394 5.01 -18.30 41.03
CA ASN A 394 5.09 -18.57 42.46
C ASN A 394 6.29 -17.84 43.06
N VAL A 395 6.23 -17.63 44.36
CA VAL A 395 7.35 -17.05 45.10
C VAL A 395 7.61 -17.94 46.31
N TYR A 396 8.81 -18.48 46.41
CA TYR A 396 9.18 -19.35 47.51
C TYR A 396 10.04 -18.60 48.51
N ALA A 397 9.74 -18.79 49.79
CA ALA A 397 10.49 -18.19 50.88
C ALA A 397 11.03 -19.31 51.76
N ASP A 398 12.35 -19.43 51.80
CA ASP A 398 13.05 -20.43 52.58
C ASP A 398 13.71 -19.74 53.76
N SER A 399 13.28 -20.10 54.97
CA SER A 399 13.74 -19.46 56.19
C SER A 399 14.60 -20.46 56.97
N PHE A 400 15.68 -19.95 57.56
CA PHE A 400 16.52 -20.76 58.41
C PHE A 400 17.39 -19.86 59.28
N VAL A 401 18.25 -20.49 60.07
CA VAL A 401 19.11 -19.80 61.03
C VAL A 401 20.54 -20.31 60.83
N ILE A 402 21.48 -19.38 60.75
CA ILE A 402 22.90 -19.71 60.68
C ILE A 402 23.67 -18.79 61.62
N ARG A 403 24.98 -18.74 61.46
CA ARG A 403 25.80 -17.78 62.19
C ARG A 403 26.45 -16.84 61.19
N GLY A 404 26.94 -15.71 61.71
CA GLY A 404 27.49 -14.69 60.84
C GLY A 404 28.65 -15.19 59.99
N ASP A 405 29.58 -15.93 60.61
CA ASP A 405 30.70 -16.50 59.88
C ASP A 405 30.23 -17.30 58.66
N GLU A 406 29.02 -17.83 58.70
CA GLU A 406 28.52 -18.73 57.67
C GLU A 406 27.60 -18.03 56.68
N VAL A 407 27.25 -16.76 56.92
CA VAL A 407 26.32 -16.07 56.03
C VAL A 407 26.89 -16.02 54.62
N ARG A 408 28.21 -15.84 54.49
CA ARG A 408 28.85 -15.82 53.19
C ARG A 408 28.74 -17.15 52.44
N GLN A 409 28.37 -18.23 53.13
CA GLN A 409 28.25 -19.53 52.50
C GLN A 409 26.86 -19.82 51.93
N ILE A 410 25.85 -19.03 52.29
CA ILE A 410 24.51 -19.20 51.74
C ILE A 410 24.38 -18.33 50.50
N ALA A 411 24.97 -18.80 49.40
CA ALA A 411 25.04 -18.01 48.17
C ALA A 411 25.25 -18.96 47.01
N PRO A 412 24.87 -18.55 45.79
CA PRO A 412 25.05 -19.43 44.63
C PRO A 412 26.48 -19.91 44.49
N GLY A 413 26.64 -21.23 44.29
CA GLY A 413 27.93 -21.82 44.00
C GLY A 413 28.95 -21.53 45.08
N GLN A 414 28.55 -21.72 46.33
CA GLN A 414 29.41 -21.54 47.49
C GLN A 414 29.72 -22.89 48.10
N THR A 415 30.89 -22.99 48.72
CA THR A 415 31.37 -24.26 49.25
C THR A 415 31.77 -24.09 50.71
N GLY A 416 31.49 -25.11 51.49
CA GLY A 416 31.77 -25.10 52.92
C GLY A 416 30.79 -26.00 53.63
N LYS A 417 30.91 -26.02 54.96
CA LYS A 417 30.10 -26.92 55.77
C LYS A 417 28.62 -26.74 55.46
N ILE A 418 28.11 -25.52 55.63
CA ILE A 418 26.69 -25.26 55.48
C ILE A 418 26.25 -25.53 54.04
N ALA A 419 27.00 -25.01 53.07
CA ALA A 419 26.61 -25.18 51.68
C ALA A 419 26.64 -26.64 51.26
N ASP A 420 27.70 -27.36 51.63
CA ASP A 420 27.80 -28.75 51.18
C ASP A 420 26.84 -29.66 51.95
N TYR A 421 26.50 -29.31 53.18
CA TYR A 421 25.82 -30.23 54.07
C TYR A 421 24.51 -29.72 54.65
N ASN A 422 24.17 -28.45 54.50
CA ASN A 422 23.00 -27.91 55.19
C ASN A 422 22.04 -27.26 54.21
N TYR A 423 22.52 -26.30 53.43
CA TYR A 423 21.67 -25.60 52.47
C TYR A 423 22.50 -25.14 51.30
N LYS A 424 22.14 -25.60 50.09
CA LYS A 424 22.90 -25.32 48.89
C LYS A 424 22.04 -24.57 47.89
N LEU A 425 22.63 -23.56 47.27
CA LEU A 425 21.97 -22.79 46.22
C LEU A 425 22.68 -23.04 44.90
N PRO A 426 21.94 -23.09 43.79
CA PRO A 426 22.60 -23.32 42.50
C PRO A 426 23.22 -22.03 42.00
N ASP A 427 24.18 -22.18 41.08
CA ASP A 427 24.86 -21.02 40.53
C ASP A 427 23.92 -20.13 39.74
N ASP A 428 22.94 -20.71 39.05
CA ASP A 428 21.98 -19.91 38.26
C ASP A 428 20.78 -19.49 39.11
N PHE A 429 21.06 -18.82 40.22
CA PHE A 429 20.03 -18.44 41.17
C PHE A 429 19.42 -17.12 40.72
N THR A 430 18.16 -17.15 40.32
CA THR A 430 17.41 -15.95 39.95
C THR A 430 16.47 -15.64 41.11
N GLY A 431 17.03 -14.98 42.11
CA GLY A 431 16.28 -14.75 43.33
C GLY A 431 16.96 -13.73 44.20
N CYS A 432 16.60 -13.77 45.48
CA CYS A 432 17.14 -12.81 46.44
C CYS A 432 17.42 -13.55 47.73
N VAL A 433 18.38 -13.02 48.48
CA VAL A 433 18.71 -13.51 49.82
C VAL A 433 18.67 -12.33 50.77
N ILE A 434 17.93 -12.49 51.87
CA ILE A 434 17.87 -11.49 52.92
C ILE A 434 18.30 -12.18 54.20
N ALA A 435 18.94 -11.42 55.07
CA ALA A 435 19.43 -11.97 56.33
C ALA A 435 19.65 -10.83 57.30
N TRP A 436 19.34 -11.08 58.57
CA TRP A 436 19.55 -10.07 59.59
C TRP A 436 19.97 -10.73 60.89
N ASN A 437 20.73 -9.97 61.68
CA ASN A 437 21.25 -10.47 62.95
C ASN A 437 20.09 -10.59 63.92
N SER A 438 19.87 -11.80 64.43
CA SER A 438 18.79 -12.04 65.38
C SER A 438 19.32 -12.39 66.76
N ASN A 439 20.46 -11.81 67.14
CA ASN A 439 21.05 -12.16 68.43
C ASN A 439 20.09 -11.82 69.57
N ASN A 440 19.27 -10.78 69.40
CA ASN A 440 18.34 -10.41 70.43
C ASN A 440 17.14 -11.34 70.49
N LEU A 441 16.91 -12.12 69.45
CA LEU A 441 15.73 -12.98 69.39
C LEU A 441 16.05 -14.46 69.41
N ASP A 442 17.25 -14.87 69.02
CA ASP A 442 17.59 -16.28 68.97
C ASP A 442 18.70 -16.66 69.93
N SER A 443 19.33 -15.70 70.60
CA SER A 443 20.26 -16.04 71.65
C SER A 443 19.50 -16.24 72.95
N LYS A 444 20.22 -16.65 73.99
CA LYS A 444 19.59 -16.93 75.26
C LYS A 444 20.67 -17.07 76.31
N VAL A 445 20.38 -16.60 77.53
CA VAL A 445 21.39 -16.68 78.58
C VAL A 445 21.69 -18.13 78.87
N GLY A 446 22.97 -18.45 79.00
CA GLY A 446 23.36 -19.84 79.05
C GLY A 446 23.39 -20.54 77.72
N GLY A 447 23.18 -19.80 76.63
CA GLY A 447 23.16 -20.40 75.30
C GLY A 447 21.78 -20.83 74.84
N ASN A 448 21.49 -20.62 73.56
CA ASN A 448 20.34 -21.22 72.89
C ASN A 448 20.86 -22.30 71.97
N TYR A 449 20.54 -23.54 72.30
CA TYR A 449 21.01 -24.72 71.56
C TYR A 449 19.89 -25.40 70.78
N ASN A 450 19.00 -24.61 70.17
CA ASN A 450 17.90 -25.18 69.42
C ASN A 450 18.21 -25.41 67.95
N TYR A 451 19.18 -24.70 67.38
CA TYR A 451 19.49 -24.84 65.96
C TYR A 451 20.61 -25.85 65.73
N LEU A 452 20.33 -26.83 64.88
CA LEU A 452 21.25 -27.90 64.52
C LEU A 452 21.69 -27.71 63.07
N TYR A 453 22.87 -28.25 62.74
CA TYR A 453 23.32 -28.26 61.36
C TYR A 453 23.90 -29.62 61.02
N ARG A 454 23.68 -30.03 59.77
CA ARG A 454 24.19 -31.30 59.27
C ARG A 454 25.67 -31.18 58.98
N LEU A 455 26.46 -32.07 59.59
CA LEU A 455 27.91 -32.09 59.46
C LEU A 455 28.42 -33.20 58.55
N PHE A 456 27.60 -34.19 58.23
CA PHE A 456 28.07 -35.33 57.46
C PHE A 456 27.14 -35.62 56.31
N ARG A 457 27.74 -35.90 55.15
CA ARG A 457 26.99 -36.35 53.99
C ARG A 457 27.97 -36.96 53.00
N LYS A 458 27.53 -38.00 52.31
CA LYS A 458 28.36 -38.69 51.33
C LYS A 458 28.61 -37.81 50.12
N SER A 459 27.66 -36.95 49.79
CA SER A 459 27.69 -36.09 48.62
C SER A 459 27.35 -34.66 49.04
N ASN A 460 27.25 -33.79 48.04
CA ASN A 460 26.88 -32.40 48.24
C ASN A 460 25.39 -32.20 47.95
N LEU A 461 24.89 -31.07 48.42
CA LEU A 461 23.45 -30.80 48.40
C LEU A 461 23.02 -30.26 47.04
N LYS A 462 22.04 -30.95 46.46
CA LYS A 462 21.45 -30.73 45.15
C LYS A 462 20.44 -29.59 45.19
N PRO A 463 20.89 -28.35 44.92
CA PRO A 463 20.07 -27.14 45.13
C PRO A 463 18.88 -27.21 46.08
N PHE A 464 19.10 -26.65 47.28
CA PHE A 464 18.09 -26.42 48.30
C PHE A 464 17.16 -27.58 48.63
N GLU A 465 17.56 -28.36 49.63
CA GLU A 465 16.85 -29.49 50.19
C GLU A 465 16.91 -29.30 51.70
N ARG A 466 16.14 -30.08 52.46
CA ARG A 466 16.22 -29.92 53.91
C ARG A 466 16.17 -31.24 54.63
N ASP A 467 16.48 -31.16 55.93
CA ASP A 467 16.59 -32.29 56.84
C ASP A 467 15.32 -33.13 56.92
N ILE A 468 14.94 -33.76 55.82
CA ILE A 468 13.70 -34.53 55.85
C ILE A 468 14.21 -35.86 56.36
N SER A 469 14.82 -36.65 55.48
CA SER A 469 15.41 -37.90 55.92
C SER A 469 16.61 -37.53 56.78
N THR A 470 16.55 -37.83 58.09
CA THR A 470 17.63 -37.44 59.00
C THR A 470 18.11 -38.71 59.69
N GLU A 471 18.97 -39.43 58.98
CA GLU A 471 19.54 -40.68 59.44
C GLU A 471 20.88 -40.44 60.11
N ILE A 472 21.71 -41.47 60.12
CA ILE A 472 23.07 -41.42 60.62
C ILE A 472 23.95 -41.97 59.52
N TYR A 473 25.18 -41.47 59.43
CA TYR A 473 26.08 -41.86 58.36
C TYR A 473 27.39 -42.35 58.95
N GLN A 474 27.95 -43.39 58.33
CA GLN A 474 29.19 -43.97 58.79
C GLN A 474 30.33 -42.99 58.57
N ALA A 475 31.00 -42.62 59.66
CA ALA A 475 32.14 -41.71 59.59
C ALA A 475 33.33 -42.47 60.15
N GLY A 476 33.52 -43.69 59.68
CA GLY A 476 34.63 -44.50 60.14
C GLY A 476 34.59 -45.96 59.77
N SER A 477 35.76 -46.45 59.35
CA SER A 477 36.08 -47.81 58.95
C SER A 477 34.96 -48.80 58.69
N THR A 478 34.25 -49.26 59.72
CA THR A 478 33.25 -50.31 59.56
C THR A 478 31.86 -50.00 60.10
N PRO A 479 30.81 -50.82 59.69
CA PRO A 479 29.42 -50.58 60.10
C PRO A 479 29.14 -50.18 61.55
N CYS A 480 28.17 -49.29 61.73
CA CYS A 480 27.84 -48.80 63.07
C CYS A 480 26.87 -49.77 63.74
N ASN A 481 25.91 -50.30 62.98
CA ASN A 481 24.91 -51.25 63.46
C ASN A 481 24.29 -50.85 64.80
N GLY A 482 23.83 -49.61 64.88
CA GLY A 482 23.17 -49.21 66.11
C GLY A 482 23.60 -47.90 66.74
N VAL A 483 23.53 -47.88 68.07
CA VAL A 483 23.91 -46.77 68.94
C VAL A 483 25.11 -46.00 68.40
N GLU A 484 24.96 -44.68 68.32
CA GLU A 484 26.02 -43.78 67.89
C GLU A 484 27.28 -44.03 68.70
N GLY A 485 28.36 -44.39 68.01
CA GLY A 485 29.59 -44.72 68.69
C GLY A 485 30.83 -44.56 67.82
N PHE A 486 31.87 -45.30 68.20
CA PHE A 486 33.19 -45.28 67.60
C PHE A 486 33.23 -45.30 66.08
N ASN A 487 33.69 -44.20 65.48
CA ASN A 487 33.82 -44.06 64.03
C ASN A 487 32.46 -44.20 63.37
N CYS A 488 31.44 -43.64 64.01
CA CYS A 488 30.07 -43.74 63.53
C CYS A 488 29.16 -42.82 64.34
N TYR A 489 29.06 -41.54 64.06
CA TYR A 489 28.28 -40.71 64.97
C TYR A 489 27.19 -39.89 64.27
N PHE A 490 26.72 -38.87 64.99
CA PHE A 490 25.68 -37.90 64.70
C PHE A 490 26.21 -36.86 63.71
N PRO A 491 25.41 -35.87 63.25
CA PRO A 491 25.96 -34.85 62.33
C PRO A 491 26.54 -33.76 63.21
N LEU A 492 26.34 -32.48 62.93
CA LEU A 492 26.90 -31.62 63.96
C LEU A 492 25.85 -31.41 65.04
N GLN A 493 26.29 -30.82 66.14
CA GLN A 493 25.40 -30.54 67.27
C GLN A 493 24.47 -29.38 67.02
N SER A 494 24.11 -28.75 68.14
CA SER A 494 23.32 -27.55 68.25
C SER A 494 24.24 -26.38 67.95
N TYR A 495 23.63 -25.24 67.63
CA TYR A 495 24.41 -24.02 67.62
C TYR A 495 24.37 -23.46 69.02
N GLY A 496 25.50 -22.90 69.45
CA GLY A 496 25.60 -22.34 70.78
C GLY A 496 25.46 -20.84 70.77
N PHE A 497 24.22 -20.39 70.59
CA PHE A 497 23.95 -18.98 70.36
C PHE A 497 23.71 -18.35 71.72
N GLN A 498 24.80 -18.10 72.41
CA GLN A 498 24.88 -17.26 73.58
C GLN A 498 24.86 -15.80 73.16
N PRO A 499 24.29 -14.92 73.98
CA PRO A 499 24.20 -13.51 73.57
C PRO A 499 25.55 -12.82 73.57
N THR A 500 26.49 -13.27 74.39
CA THR A 500 27.83 -12.70 74.46
C THR A 500 28.81 -13.36 73.49
N ASN A 501 28.35 -13.79 72.33
CA ASN A 501 29.20 -14.41 71.33
C ASN A 501 29.86 -13.39 70.42
N GLY A 502 30.93 -13.81 69.77
CA GLY A 502 31.45 -13.08 68.64
C GLY A 502 30.48 -13.09 67.48
N VAL A 503 30.65 -12.11 66.59
CA VAL A 503 29.70 -11.92 65.50
C VAL A 503 29.67 -13.15 64.60
N GLY A 504 30.83 -13.75 64.35
CA GLY A 504 30.87 -14.96 63.56
C GLY A 504 30.09 -16.11 64.17
N TYR A 505 29.88 -16.07 65.49
CA TYR A 505 29.16 -17.09 66.21
C TYR A 505 27.75 -16.66 66.60
N GLN A 506 27.28 -15.47 66.14
CA GLN A 506 25.99 -15.02 66.61
C GLN A 506 24.88 -15.48 65.66
N PRO A 507 23.65 -15.63 66.16
CA PRO A 507 22.58 -16.11 65.29
C PRO A 507 22.15 -15.08 64.25
N TYR A 508 21.91 -15.57 63.04
CA TYR A 508 21.38 -14.77 61.94
C TYR A 508 20.20 -15.51 61.33
N ARG A 509 19.14 -14.76 61.04
CA ARG A 509 17.96 -15.30 60.37
C ARG A 509 18.05 -15.00 58.89
N VAL A 510 17.79 -16.00 58.05
CA VAL A 510 17.98 -15.92 56.62
C VAL A 510 16.69 -16.33 55.93
N VAL A 511 16.29 -15.54 54.93
CA VAL A 511 15.13 -15.80 54.09
C VAL A 511 15.56 -15.71 52.63
N VAL A 512 15.38 -16.78 51.88
CA VAL A 512 15.76 -16.85 50.49
C VAL A 512 14.48 -16.86 49.66
N LEU A 513 14.34 -15.88 48.78
CA LEU A 513 13.16 -15.72 47.95
C LEU A 513 13.49 -16.15 46.53
N SER A 514 12.74 -17.10 46.01
CA SER A 514 12.90 -17.57 44.65
C SER A 514 11.65 -17.22 43.86
N PHE A 515 11.85 -16.92 42.58
CA PHE A 515 10.79 -16.41 41.71
C PHE A 515 10.54 -17.39 40.59
N GLU A 516 9.40 -18.09 40.65
CA GLU A 516 9.06 -19.11 39.68
C GLU A 516 8.14 -18.49 38.63
N LEU A 517 8.56 -18.58 37.38
CA LEU A 517 7.79 -18.11 36.23
C LEU A 517 7.70 -19.29 35.27
N LEU A 518 6.67 -20.11 35.43
CA LEU A 518 6.50 -21.26 34.56
C LEU A 518 5.58 -20.87 33.40
N HIS A 519 5.07 -21.86 32.67
CA HIS A 519 4.16 -21.59 31.56
C HIS A 519 2.72 -21.59 32.09
N ALA A 520 2.48 -20.66 33.00
CA ALA A 520 1.24 -20.58 33.74
C ALA A 520 0.85 -19.13 33.93
N PRO A 521 -0.41 -18.86 34.24
CA PRO A 521 -0.84 -17.47 34.48
C PRO A 521 -0.14 -16.88 35.70
N ALA A 522 0.66 -15.85 35.47
CA ALA A 522 1.39 -15.19 36.55
C ALA A 522 0.42 -14.37 37.38
N THR A 523 0.52 -14.48 38.70
CA THR A 523 -0.41 -13.84 39.60
C THR A 523 0.24 -12.98 40.68
N VAL A 524 1.56 -13.03 40.83
CA VAL A 524 2.25 -12.31 41.89
C VAL A 524 2.82 -11.06 41.23
N CYS A 525 2.11 -9.96 41.36
CA CYS A 525 2.50 -8.65 40.89
C CYS A 525 2.54 -7.72 42.10
N GLY A 526 3.00 -6.49 41.92
CA GLY A 526 3.07 -5.67 43.11
C GLY A 526 2.13 -4.50 43.26
N PRO A 527 2.47 -3.33 42.77
CA PRO A 527 1.49 -2.23 42.85
C PRO A 527 0.92 -1.71 41.54
N LYS A 528 -0.19 -0.99 41.68
CA LYS A 528 -0.90 -0.34 40.58
C LYS A 528 -0.94 1.13 40.97
N LYS A 529 0.09 1.90 40.60
CA LYS A 529 0.25 3.25 41.14
C LYS A 529 -0.78 4.19 40.53
N SER A 530 -2.02 4.10 41.01
CA SER A 530 -3.06 4.97 40.49
C SER A 530 -2.77 6.43 40.78
N THR A 531 -3.40 7.32 40.03
CA THR A 531 -3.31 8.75 40.27
C THR A 531 -4.71 9.35 40.32
N ASN A 532 -4.77 10.62 40.69
CA ASN A 532 -6.05 11.31 40.75
C ASN A 532 -6.55 11.59 39.34
N LEU A 533 -7.85 11.73 39.20
CA LEU A 533 -8.46 11.98 37.89
C LEU A 533 -8.82 13.45 37.76
N VAL A 534 -8.95 13.90 36.51
CA VAL A 534 -9.32 15.27 36.20
C VAL A 534 -10.44 15.26 35.17
N LYS A 535 -10.98 16.44 34.90
CA LYS A 535 -12.14 16.59 34.04
C LYS A 535 -12.00 17.82 33.16
N ASN A 536 -12.74 17.79 32.06
CA ASN A 536 -12.91 18.94 31.17
C ASN A 536 -11.59 19.48 30.61
N LYS A 537 -10.58 18.64 30.43
CA LYS A 537 -9.32 19.08 29.86
C LYS A 537 -8.80 17.93 29.02
N CYS A 538 -8.31 18.22 27.82
CA CYS A 538 -7.61 17.19 27.08
C CYS A 538 -6.42 16.70 27.90
N VAL A 539 -6.38 15.38 28.13
CA VAL A 539 -5.35 14.73 28.91
C VAL A 539 -4.97 13.44 28.20
N ASN A 540 -3.83 12.88 28.61
CA ASN A 540 -3.51 11.52 28.24
C ASN A 540 -3.97 10.64 29.40
N PHE A 541 -4.74 9.62 29.09
CA PHE A 541 -5.28 8.76 30.12
C PHE A 541 -4.84 7.32 29.98
N ASN A 542 -4.92 6.62 31.11
CA ASN A 542 -4.62 5.19 31.26
C ASN A 542 -5.64 4.70 32.29
N PHE A 543 -6.76 4.19 31.78
CA PHE A 543 -7.87 3.73 32.59
C PHE A 543 -7.73 2.23 32.86
N ASN A 544 -6.82 1.90 33.78
CA ASN A 544 -6.46 0.53 34.09
C ASN A 544 -6.56 -0.43 32.92
N GLY A 545 -5.68 -0.26 31.94
CA GLY A 545 -5.68 -1.07 30.75
C GLY A 545 -6.22 -0.41 29.51
N LEU A 546 -6.43 0.91 29.53
CA LEU A 546 -6.91 1.65 28.38
C LEU A 546 -6.06 2.91 28.34
N THR A 547 -5.26 3.08 27.30
CA THR A 547 -4.32 4.19 27.24
C THR A 547 -4.54 4.98 25.95
N GLY A 548 -5.27 6.08 26.08
CA GLY A 548 -5.49 6.96 24.94
C GLY A 548 -5.43 8.40 25.36
N THR A 549 -5.91 9.32 24.53
CA THR A 549 -5.93 10.73 24.87
C THR A 549 -7.32 11.28 24.58
N GLY A 550 -7.63 12.41 25.19
CA GLY A 550 -8.88 13.07 24.92
C GLY A 550 -9.32 13.84 26.15
N VAL A 551 -10.56 14.30 26.11
CA VAL A 551 -11.15 15.09 27.19
C VAL A 551 -12.18 14.20 27.86
N LEU A 552 -12.03 14.05 29.16
CA LEU A 552 -12.85 13.19 29.99
C LEU A 552 -13.97 14.00 30.63
N THR A 553 -15.21 13.55 30.44
CA THR A 553 -16.32 14.27 31.04
C THR A 553 -17.26 13.26 31.70
N GLU A 554 -18.13 13.76 32.56
CA GLU A 554 -19.15 12.88 33.14
C GLU A 554 -20.08 12.35 32.06
N SER A 555 -20.16 11.03 31.95
CA SER A 555 -20.96 10.40 30.91
C SER A 555 -22.43 10.41 31.31
N ASN A 556 -23.27 9.90 30.42
CA ASN A 556 -24.71 9.80 30.65
C ASN A 556 -25.23 8.38 30.52
N LYS A 557 -24.70 7.60 29.58
CA LYS A 557 -25.17 6.24 29.37
C LYS A 557 -24.84 5.33 30.54
N LYS A 558 -25.78 4.45 30.87
CA LYS A 558 -25.64 3.49 31.95
C LYS A 558 -25.09 2.16 31.44
N PHE A 559 -24.03 1.68 32.07
CA PHE A 559 -23.49 0.36 31.80
C PHE A 559 -24.22 -0.69 32.64
N LEU A 560 -23.72 -1.91 32.60
CA LEU A 560 -24.17 -3.00 33.44
C LEU A 560 -22.98 -3.53 34.22
N PRO A 561 -23.22 -4.26 35.30
CA PRO A 561 -22.11 -4.69 36.17
C PRO A 561 -20.91 -5.39 35.55
N PHE A 562 -20.97 -5.86 34.32
CA PHE A 562 -19.84 -6.60 33.76
C PHE A 562 -19.25 -5.96 32.51
N GLN A 563 -19.17 -4.63 32.46
CA GLN A 563 -18.55 -3.94 31.35
C GLN A 563 -17.55 -2.93 31.90
N GLN A 564 -16.35 -2.97 31.35
CA GLN A 564 -15.28 -2.09 31.81
C GLN A 564 -15.31 -0.81 31.02
N PHE A 565 -15.60 -0.91 29.72
CA PHE A 565 -15.67 0.25 28.86
C PHE A 565 -16.57 -0.12 27.70
N GLY A 566 -17.01 0.89 26.95
CA GLY A 566 -17.84 0.66 25.79
C GLY A 566 -17.35 1.43 24.58
N ARG A 567 -17.94 1.09 23.44
CA ARG A 567 -17.62 1.71 22.16
C ARG A 567 -18.94 2.03 21.47
N ASP A 568 -18.88 2.84 20.44
CA ASP A 568 -20.09 3.16 19.70
C ASP A 568 -20.07 2.70 18.25
N ILE A 569 -18.93 2.80 17.58
CA ILE A 569 -18.79 2.20 16.26
C ILE A 569 -17.30 2.06 15.93
N ALA A 570 -16.93 0.90 15.41
CA ALA A 570 -15.57 0.64 14.94
C ALA A 570 -14.54 0.98 16.00
N ASP A 571 -14.67 0.33 17.16
CA ASP A 571 -13.69 0.34 18.23
C ASP A 571 -13.49 1.73 18.85
N THR A 572 -14.31 2.70 18.47
CA THR A 572 -14.18 4.05 19.01
C THR A 572 -14.70 4.02 20.44
N THR A 573 -13.79 3.89 21.41
CA THR A 573 -14.21 3.83 22.79
C THR A 573 -14.92 5.11 23.18
N ASP A 574 -16.11 4.96 23.75
CA ASP A 574 -16.94 6.06 24.19
C ASP A 574 -16.91 6.33 25.68
N ALA A 575 -17.11 5.30 26.50
CA ALA A 575 -17.18 5.49 27.94
C ALA A 575 -16.41 4.40 28.67
N VAL A 576 -15.89 4.78 29.83
CA VAL A 576 -15.10 3.90 30.69
C VAL A 576 -15.56 4.10 32.12
N ARG A 577 -15.73 2.99 32.85
CA ARG A 577 -15.97 3.05 34.29
C ARG A 577 -14.66 3.16 35.05
N ASP A 578 -14.55 4.14 35.93
CA ASP A 578 -13.30 4.33 36.64
C ASP A 578 -13.15 3.22 37.68
N PRO A 579 -12.04 2.47 37.66
CA PRO A 579 -11.89 1.34 38.58
C PRO A 579 -11.80 1.71 40.04
N GLN A 580 -11.38 2.93 40.37
CA GLN A 580 -11.15 3.32 41.76
C GLN A 580 -12.30 4.10 42.36
N THR A 581 -13.09 4.77 41.52
CA THR A 581 -14.23 5.55 41.97
C THR A 581 -15.57 4.95 41.56
N LEU A 582 -15.58 4.06 40.57
CA LEU A 582 -16.80 3.38 40.14
C LEU A 582 -17.78 4.41 39.61
N GLU A 583 -17.31 5.19 38.66
CA GLU A 583 -18.12 6.13 37.90
C GLU A 583 -17.87 5.89 36.43
N ILE A 584 -18.86 6.25 35.62
CA ILE A 584 -18.82 6.08 34.19
C ILE A 584 -18.57 7.45 33.57
N LEU A 585 -17.54 7.54 32.74
CA LEU A 585 -17.16 8.80 32.12
C LEU A 585 -17.05 8.63 30.62
N ASP A 586 -17.40 9.70 29.91
CA ASP A 586 -17.32 9.76 28.47
C ASP A 586 -15.96 10.31 28.05
N ILE A 587 -15.55 9.92 26.84
CA ILE A 587 -14.33 10.39 26.19
C ILE A 587 -14.68 11.12 24.90
N THR A 588 -14.09 12.30 24.71
CA THR A 588 -14.22 12.98 23.43
C THR A 588 -12.86 13.49 22.99
N PRO A 589 -12.49 13.29 21.72
CA PRO A 589 -11.17 13.79 21.26
C PRO A 589 -11.10 15.32 21.38
N CYS A 590 -10.00 15.85 21.91
CA CYS A 590 -9.87 17.29 22.06
C CYS A 590 -9.73 18.00 20.70
N SER A 591 -10.20 19.25 20.65
CA SER A 591 -10.19 20.07 19.44
C SER A 591 -8.93 20.00 18.57
N PHE A 592 -9.15 19.93 17.25
CA PHE A 592 -8.09 19.86 16.25
C PHE A 592 -8.70 20.09 14.87
N GLY A 593 -7.96 20.69 13.95
CA GLY A 593 -8.48 20.94 12.62
C GLY A 593 -7.53 21.74 11.76
N GLY A 594 -8.04 22.14 10.60
CA GLY A 594 -7.27 22.93 9.65
C GLY A 594 -7.35 24.42 9.91
N VAL A 595 -6.29 25.13 9.55
CA VAL A 595 -6.25 26.58 9.62
C VAL A 595 -5.93 27.09 8.22
N SER A 596 -6.68 28.08 7.77
CA SER A 596 -6.50 28.63 6.43
C SER A 596 -6.38 30.14 6.54
N VAL A 597 -5.84 30.75 5.49
CA VAL A 597 -5.65 32.19 5.53
C VAL A 597 -6.36 32.84 4.36
N ILE A 598 -6.74 34.09 4.58
CA ILE A 598 -7.47 34.91 3.63
C ILE A 598 -6.57 36.08 3.27
N THR A 599 -6.31 36.26 1.98
CA THR A 599 -5.53 37.39 1.54
C THR A 599 -6.22 38.02 0.34
N PRO A 600 -6.11 39.35 0.22
CA PRO A 600 -6.44 40.02 -1.04
C PRO A 600 -5.33 40.06 -2.08
N GLY A 601 -4.25 39.31 -1.91
CA GLY A 601 -3.18 39.38 -2.89
C GLY A 601 -1.90 39.86 -2.24
N THR A 602 -0.76 39.41 -2.76
CA THR A 602 0.50 39.78 -2.13
C THR A 602 0.88 41.24 -2.39
N ASN A 603 0.80 41.68 -3.64
CA ASN A 603 1.08 43.07 -3.92
C ASN A 603 -0.08 44.01 -3.62
N THR A 604 -1.23 43.50 -3.18
CA THR A 604 -2.32 44.40 -2.85
C THR A 604 -2.25 44.91 -1.42
N SER A 605 -2.09 44.02 -0.45
CA SER A 605 -1.97 44.44 0.94
C SER A 605 -1.50 43.28 1.78
N ASN A 606 -0.59 43.56 2.71
CA ASN A 606 -0.11 42.54 3.63
C ASN A 606 -1.13 42.16 4.69
N GLN A 607 -2.29 42.80 4.69
CA GLN A 607 -3.36 42.43 5.62
C GLN A 607 -3.82 41.01 5.32
N VAL A 608 -3.94 40.20 6.36
CA VAL A 608 -4.31 38.79 6.23
C VAL A 608 -5.25 38.43 7.37
N ALA A 609 -6.26 37.62 7.07
CA ALA A 609 -7.11 37.10 8.12
C ALA A 609 -6.94 35.60 8.24
N VAL A 610 -7.11 35.08 9.45
CA VAL A 610 -6.92 33.67 9.75
C VAL A 610 -8.26 33.03 10.06
N LEU A 611 -8.54 31.89 9.45
CA LEU A 611 -9.73 31.11 9.72
C LEU A 611 -9.38 29.78 10.35
N TYR A 612 -9.97 29.50 11.50
CA TYR A 612 -9.87 28.21 12.16
C TYR A 612 -11.16 27.49 11.84
N GLN A 613 -11.06 26.24 11.41
CA GLN A 613 -12.28 25.53 11.05
C GLN A 613 -12.83 24.69 12.19
N ASP A 614 -14.16 24.60 12.20
CA ASP A 614 -14.98 23.88 13.17
C ASP A 614 -14.46 23.80 14.60
N VAL A 615 -14.32 24.92 15.29
CA VAL A 615 -14.01 24.89 16.71
C VAL A 615 -14.77 25.99 17.42
N ASN A 616 -14.93 25.82 18.73
CA ASN A 616 -15.45 26.85 19.61
C ASN A 616 -14.33 27.84 19.91
N CYS A 617 -14.52 29.09 19.54
CA CYS A 617 -13.38 29.99 19.61
C CYS A 617 -13.13 30.51 21.01
N THR A 618 -13.20 29.62 22.01
CA THR A 618 -12.90 30.00 23.37
C THR A 618 -11.42 30.23 23.58
N GLU A 619 -10.58 29.52 22.84
CA GLU A 619 -9.15 29.50 23.08
C GLU A 619 -8.38 29.82 21.80
N VAL A 620 -7.07 29.85 21.95
CA VAL A 620 -6.16 30.10 20.84
C VAL A 620 -6.27 28.98 19.82
N SER A 640 -6.33 40.71 16.84
CA SER A 640 -7.03 41.98 16.74
C SER A 640 -8.53 41.80 16.95
N ASN A 641 -9.23 41.46 15.88
CA ASN A 641 -10.67 41.23 15.93
C ASN A 641 -10.98 39.75 16.01
N VAL A 642 -12.11 39.44 16.63
CA VAL A 642 -12.56 38.08 16.88
C VAL A 642 -14.02 38.00 16.47
N PHE A 643 -14.36 36.96 15.71
CA PHE A 643 -15.75 36.77 15.35
C PHE A 643 -16.00 35.31 15.00
N GLN A 644 -17.21 34.86 15.30
CA GLN A 644 -17.63 33.49 15.10
C GLN A 644 -18.46 33.36 13.83
N THR A 645 -18.36 32.18 13.21
CA THR A 645 -19.20 31.82 12.09
C THR A 645 -19.76 30.43 12.31
N ARG A 646 -20.72 30.06 11.48
CA ARG A 646 -21.20 28.68 11.44
C ARG A 646 -20.11 27.72 10.96
N ALA A 647 -18.99 28.25 10.48
CA ALA A 647 -17.93 27.46 9.87
C ALA A 647 -16.63 27.47 10.65
N GLY A 648 -16.56 28.17 11.78
CA GLY A 648 -15.33 28.30 12.52
C GLY A 648 -15.09 29.77 12.79
N CYS A 649 -14.28 30.12 13.77
CA CYS A 649 -14.13 31.53 14.08
C CYS A 649 -13.09 32.20 13.20
N LEU A 650 -13.34 33.46 12.91
CA LEU A 650 -12.48 34.32 12.12
C LEU A 650 -11.76 35.29 13.03
N ILE A 651 -10.49 35.56 12.73
CA ILE A 651 -9.72 36.54 13.47
C ILE A 651 -9.12 37.54 12.49
N GLY A 652 -9.39 38.82 12.70
CA GLY A 652 -8.86 39.86 11.85
C GLY A 652 -9.82 40.43 10.84
N ALA A 653 -10.95 39.78 10.61
CA ALA A 653 -11.96 40.25 9.67
C ALA A 653 -13.09 40.96 10.38
N GLU A 654 -13.36 42.19 9.96
CA GLU A 654 -14.43 42.99 10.52
C GLU A 654 -15.79 42.53 10.00
N HIS A 655 -16.76 42.45 10.91
CA HIS A 655 -18.08 41.95 10.57
C HIS A 655 -19.01 43.09 10.16
N VAL A 656 -19.47 43.07 8.92
CA VAL A 656 -20.36 44.09 8.42
C VAL A 656 -21.79 43.57 8.48
N ASN A 657 -22.76 44.47 8.37
CA ASN A 657 -24.17 44.09 8.35
C ASN A 657 -24.70 43.87 6.94
N ASN A 658 -24.56 44.87 6.08
CA ASN A 658 -25.11 44.80 4.74
C ASN A 658 -24.43 43.70 3.93
N SER A 659 -25.01 43.42 2.78
CA SER A 659 -24.64 42.26 1.97
C SER A 659 -24.06 42.71 0.64
N TYR A 660 -23.28 41.83 0.04
CA TYR A 660 -22.65 42.10 -1.25
C TYR A 660 -22.51 40.79 -2.01
N GLU A 661 -21.98 40.90 -3.22
CA GLU A 661 -21.64 39.72 -4.00
C GLU A 661 -20.45 39.00 -3.35
N CYS A 662 -20.50 37.67 -3.36
CA CYS A 662 -19.45 36.86 -2.76
C CYS A 662 -18.12 37.07 -3.47
N ASP A 663 -17.11 37.52 -2.73
CA ASP A 663 -15.80 37.72 -3.31
C ASP A 663 -14.85 36.56 -3.04
N ILE A 664 -14.49 36.37 -1.77
CA ILE A 664 -13.65 35.24 -1.37
C ILE A 664 -14.48 34.29 -0.53
N PRO A 665 -14.90 33.16 -1.08
CA PRO A 665 -15.85 32.30 -0.36
C PRO A 665 -15.22 31.68 0.86
N ILE A 666 -16.01 31.56 1.92
CA ILE A 666 -15.59 30.90 3.15
C ILE A 666 -16.40 29.63 3.39
N GLY A 667 -17.71 29.75 3.45
CA GLY A 667 -18.58 28.62 3.66
C GLY A 667 -19.81 29.05 4.42
N ALA A 668 -20.85 28.24 4.33
CA ALA A 668 -22.09 28.48 5.05
C ALA A 668 -22.64 29.88 4.77
N GLY A 669 -22.55 30.30 3.52
CA GLY A 669 -23.11 31.57 3.11
C GLY A 669 -22.29 32.80 3.42
N ILE A 670 -21.12 32.66 4.01
CA ILE A 670 -20.30 33.81 4.38
C ILE A 670 -19.14 33.95 3.42
N CYS A 671 -18.90 35.16 2.94
CA CYS A 671 -17.78 35.44 2.08
C CYS A 671 -17.05 36.67 2.59
N ALA A 672 -15.81 36.84 2.13
CA ALA A 672 -15.03 38.01 2.51
C ALA A 672 -14.65 38.87 1.31
N VAL A 687 -11.77 42.47 0.50
CA VAL A 687 -11.23 43.71 1.04
C VAL A 687 -12.07 44.87 0.54
N ALA A 688 -12.28 45.86 1.41
CA ALA A 688 -13.06 47.04 1.04
C ALA A 688 -12.68 48.17 1.97
N SER A 689 -12.25 49.30 1.41
CA SER A 689 -11.78 50.43 2.19
C SER A 689 -10.63 50.02 3.10
N GLN A 690 -9.53 49.61 2.47
CA GLN A 690 -8.27 49.22 3.11
C GLN A 690 -8.41 48.37 4.37
N SER A 691 -9.44 47.51 4.43
CA SER A 691 -9.49 46.51 5.48
C SER A 691 -10.28 45.29 5.01
N ILE A 692 -10.11 44.20 5.74
CA ILE A 692 -10.82 42.96 5.46
C ILE A 692 -12.20 43.04 6.09
N ILE A 693 -13.20 42.48 5.40
CA ILE A 693 -14.56 42.40 5.93
C ILE A 693 -15.13 41.01 5.68
N ALA A 694 -15.98 40.56 6.60
CA ALA A 694 -16.80 39.40 6.36
C ALA A 694 -18.26 39.84 6.28
N TYR A 695 -19.01 39.18 5.42
CA TYR A 695 -20.43 39.48 5.23
C TYR A 695 -21.15 38.27 4.68
N THR A 696 -22.47 38.29 4.83
CA THR A 696 -23.32 37.31 4.18
C THR A 696 -23.58 37.74 2.75
N MET A 697 -23.32 36.85 1.80
CA MET A 697 -23.40 37.22 0.40
C MET A 697 -24.84 37.47 -0.04
N SER A 698 -25.03 38.49 -0.87
CA SER A 698 -26.29 38.74 -1.53
C SER A 698 -26.46 37.84 -2.74
N LEU A 699 -27.69 37.41 -3.00
CA LEU A 699 -27.88 36.59 -4.19
C LEU A 699 -28.14 37.41 -5.44
N GLY A 700 -28.78 38.55 -5.32
CA GLY A 700 -29.03 39.36 -6.50
C GLY A 700 -30.03 40.46 -6.22
N ALA A 701 -30.24 41.27 -7.24
CA ALA A 701 -31.21 42.34 -7.18
C ALA A 701 -32.61 41.76 -7.03
N GLU A 702 -33.35 42.26 -6.04
CA GLU A 702 -34.71 41.82 -5.78
C GLU A 702 -35.71 42.70 -6.51
N ASN A 703 -36.25 42.21 -7.63
CA ASN A 703 -37.33 42.88 -8.32
C ASN A 703 -38.56 41.98 -8.34
N SER A 704 -39.74 42.60 -8.43
CA SER A 704 -41.01 41.90 -8.47
C SER A 704 -41.81 42.35 -9.68
N VAL A 705 -41.89 41.50 -10.70
CA VAL A 705 -42.70 41.82 -11.87
C VAL A 705 -44.15 42.00 -11.48
N ALA A 706 -44.73 43.11 -11.90
CA ALA A 706 -46.13 43.40 -11.61
C ALA A 706 -47.00 42.51 -12.48
N TYR A 707 -47.52 41.44 -11.88
CA TYR A 707 -48.32 40.47 -12.62
C TYR A 707 -49.82 40.59 -12.36
N SER A 708 -50.57 40.79 -13.43
CA SER A 708 -52.01 40.89 -13.37
C SER A 708 -52.58 39.83 -14.30
N ASN A 709 -53.59 40.19 -15.09
CA ASN A 709 -54.18 39.26 -16.03
C ASN A 709 -54.76 39.95 -17.24
N ASN A 710 -54.70 41.28 -17.28
CA ASN A 710 -55.24 42.06 -18.38
C ASN A 710 -54.14 42.82 -19.13
N SER A 711 -52.87 42.61 -18.82
CA SER A 711 -51.85 43.46 -19.40
C SER A 711 -50.58 42.69 -19.69
N ILE A 712 -49.88 43.14 -20.74
CA ILE A 712 -48.69 42.52 -21.28
C ILE A 712 -47.64 43.60 -21.52
N ALA A 713 -46.38 43.23 -21.36
CA ALA A 713 -45.26 44.09 -21.67
C ALA A 713 -44.62 43.63 -22.96
N ILE A 714 -44.28 44.56 -23.86
CA ILE A 714 -43.67 44.13 -25.12
C ILE A 714 -42.48 45.01 -25.43
N PRO A 715 -41.45 44.43 -26.07
CA PRO A 715 -40.27 45.20 -26.44
C PRO A 715 -40.52 46.16 -27.57
N THR A 716 -39.82 47.29 -27.55
CA THR A 716 -39.89 48.20 -28.68
C THR A 716 -38.50 48.56 -29.17
N ASN A 717 -37.53 47.67 -29.02
CA ASN A 717 -36.20 47.93 -29.55
C ASN A 717 -35.37 46.67 -29.34
N PHE A 718 -34.16 46.67 -29.90
CA PHE A 718 -33.31 45.51 -29.73
C PHE A 718 -31.83 45.85 -29.82
N THR A 719 -31.04 45.08 -29.10
CA THR A 719 -29.58 45.16 -29.04
C THR A 719 -28.96 43.84 -29.47
N ILE A 720 -28.23 43.84 -30.58
CA ILE A 720 -27.46 42.66 -30.94
C ILE A 720 -26.15 42.70 -30.16
N SER A 721 -25.74 41.56 -29.61
CA SER A 721 -24.51 41.52 -28.81
C SER A 721 -23.73 40.25 -29.08
N VAL A 722 -22.48 40.22 -28.59
CA VAL A 722 -21.58 39.09 -28.76
C VAL A 722 -21.13 38.56 -27.41
N THR A 723 -20.73 37.30 -27.40
CA THR A 723 -20.38 36.59 -26.17
C THR A 723 -19.24 35.61 -26.44
N THR A 724 -18.27 35.56 -25.55
CA THR A 724 -17.11 34.67 -25.69
C THR A 724 -17.26 33.42 -24.83
N GLU A 725 -17.02 32.25 -25.42
CA GLU A 725 -17.12 30.98 -24.70
C GLU A 725 -15.87 30.15 -24.98
N ILE A 726 -15.13 29.79 -23.93
CA ILE A 726 -13.81 29.17 -24.04
C ILE A 726 -13.88 27.70 -23.66
N LEU A 727 -13.21 26.84 -24.45
CA LEU A 727 -13.22 25.40 -24.15
C LEU A 727 -11.89 24.74 -24.47
N PRO A 728 -11.28 24.03 -23.53
CA PRO A 728 -10.06 23.26 -23.83
C PRO A 728 -10.38 21.98 -24.59
N VAL A 729 -9.47 21.59 -25.48
CA VAL A 729 -9.62 20.32 -26.20
C VAL A 729 -8.35 19.49 -26.35
N SER A 730 -7.38 19.63 -25.45
CA SER A 730 -6.16 18.84 -25.64
C SER A 730 -5.24 18.97 -24.44
N MET A 731 -4.25 18.07 -24.38
CA MET A 731 -3.16 18.20 -23.41
C MET A 731 -1.84 17.85 -24.10
N THR A 732 -0.75 18.09 -23.39
CA THR A 732 0.57 17.75 -23.89
C THR A 732 0.76 16.24 -23.94
N LYS A 733 1.23 15.72 -25.08
CA LYS A 733 1.31 14.27 -25.27
C LYS A 733 2.52 13.73 -24.51
N THR A 734 2.37 13.61 -23.19
CA THR A 734 3.43 13.14 -22.31
C THR A 734 3.84 11.70 -22.62
N SER A 735 5.13 11.41 -22.59
CA SER A 735 5.60 10.04 -22.76
C SER A 735 6.83 9.79 -21.91
N VAL A 736 6.81 8.73 -21.10
CA VAL A 736 7.93 8.43 -20.21
C VAL A 736 8.35 6.97 -20.37
N ASP A 737 9.67 6.77 -20.44
CA ASP A 737 10.30 5.45 -20.49
C ASP A 737 10.49 4.89 -19.08
N CYS A 738 9.70 3.88 -18.73
CA CYS A 738 9.69 3.36 -17.36
C CYS A 738 11.04 2.76 -16.97
N THR A 739 11.62 1.93 -17.84
CA THR A 739 12.86 1.24 -17.49
C THR A 739 14.02 2.20 -17.28
N MET A 740 14.00 3.37 -17.92
CA MET A 740 15.04 4.35 -17.65
C MET A 740 14.71 5.14 -16.41
N TYR A 741 13.43 5.44 -16.21
CA TYR A 741 13.00 6.20 -15.05
C TYR A 741 13.35 5.50 -13.75
N ILE A 742 13.12 4.19 -13.67
CA ILE A 742 13.37 3.47 -12.43
C ILE A 742 14.85 3.19 -12.24
N CYS A 743 15.53 2.66 -13.25
CA CYS A 743 16.91 2.23 -13.05
C CYS A 743 17.85 3.12 -13.86
N GLY A 744 17.80 3.04 -15.18
CA GLY A 744 18.64 3.85 -16.02
C GLY A 744 20.10 3.48 -15.97
N ASP A 745 20.67 3.10 -17.11
CA ASP A 745 22.11 2.81 -17.26
C ASP A 745 22.60 1.88 -16.14
N SER A 746 21.77 0.94 -15.73
CA SER A 746 22.16 -0.03 -14.72
C SER A 746 21.58 -1.38 -15.12
N THR A 747 22.46 -2.33 -15.45
CA THR A 747 21.99 -3.64 -15.85
C THR A 747 21.44 -4.40 -14.65
N GLU A 748 22.15 -4.35 -13.53
CA GLU A 748 21.76 -5.09 -12.34
C GLU A 748 20.38 -4.67 -11.84
N CYS A 749 20.10 -3.37 -11.85
CA CYS A 749 18.79 -2.93 -11.42
C CYS A 749 17.71 -3.54 -12.29
N SER A 750 17.81 -3.37 -13.61
CA SER A 750 16.80 -3.96 -14.48
C SER A 750 16.72 -5.47 -14.29
N ASN A 751 17.85 -6.11 -13.95
CA ASN A 751 17.83 -7.53 -13.63
C ASN A 751 16.84 -7.82 -12.51
N LEU A 752 16.75 -6.92 -11.53
CA LEU A 752 15.74 -7.16 -10.50
C LEU A 752 14.36 -6.73 -10.96
N LEU A 753 14.31 -5.71 -11.80
CA LEU A 753 13.04 -5.22 -12.33
C LEU A 753 12.30 -6.31 -13.09
N LEU A 754 13.03 -7.19 -13.75
CA LEU A 754 12.40 -8.26 -14.52
C LEU A 754 11.49 -9.16 -13.70
N GLN A 755 11.59 -9.11 -12.38
CA GLN A 755 10.76 -9.95 -11.52
C GLN A 755 9.35 -9.40 -11.33
N TYR A 756 9.07 -8.22 -11.88
CA TYR A 756 7.75 -7.62 -11.80
C TYR A 756 7.02 -7.68 -13.14
N GLY A 757 7.52 -8.45 -14.07
CA GLY A 757 6.86 -8.69 -15.34
C GLY A 757 6.65 -7.48 -16.22
N SER A 758 5.40 -7.27 -16.64
CA SER A 758 5.06 -6.27 -17.66
C SER A 758 4.66 -4.90 -17.11
N PHE A 759 4.95 -4.59 -15.85
CA PHE A 759 4.51 -3.30 -15.30
C PHE A 759 4.86 -2.13 -16.24
N CYS A 760 6.10 -2.08 -16.71
CA CYS A 760 6.47 -1.00 -17.63
C CYS A 760 5.64 -1.09 -18.91
N THR A 761 5.39 -2.30 -19.40
CA THR A 761 4.66 -2.42 -20.65
C THR A 761 3.26 -1.86 -20.52
N GLN A 762 2.57 -2.20 -19.43
CA GLN A 762 1.22 -1.68 -19.23
C GLN A 762 1.22 -0.16 -19.10
N LEU A 763 2.17 0.39 -18.33
CA LEU A 763 2.18 1.84 -18.16
C LEU A 763 2.48 2.56 -19.48
N ASN A 764 3.47 2.08 -20.21
CA ASN A 764 3.80 2.65 -21.50
C ASN A 764 2.59 2.60 -22.43
N ARG A 765 1.93 1.45 -22.51
CA ARG A 765 0.78 1.31 -23.39
C ARG A 765 -0.33 2.29 -23.02
N ALA A 766 -0.64 2.41 -21.73
CA ALA A 766 -1.69 3.34 -21.32
C ALA A 766 -1.37 4.78 -21.73
N LEU A 767 -0.10 5.17 -21.58
CA LEU A 767 0.26 6.54 -21.94
C LEU A 767 0.17 6.73 -23.45
N THR A 768 0.58 5.72 -24.21
CA THR A 768 0.38 5.80 -25.65
C THR A 768 -1.10 5.95 -26.01
N GLY A 769 -1.98 5.26 -25.28
CA GLY A 769 -3.38 5.34 -25.66
C GLY A 769 -4.00 6.68 -25.36
N ILE A 770 -3.43 7.42 -24.44
CA ILE A 770 -3.99 8.75 -24.17
C ILE A 770 -3.39 9.76 -25.13
N ALA A 771 -2.08 9.72 -25.33
CA ALA A 771 -1.52 10.65 -26.30
C ALA A 771 -2.18 10.46 -27.66
N VAL A 772 -2.56 9.24 -28.02
CA VAL A 772 -3.28 9.03 -29.27
C VAL A 772 -4.67 9.65 -29.23
N GLU A 773 -5.41 9.48 -28.12
CA GLU A 773 -6.72 10.07 -28.25
C GLU A 773 -6.71 11.58 -28.12
N GLN A 774 -5.59 12.20 -27.76
CA GLN A 774 -5.63 13.65 -27.74
C GLN A 774 -5.65 14.19 -29.17
N ASP A 775 -4.92 13.52 -30.07
CA ASP A 775 -4.97 13.91 -31.47
C ASP A 775 -6.31 13.54 -32.07
N LYS A 776 -6.94 12.49 -31.54
CA LYS A 776 -8.26 12.17 -32.05
C LYS A 776 -9.25 13.26 -31.70
N ASN A 777 -9.19 13.75 -30.45
CA ASN A 777 -10.07 14.81 -30.02
C ASN A 777 -9.92 16.05 -30.91
N THR A 778 -8.68 16.46 -31.17
CA THR A 778 -8.50 17.64 -32.01
C THR A 778 -9.02 17.43 -33.42
N GLN A 779 -8.78 16.24 -33.99
CA GLN A 779 -9.30 15.94 -35.32
C GLN A 779 -10.82 15.98 -35.33
N GLU A 780 -11.46 15.59 -34.24
CA GLU A 780 -12.90 15.48 -34.24
C GLU A 780 -13.54 16.86 -34.09
N VAL A 781 -12.92 17.74 -33.31
CA VAL A 781 -13.51 19.07 -33.15
C VAL A 781 -13.27 19.94 -34.38
N PHE A 782 -12.03 20.05 -34.87
CA PHE A 782 -11.80 21.03 -35.94
C PHE A 782 -12.10 20.51 -37.34
N ALA A 783 -11.66 19.30 -37.68
CA ALA A 783 -11.71 18.82 -39.06
C ALA A 783 -13.07 18.28 -39.47
N GLN A 784 -14.06 19.18 -39.51
CA GLN A 784 -15.41 18.81 -39.89
C GLN A 784 -15.83 19.38 -41.24
N VAL A 785 -14.93 20.05 -41.96
CA VAL A 785 -15.25 20.67 -43.24
C VAL A 785 -14.66 19.84 -44.40
N LYS A 786 -15.51 19.56 -45.38
CA LYS A 786 -15.10 18.71 -46.50
C LYS A 786 -13.90 19.28 -47.26
N GLN A 787 -13.84 20.61 -47.41
CA GLN A 787 -12.74 21.23 -48.14
C GLN A 787 -12.53 22.65 -47.62
N ILE A 788 -11.56 23.33 -48.20
CA ILE A 788 -11.08 24.61 -47.71
C ILE A 788 -11.67 25.72 -48.55
N TYR A 789 -12.68 26.42 -48.03
CA TYR A 789 -13.24 27.55 -48.72
C TYR A 789 -12.34 28.77 -48.57
N LYS A 790 -12.47 29.71 -49.50
CA LYS A 790 -11.66 30.92 -49.47
C LYS A 790 -12.56 32.14 -49.35
N THR A 791 -12.07 33.15 -48.68
CA THR A 791 -12.78 34.42 -48.55
C THR A 791 -12.60 35.27 -49.81
N PRO A 792 -13.68 35.74 -50.41
CA PRO A 792 -13.57 36.51 -51.66
C PRO A 792 -12.86 37.82 -51.43
N PRO A 793 -12.04 38.27 -52.38
CA PRO A 793 -11.15 39.40 -52.11
C PRO A 793 -11.89 40.72 -51.93
N ILE A 794 -12.97 40.93 -52.67
CA ILE A 794 -13.78 42.13 -52.54
C ILE A 794 -14.80 41.92 -51.43
N LYS A 795 -14.72 42.72 -50.38
CA LYS A 795 -15.45 42.49 -49.15
C LYS A 795 -16.50 43.58 -48.99
N ASP A 796 -17.74 43.26 -49.33
CA ASP A 796 -18.87 44.18 -49.22
C ASP A 796 -20.05 43.45 -48.59
N PHE A 797 -19.88 43.01 -47.35
CA PHE A 797 -20.90 42.21 -46.69
C PHE A 797 -21.97 43.08 -46.04
N GLY A 798 -22.55 43.98 -46.82
CA GLY A 798 -23.64 44.78 -46.30
C GLY A 798 -23.26 45.75 -45.21
N GLY A 799 -22.01 46.20 -45.18
CA GLY A 799 -21.58 47.08 -44.12
C GLY A 799 -21.01 46.43 -42.87
N PHE A 800 -21.00 45.11 -42.79
CA PHE A 800 -20.53 44.42 -41.58
C PHE A 800 -19.02 44.26 -41.66
N ASN A 801 -18.30 44.86 -40.71
CA ASN A 801 -16.85 44.89 -40.75
C ASN A 801 -16.26 43.65 -40.08
N PHE A 802 -15.99 42.62 -40.86
CA PHE A 802 -15.45 41.38 -40.37
C PHE A 802 -13.94 41.33 -40.40
N SER A 803 -13.27 42.47 -40.59
CA SER A 803 -11.82 42.48 -40.78
C SER A 803 -11.03 42.01 -39.58
N GLN A 804 -11.62 41.99 -38.39
CA GLN A 804 -10.88 41.59 -37.20
C GLN A 804 -11.08 40.12 -36.86
N ILE A 805 -11.81 39.39 -37.69
CA ILE A 805 -12.06 37.98 -37.48
C ILE A 805 -11.35 37.12 -38.52
N LEU A 806 -11.16 37.63 -39.75
CA LEU A 806 -10.55 36.92 -40.87
C LEU A 806 -9.04 37.09 -40.84
N PRO A 807 -8.31 36.09 -41.32
CA PRO A 807 -6.85 36.19 -41.33
C PRO A 807 -6.33 37.26 -42.26
N ASP A 808 -5.19 37.81 -41.89
CA ASP A 808 -4.48 38.80 -42.68
C ASP A 808 -3.17 38.16 -43.16
N PRO A 809 -2.98 37.94 -44.46
CA PRO A 809 -1.75 37.28 -44.93
C PRO A 809 -0.43 37.86 -44.45
N SER A 810 -0.45 38.98 -43.73
CA SER A 810 0.79 39.56 -43.22
C SER A 810 1.54 38.59 -42.31
N LYS A 811 0.82 37.86 -41.46
CA LYS A 811 1.47 36.95 -40.54
C LYS A 811 1.88 35.65 -41.21
N ARG A 815 -2.76 34.13 -39.25
CA ARG A 815 -3.77 34.19 -38.21
C ARG A 815 -4.47 35.54 -38.18
N SER A 816 -5.71 35.55 -37.70
CA SER A 816 -6.43 36.80 -37.52
C SER A 816 -5.87 37.58 -36.33
N PHE A 817 -6.26 38.84 -36.25
CA PHE A 817 -5.84 39.69 -35.15
C PHE A 817 -6.20 39.08 -33.81
N ILE A 818 -7.45 38.68 -33.65
CA ILE A 818 -7.90 38.11 -32.38
C ILE A 818 -7.11 36.85 -32.04
N GLU A 819 -6.90 35.98 -33.01
CA GLU A 819 -6.17 34.75 -32.75
C GLU A 819 -4.77 35.05 -32.22
N ASP A 820 -4.11 36.05 -32.79
CA ASP A 820 -2.78 36.42 -32.34
C ASP A 820 -2.83 36.97 -30.92
N LEU A 821 -3.80 37.83 -30.65
CA LEU A 821 -3.97 38.33 -29.28
C LEU A 821 -4.15 37.17 -28.32
N LEU A 822 -4.94 36.18 -28.72
CA LEU A 822 -5.23 35.05 -27.86
C LEU A 822 -3.95 34.27 -27.56
N PHE A 823 -3.18 33.96 -28.60
CA PHE A 823 -1.95 33.21 -28.39
C PHE A 823 -1.02 33.97 -27.47
N ASN A 824 -0.93 35.28 -27.66
CA ASN A 824 -0.01 36.04 -26.83
C ASN A 824 -0.57 36.30 -25.44
N LYS A 825 -1.82 35.91 -25.19
CA LYS A 825 -2.39 36.05 -23.86
C LYS A 825 -1.83 35.03 -22.87
N VAL A 826 -1.48 33.83 -23.34
CA VAL A 826 -1.07 32.76 -22.45
C VAL A 826 0.41 32.45 -22.63
N THR A 827 0.96 31.70 -21.67
CA THR A 827 2.39 31.64 -21.40
C THR A 827 2.88 30.20 -21.35
N LEU A 828 2.55 29.41 -22.38
CA LEU A 828 3.05 28.04 -22.49
C LEU A 828 4.52 27.89 -22.10
N GLN A 853 11.26 19.82 -16.12
CA GLN A 853 11.08 19.95 -17.56
C GLN A 853 11.10 18.56 -18.20
N LYS A 854 12.22 18.20 -18.85
CA LYS A 854 12.35 16.88 -19.46
C LYS A 854 13.84 16.55 -19.55
N PHE A 855 14.33 15.73 -18.62
CA PHE A 855 15.75 15.47 -18.64
C PHE A 855 16.16 14.03 -18.34
N ASN A 856 15.25 13.15 -17.93
CA ASN A 856 15.64 11.77 -17.63
C ASN A 856 14.48 10.82 -17.95
N GLY A 857 14.42 10.41 -19.21
CA GLY A 857 13.44 9.45 -19.68
C GLY A 857 12.07 10.01 -19.92
N LEU A 858 11.87 11.32 -19.80
CA LEU A 858 10.59 11.94 -20.04
C LEU A 858 10.67 12.74 -21.33
N THR A 859 9.59 12.73 -22.11
CA THR A 859 9.52 13.60 -23.27
C THR A 859 8.07 14.01 -23.52
N VAL A 860 7.90 14.81 -24.57
CA VAL A 860 6.58 15.24 -25.01
C VAL A 860 6.52 15.06 -26.52
N LEU A 861 5.52 14.42 -26.97
CA LEU A 861 5.48 14.25 -28.40
C LEU A 861 4.80 15.45 -29.05
N PRO A 862 5.18 15.82 -30.27
CA PRO A 862 4.53 16.95 -30.93
C PRO A 862 3.12 16.58 -31.37
N PRO A 863 2.25 17.58 -31.54
CA PRO A 863 0.92 17.32 -32.09
C PRO A 863 1.00 17.03 -33.59
N LEU A 864 -0.02 16.34 -34.08
CA LEU A 864 -0.14 16.11 -35.51
C LEU A 864 -0.49 17.38 -36.28
N LEU A 865 -1.41 18.17 -35.77
CA LEU A 865 -1.87 19.38 -36.44
C LEU A 865 -1.17 20.61 -35.89
N THR A 866 -0.41 21.29 -36.73
CA THR A 866 0.33 22.46 -36.29
C THR A 866 -0.60 23.66 -36.20
N ASP A 867 -0.10 24.71 -35.56
CA ASP A 867 -0.88 25.92 -35.34
C ASP A 867 -1.37 26.53 -36.64
N GLU A 868 -0.51 26.63 -37.64
CA GLU A 868 -0.95 27.18 -38.91
C GLU A 868 -1.97 26.30 -39.61
N MET A 869 -1.98 25.02 -39.31
CA MET A 869 -2.94 24.15 -39.97
C MET A 869 -4.30 24.29 -39.30
N ILE A 870 -4.32 24.44 -37.98
CA ILE A 870 -5.60 24.67 -37.33
C ILE A 870 -6.15 26.02 -37.76
N ALA A 871 -5.31 27.06 -37.73
CA ALA A 871 -5.80 28.34 -38.21
C ALA A 871 -6.21 28.31 -39.66
N GLN A 872 -5.88 27.25 -40.38
CA GLN A 872 -6.40 27.13 -41.73
C GLN A 872 -7.76 26.47 -41.74
N TYR A 873 -7.99 25.55 -40.81
CA TYR A 873 -9.34 25.03 -40.68
C TYR A 873 -10.30 26.10 -40.22
N THR A 874 -9.92 26.89 -39.23
CA THR A 874 -10.83 27.91 -38.71
C THR A 874 -11.04 29.03 -39.72
N SER A 875 -10.03 29.32 -40.55
CA SER A 875 -10.28 30.28 -41.62
C SER A 875 -11.24 29.72 -42.64
N ALA A 876 -11.12 28.45 -43.01
CA ALA A 876 -12.09 27.89 -43.94
C ALA A 876 -13.48 27.90 -43.34
N LEU A 877 -13.60 27.54 -42.06
CA LEU A 877 -14.90 27.50 -41.42
C LEU A 877 -15.57 28.87 -41.47
N LEU A 878 -14.97 29.86 -40.83
CA LEU A 878 -15.69 31.12 -40.79
C LEU A 878 -15.62 31.90 -42.09
N ALA A 879 -14.89 31.42 -43.10
CA ALA A 879 -15.06 31.94 -44.45
C ALA A 879 -16.16 31.25 -45.22
N GLY A 880 -16.65 30.12 -44.71
CA GLY A 880 -17.83 29.52 -45.29
C GLY A 880 -19.10 30.15 -44.77
N THR A 881 -19.31 30.12 -43.46
CA THR A 881 -20.54 30.58 -42.85
C THR A 881 -20.87 32.03 -43.14
N ILE A 882 -19.92 32.81 -43.67
CA ILE A 882 -20.25 34.15 -44.17
C ILE A 882 -20.88 34.09 -45.53
N THR A 883 -20.40 33.19 -46.39
CA THR A 883 -20.83 33.18 -47.77
C THR A 883 -22.02 32.27 -48.02
N SER A 884 -22.21 31.22 -47.22
CA SER A 884 -23.23 30.25 -47.50
C SER A 884 -24.13 29.89 -46.34
N GLY A 885 -23.76 30.22 -45.11
CA GLY A 885 -24.57 29.86 -43.96
C GLY A 885 -24.71 28.36 -43.80
N TRP A 886 -25.81 27.95 -43.16
CA TRP A 886 -25.94 26.58 -42.74
C TRP A 886 -25.87 25.65 -43.94
N THR A 887 -26.16 26.18 -45.12
CA THR A 887 -26.14 25.41 -46.35
C THR A 887 -24.83 24.65 -46.46
N PHE A 888 -23.71 25.37 -46.51
CA PHE A 888 -22.42 24.71 -46.76
C PHE A 888 -22.18 23.56 -45.80
N GLY A 889 -23.01 23.36 -44.80
CA GLY A 889 -22.79 22.29 -43.85
C GLY A 889 -23.67 21.10 -44.08
N ALA A 890 -24.33 21.03 -45.24
CA ALA A 890 -25.22 19.95 -45.64
C ALA A 890 -24.74 19.34 -46.94
N GLY A 891 -24.43 20.18 -47.90
CA GLY A 891 -24.03 19.74 -49.23
C GLY A 891 -23.10 20.76 -49.81
N ALA A 892 -23.22 21.01 -51.11
CA ALA A 892 -22.39 22.03 -51.75
C ALA A 892 -22.73 23.41 -51.18
N ALA A 893 -21.73 24.28 -51.16
CA ALA A 893 -21.96 25.66 -50.73
C ALA A 893 -22.85 26.38 -51.74
N LEU A 894 -23.70 27.26 -51.23
CA LEU A 894 -24.57 28.11 -52.05
C LEU A 894 -24.31 29.56 -51.67
N GLN A 895 -23.82 30.35 -52.62
CA GLN A 895 -23.59 31.77 -52.36
C GLN A 895 -24.91 32.51 -52.17
N ILE A 896 -25.07 33.12 -51.01
CA ILE A 896 -26.24 33.93 -50.72
C ILE A 896 -25.74 35.27 -50.19
N PRO A 897 -26.22 36.41 -50.69
CA PRO A 897 -25.79 37.69 -50.13
C PRO A 897 -25.99 37.72 -48.62
N PHE A 898 -25.02 38.29 -47.92
CA PHE A 898 -25.01 38.24 -46.46
C PHE A 898 -26.28 38.83 -45.85
N ALA A 899 -26.65 40.05 -46.24
CA ALA A 899 -27.78 40.70 -45.59
C ALA A 899 -29.03 39.86 -45.70
N MET A 900 -29.22 39.18 -46.83
CA MET A 900 -30.37 38.32 -46.95
C MET A 900 -30.28 37.19 -45.94
N GLN A 901 -29.09 36.63 -45.76
CA GLN A 901 -28.91 35.56 -44.79
C GLN A 901 -29.27 36.02 -43.39
N MET A 902 -28.80 37.20 -42.99
CA MET A 902 -29.15 37.67 -41.65
C MET A 902 -30.65 37.85 -41.53
N ALA A 903 -31.27 38.44 -42.55
CA ALA A 903 -32.72 38.63 -42.51
C ALA A 903 -33.43 37.30 -42.32
N TYR A 904 -32.97 36.27 -43.02
CA TYR A 904 -33.55 34.96 -42.83
C TYR A 904 -33.38 34.49 -41.40
N ARG A 905 -32.18 34.63 -40.84
CA ARG A 905 -31.97 34.17 -39.48
C ARG A 905 -32.90 34.87 -38.51
N PHE A 906 -33.21 36.13 -38.81
CA PHE A 906 -34.20 36.84 -38.00
C PHE A 906 -35.55 36.15 -38.13
N ASN A 907 -35.92 35.81 -39.34
CA ASN A 907 -37.17 35.07 -39.48
C ASN A 907 -37.09 33.77 -38.70
N GLY A 908 -35.91 33.18 -38.65
CA GLY A 908 -35.69 31.95 -37.89
C GLY A 908 -35.90 32.09 -36.42
N ILE A 909 -35.81 33.31 -35.88
CA ILE A 909 -36.07 33.47 -34.44
C ILE A 909 -37.54 33.77 -34.22
N GLY A 910 -38.15 34.59 -35.08
CA GLY A 910 -39.54 34.95 -34.92
C GLY A 910 -39.83 36.42 -35.07
N VAL A 911 -38.95 37.13 -35.75
CA VAL A 911 -39.12 38.54 -36.06
C VAL A 911 -39.25 38.68 -37.58
N THR A 912 -40.29 39.41 -38.00
CA THR A 912 -40.60 39.56 -39.41
C THR A 912 -39.40 40.11 -40.17
N GLN A 913 -39.11 39.49 -41.31
CA GLN A 913 -37.93 39.82 -42.12
C GLN A 913 -37.74 41.32 -42.28
N ASN A 914 -38.82 42.08 -42.52
CA ASN A 914 -38.66 43.49 -42.84
C ASN A 914 -37.94 44.26 -41.74
N VAL A 915 -37.98 43.75 -40.51
CA VAL A 915 -37.33 44.47 -39.41
C VAL A 915 -35.85 44.63 -39.69
N LEU A 916 -35.22 43.59 -40.23
CA LEU A 916 -33.80 43.69 -40.48
C LEU A 916 -33.50 44.74 -41.54
N TYR A 917 -34.23 44.69 -42.66
CA TYR A 917 -33.96 45.61 -43.74
C TYR A 917 -34.16 47.06 -43.32
N GLU A 918 -35.25 47.33 -42.61
CA GLU A 918 -35.51 48.71 -42.21
C GLU A 918 -34.44 49.25 -41.27
N ASN A 919 -33.88 48.40 -40.40
CA ASN A 919 -32.89 48.79 -39.41
C ASN A 919 -31.48 48.32 -39.71
N GLN A 920 -31.17 47.99 -40.97
CA GLN A 920 -29.88 47.41 -41.30
C GLN A 920 -28.69 48.23 -40.79
N LYS A 921 -28.76 49.55 -40.90
CA LYS A 921 -27.64 50.37 -40.45
C LYS A 921 -27.38 50.25 -38.95
N LEU A 922 -28.43 50.32 -38.15
CA LEU A 922 -28.23 50.21 -36.70
C LEU A 922 -27.64 48.86 -36.35
N ILE A 923 -28.13 47.80 -37.00
CA ILE A 923 -27.64 46.47 -36.71
C ILE A 923 -26.15 46.37 -37.01
N ALA A 924 -25.74 46.83 -38.20
CA ALA A 924 -24.32 46.74 -38.54
C ALA A 924 -23.48 47.52 -37.53
N ASN A 925 -23.97 48.68 -37.11
CA ASN A 925 -23.20 49.49 -36.17
C ASN A 925 -23.04 48.76 -34.85
N GLN A 926 -24.13 48.20 -34.33
CA GLN A 926 -24.04 47.50 -33.05
C GLN A 926 -23.10 46.31 -33.17
N PHE A 927 -23.16 45.57 -34.28
CA PHE A 927 -22.26 44.43 -34.46
C PHE A 927 -20.81 44.88 -34.38
N ASN A 928 -20.46 45.91 -35.13
CA ASN A 928 -19.07 46.37 -35.16
C ASN A 928 -18.61 46.83 -33.78
N SER A 929 -19.35 47.75 -33.17
CA SER A 929 -18.98 48.19 -31.82
C SER A 929 -18.97 47.08 -30.79
N ALA A 930 -19.59 45.94 -31.08
CA ALA A 930 -19.48 44.83 -30.14
C ALA A 930 -18.19 44.08 -30.37
N ILE A 931 -17.80 43.92 -31.64
CA ILE A 931 -16.55 43.23 -31.89
C ILE A 931 -15.41 44.03 -31.27
N GLY A 932 -15.43 45.35 -31.47
CA GLY A 932 -14.41 46.16 -30.84
C GLY A 932 -14.40 46.09 -29.32
N LYS A 933 -15.58 45.95 -28.70
CA LYS A 933 -15.58 45.83 -27.25
C LYS A 933 -14.94 44.51 -26.81
N ILE A 934 -15.19 43.42 -27.53
CA ILE A 934 -14.53 42.16 -27.21
C ILE A 934 -13.02 42.30 -27.38
N GLN A 935 -12.60 42.89 -28.49
CA GLN A 935 -11.17 43.09 -28.72
C GLN A 935 -10.51 43.78 -27.55
N ASP A 936 -11.23 44.71 -26.92
CA ASP A 936 -10.54 45.45 -25.86
C ASP A 936 -10.66 44.73 -24.53
N SER A 937 -11.79 44.07 -24.28
CA SER A 937 -11.90 43.25 -23.09
C SER A 937 -10.77 42.24 -23.05
N LEU A 938 -10.49 41.59 -24.18
CA LEU A 938 -9.42 40.60 -24.15
C LEU A 938 -8.07 41.30 -24.12
N SER A 939 -7.96 42.47 -24.73
CA SER A 939 -6.65 43.08 -24.83
C SER A 939 -6.18 43.61 -23.51
N SER A 940 -7.09 43.77 -22.54
CA SER A 940 -6.68 44.34 -21.27
C SER A 940 -6.98 43.48 -20.05
N THR A 941 -8.11 42.78 -20.03
CA THR A 941 -8.50 42.02 -18.84
C THR A 941 -7.66 40.76 -18.72
N ALA A 942 -6.84 40.70 -17.67
CA ALA A 942 -6.12 39.49 -17.33
C ALA A 942 -7.08 38.41 -16.82
N SER A 943 -6.58 37.19 -16.73
CA SER A 943 -7.35 36.01 -16.33
C SER A 943 -8.52 35.74 -17.26
N ALA A 944 -8.43 36.24 -18.50
CA ALA A 944 -9.45 35.93 -19.49
C ALA A 944 -9.55 34.44 -19.78
N LEU A 945 -8.40 33.75 -19.80
CA LEU A 945 -8.34 32.35 -20.20
C LEU A 945 -8.00 31.39 -19.06
N GLY A 946 -8.37 31.73 -17.82
CA GLY A 946 -8.05 30.85 -16.71
C GLY A 946 -8.42 29.40 -16.95
N LYS A 947 -9.56 29.17 -17.60
CA LYS A 947 -10.00 27.80 -17.86
C LYS A 947 -8.98 27.08 -18.73
N LEU A 948 -8.39 27.81 -19.68
CA LEU A 948 -7.45 27.21 -20.60
C LEU A 948 -6.09 27.03 -19.93
N GLN A 949 -5.71 28.00 -19.10
CA GLN A 949 -4.44 27.97 -18.37
C GLN A 949 -4.37 26.82 -17.36
N ASP A 950 -5.53 26.46 -16.80
CA ASP A 950 -5.58 25.41 -15.78
C ASP A 950 -4.98 24.09 -16.27
N VAL A 951 -5.34 23.64 -17.47
CA VAL A 951 -4.81 22.38 -17.96
C VAL A 951 -3.27 22.42 -18.01
N VAL A 952 -2.70 23.52 -18.51
CA VAL A 952 -1.25 23.62 -18.57
C VAL A 952 -0.66 23.52 -17.18
N ASN A 953 -1.24 24.24 -16.22
CA ASN A 953 -0.70 24.19 -14.87
C ASN A 953 -0.75 22.78 -14.30
N GLN A 954 -1.85 22.07 -14.52
CA GLN A 954 -1.96 20.72 -13.97
C GLN A 954 -0.93 19.78 -14.59
N ASN A 955 -0.73 19.86 -15.90
CA ASN A 955 0.27 18.99 -16.53
C ASN A 955 1.66 19.30 -15.97
N ALA A 956 2.00 20.58 -15.87
CA ALA A 956 3.31 20.95 -15.35
C ALA A 956 3.47 20.45 -13.92
N GLN A 957 2.42 20.58 -13.11
CA GLN A 957 2.51 20.15 -11.72
C GLN A 957 2.74 18.65 -11.61
N ALA A 958 2.03 17.86 -12.42
CA ALA A 958 2.23 16.42 -12.37
C ALA A 958 3.65 16.05 -12.76
N LEU A 959 4.19 16.69 -13.79
CA LEU A 959 5.55 16.36 -14.18
C LEU A 959 6.54 16.77 -13.12
N ASN A 960 6.38 17.96 -12.54
CA ASN A 960 7.35 18.40 -11.56
C ASN A 960 7.32 17.54 -10.31
N THR A 961 6.14 17.13 -9.85
CA THR A 961 6.09 16.26 -8.68
C THR A 961 6.75 14.93 -9.00
N LEU A 962 6.44 14.37 -10.17
CA LEU A 962 7.03 13.09 -10.54
C LEU A 962 8.55 13.17 -10.53
N VAL A 963 9.10 14.21 -11.12
CA VAL A 963 10.56 14.33 -11.15
C VAL A 963 11.11 14.49 -9.74
N LYS A 964 10.47 15.34 -8.94
CA LYS A 964 10.92 15.54 -7.56
C LYS A 964 11.01 14.23 -6.79
N GLN A 965 10.05 13.33 -6.99
CA GLN A 965 10.04 12.08 -6.22
C GLN A 965 11.31 11.25 -6.35
N LEU A 966 12.14 11.47 -7.36
CA LEU A 966 13.38 10.72 -7.45
C LEU A 966 14.31 10.94 -6.28
N SER A 967 14.21 12.05 -5.58
CA SER A 967 15.13 12.29 -4.48
C SER A 967 14.66 11.67 -3.17
N SER A 968 13.47 11.09 -3.14
CA SER A 968 12.98 10.46 -1.93
C SER A 968 13.76 9.20 -1.63
N ASN A 969 13.94 8.92 -0.34
CA ASN A 969 14.73 7.75 0.05
C ASN A 969 13.89 6.48 0.01
N PHE A 970 12.61 6.56 0.35
CA PHE A 970 11.74 5.39 0.41
C PHE A 970 12.29 4.35 1.37
N GLY A 971 12.93 4.81 2.43
CA GLY A 971 13.52 3.94 3.44
C GLY A 971 14.84 3.31 3.06
N ALA A 972 15.48 3.77 2.01
CA ALA A 972 16.78 3.24 1.62
C ALA A 972 17.87 4.00 2.35
N ILE A 973 19.08 3.45 2.32
CA ILE A 973 20.23 4.15 2.89
C ILE A 973 20.60 5.40 2.10
N SER A 974 20.20 5.50 0.83
CA SER A 974 20.56 6.66 0.02
C SER A 974 19.62 6.76 -1.17
N SER A 975 19.31 8.00 -1.55
CA SER A 975 18.44 8.28 -2.69
C SER A 975 19.11 8.09 -4.05
N VAL A 976 20.41 7.86 -4.12
CA VAL A 976 21.09 7.77 -5.41
C VAL A 976 21.54 6.33 -5.61
N LEU A 977 21.10 5.76 -6.73
CA LEU A 977 21.42 4.37 -7.05
C LEU A 977 22.92 4.16 -7.23
N ASN A 978 23.61 5.12 -7.84
CA ASN A 978 25.02 4.95 -8.13
C ASN A 978 25.86 4.79 -6.88
N ASP A 979 25.51 5.44 -5.77
CA ASP A 979 26.37 5.34 -4.61
C ASP A 979 26.16 4.02 -3.88
N ILE A 980 24.91 3.68 -3.57
CA ILE A 980 24.63 2.38 -2.99
C ILE A 980 25.31 1.30 -3.80
N LEU A 981 25.09 1.29 -5.11
CA LEU A 981 25.70 0.25 -5.93
C LEU A 981 27.23 0.33 -5.84
N SER A 982 27.78 1.53 -5.89
CA SER A 982 29.23 1.71 -5.88
C SER A 982 29.90 1.28 -4.58
N ARG A 983 29.15 1.08 -3.49
CA ARG A 983 29.82 0.75 -2.24
C ARG A 983 29.18 -0.41 -1.47
N LEU A 984 28.36 -1.23 -2.11
CA LEU A 984 27.76 -2.35 -1.39
C LEU A 984 27.83 -3.65 -2.18
N ASP A 985 28.12 -4.73 -1.46
CA ASP A 985 28.09 -6.07 -2.02
C ASP A 985 26.68 -6.40 -2.52
N PRO A 986 26.58 -7.24 -3.54
CA PRO A 986 25.28 -7.56 -4.16
C PRO A 986 24.16 -7.88 -3.17
N PRO A 987 24.37 -8.66 -2.10
CA PRO A 987 23.24 -8.92 -1.19
C PRO A 987 22.56 -7.68 -0.64
N GLU A 988 23.31 -6.89 0.13
CA GLU A 988 22.72 -5.70 0.71
C GLU A 988 22.35 -4.71 -0.37
N ALA A 989 23.16 -4.65 -1.44
CA ALA A 989 22.88 -3.69 -2.48
C ALA A 989 21.54 -3.99 -3.12
N GLU A 990 21.29 -5.26 -3.44
CA GLU A 990 20.01 -5.61 -4.05
C GLU A 990 18.87 -5.29 -3.10
N VAL A 991 19.07 -5.49 -1.80
CA VAL A 991 18.00 -5.16 -0.86
C VAL A 991 17.66 -3.68 -0.93
N GLN A 992 18.68 -2.83 -0.88
CA GLN A 992 18.41 -1.39 -0.93
C GLN A 992 17.81 -0.99 -2.27
N ILE A 993 18.26 -1.64 -3.33
CA ILE A 993 17.73 -1.38 -4.65
C ILE A 993 16.25 -1.76 -4.71
N ASP A 994 15.92 -2.92 -4.17
CA ASP A 994 14.53 -3.36 -4.19
C ASP A 994 13.64 -2.36 -3.47
N ARG A 995 14.13 -1.80 -2.36
CA ARG A 995 13.35 -0.78 -1.67
C ARG A 995 13.12 0.44 -2.57
N LEU A 996 14.20 0.91 -3.19
CA LEU A 996 14.08 2.05 -4.09
C LEU A 996 13.11 1.77 -5.23
N ILE A 997 13.22 0.59 -5.83
CA ILE A 997 12.35 0.25 -6.95
C ILE A 997 10.89 0.26 -6.53
N THR A 998 10.58 -0.39 -5.41
CA THR A 998 9.19 -0.40 -4.98
C THR A 998 8.65 1.01 -4.87
N GLY A 999 9.42 1.89 -4.21
CA GLY A 999 8.97 3.27 -4.09
C GLY A 999 8.74 3.96 -5.42
N ARG A 1000 9.75 3.94 -6.29
CA ARG A 1000 9.66 4.64 -7.56
C ARG A 1000 8.52 4.09 -8.42
N LEU A 1001 8.32 2.78 -8.39
CA LEU A 1001 7.24 2.18 -9.16
C LEU A 1001 5.89 2.66 -8.67
N GLN A 1002 5.70 2.72 -7.35
CA GLN A 1002 4.43 3.19 -6.83
C GLN A 1002 4.18 4.63 -7.26
N SER A 1003 5.25 5.44 -7.30
CA SER A 1003 5.06 6.83 -7.72
C SER A 1003 4.62 6.90 -9.17
N LEU A 1004 5.18 6.02 -10.01
CA LEU A 1004 4.80 6.04 -11.41
C LEU A 1004 3.36 5.60 -11.60
N GLN A 1005 2.94 4.57 -10.87
CA GLN A 1005 1.56 4.13 -10.98
C GLN A 1005 0.59 5.23 -10.58
N THR A 1006 0.92 5.98 -9.54
CA THR A 1006 0.06 7.09 -9.15
C THR A 1006 -0.03 8.12 -10.27
N TYR A 1007 1.12 8.48 -10.84
CA TYR A 1007 1.11 9.46 -11.92
C TYR A 1007 0.20 9.02 -13.06
N VAL A 1008 0.37 7.78 -13.53
CA VAL A 1008 -0.39 7.39 -14.70
C VAL A 1008 -1.87 7.33 -14.39
N THR A 1009 -2.26 6.94 -13.18
CA THR A 1009 -3.67 6.93 -12.86
C THR A 1009 -4.27 8.33 -12.93
N GLN A 1010 -3.62 9.30 -12.30
CA GLN A 1010 -4.19 10.64 -12.35
C GLN A 1010 -4.21 11.18 -13.77
N GLN A 1011 -3.18 10.86 -14.56
CA GLN A 1011 -3.17 11.34 -15.93
C GLN A 1011 -4.34 10.77 -16.71
N LEU A 1012 -4.66 9.49 -16.47
CA LEU A 1012 -5.80 8.90 -17.17
C LEU A 1012 -7.10 9.57 -16.79
N ILE A 1013 -7.29 9.89 -15.51
CA ILE A 1013 -8.54 10.54 -15.12
C ILE A 1013 -8.67 11.91 -15.78
N ARG A 1014 -7.59 12.70 -15.76
CA ARG A 1014 -7.65 13.99 -16.42
C ARG A 1014 -7.93 13.83 -17.91
N ALA A 1015 -7.33 12.84 -18.55
CA ALA A 1015 -7.58 12.62 -19.97
C ALA A 1015 -9.05 12.34 -20.23
N ALA A 1016 -9.67 11.52 -19.39
CA ALA A 1016 -11.09 11.22 -19.59
C ALA A 1016 -11.93 12.48 -19.48
N GLU A 1017 -11.59 13.34 -18.52
CA GLU A 1017 -12.37 14.56 -18.38
C GLU A 1017 -12.21 15.45 -19.61
N ILE A 1018 -10.99 15.55 -20.13
CA ILE A 1018 -10.80 16.34 -21.33
C ILE A 1018 -11.58 15.76 -22.50
N ARG A 1019 -11.57 14.43 -22.63
CA ARG A 1019 -12.33 13.81 -23.71
C ARG A 1019 -13.79 14.25 -23.66
N ALA A 1020 -14.37 14.25 -22.47
CA ALA A 1020 -15.76 14.72 -22.36
C ALA A 1020 -15.88 16.17 -22.78
N SER A 1021 -14.94 17.01 -22.36
CA SER A 1021 -14.99 18.42 -22.73
C SER A 1021 -14.92 18.58 -24.24
N ALA A 1022 -14.02 17.87 -24.89
CA ALA A 1022 -13.88 17.95 -26.34
C ALA A 1022 -15.18 17.53 -27.01
N ASN A 1023 -15.83 16.49 -26.50
CA ASN A 1023 -17.08 16.07 -27.12
C ASN A 1023 -18.12 17.17 -27.04
N LEU A 1024 -18.19 17.85 -25.89
CA LEU A 1024 -19.13 18.96 -25.77
C LEU A 1024 -18.79 20.06 -26.76
N ALA A 1025 -17.51 20.41 -26.85
CA ALA A 1025 -17.10 21.47 -27.77
C ALA A 1025 -17.46 21.12 -29.21
N ALA A 1026 -17.25 19.87 -29.60
CA ALA A 1026 -17.60 19.46 -30.95
C ALA A 1026 -19.10 19.58 -31.18
N THR A 1027 -19.89 19.19 -30.20
CA THR A 1027 -21.33 19.30 -30.36
C THR A 1027 -21.73 20.75 -30.53
N LYS A 1028 -21.19 21.62 -29.69
CA LYS A 1028 -21.55 23.04 -29.78
C LYS A 1028 -21.17 23.58 -31.15
N MET A 1029 -20.00 23.20 -31.66
CA MET A 1029 -19.63 23.66 -32.98
C MET A 1029 -20.63 23.18 -34.02
N SER A 1030 -21.01 21.91 -33.95
CA SER A 1030 -21.93 21.37 -34.96
C SER A 1030 -23.23 22.14 -34.98
N GLU A 1031 -23.82 22.43 -33.82
CA GLU A 1031 -25.15 23.05 -33.87
C GLU A 1031 -25.12 24.58 -33.90
N CYS A 1032 -24.08 25.23 -33.40
CA CYS A 1032 -24.08 26.68 -33.35
C CYS A 1032 -23.29 27.37 -34.44
N VAL A 1033 -22.34 26.69 -35.09
CA VAL A 1033 -21.52 27.32 -36.11
C VAL A 1033 -21.99 26.93 -37.50
N LEU A 1034 -22.24 25.65 -37.72
CA LEU A 1034 -22.68 25.14 -39.01
C LEU A 1034 -24.19 25.23 -39.17
N GLY A 1035 -24.88 25.86 -38.23
CA GLY A 1035 -26.31 25.99 -38.30
C GLY A 1035 -26.80 27.05 -37.34
N GLN A 1036 -28.08 26.96 -36.97
CA GLN A 1036 -28.67 27.92 -36.04
C GLN A 1036 -29.43 27.17 -34.96
N SER A 1037 -28.95 27.28 -33.72
CA SER A 1037 -29.55 26.57 -32.61
C SER A 1037 -30.94 27.08 -32.27
N LYS A 1038 -31.81 26.15 -31.91
CA LYS A 1038 -33.14 26.48 -31.40
C LYS A 1038 -33.23 26.29 -29.90
N ARG A 1039 -32.48 25.33 -29.36
CA ARG A 1039 -32.46 25.10 -27.93
C ARG A 1039 -31.94 26.33 -27.20
N VAL A 1040 -32.61 26.67 -26.11
CA VAL A 1040 -32.31 27.90 -25.38
C VAL A 1040 -31.08 27.72 -24.50
N ASP A 1041 -30.42 28.84 -24.22
CA ASP A 1041 -29.31 28.90 -23.27
C ASP A 1041 -28.26 27.85 -23.56
N PHE A 1042 -27.95 27.65 -24.83
CA PHE A 1042 -26.90 26.70 -25.19
C PHE A 1042 -25.71 27.41 -25.79
N CYS A 1043 -25.94 28.31 -26.73
CA CYS A 1043 -24.89 29.13 -27.31
C CYS A 1043 -25.12 30.59 -26.95
N GLY A 1044 -24.65 30.94 -25.74
CA GLY A 1044 -24.82 32.26 -25.15
C GLY A 1044 -26.24 32.67 -24.83
N LYS A 1045 -26.36 33.76 -24.08
CA LYS A 1045 -27.65 34.25 -23.64
C LYS A 1045 -28.37 34.96 -24.76
N GLY A 1046 -29.69 35.00 -24.65
CA GLY A 1046 -30.52 35.62 -25.65
C GLY A 1046 -30.90 34.68 -26.77
N TYR A 1047 -31.37 35.29 -27.85
CA TYR A 1047 -31.81 34.56 -29.02
C TYR A 1047 -30.68 34.35 -30.01
N HIS A 1048 -30.31 33.09 -30.24
CA HIS A 1048 -29.15 32.81 -31.06
C HIS A 1048 -29.35 33.26 -32.50
N LEU A 1049 -28.39 33.99 -33.02
CA LEU A 1049 -28.39 34.39 -34.42
C LEU A 1049 -27.24 33.78 -35.20
N MET A 1050 -26.01 33.86 -34.70
CA MET A 1050 -24.85 33.46 -35.49
C MET A 1050 -23.68 33.20 -34.55
N SER A 1051 -22.69 32.45 -35.02
CA SER A 1051 -21.48 32.32 -34.20
C SER A 1051 -20.27 32.06 -35.07
N PHE A 1052 -19.10 32.38 -34.53
CA PHE A 1052 -17.84 32.16 -35.25
C PHE A 1052 -16.81 31.51 -34.33
N PRO A 1053 -16.19 30.42 -34.76
CA PRO A 1053 -15.03 29.89 -34.05
C PRO A 1053 -13.79 30.75 -34.19
N GLN A 1054 -12.95 30.73 -33.16
CA GLN A 1054 -11.61 31.27 -33.19
C GLN A 1054 -10.67 30.32 -32.48
N SER A 1055 -9.44 30.24 -32.98
CA SER A 1055 -8.48 29.27 -32.50
C SER A 1055 -7.95 29.68 -31.12
N ALA A 1056 -7.08 28.85 -30.57
CA ALA A 1056 -6.51 28.94 -29.23
C ALA A 1056 -5.46 27.84 -29.16
N PRO A 1057 -4.43 27.95 -28.32
CA PRO A 1057 -3.41 26.87 -28.30
C PRO A 1057 -3.95 25.50 -27.96
N HIS A 1058 -4.63 25.32 -26.84
CA HIS A 1058 -5.19 24.03 -26.47
C HIS A 1058 -6.71 24.06 -26.42
N GLY A 1059 -7.32 24.94 -27.18
CA GLY A 1059 -8.76 25.05 -27.09
C GLY A 1059 -9.34 25.87 -28.21
N VAL A 1060 -10.64 26.12 -28.08
CA VAL A 1060 -11.41 26.85 -29.06
C VAL A 1060 -12.23 27.91 -28.33
N VAL A 1061 -12.27 29.12 -28.90
CA VAL A 1061 -13.06 30.22 -28.36
C VAL A 1061 -14.16 30.55 -29.35
N PHE A 1062 -15.39 30.65 -28.87
CA PHE A 1062 -16.52 30.96 -29.74
C PHE A 1062 -17.00 32.37 -29.49
N LEU A 1063 -17.35 33.06 -30.58
CA LEU A 1063 -18.02 34.35 -30.52
C LEU A 1063 -19.46 34.16 -30.94
N HIS A 1064 -20.38 34.32 -30.01
CA HIS A 1064 -21.80 34.09 -30.24
C HIS A 1064 -22.49 35.44 -30.41
N VAL A 1065 -23.13 35.65 -31.56
CA VAL A 1065 -23.84 36.89 -31.84
C VAL A 1065 -25.31 36.58 -31.65
N THR A 1066 -25.94 37.27 -30.69
CA THR A 1066 -27.32 37.03 -30.32
C THR A 1066 -28.13 38.32 -30.31
N TYR A 1067 -29.43 38.15 -30.53
CA TYR A 1067 -30.43 39.22 -30.46
C TYR A 1067 -31.01 39.34 -29.06
N VAL A 1068 -31.06 40.54 -28.50
CA VAL A 1068 -31.62 40.77 -27.18
C VAL A 1068 -32.66 41.88 -27.22
N PRO A 1069 -33.89 41.63 -26.78
CA PRO A 1069 -34.90 42.70 -26.77
C PRO A 1069 -34.55 43.76 -25.74
N ALA A 1070 -35.13 44.95 -25.90
CA ALA A 1070 -34.94 46.03 -24.94
C ALA A 1070 -35.94 47.14 -25.21
N GLN A 1071 -36.06 48.05 -24.23
CA GLN A 1071 -36.96 49.20 -24.32
C GLN A 1071 -38.41 48.76 -24.55
N GLU A 1072 -38.97 48.16 -23.51
CA GLU A 1072 -40.31 47.61 -23.56
C GLU A 1072 -41.33 48.50 -22.88
N LYS A 1073 -42.54 48.45 -23.40
CA LYS A 1073 -43.67 49.25 -22.97
C LYS A 1073 -44.78 48.36 -22.42
N ASN A 1074 -45.73 49.01 -21.76
CA ASN A 1074 -46.96 48.39 -21.29
C ASN A 1074 -48.08 48.50 -22.31
N PHE A 1075 -48.78 47.39 -22.55
CA PHE A 1075 -50.00 47.42 -23.35
C PHE A 1075 -51.03 46.53 -22.67
N THR A 1076 -52.31 46.81 -22.94
CA THR A 1076 -53.42 45.99 -22.47
C THR A 1076 -53.77 44.92 -23.49
N THR A 1077 -54.19 43.74 -23.04
CA THR A 1077 -54.54 42.67 -23.95
C THR A 1077 -55.95 42.14 -23.75
N ALA A 1078 -56.30 41.14 -24.57
CA ALA A 1078 -57.55 40.42 -24.61
C ALA A 1078 -57.33 39.11 -25.37
N PRO A 1079 -57.68 37.97 -24.80
CA PRO A 1079 -57.52 36.70 -25.53
C PRO A 1079 -58.11 36.65 -26.93
N ALA A 1080 -59.26 37.28 -27.19
CA ALA A 1080 -59.87 37.21 -28.51
C ALA A 1080 -60.86 38.35 -28.65
N ILE A 1081 -61.32 38.58 -29.88
CA ILE A 1081 -62.33 39.62 -30.05
C ILE A 1081 -63.63 39.06 -30.60
N CYS A 1082 -64.75 39.67 -30.20
CA CYS A 1082 -66.06 39.24 -30.66
C CYS A 1082 -66.57 40.22 -31.71
N HIS A 1083 -67.04 39.69 -32.84
CA HIS A 1083 -67.57 40.52 -33.92
C HIS A 1083 -68.67 39.73 -34.59
N ASP A 1084 -69.88 40.29 -34.59
CA ASP A 1084 -71.05 39.62 -35.16
C ASP A 1084 -71.26 38.26 -34.52
N GLY A 1085 -70.99 38.18 -33.22
CA GLY A 1085 -71.22 36.93 -32.55
C GLY A 1085 -70.14 35.89 -32.76
N LYS A 1086 -69.08 36.21 -33.50
CA LYS A 1086 -68.04 35.23 -33.78
C LYS A 1086 -66.76 35.63 -33.06
N ALA A 1087 -66.00 34.64 -32.63
CA ALA A 1087 -64.73 34.88 -31.97
C ALA A 1087 -63.62 34.92 -33.01
N HIS A 1088 -62.92 36.04 -33.08
CA HIS A 1088 -61.80 36.23 -33.98
C HIS A 1088 -60.53 36.15 -33.15
N PHE A 1089 -59.79 35.04 -33.30
CA PHE A 1089 -58.50 34.74 -32.72
C PHE A 1089 -57.37 35.20 -33.65
N PRO A 1090 -56.25 35.65 -33.10
CA PRO A 1090 -55.15 36.09 -33.96
C PRO A 1090 -54.49 34.92 -34.65
N ARG A 1091 -53.80 35.23 -35.74
CA ARG A 1091 -53.03 34.20 -36.43
C ARG A 1091 -51.61 34.13 -35.90
N GLU A 1092 -51.03 35.27 -35.53
CA GLU A 1092 -49.66 35.30 -35.04
C GLU A 1092 -49.47 36.61 -34.29
N GLY A 1093 -49.12 36.53 -33.03
CA GLY A 1093 -49.03 37.70 -32.19
C GLY A 1093 -50.17 37.85 -31.22
N VAL A 1094 -50.22 39.03 -30.62
CA VAL A 1094 -51.18 39.36 -29.59
C VAL A 1094 -51.92 40.65 -29.86
N PHE A 1095 -53.18 40.69 -29.42
CA PHE A 1095 -53.99 41.90 -29.48
C PHE A 1095 -53.54 42.85 -28.39
N VAL A 1096 -53.20 44.07 -28.76
CA VAL A 1096 -52.66 45.08 -27.85
C VAL A 1096 -53.54 46.30 -27.96
N SER A 1097 -53.69 47.02 -26.86
CA SER A 1097 -54.52 48.21 -26.88
C SER A 1097 -53.74 49.36 -26.27
N ASN A 1098 -53.73 50.50 -26.95
CA ASN A 1098 -53.09 51.67 -26.36
C ASN A 1098 -54.15 52.51 -25.66
N GLY A 1099 -54.71 51.93 -24.61
CA GLY A 1099 -55.75 52.61 -23.87
C GLY A 1099 -57.11 52.46 -24.51
N THR A 1100 -57.33 53.11 -25.65
CA THR A 1100 -58.60 53.00 -26.35
C THR A 1100 -58.57 52.13 -27.59
N HIS A 1101 -57.59 52.31 -28.47
CA HIS A 1101 -57.61 51.66 -29.77
C HIS A 1101 -56.86 50.33 -29.73
N TRP A 1102 -57.31 49.39 -30.56
CA TRP A 1102 -56.82 48.01 -30.59
C TRP A 1102 -56.00 47.73 -31.85
N PHE A 1103 -54.94 46.92 -31.70
CA PHE A 1103 -54.09 46.50 -32.80
C PHE A 1103 -53.66 45.07 -32.58
N VAL A 1104 -52.97 44.50 -33.57
CA VAL A 1104 -52.41 43.15 -33.49
C VAL A 1104 -50.94 43.19 -33.89
N THR A 1105 -50.06 42.64 -33.05
CA THR A 1105 -48.63 42.71 -33.35
C THR A 1105 -47.92 41.40 -33.04
N GLN A 1106 -46.74 41.20 -33.63
CA GLN A 1106 -45.94 40.03 -33.32
C GLN A 1106 -45.42 40.15 -31.89
N ARG A 1107 -45.33 39.02 -31.19
CA ARG A 1107 -44.92 39.04 -29.79
C ARG A 1107 -43.56 39.68 -29.55
N ASN A 1108 -42.61 39.51 -30.45
CA ASN A 1108 -41.26 39.97 -30.16
C ASN A 1108 -40.94 41.38 -30.64
N PHE A 1109 -41.91 42.12 -31.15
CA PHE A 1109 -41.59 43.48 -31.57
C PHE A 1109 -42.89 44.24 -31.69
N TYR A 1110 -42.91 45.47 -31.18
CA TYR A 1110 -44.08 46.32 -31.33
C TYR A 1110 -44.18 46.86 -32.75
N GLU A 1111 -45.10 46.31 -33.53
CA GLU A 1111 -45.38 46.79 -34.88
C GLU A 1111 -46.89 46.77 -35.08
N PRO A 1112 -47.57 47.85 -34.77
CA PRO A 1112 -49.04 47.81 -34.69
C PRO A 1112 -49.72 47.83 -36.05
N GLN A 1113 -50.82 47.09 -36.15
CA GLN A 1113 -51.58 46.98 -37.39
C GLN A 1113 -53.07 46.88 -37.07
N ILE A 1114 -53.88 47.30 -38.04
CA ILE A 1114 -55.33 47.19 -37.96
C ILE A 1114 -55.74 45.73 -37.94
N ILE A 1115 -56.72 45.40 -37.10
CA ILE A 1115 -57.23 44.04 -37.00
C ILE A 1115 -58.11 43.77 -38.21
N THR A 1116 -57.64 42.90 -39.10
CA THR A 1116 -58.34 42.64 -40.35
C THR A 1116 -58.70 41.16 -40.45
N THR A 1117 -59.62 40.88 -41.36
CA THR A 1117 -60.13 39.52 -41.54
C THR A 1117 -59.03 38.51 -41.92
N ASP A 1118 -58.00 38.94 -42.62
CA ASP A 1118 -56.98 38.01 -43.08
C ASP A 1118 -55.80 37.83 -42.16
N ASN A 1119 -55.82 38.44 -40.97
CA ASN A 1119 -54.77 38.20 -39.99
C ASN A 1119 -55.35 37.61 -38.71
N THR A 1120 -56.60 37.13 -38.75
CA THR A 1120 -57.31 36.60 -37.59
C THR A 1120 -58.24 35.51 -38.09
N PHE A 1121 -58.00 34.28 -37.67
CA PHE A 1121 -58.97 33.22 -37.95
C PHE A 1121 -60.14 33.27 -36.98
N VAL A 1122 -61.26 32.68 -37.41
CA VAL A 1122 -62.50 32.69 -36.64
C VAL A 1122 -62.91 31.27 -36.30
N SER A 1123 -63.31 31.06 -35.04
CA SER A 1123 -63.75 29.74 -34.61
C SER A 1123 -64.50 29.85 -33.30
N GLY A 1124 -65.70 29.30 -33.23
CA GLY A 1124 -66.50 29.34 -32.02
C GLY A 1124 -67.31 30.61 -31.87
N ASN A 1125 -68.31 30.53 -31.01
CA ASN A 1125 -69.17 31.67 -30.70
C ASN A 1125 -68.56 32.52 -29.61
N CYS A 1126 -69.29 33.52 -29.13
CA CYS A 1126 -68.80 34.50 -28.19
C CYS A 1126 -69.12 34.16 -26.73
N ASP A 1127 -69.74 33.02 -26.47
CA ASP A 1127 -70.21 32.69 -25.12
C ASP A 1127 -69.30 31.76 -24.33
N VAL A 1128 -68.10 31.43 -24.81
CA VAL A 1128 -67.25 30.46 -24.13
C VAL A 1128 -65.91 31.04 -23.70
N VAL A 1129 -65.31 31.90 -24.50
CA VAL A 1129 -64.00 32.44 -24.12
C VAL A 1129 -64.15 33.41 -22.97
N ILE A 1130 -63.26 33.30 -22.00
CA ILE A 1130 -63.26 34.19 -20.85
C ILE A 1130 -62.35 35.37 -21.12
N GLY A 1131 -62.87 36.57 -20.86
CA GLY A 1131 -62.10 37.77 -21.04
C GLY A 1131 -62.14 38.39 -22.40
N ILE A 1132 -62.99 37.90 -23.30
CA ILE A 1132 -63.07 38.49 -24.63
C ILE A 1132 -63.57 39.92 -24.52
N VAL A 1133 -63.27 40.70 -25.55
CA VAL A 1133 -63.60 42.11 -25.57
C VAL A 1133 -64.35 42.40 -26.86
N ASN A 1134 -65.17 43.44 -26.85
CA ASN A 1134 -66.03 43.71 -27.99
C ASN A 1134 -65.36 44.69 -28.95
N ASN A 1135 -65.34 44.34 -30.22
CA ASN A 1135 -64.72 45.20 -31.22
C ASN A 1135 -65.28 44.83 -32.58
N THR A 1136 -64.78 45.49 -33.62
CA THR A 1136 -65.16 45.20 -34.99
C THR A 1136 -63.93 44.72 -35.75
N VAL A 1137 -64.16 43.99 -36.84
CA VAL A 1137 -63.08 43.50 -37.67
C VAL A 1137 -63.28 44.02 -39.08
N TYR A 1138 -62.26 44.69 -39.60
CA TYR A 1138 -62.24 45.23 -40.95
C TYR A 1138 -62.01 44.14 -41.98
N ASP A 1139 -62.74 44.23 -43.08
CA ASP A 1139 -62.55 43.28 -44.17
C ASP A 1139 -62.51 44.05 -45.49
N PRO A 1140 -61.35 44.05 -46.14
CA PRO A 1140 -61.16 44.91 -47.32
C PRO A 1140 -62.12 44.62 -48.46
N LEU A 1141 -62.74 43.44 -48.49
CA LEU A 1141 -63.72 43.14 -49.54
C LEU A 1141 -64.74 44.26 -49.70
N GLN A 1142 -65.23 44.80 -48.59
CA GLN A 1142 -66.31 45.79 -48.67
C GLN A 1142 -65.89 47.07 -49.35
N PRO A 1143 -64.79 47.74 -48.98
CA PRO A 1143 -64.36 48.91 -49.77
C PRO A 1143 -63.91 48.57 -51.17
N GLU A 1144 -63.49 47.34 -51.44
CA GLU A 1144 -63.12 46.99 -52.80
C GLU A 1144 -64.34 46.94 -53.70
N LEU A 1145 -65.43 46.35 -53.23
CA LEU A 1145 -66.64 46.25 -54.04
C LEU A 1145 -67.32 47.60 -54.23
N ASP A 1146 -66.76 48.69 -53.74
CA ASP A 1146 -67.37 49.99 -53.92
C ASP A 1146 -66.42 50.95 -54.64
N ALA B 27 -30.95 -40.87 24.23
CA ALA B 27 -31.82 -39.87 24.84
C ALA B 27 -31.39 -38.47 24.44
N TYR B 28 -31.71 -38.07 23.22
CA TYR B 28 -31.28 -36.77 22.71
C TYR B 28 -32.43 -35.78 22.74
N THR B 29 -32.08 -34.51 22.58
CA THR B 29 -33.06 -33.43 22.50
C THR B 29 -32.49 -32.37 21.57
N ASN B 30 -33.26 -31.31 21.37
CA ASN B 30 -32.93 -30.25 20.42
C ASN B 30 -32.66 -28.97 21.18
N SER B 31 -31.43 -28.46 21.06
CA SER B 31 -31.02 -27.17 21.60
C SER B 31 -31.33 -26.13 20.52
N PHE B 32 -32.54 -25.59 20.61
CA PHE B 32 -33.10 -24.72 19.58
C PHE B 32 -32.21 -23.54 19.22
N THR B 33 -32.06 -22.63 20.18
CA THR B 33 -31.19 -21.46 20.01
C THR B 33 -30.47 -21.07 21.30
N ARG B 34 -30.49 -21.90 22.33
CA ARG B 34 -29.84 -21.59 23.58
C ARG B 34 -28.32 -21.48 23.40
N GLY B 35 -27.66 -20.95 24.43
CA GLY B 35 -26.22 -20.88 24.45
C GLY B 35 -25.54 -19.58 24.09
N VAL B 36 -26.25 -18.49 23.97
CA VAL B 36 -25.62 -17.21 23.68
C VAL B 36 -25.13 -16.56 24.96
N TYR B 37 -23.97 -15.90 24.88
CA TYR B 37 -23.38 -15.26 26.06
C TYR B 37 -22.63 -14.02 25.60
N TYR B 38 -22.29 -13.18 26.56
CA TYR B 38 -21.53 -11.97 26.30
C TYR B 38 -20.05 -12.25 26.12
N PRO B 39 -19.54 -12.15 24.90
CA PRO B 39 -18.15 -12.59 24.65
C PRO B 39 -17.11 -11.71 25.31
N ASP B 40 -17.43 -10.46 25.65
CA ASP B 40 -16.45 -9.55 26.24
C ASP B 40 -17.16 -8.54 27.13
N LYS B 41 -16.36 -7.72 27.81
CA LYS B 41 -16.84 -6.67 28.69
C LYS B 41 -17.14 -5.37 27.96
N VAL B 42 -17.36 -5.44 26.66
CA VAL B 42 -17.62 -4.26 25.85
C VAL B 42 -19.08 -3.81 26.06
N PHE B 43 -19.34 -2.54 25.83
CA PHE B 43 -20.70 -2.02 25.84
C PHE B 43 -21.07 -1.52 24.46
N ARG B 44 -22.22 -1.96 23.97
CA ARG B 44 -22.78 -1.55 22.70
C ARG B 44 -24.25 -1.23 22.92
N SER B 45 -24.87 -0.53 21.96
CA SER B 45 -26.28 -0.22 22.12
C SER B 45 -26.95 -0.06 20.76
N SER B 46 -28.05 -0.80 20.56
CA SER B 46 -28.85 -0.69 19.35
C SER B 46 -28.01 -0.90 18.10
N VAL B 47 -27.12 -1.89 18.15
CA VAL B 47 -26.21 -2.16 17.04
C VAL B 47 -26.03 -3.65 16.85
N LEU B 48 -25.82 -4.06 15.60
CA LEU B 48 -25.61 -5.46 15.26
C LEU B 48 -24.12 -5.67 15.07
N HIS B 49 -23.52 -6.42 15.99
CA HIS B 49 -22.11 -6.75 15.90
C HIS B 49 -21.96 -8.20 15.50
N SER B 50 -21.08 -8.48 14.54
CA SER B 50 -20.87 -9.84 14.06
C SER B 50 -19.49 -10.30 14.49
N THR B 51 -19.43 -11.10 15.54
CA THR B 51 -18.17 -11.65 16.03
C THR B 51 -18.11 -13.14 15.76
N GLN B 52 -17.03 -13.77 16.22
CA GLN B 52 -16.83 -15.21 16.04
C GLN B 52 -16.22 -15.80 17.28
N ASP B 53 -16.80 -16.89 17.79
CA ASP B 53 -16.25 -17.50 19.00
C ASP B 53 -16.81 -18.91 19.13
N LEU B 54 -16.41 -19.58 20.21
CA LEU B 54 -16.85 -20.94 20.51
C LEU B 54 -18.27 -20.86 21.05
N PHE B 55 -19.24 -20.93 20.15
CA PHE B 55 -20.64 -20.87 20.50
C PHE B 55 -21.31 -22.23 20.31
N LEU B 56 -22.44 -22.40 20.98
CA LEU B 56 -23.23 -23.61 20.80
C LEU B 56 -24.04 -23.50 19.51
N PRO B 57 -23.86 -24.41 18.55
CA PRO B 57 -24.63 -24.30 17.30
C PRO B 57 -26.12 -24.34 17.59
N PHE B 58 -26.89 -23.61 16.79
CA PHE B 58 -28.33 -23.59 16.99
C PHE B 58 -28.95 -24.93 16.60
N PHE B 59 -30.05 -25.26 17.26
CA PHE B 59 -30.79 -26.48 16.97
C PHE B 59 -29.95 -27.74 17.09
N SER B 60 -28.85 -27.69 17.83
CA SER B 60 -27.99 -28.86 17.84
C SER B 60 -28.59 -29.98 18.67
N ASN B 61 -27.99 -31.16 18.56
CA ASN B 61 -28.42 -32.33 19.32
C ASN B 61 -27.78 -32.30 20.70
N VAL B 62 -28.58 -32.00 21.71
CA VAL B 62 -28.14 -31.87 23.09
C VAL B 62 -28.42 -33.16 23.82
N THR B 63 -27.46 -33.64 24.61
CA THR B 63 -27.60 -34.93 25.28
C THR B 63 -28.29 -34.73 26.62
N TRP B 64 -29.42 -35.39 26.79
CA TRP B 64 -30.33 -35.23 27.93
C TRP B 64 -30.13 -36.36 28.92
N PHE B 65 -29.26 -36.15 29.89
CA PHE B 65 -29.04 -37.14 30.93
C PHE B 65 -30.08 -37.03 32.02
N HIS B 66 -30.39 -38.16 32.65
CA HIS B 66 -31.40 -38.20 33.70
C HIS B 66 -30.93 -38.96 34.93
N ASN B 81 -24.24 -40.66 36.18
CA ASN B 81 -23.13 -39.80 36.58
C ASN B 81 -21.82 -40.18 35.88
N PRO B 82 -21.86 -40.43 34.59
CA PRO B 82 -20.66 -40.85 33.87
C PRO B 82 -19.70 -39.70 33.66
N VAL B 83 -18.48 -40.06 33.29
CA VAL B 83 -17.49 -39.06 32.86
C VAL B 83 -17.69 -38.78 31.39
N LEU B 84 -17.62 -37.49 31.03
CA LEU B 84 -17.90 -36.99 29.69
C LEU B 84 -16.70 -36.21 29.18
N PRO B 85 -16.27 -36.43 27.95
CA PRO B 85 -15.25 -35.57 27.34
C PRO B 85 -15.64 -34.10 27.37
N PHE B 86 -14.63 -33.25 27.60
CA PHE B 86 -14.84 -31.81 27.74
C PHE B 86 -14.81 -31.11 26.39
N ASN B 87 -13.68 -31.21 25.66
CA ASN B 87 -13.64 -30.88 24.24
C ASN B 87 -14.07 -29.43 23.96
N ASP B 88 -13.24 -28.48 24.40
CA ASP B 88 -13.40 -27.08 24.04
C ASP B 88 -14.72 -26.50 24.57
N GLY B 89 -14.83 -26.49 25.88
CA GLY B 89 -15.99 -25.89 26.49
C GLY B 89 -17.21 -26.76 26.47
N VAL B 90 -18.10 -26.53 27.43
CA VAL B 90 -19.28 -27.34 27.62
C VAL B 90 -20.43 -26.48 28.07
N TYR B 91 -21.51 -26.46 27.29
CA TYR B 91 -22.77 -25.93 27.77
C TYR B 91 -23.40 -26.94 28.72
N PHE B 92 -23.91 -26.45 29.84
CA PHE B 92 -24.57 -27.31 30.82
C PHE B 92 -25.89 -26.64 31.18
N ALA B 93 -26.94 -27.44 31.35
CA ALA B 93 -28.18 -26.83 31.84
C ALA B 93 -28.95 -27.81 32.70
N SER B 94 -29.83 -27.25 33.55
CA SER B 94 -30.67 -28.12 34.36
C SER B 94 -31.86 -27.33 34.88
N THR B 95 -33.02 -27.98 34.92
CA THR B 95 -34.24 -27.37 35.46
C THR B 95 -34.75 -28.09 36.70
N GLU B 96 -34.02 -29.06 37.24
CA GLU B 96 -34.47 -29.84 38.38
C GLU B 96 -34.33 -28.99 39.64
N LYS B 97 -35.46 -28.58 40.22
CA LYS B 97 -35.45 -27.78 41.44
C LYS B 97 -35.10 -28.68 42.62
N SER B 98 -33.80 -28.97 42.73
CA SER B 98 -33.26 -29.81 43.78
C SER B 98 -31.79 -29.51 43.94
N ASN B 99 -31.31 -29.61 45.18
CA ASN B 99 -29.89 -29.42 45.45
C ASN B 99 -29.06 -30.63 45.05
N ILE B 100 -29.70 -31.69 44.54
CA ILE B 100 -28.99 -32.90 44.11
C ILE B 100 -27.88 -32.53 43.12
N ILE B 101 -28.21 -31.74 42.11
CA ILE B 101 -27.18 -31.18 41.26
C ILE B 101 -26.38 -30.20 42.13
N ARG B 102 -25.14 -30.57 42.45
CA ARG B 102 -24.37 -29.78 43.39
C ARG B 102 -23.06 -29.24 42.85
N GLY B 103 -22.44 -29.90 41.88
CA GLY B 103 -21.17 -29.42 41.41
C GLY B 103 -20.58 -30.32 40.36
N TRP B 104 -19.29 -30.15 40.10
CA TRP B 104 -18.63 -30.92 39.08
C TRP B 104 -17.22 -31.31 39.54
N ILE B 105 -16.59 -32.13 38.70
CA ILE B 105 -15.24 -32.61 38.89
C ILE B 105 -14.53 -32.57 37.55
N PHE B 106 -13.70 -31.55 37.39
CA PHE B 106 -12.96 -31.27 36.17
C PHE B 106 -11.53 -31.75 36.30
N GLY B 107 -11.02 -32.45 35.30
CA GLY B 107 -9.64 -32.88 35.38
C GLY B 107 -9.24 -33.69 34.18
N THR B 108 -7.99 -34.16 34.22
CA THR B 108 -7.44 -35.04 33.21
C THR B 108 -7.56 -36.51 33.62
N THR B 109 -7.06 -36.85 34.81
CA THR B 109 -7.11 -38.21 35.32
C THR B 109 -8.08 -38.40 36.47
N LEU B 110 -8.53 -37.31 37.09
CA LEU B 110 -9.50 -37.38 38.18
C LEU B 110 -9.01 -38.25 39.34
N ASP B 111 -7.72 -38.14 39.66
CA ASP B 111 -7.16 -38.90 40.77
C ASP B 111 -6.06 -38.07 41.43
N SER B 112 -5.35 -38.69 42.38
CA SER B 112 -4.24 -38.04 43.05
C SER B 112 -3.07 -37.77 42.13
N LYS B 113 -3.06 -38.33 40.93
CA LYS B 113 -1.94 -38.14 40.02
C LYS B 113 -1.84 -36.71 39.52
N THR B 114 -2.96 -36.00 39.42
CA THR B 114 -2.98 -34.65 38.89
C THR B 114 -3.99 -33.82 39.68
N GLN B 115 -3.70 -32.53 39.79
CA GLN B 115 -4.68 -31.58 40.31
C GLN B 115 -5.99 -31.67 39.53
N SER B 116 -7.10 -31.50 40.24
CA SER B 116 -8.40 -31.44 39.59
C SER B 116 -9.34 -30.55 40.39
N LEU B 117 -10.33 -30.00 39.71
CA LEU B 117 -11.26 -29.04 40.32
C LEU B 117 -12.45 -29.82 40.87
N LEU B 118 -12.66 -29.70 42.18
CA LEU B 118 -13.90 -30.13 42.82
C LEU B 118 -14.80 -28.93 43.06
N ILE B 119 -15.37 -28.39 41.98
CA ILE B 119 -16.32 -27.31 42.16
C ILE B 119 -17.56 -27.85 42.84
N VAL B 120 -17.84 -27.41 44.06
CA VAL B 120 -18.96 -27.96 44.82
C VAL B 120 -19.84 -26.85 45.36
N ASN B 121 -21.11 -27.18 45.60
CA ASN B 121 -22.07 -26.32 46.29
C ASN B 121 -22.34 -27.03 47.60
N ASN B 122 -21.82 -26.47 48.69
CA ASN B 122 -21.78 -27.13 49.98
C ASN B 122 -23.04 -26.85 50.80
N ALA B 123 -24.08 -26.30 50.17
CA ALA B 123 -25.41 -26.06 50.72
C ALA B 123 -25.45 -25.03 51.83
N THR B 124 -24.31 -24.45 52.21
CA THR B 124 -24.30 -23.22 52.97
C THR B 124 -23.36 -22.23 52.31
N ASN B 125 -22.36 -22.76 51.63
CA ASN B 125 -21.37 -21.97 50.91
C ASN B 125 -20.93 -22.72 49.67
N VAL B 126 -20.43 -21.99 48.68
CA VAL B 126 -19.77 -22.60 47.53
C VAL B 126 -18.28 -22.73 47.82
N VAL B 127 -17.76 -23.94 47.66
CA VAL B 127 -16.37 -24.28 47.99
C VAL B 127 -15.65 -24.74 46.73
N ILE B 128 -14.51 -24.13 46.44
CA ILE B 128 -13.70 -24.47 45.27
C ILE B 128 -12.29 -24.81 45.71
N LYS B 129 -11.73 -25.87 45.14
CA LYS B 129 -10.34 -26.25 45.31
C LYS B 129 -9.76 -26.64 43.95
N VAL B 130 -8.43 -26.75 43.89
CA VAL B 130 -7.79 -27.21 42.67
C VAL B 130 -6.90 -28.39 43.06
N CYS B 131 -7.10 -28.85 44.29
CA CYS B 131 -6.35 -29.93 44.92
C CYS B 131 -6.51 -31.27 44.20
N GLU B 132 -5.55 -32.15 44.46
CA GLU B 132 -5.41 -33.45 43.81
C GLU B 132 -6.32 -34.47 44.51
N PHE B 133 -7.62 -34.34 44.25
CA PHE B 133 -8.56 -35.31 44.81
C PHE B 133 -8.45 -36.63 44.06
N GLN B 134 -8.77 -37.72 44.76
CA GLN B 134 -8.71 -39.03 44.14
C GLN B 134 -10.07 -39.45 43.57
N PHE B 135 -10.02 -40.43 42.66
CA PHE B 135 -11.19 -40.92 41.94
C PHE B 135 -12.19 -41.60 42.85
N CYS B 136 -13.46 -41.53 42.45
CA CYS B 136 -14.56 -42.23 43.11
C CYS B 136 -15.40 -42.88 42.03
N ASN B 137 -15.64 -44.19 42.16
CA ASN B 137 -16.38 -44.92 41.12
C ASN B 137 -17.76 -44.34 40.90
N ASP B 138 -18.41 -43.88 41.96
CA ASP B 138 -19.73 -43.27 41.91
C ASP B 138 -19.93 -42.47 43.20
N PRO B 139 -19.34 -41.28 43.30
CA PRO B 139 -19.48 -40.51 44.53
C PRO B 139 -20.86 -39.91 44.78
N PHE B 140 -21.56 -40.49 45.75
CA PHE B 140 -22.84 -39.98 46.21
C PHE B 140 -22.68 -38.59 46.80
N LEU B 141 -23.81 -37.92 47.00
CA LEU B 141 -23.82 -36.58 47.56
C LEU B 141 -25.23 -36.22 48.03
N SER B 155 -27.83 -37.41 53.84
CA SER B 155 -27.08 -36.16 53.72
C SER B 155 -25.60 -36.40 54.00
N GLU B 156 -24.93 -37.05 53.05
CA GLU B 156 -23.51 -37.34 53.17
C GLU B 156 -22.84 -37.03 51.84
N PHE B 157 -21.51 -36.93 51.89
CA PHE B 157 -20.71 -36.58 50.72
C PHE B 157 -19.52 -37.52 50.65
N ARG B 158 -19.37 -38.24 49.55
CA ARG B 158 -18.27 -39.19 49.45
C ARG B 158 -17.57 -39.02 48.11
N VAL B 159 -17.30 -37.77 47.78
CA VAL B 159 -16.63 -37.39 46.56
C VAL B 159 -15.18 -37.03 46.83
N TYR B 160 -14.98 -36.25 47.89
CA TYR B 160 -13.67 -35.76 48.31
C TYR B 160 -13.00 -36.95 48.97
N SER B 161 -12.43 -37.82 48.12
CA SER B 161 -11.82 -39.03 48.63
C SER B 161 -10.44 -38.73 49.22
N SER B 162 -9.70 -37.82 48.60
CA SER B 162 -8.39 -37.45 49.09
C SER B 162 -8.19 -35.96 48.89
N ALA B 163 -7.25 -35.43 49.66
CA ALA B 163 -6.85 -34.05 49.60
C ALA B 163 -5.34 -34.16 49.49
N ASN B 164 -4.90 -35.00 48.55
CA ASN B 164 -3.48 -35.27 48.28
C ASN B 164 -2.67 -33.98 48.28
N ASN B 165 -2.08 -33.65 49.43
CA ASN B 165 -1.32 -32.41 49.67
C ASN B 165 -2.24 -31.11 49.72
N CYS B 166 -2.94 -30.78 48.62
CA CYS B 166 -3.88 -29.64 48.40
C CYS B 166 -3.21 -28.25 48.33
N THR B 167 -3.54 -27.46 47.30
CA THR B 167 -2.87 -26.18 47.14
C THR B 167 -3.73 -24.92 47.10
N PHE B 168 -5.03 -25.05 46.87
CA PHE B 168 -5.86 -23.85 46.80
C PHE B 168 -7.25 -24.13 47.34
N GLU B 169 -7.76 -23.22 48.16
CA GLU B 169 -9.10 -23.32 48.72
C GLU B 169 -9.77 -21.95 48.69
N TYR B 170 -11.03 -21.91 48.28
CA TYR B 170 -11.78 -20.66 48.28
C TYR B 170 -13.24 -20.94 48.58
N VAL B 171 -13.92 -19.99 49.21
CA VAL B 171 -15.31 -20.14 49.57
C VAL B 171 -16.06 -18.87 49.17
N SER B 172 -17.38 -18.98 49.02
CA SER B 172 -18.18 -17.82 48.65
C SER B 172 -19.68 -18.11 48.85
N GLN B 173 -20.49 -17.14 48.43
CA GLN B 173 -21.95 -17.15 48.55
C GLN B 173 -22.63 -18.12 47.57
N PRO B 174 -23.79 -18.67 47.95
CA PRO B 174 -24.48 -19.65 47.11
C PRO B 174 -25.09 -18.99 45.87
N PHE B 175 -25.17 -19.76 44.78
CA PHE B 175 -25.71 -19.23 43.53
C PHE B 175 -27.21 -18.98 43.63
N LEU B 176 -27.98 -20.04 43.85
CA LEU B 176 -29.45 -19.98 43.91
C LEU B 176 -30.06 -19.08 42.84
N LYS B 187 -39.58 -24.92 36.80
CA LYS B 187 -39.59 -24.49 38.19
C LYS B 187 -38.40 -23.58 38.50
N ASN B 188 -37.20 -24.05 38.17
CA ASN B 188 -35.99 -23.27 38.40
C ASN B 188 -34.93 -23.77 37.42
N LEU B 189 -34.57 -22.92 36.46
CA LEU B 189 -33.65 -23.28 35.39
C LEU B 189 -32.30 -22.61 35.56
N ARG B 190 -31.24 -23.40 35.71
CA ARG B 190 -29.89 -22.89 35.81
C ARG B 190 -29.14 -23.22 34.52
N GLU B 191 -28.42 -22.24 33.98
CA GLU B 191 -27.68 -22.46 32.75
C GLU B 191 -26.25 -22.04 33.00
N PHE B 192 -25.30 -22.83 32.51
CA PHE B 192 -23.89 -22.55 32.70
C PHE B 192 -23.13 -22.83 31.41
N VAL B 193 -22.03 -22.13 31.23
CA VAL B 193 -21.08 -22.42 30.16
C VAL B 193 -19.69 -22.44 30.76
N PHE B 194 -18.93 -23.50 30.49
CA PHE B 194 -17.59 -23.62 31.04
C PHE B 194 -16.59 -23.66 29.91
N LYS B 195 -15.64 -22.71 29.88
CA LYS B 195 -14.67 -22.69 28.81
C LYS B 195 -13.26 -22.56 29.36
N ASN B 196 -12.33 -23.28 28.73
CA ASN B 196 -10.90 -23.14 29.01
C ASN B 196 -10.28 -22.30 27.91
N ILE B 197 -9.48 -21.30 28.30
CA ILE B 197 -8.83 -20.46 27.30
C ILE B 197 -7.46 -20.01 27.78
N ASP B 198 -6.41 -20.47 27.12
CA ASP B 198 -5.03 -20.06 27.39
C ASP B 198 -4.68 -20.12 28.88
N GLY B 199 -5.15 -21.16 29.56
CA GLY B 199 -4.88 -21.36 30.97
C GLY B 199 -5.84 -20.65 31.90
N TYR B 200 -6.51 -19.62 31.42
CA TYR B 200 -7.55 -18.95 32.18
C TYR B 200 -8.84 -19.71 31.97
N PHE B 201 -9.44 -20.20 33.05
CA PHE B 201 -10.65 -20.99 32.97
C PHE B 201 -11.81 -20.08 33.31
N LYS B 202 -12.66 -19.82 32.33
CA LYS B 202 -13.79 -18.92 32.55
C LYS B 202 -15.09 -19.68 32.74
N ILE B 203 -16.06 -18.96 33.31
CA ILE B 203 -17.37 -19.53 33.61
C ILE B 203 -18.43 -18.48 33.34
N TYR B 204 -19.50 -18.89 32.68
CA TYR B 204 -20.57 -18.01 32.28
C TYR B 204 -21.85 -18.60 32.84
N SER B 205 -22.83 -17.77 33.14
CA SER B 205 -23.97 -18.34 33.83
C SER B 205 -25.22 -17.49 33.68
N LYS B 206 -26.32 -18.06 34.16
CA LYS B 206 -27.57 -17.34 34.31
C LYS B 206 -28.55 -18.22 35.07
N HIS B 207 -29.61 -17.58 35.56
CA HIS B 207 -30.69 -18.25 36.28
C HIS B 207 -32.02 -17.74 35.75
N THR B 208 -32.85 -18.62 35.21
CA THR B 208 -34.12 -18.26 34.61
C THR B 208 -35.21 -19.16 35.17
N PRO B 209 -36.35 -18.61 35.60
CA PRO B 209 -37.49 -19.40 36.10
C PRO B 209 -38.02 -20.39 35.08
N PRO B 217 -37.30 -26.76 27.42
CA PRO B 217 -36.62 -25.50 27.74
C PRO B 217 -36.60 -24.57 26.55
N GLN B 218 -37.77 -24.11 26.12
CA GLN B 218 -37.89 -23.30 24.93
C GLN B 218 -37.79 -21.81 25.27
N GLY B 219 -37.05 -21.08 24.45
CA GLY B 219 -36.89 -19.65 24.58
C GLY B 219 -35.46 -19.24 24.35
N PHE B 220 -35.19 -17.96 24.57
CA PHE B 220 -33.88 -17.38 24.36
C PHE B 220 -33.48 -16.49 25.53
N SER B 221 -32.18 -16.44 25.80
CA SER B 221 -31.62 -15.62 26.87
C SER B 221 -30.16 -15.34 26.56
N ALA B 222 -29.43 -14.83 27.55
CA ALA B 222 -28.01 -14.59 27.43
C ALA B 222 -27.32 -14.94 28.74
N LEU B 223 -26.05 -15.31 28.65
CA LEU B 223 -25.30 -15.79 29.81
C LEU B 223 -24.23 -14.79 30.20
N GLU B 224 -24.35 -14.21 31.40
CA GLU B 224 -23.39 -13.23 31.88
C GLU B 224 -22.17 -13.98 32.42
N PRO B 225 -21.01 -13.34 32.44
CA PRO B 225 -19.85 -13.98 33.07
C PRO B 225 -19.89 -13.85 34.57
N LEU B 226 -19.24 -14.80 35.25
CA LEU B 226 -19.06 -14.72 36.69
C LEU B 226 -17.61 -14.58 37.09
N VAL B 227 -16.76 -15.54 36.71
CA VAL B 227 -15.38 -15.53 37.14
C VAL B 227 -14.47 -16.15 36.08
N ASP B 228 -13.27 -15.59 35.99
CA ASP B 228 -12.12 -16.21 35.37
C ASP B 228 -11.17 -16.65 36.46
N LEU B 229 -10.63 -17.86 36.34
CA LEU B 229 -9.69 -18.38 37.32
C LEU B 229 -8.38 -18.67 36.61
N PRO B 230 -7.28 -18.04 37.00
CA PRO B 230 -6.00 -18.27 36.32
C PRO B 230 -5.33 -19.57 36.75
N ILE B 231 -5.99 -20.67 36.41
CA ILE B 231 -5.60 -21.98 36.93
C ILE B 231 -4.46 -22.56 36.12
N GLY B 232 -4.67 -22.73 34.81
CA GLY B 232 -3.62 -23.27 33.98
C GLY B 232 -3.54 -24.78 33.96
N ILE B 233 -4.67 -25.48 34.04
CA ILE B 233 -4.66 -26.93 34.12
C ILE B 233 -5.31 -27.52 32.87
N ASN B 234 -5.06 -28.81 32.66
CA ASN B 234 -5.57 -29.55 31.50
C ASN B 234 -6.87 -30.26 31.89
N ILE B 235 -7.99 -29.79 31.37
CA ILE B 235 -9.30 -30.38 31.67
C ILE B 235 -9.84 -31.13 30.45
N THR B 236 -10.03 -32.44 30.60
CA THR B 236 -10.53 -33.28 29.52
C THR B 236 -11.73 -34.12 29.94
N ARG B 237 -12.10 -34.10 31.21
CA ARG B 237 -13.24 -34.84 31.77
C ARG B 237 -13.87 -33.96 32.83
N PHE B 238 -15.20 -33.90 32.84
CA PHE B 238 -15.93 -32.99 33.72
C PHE B 238 -17.10 -33.70 34.37
N GLN B 239 -16.85 -34.90 34.87
CA GLN B 239 -17.92 -35.68 35.50
C GLN B 239 -18.66 -34.87 36.55
N THR B 240 -19.96 -34.67 36.32
CA THR B 240 -20.79 -33.95 37.25
C THR B 240 -20.97 -34.74 38.54
N LEU B 241 -21.28 -34.01 39.61
CA LEU B 241 -21.44 -34.58 40.94
C LEU B 241 -22.92 -34.87 41.17
N LEU B 242 -23.18 -35.86 42.01
CA LEU B 242 -24.54 -36.27 42.31
C LEU B 242 -24.65 -36.91 43.69
N ALA B 263 -34.68 -36.15 37.98
CA ALA B 263 -33.77 -35.01 37.93
C ALA B 263 -32.84 -35.09 36.73
N ALA B 264 -33.18 -34.34 35.68
CA ALA B 264 -32.47 -34.38 34.42
C ALA B 264 -31.60 -33.13 34.23
N TYR B 265 -30.61 -33.27 33.36
CA TYR B 265 -29.74 -32.16 33.00
C TYR B 265 -29.29 -32.35 31.55
N TYR B 266 -29.36 -31.27 30.78
CA TYR B 266 -28.86 -31.23 29.42
C TYR B 266 -27.37 -30.92 29.36
N VAL B 267 -26.74 -31.32 28.25
CA VAL B 267 -25.33 -31.02 28.00
C VAL B 267 -25.09 -30.83 26.51
N GLY B 268 -24.40 -29.72 26.16
CA GLY B 268 -23.98 -29.48 24.79
C GLY B 268 -22.49 -29.18 24.68
N TYR B 269 -22.05 -29.02 23.43
CA TYR B 269 -20.65 -28.72 23.09
C TYR B 269 -20.51 -27.50 22.19
N LEU B 270 -19.43 -26.73 22.39
CA LEU B 270 -19.15 -25.51 21.65
C LEU B 270 -18.32 -25.75 20.40
N GLN B 271 -18.48 -24.88 19.41
CA GLN B 271 -17.78 -24.92 18.13
C GLN B 271 -17.42 -23.52 17.69
N PRO B 272 -16.37 -23.37 16.87
CA PRO B 272 -15.96 -22.02 16.43
C PRO B 272 -16.90 -21.42 15.39
N ARG B 273 -17.98 -20.79 15.84
CA ARG B 273 -19.03 -20.28 14.97
C ARG B 273 -19.11 -18.76 15.01
N THR B 274 -19.16 -18.14 13.84
CA THR B 274 -19.44 -16.72 13.73
C THR B 274 -20.92 -16.44 13.98
N PHE B 275 -21.22 -15.52 14.88
CA PHE B 275 -22.59 -15.10 15.18
C PHE B 275 -22.77 -13.60 15.06
N LEU B 276 -23.99 -13.22 14.70
CA LEU B 276 -24.41 -11.82 14.61
C LEU B 276 -25.28 -11.44 15.80
N LEU B 277 -24.67 -10.85 16.82
CA LEU B 277 -25.32 -10.47 18.06
C LEU B 277 -26.02 -9.12 17.94
N LYS B 278 -27.27 -9.05 18.41
CA LYS B 278 -28.04 -7.81 18.39
C LYS B 278 -28.01 -7.15 19.77
N TYR B 279 -27.37 -5.99 19.88
CA TYR B 279 -27.29 -5.28 21.14
C TYR B 279 -28.41 -4.24 21.23
N ASN B 280 -29.24 -4.39 22.26
CA ASN B 280 -30.36 -3.52 22.56
C ASN B 280 -29.89 -2.16 23.07
N GLU B 281 -30.85 -1.24 23.18
CA GLU B 281 -30.61 0.05 23.83
C GLU B 281 -30.02 -0.12 25.23
N ASN B 282 -30.48 -1.12 25.98
CA ASN B 282 -29.98 -1.30 27.33
C ASN B 282 -28.55 -1.80 27.36
N GLY B 283 -27.98 -2.11 26.20
CA GLY B 283 -26.66 -2.67 26.13
C GLY B 283 -26.64 -4.17 26.27
N THR B 284 -27.80 -4.81 26.36
CA THR B 284 -27.97 -6.24 26.45
C THR B 284 -28.12 -6.86 25.08
N ILE B 285 -27.94 -8.17 25.01
CA ILE B 285 -28.10 -8.92 23.77
C ILE B 285 -29.51 -9.48 23.70
N THR B 286 -30.24 -9.14 22.65
CA THR B 286 -31.63 -9.54 22.55
C THR B 286 -31.89 -10.55 21.45
N ASP B 287 -31.00 -10.67 20.46
CA ASP B 287 -31.17 -11.62 19.38
C ASP B 287 -29.81 -12.03 18.85
N ALA B 288 -29.82 -12.95 17.89
CA ALA B 288 -28.58 -13.43 17.31
C ALA B 288 -28.90 -14.20 16.04
N VAL B 289 -27.96 -14.16 15.11
CA VAL B 289 -28.07 -14.90 13.86
C VAL B 289 -26.89 -15.85 13.75
N ASP B 290 -27.20 -17.12 13.48
CA ASP B 290 -26.20 -18.16 13.25
C ASP B 290 -25.77 -18.15 11.79
N CYS B 291 -24.57 -17.67 11.53
CA CYS B 291 -24.16 -17.40 10.17
C CYS B 291 -23.91 -18.61 9.37
N ALA B 292 -24.20 -19.85 9.77
CA ALA B 292 -23.97 -20.95 8.86
C ALA B 292 -25.09 -22.01 8.90
N LEU B 293 -26.19 -21.75 9.59
CA LEU B 293 -27.24 -22.75 9.71
C LEU B 293 -27.97 -22.94 8.38
N ASP B 294 -28.47 -21.87 7.79
CA ASP B 294 -29.31 -21.95 6.59
C ASP B 294 -28.78 -21.07 5.49
N PRO B 295 -29.21 -21.32 4.25
CA PRO B 295 -28.93 -20.36 3.18
C PRO B 295 -29.44 -18.97 3.49
N LEU B 296 -30.61 -18.86 4.10
CA LEU B 296 -31.13 -17.55 4.43
C LEU B 296 -30.23 -16.86 5.45
N SER B 297 -29.95 -17.54 6.56
CA SER B 297 -29.06 -16.96 7.56
C SER B 297 -27.68 -16.70 7.00
N GLU B 298 -27.28 -17.47 6.00
CA GLU B 298 -26.02 -17.18 5.31
C GLU B 298 -26.02 -15.84 4.60
N THR B 299 -27.18 -15.21 4.45
CA THR B 299 -27.27 -13.90 3.81
C THR B 299 -27.26 -12.77 4.83
N LYS B 300 -28.12 -12.87 5.84
CA LYS B 300 -28.22 -11.82 6.85
C LYS B 300 -26.86 -11.42 7.37
N CYS B 301 -26.00 -12.39 7.63
CA CYS B 301 -24.67 -12.06 8.12
C CYS B 301 -23.88 -11.29 7.08
N THR B 302 -24.07 -11.60 5.80
CA THR B 302 -23.39 -10.83 4.77
C THR B 302 -23.97 -9.44 4.61
N LEU B 303 -25.22 -9.23 5.00
CA LEU B 303 -25.85 -7.93 4.90
C LEU B 303 -25.92 -7.18 6.20
N LYS B 304 -25.67 -7.84 7.33
CA LYS B 304 -25.69 -7.20 8.64
C LYS B 304 -27.05 -6.59 8.93
N SER B 305 -28.09 -7.40 8.76
CA SER B 305 -29.45 -6.95 8.99
C SER B 305 -30.32 -8.15 9.28
N PHE B 306 -31.34 -7.94 10.10
CA PHE B 306 -32.33 -8.97 10.40
C PHE B 306 -33.49 -8.98 9.44
N THR B 307 -33.51 -8.07 8.47
CA THR B 307 -34.56 -8.06 7.44
C THR B 307 -33.91 -7.67 6.12
N VAL B 308 -33.67 -8.65 5.27
CA VAL B 308 -33.15 -8.37 3.94
C VAL B 308 -34.33 -8.15 3.01
N GLU B 309 -34.11 -7.29 2.01
CA GLU B 309 -35.14 -6.92 1.07
C GLU B 309 -35.19 -7.93 -0.07
N LYS B 310 -36.14 -7.71 -0.97
CA LYS B 310 -36.30 -8.58 -2.13
C LYS B 310 -35.02 -8.64 -2.95
N GLY B 311 -34.87 -9.71 -3.71
CA GLY B 311 -33.90 -9.79 -4.78
C GLY B 311 -32.92 -10.91 -4.61
N ILE B 312 -31.85 -10.85 -5.42
CA ILE B 312 -30.82 -11.87 -5.49
C ILE B 312 -29.51 -11.35 -4.92
N TYR B 313 -28.87 -12.16 -4.07
CA TYR B 313 -27.64 -11.77 -3.40
C TYR B 313 -26.62 -12.87 -3.57
N GLN B 314 -25.35 -12.48 -3.64
CA GLN B 314 -24.22 -13.39 -3.60
C GLN B 314 -23.68 -13.50 -2.19
N THR B 315 -23.47 -14.73 -1.70
CA THR B 315 -23.01 -14.88 -0.34
C THR B 315 -21.73 -15.70 -0.17
N SER B 316 -21.42 -16.59 -1.09
CA SER B 316 -20.27 -17.45 -0.88
C SER B 316 -19.86 -18.11 -2.19
N ASN B 317 -18.74 -18.79 -2.15
CA ASN B 317 -18.33 -19.66 -3.24
C ASN B 317 -18.53 -21.12 -2.85
N PHE B 318 -18.20 -22.01 -3.78
CA PHE B 318 -18.26 -23.43 -3.51
C PHE B 318 -17.17 -24.08 -4.35
N ARG B 319 -16.84 -25.30 -3.96
CA ARG B 319 -15.87 -26.13 -4.66
C ARG B 319 -16.17 -27.59 -4.36
N VAL B 320 -15.68 -28.46 -5.23
CA VAL B 320 -15.84 -29.90 -5.07
C VAL B 320 -14.60 -30.44 -4.37
N GLN B 321 -14.75 -30.80 -3.11
CA GLN B 321 -13.60 -31.20 -2.31
C GLN B 321 -12.94 -32.44 -2.91
N PRO B 322 -11.61 -32.54 -2.83
CA PRO B 322 -10.90 -33.71 -3.37
C PRO B 322 -11.14 -34.93 -2.51
N THR B 323 -10.78 -36.08 -3.07
CA THR B 323 -10.84 -37.35 -2.37
C THR B 323 -9.63 -38.20 -2.75
N GLU B 324 -9.39 -39.24 -1.97
CA GLU B 324 -8.46 -40.32 -2.31
C GLU B 324 -7.13 -39.87 -2.89
N SER B 325 -6.32 -39.16 -2.10
CA SER B 325 -4.99 -38.71 -2.51
C SER B 325 -4.24 -39.79 -3.27
N ILE B 326 -3.78 -39.47 -4.47
CA ILE B 326 -3.02 -40.43 -5.26
C ILE B 326 -1.57 -40.00 -5.32
N VAL B 327 -0.67 -40.99 -5.36
CA VAL B 327 0.77 -40.81 -5.23
C VAL B 327 1.45 -41.83 -6.12
N ARG B 328 2.30 -41.38 -7.04
CA ARG B 328 2.99 -42.29 -7.94
C ARG B 328 4.45 -41.88 -8.04
N PHE B 329 5.33 -42.71 -7.52
CA PHE B 329 6.77 -42.56 -7.58
C PHE B 329 7.39 -43.75 -8.31
N PRO B 330 8.60 -43.60 -8.86
CA PRO B 330 9.15 -44.64 -9.74
C PRO B 330 9.42 -45.94 -9.01
N ASN B 331 9.78 -46.96 -9.79
CA ASN B 331 10.06 -48.29 -9.27
C ASN B 331 11.29 -48.36 -8.38
N ILE B 332 12.25 -47.44 -8.56
CA ILE B 332 13.55 -47.52 -7.91
C ILE B 332 13.42 -47.72 -6.41
N THR B 333 13.96 -48.83 -5.90
CA THR B 333 13.97 -49.14 -4.48
C THR B 333 15.37 -49.60 -4.09
N ASN B 334 16.17 -48.68 -3.56
CA ASN B 334 17.55 -48.99 -3.20
C ASN B 334 17.96 -48.16 -2.01
N LEU B 335 18.69 -48.79 -1.09
CA LEU B 335 19.43 -48.05 -0.08
C LEU B 335 20.51 -47.23 -0.78
N CYS B 336 20.38 -45.91 -0.77
CA CYS B 336 21.37 -45.08 -1.42
C CYS B 336 22.70 -45.19 -0.66
N PRO B 337 23.84 -45.16 -1.34
CA PRO B 337 25.13 -45.30 -0.64
C PRO B 337 25.55 -44.07 0.13
N PHE B 338 24.80 -43.76 1.19
CA PHE B 338 25.13 -42.61 2.02
C PHE B 338 26.26 -42.96 2.99
N GLY B 339 26.14 -44.07 3.69
CA GLY B 339 27.16 -44.48 4.65
C GLY B 339 28.53 -44.60 4.01
N GLU B 340 28.57 -45.04 2.74
CA GLU B 340 29.83 -45.15 2.03
C GLU B 340 30.55 -43.80 1.94
N VAL B 341 29.81 -42.72 2.09
CA VAL B 341 30.35 -41.38 2.03
C VAL B 341 30.58 -40.83 3.42
N PHE B 342 29.60 -41.03 4.30
CA PHE B 342 29.67 -40.46 5.65
C PHE B 342 30.67 -41.21 6.50
N ASN B 343 30.81 -42.52 6.28
CA ASN B 343 31.72 -43.35 7.06
C ASN B 343 32.98 -43.66 6.28
N ALA B 344 33.26 -42.89 5.22
CA ALA B 344 34.48 -43.05 4.45
C ALA B 344 35.70 -42.78 5.33
N THR B 345 36.78 -43.51 5.08
CA THR B 345 37.97 -43.34 5.91
C THR B 345 38.82 -42.16 5.47
N ARG B 346 39.14 -42.07 4.17
CA ARG B 346 40.10 -41.10 3.66
C ARG B 346 39.42 -40.01 2.85
N PHE B 347 39.51 -38.77 3.32
CA PHE B 347 39.02 -37.61 2.59
C PHE B 347 40.19 -36.73 2.14
N ALA B 348 40.04 -36.13 0.98
CA ALA B 348 41.09 -35.27 0.45
C ALA B 348 41.10 -33.91 1.13
N SER B 349 42.13 -33.13 0.82
CA SER B 349 42.27 -31.79 1.34
C SER B 349 41.19 -30.86 0.79
N VAL B 350 41.04 -29.72 1.45
CA VAL B 350 40.00 -28.77 1.09
C VAL B 350 40.24 -28.20 -0.31
N TYR B 351 41.47 -27.80 -0.61
CA TYR B 351 41.77 -27.23 -1.92
C TYR B 351 41.44 -28.21 -3.03
N ALA B 352 41.44 -29.50 -2.74
CA ALA B 352 41.15 -30.57 -3.67
C ALA B 352 39.88 -31.29 -3.26
N TRP B 353 38.89 -30.52 -2.81
CA TRP B 353 37.63 -31.09 -2.36
C TRP B 353 37.01 -31.98 -3.43
N ASN B 354 36.68 -33.20 -3.03
CA ASN B 354 36.05 -34.18 -3.89
C ASN B 354 34.55 -33.99 -3.95
N ARG B 355 33.95 -34.44 -5.05
CA ARG B 355 32.51 -34.29 -5.23
C ARG B 355 32.05 -35.54 -5.98
N LYS B 356 31.26 -36.35 -5.31
CA LYS B 356 30.66 -37.51 -5.96
C LYS B 356 29.22 -37.20 -6.35
N ARG B 357 28.74 -37.89 -7.38
CA ARG B 357 27.35 -37.74 -7.79
C ARG B 357 26.52 -38.89 -7.23
N ILE B 358 25.33 -38.54 -6.76
CA ILE B 358 24.40 -39.48 -6.14
C ILE B 358 23.16 -39.52 -7.00
N SER B 359 22.78 -40.71 -7.45
CA SER B 359 21.64 -40.88 -8.32
C SER B 359 21.18 -42.33 -8.25
N ASN B 360 20.00 -42.58 -8.83
CA ASN B 360 19.43 -43.92 -8.97
C ASN B 360 19.35 -44.65 -7.63
N CYS B 361 18.72 -44.02 -6.65
CA CYS B 361 18.66 -44.60 -5.32
C CYS B 361 17.53 -43.94 -4.56
N VAL B 362 17.22 -44.49 -3.38
CA VAL B 362 16.24 -43.92 -2.48
C VAL B 362 17.00 -43.26 -1.35
N ALA B 363 16.82 -41.95 -1.19
CA ALA B 363 17.60 -41.18 -0.23
C ALA B 363 16.85 -41.06 1.10
N ASP B 364 17.25 -41.86 2.07
CA ASP B 364 16.65 -41.82 3.41
C ASP B 364 17.44 -40.83 4.26
N TYR B 365 16.86 -39.66 4.49
CA TYR B 365 17.57 -38.59 5.19
C TYR B 365 17.26 -38.55 6.68
N SER B 366 16.42 -39.46 7.17
CA SER B 366 16.08 -39.44 8.59
C SER B 366 17.23 -39.96 9.44
N VAL B 367 17.95 -40.97 8.94
CA VAL B 367 19.07 -41.53 9.70
C VAL B 367 20.15 -40.47 9.91
N LEU B 368 20.41 -39.64 8.91
CA LEU B 368 21.47 -38.64 9.02
C LEU B 368 20.98 -37.38 9.72
N TYR B 369 19.78 -36.90 9.36
CA TYR B 369 19.27 -35.65 9.89
C TYR B 369 19.30 -35.63 11.41
N ASN B 370 18.81 -36.70 12.02
CA ASN B 370 18.64 -36.77 13.47
C ASN B 370 19.76 -37.54 14.17
N SER B 371 20.92 -37.70 13.51
CA SER B 371 22.04 -38.40 14.12
C SER B 371 22.92 -37.37 14.82
N ALA B 372 23.16 -37.57 16.12
CA ALA B 372 23.91 -36.60 16.89
C ALA B 372 25.40 -36.63 16.59
N SER B 373 25.84 -37.44 15.63
CA SER B 373 27.24 -37.55 15.27
C SER B 373 27.74 -36.37 14.45
N PHE B 374 26.89 -35.38 14.19
CA PHE B 374 27.27 -34.21 13.42
C PHE B 374 27.22 -32.97 14.31
N SER B 375 28.18 -32.07 14.13
CA SER B 375 28.15 -30.81 14.85
C SER B 375 27.36 -29.72 14.14
N THR B 376 27.32 -29.72 12.80
CA THR B 376 26.53 -28.75 12.07
C THR B 376 25.70 -29.49 11.03
N PHE B 377 24.40 -29.19 11.01
CA PHE B 377 23.43 -29.70 10.04
C PHE B 377 22.56 -28.53 9.58
N LYS B 378 23.00 -27.81 8.54
CA LYS B 378 22.32 -26.58 8.12
C LYS B 378 21.84 -26.75 6.68
N CYS B 379 20.54 -26.57 6.46
CA CYS B 379 20.01 -26.66 5.10
C CYS B 379 19.49 -25.31 4.66
N TYR B 380 19.62 -25.03 3.36
CA TYR B 380 19.32 -23.72 2.78
C TYR B 380 18.17 -23.77 1.78
N GLY B 381 16.99 -23.37 2.24
CA GLY B 381 15.78 -23.40 1.44
C GLY B 381 15.05 -24.71 1.43
N VAL B 382 15.53 -25.72 2.15
CA VAL B 382 14.90 -27.02 2.23
C VAL B 382 14.61 -27.33 3.68
N SER B 383 13.39 -27.70 3.97
CA SER B 383 13.07 -28.05 5.35
C SER B 383 13.55 -29.48 5.56
N PRO B 384 14.57 -29.69 6.41
CA PRO B 384 15.14 -31.03 6.58
C PRO B 384 14.11 -32.09 6.90
N THR B 385 13.01 -31.72 7.56
CA THR B 385 12.00 -32.69 7.93
C THR B 385 11.25 -33.23 6.73
N LYS B 386 11.21 -32.50 5.62
CA LYS B 386 10.41 -32.89 4.46
C LYS B 386 11.27 -33.43 3.32
N LEU B 387 12.56 -33.64 3.58
CA LEU B 387 13.48 -34.09 2.53
C LEU B 387 13.04 -35.41 1.94
N ASN B 388 12.46 -36.29 2.75
CA ASN B 388 12.02 -37.59 2.27
C ASN B 388 10.92 -37.49 1.22
N ASP B 389 10.19 -36.38 1.15
CA ASP B 389 9.08 -36.29 0.20
C ASP B 389 9.46 -35.58 -1.09
N LEU B 390 10.73 -35.27 -1.28
CA LEU B 390 11.21 -34.52 -2.44
C LEU B 390 12.07 -35.40 -3.33
N CYS B 391 11.76 -35.41 -4.63
CA CYS B 391 12.50 -36.21 -5.59
C CYS B 391 13.60 -35.37 -6.24
N PHE B 392 14.84 -35.80 -6.09
CA PHE B 392 15.98 -35.08 -6.65
C PHE B 392 16.48 -35.76 -7.93
N THR B 393 17.14 -34.98 -8.77
CA THR B 393 17.68 -35.49 -10.02
C THR B 393 19.19 -35.63 -9.94
N ASN B 394 19.84 -34.68 -9.27
CA ASN B 394 21.29 -34.70 -9.14
C ASN B 394 21.79 -34.19 -7.78
N VAL B 395 22.24 -35.11 -6.94
CA VAL B 395 22.75 -34.77 -5.62
C VAL B 395 24.26 -34.89 -5.62
N TYR B 396 24.95 -33.77 -5.53
CA TYR B 396 26.41 -33.76 -5.56
C TYR B 396 26.91 -33.58 -4.13
N ALA B 397 27.67 -34.57 -3.67
CA ALA B 397 28.22 -34.61 -2.31
C ALA B 397 29.68 -34.21 -2.32
N ASP B 398 29.94 -32.96 -1.95
CA ASP B 398 31.28 -32.40 -1.94
C ASP B 398 31.90 -32.67 -0.57
N SER B 399 32.91 -33.53 -0.54
CA SER B 399 33.56 -34.03 0.66
C SER B 399 34.94 -33.38 0.78
N PHE B 400 35.25 -32.89 1.98
CA PHE B 400 36.57 -32.32 2.25
C PHE B 400 36.76 -32.14 3.74
N VAL B 401 38.00 -31.90 4.13
CA VAL B 401 38.36 -31.58 5.51
C VAL B 401 38.85 -30.14 5.56
N ILE B 402 38.48 -29.43 6.64
CA ILE B 402 38.99 -28.08 6.92
C ILE B 402 39.28 -27.98 8.41
N ARG B 403 39.74 -26.81 8.83
CA ARG B 403 39.94 -26.58 10.26
C ARG B 403 38.58 -26.42 10.94
N GLY B 404 38.62 -26.15 12.25
CA GLY B 404 37.39 -25.94 12.98
C GLY B 404 36.92 -24.50 12.96
N ASP B 405 37.86 -23.58 13.19
CA ASP B 405 37.53 -22.16 13.22
C ASP B 405 36.82 -21.70 11.95
N GLU B 406 37.25 -22.22 10.81
CA GLU B 406 36.76 -21.76 9.51
C GLU B 406 35.45 -22.43 9.09
N VAL B 407 34.71 -23.03 10.02
CA VAL B 407 33.47 -23.68 9.65
C VAL B 407 32.41 -22.64 9.31
N ARG B 408 32.38 -21.53 10.06
CA ARG B 408 31.42 -20.47 9.79
C ARG B 408 31.58 -19.88 8.40
N GLN B 409 32.73 -20.09 7.77
CA GLN B 409 33.01 -19.57 6.43
C GLN B 409 32.39 -20.41 5.33
N ILE B 410 31.88 -21.60 5.66
CA ILE B 410 31.25 -22.47 4.65
C ILE B 410 29.79 -22.06 4.58
N ALA B 411 29.54 -21.00 3.82
CA ALA B 411 28.21 -20.43 3.66
C ALA B 411 28.22 -19.52 2.46
N PRO B 412 27.06 -19.25 1.86
CA PRO B 412 27.01 -18.23 0.81
C PRO B 412 27.31 -16.85 1.38
N GLY B 413 27.96 -16.03 0.55
CA GLY B 413 28.23 -14.67 0.96
C GLY B 413 29.30 -14.57 2.02
N GLN B 414 30.26 -15.49 2.01
CA GLN B 414 31.33 -15.53 3.00
C GLN B 414 32.64 -15.13 2.35
N THR B 415 33.58 -14.70 3.20
CA THR B 415 34.93 -14.37 2.77
C THR B 415 35.93 -15.12 3.62
N GLY B 416 37.18 -15.08 3.18
CA GLY B 416 38.28 -15.73 3.88
C GLY B 416 39.11 -16.59 2.94
N LYS B 417 40.21 -17.10 3.49
CA LYS B 417 41.19 -17.83 2.70
C LYS B 417 40.54 -18.96 1.93
N ILE B 418 39.59 -19.66 2.55
CA ILE B 418 38.91 -20.74 1.86
C ILE B 418 37.93 -20.16 0.84
N ALA B 419 37.10 -19.22 1.28
CA ALA B 419 36.13 -18.60 0.39
C ALA B 419 36.82 -17.93 -0.80
N ASP B 420 38.01 -17.38 -0.59
CA ASP B 420 38.66 -16.66 -1.68
C ASP B 420 39.53 -17.55 -2.56
N TYR B 421 40.26 -18.50 -1.98
CA TYR B 421 41.20 -19.29 -2.74
C TYR B 421 40.95 -20.79 -2.72
N ASN B 422 40.06 -21.28 -1.86
CA ASN B 422 39.90 -22.72 -1.74
C ASN B 422 38.53 -23.26 -2.13
N TYR B 423 37.45 -22.61 -1.69
CA TYR B 423 36.12 -23.16 -1.95
C TYR B 423 35.05 -22.11 -1.74
N LYS B 424 34.34 -21.76 -2.81
CA LYS B 424 33.34 -20.70 -2.80
C LYS B 424 31.96 -21.30 -3.05
N LEU B 425 30.96 -20.75 -2.36
CA LEU B 425 29.60 -21.20 -2.68
C LEU B 425 28.83 -20.16 -3.49
N PRO B 426 28.08 -20.62 -4.47
CA PRO B 426 27.31 -19.70 -5.32
C PRO B 426 26.19 -19.07 -4.51
N ASP B 427 25.77 -17.88 -4.94
CA ASP B 427 24.63 -17.23 -4.29
C ASP B 427 23.36 -17.89 -4.80
N ASP B 428 22.99 -18.99 -4.13
CA ASP B 428 21.84 -19.80 -4.50
C ASP B 428 21.60 -20.77 -3.34
N PHE B 429 20.57 -21.58 -3.47
CA PHE B 429 20.38 -22.64 -2.48
C PHE B 429 21.52 -23.63 -2.59
N THR B 430 22.00 -24.07 -1.44
CA THR B 430 22.65 -25.36 -1.33
C THR B 430 21.75 -26.21 -0.44
N GLY B 431 21.72 -27.52 -0.70
CA GLY B 431 20.78 -28.27 0.11
C GLY B 431 21.26 -28.31 1.55
N CYS B 432 22.14 -29.24 1.92
CA CYS B 432 22.53 -29.31 3.32
C CYS B 432 24.04 -29.34 3.50
N VAL B 433 24.54 -28.51 4.39
CA VAL B 433 25.95 -28.51 4.79
C VAL B 433 26.05 -29.22 6.13
N ILE B 434 26.94 -30.22 6.21
CA ILE B 434 27.04 -31.07 7.38
C ILE B 434 28.52 -31.17 7.73
N ALA B 435 28.85 -30.90 8.98
CA ALA B 435 30.24 -31.10 9.37
C ALA B 435 30.35 -31.55 10.81
N TRP B 436 31.41 -32.29 11.10
CA TRP B 436 31.69 -32.74 12.46
C TRP B 436 33.18 -32.76 12.71
N ASN B 437 33.54 -32.67 13.98
CA ASN B 437 34.95 -32.66 14.36
C ASN B 437 35.56 -34.02 14.07
N SER B 438 36.83 -34.02 13.65
CA SER B 438 37.47 -35.26 13.23
C SER B 438 38.88 -35.42 13.75
N ASN B 439 39.31 -34.60 14.73
CA ASN B 439 40.65 -34.77 15.28
C ASN B 439 40.82 -36.12 15.94
N ASN B 440 39.72 -36.73 16.39
CA ASN B 440 39.79 -38.03 17.04
C ASN B 440 40.15 -39.13 16.05
N LEU B 441 40.05 -38.85 14.76
CA LEU B 441 40.41 -39.81 13.73
C LEU B 441 41.36 -39.26 12.68
N ASP B 442 41.64 -37.96 12.70
CA ASP B 442 42.53 -37.34 11.73
C ASP B 442 43.79 -36.76 12.37
N SER B 443 43.64 -36.06 13.48
CA SER B 443 44.78 -35.49 14.17
C SER B 443 45.55 -36.57 14.93
N TYR B 449 50.32 -32.37 9.52
CA TYR B 449 50.55 -31.57 8.31
C TYR B 449 50.10 -32.32 7.07
N ASN B 450 49.28 -33.35 7.26
CA ASN B 450 48.77 -34.11 6.13
C ASN B 450 47.75 -33.34 5.31
N TYR B 451 47.11 -32.33 5.90
CA TYR B 451 46.09 -31.53 5.23
C TYR B 451 46.66 -30.23 4.68
N LEU B 452 46.14 -29.80 3.54
CA LEU B 452 46.68 -28.67 2.81
C LEU B 452 45.54 -27.71 2.46
N TYR B 453 45.91 -26.49 2.08
CA TYR B 453 44.96 -25.52 1.56
C TYR B 453 45.72 -24.50 0.73
N ARG B 454 45.00 -23.78 -0.12
CA ARG B 454 45.62 -22.78 -0.97
C ARG B 454 45.52 -21.40 -0.34
N ASN B 460 40.31 -13.95 -6.05
CA ASN B 460 39.28 -14.91 -5.71
C ASN B 460 38.90 -15.75 -6.92
N LEU B 461 38.34 -16.93 -6.66
CA LEU B 461 37.92 -17.84 -7.72
C LEU B 461 36.40 -17.90 -7.80
N LYS B 462 35.91 -18.41 -8.91
CA LYS B 462 34.48 -18.59 -9.09
C LYS B 462 33.99 -19.78 -8.26
N PRO B 463 32.70 -19.86 -7.99
CA PRO B 463 32.18 -20.99 -7.22
C PRO B 463 32.27 -22.29 -8.02
N PHE B 464 32.40 -23.38 -7.28
CA PHE B 464 32.48 -24.73 -7.87
C PHE B 464 33.65 -24.83 -8.84
N GLU B 465 34.83 -24.42 -8.38
CA GLU B 465 36.05 -24.51 -9.17
C GLU B 465 37.20 -24.95 -8.29
N ARG B 466 38.14 -25.67 -8.89
CA ARG B 466 39.30 -26.21 -8.17
C ARG B 466 40.55 -26.00 -9.01
N ASP B 467 41.43 -25.11 -8.55
CA ASP B 467 42.76 -24.89 -9.12
C ASP B 467 43.77 -25.45 -8.13
N ILE B 468 44.06 -26.75 -8.26
CA ILE B 468 44.90 -27.42 -7.27
C ILE B 468 46.38 -27.18 -7.50
N SER B 469 46.79 -26.85 -8.73
CA SER B 469 48.20 -26.60 -9.00
C SER B 469 48.67 -25.37 -8.22
N THR B 470 49.85 -25.46 -7.63
CA THR B 470 50.38 -24.40 -6.76
C THR B 470 51.68 -23.90 -7.38
N GLU B 471 51.58 -22.81 -8.13
CA GLU B 471 52.75 -22.12 -8.67
C GLU B 471 53.09 -20.92 -7.81
N ILE B 472 54.37 -20.56 -7.79
CA ILE B 472 54.83 -19.46 -6.96
C ILE B 472 54.20 -18.16 -7.46
N TYR B 473 53.61 -17.40 -6.55
CA TYR B 473 52.96 -16.15 -6.91
C TYR B 473 53.84 -14.96 -6.49
N ASN B 487 60.29 -12.36 -5.55
CA ASN B 487 58.98 -11.88 -5.15
C ASN B 487 57.94 -12.97 -5.37
N CYS B 488 58.42 -14.19 -5.58
CA CYS B 488 57.56 -15.34 -5.79
C CYS B 488 57.29 -16.04 -4.46
N TYR B 489 56.01 -16.33 -4.20
CA TYR B 489 55.61 -17.01 -2.97
C TYR B 489 54.50 -17.97 -3.31
N PHE B 490 54.36 -19.02 -2.52
CA PHE B 490 53.21 -19.87 -2.85
C PHE B 490 52.04 -19.57 -1.93
N PRO B 491 50.86 -19.31 -2.50
CA PRO B 491 49.70 -18.91 -1.68
C PRO B 491 49.16 -20.03 -0.80
N LEU B 492 49.61 -21.26 -1.00
CA LEU B 492 49.15 -22.38 -0.20
C LEU B 492 49.91 -22.46 1.12
N GLN B 493 49.41 -23.34 1.99
CA GLN B 493 49.96 -23.63 3.30
C GLN B 493 49.23 -24.86 3.85
N SER B 494 49.83 -25.50 4.84
CA SER B 494 49.34 -26.76 5.37
C SER B 494 48.77 -26.57 6.77
N TYR B 495 47.97 -27.53 7.20
CA TYR B 495 47.44 -27.58 8.55
C TYR B 495 48.21 -28.61 9.35
N GLY B 496 48.85 -28.15 10.42
CA GLY B 496 49.56 -29.02 11.35
C GLY B 496 48.59 -29.60 12.35
N PHE B 497 48.49 -30.93 12.41
CA PHE B 497 47.50 -31.54 13.27
C PHE B 497 48.06 -31.65 14.68
N GLN B 498 47.21 -31.31 15.64
CA GLN B 498 47.51 -31.34 17.06
C GLN B 498 46.27 -31.75 17.83
N PRO B 499 46.24 -32.92 18.45
CA PRO B 499 45.03 -33.38 19.14
C PRO B 499 44.76 -32.60 20.41
N THR B 500 45.54 -31.55 20.64
CA THR B 500 45.36 -30.69 21.80
C THR B 500 44.48 -29.49 21.47
N VAL B 503 41.33 -26.18 19.30
CA VAL B 503 40.11 -26.49 18.56
C VAL B 503 40.13 -25.84 17.19
N GLY B 504 40.57 -24.58 17.14
CA GLY B 504 40.63 -23.87 15.88
C GLY B 504 41.49 -24.56 14.85
N TYR B 505 42.50 -25.29 15.30
CA TYR B 505 43.34 -26.07 14.41
C TYR B 505 42.90 -27.52 14.28
N GLN B 506 42.00 -27.98 15.14
CA GLN B 506 41.50 -29.34 15.03
C GLN B 506 40.80 -29.53 13.69
N PRO B 507 40.97 -30.67 13.04
CA PRO B 507 40.27 -30.90 11.78
C PRO B 507 38.79 -31.19 11.96
N TYR B 508 38.01 -30.76 10.97
CA TYR B 508 36.60 -31.10 10.86
C TYR B 508 36.36 -31.65 9.46
N ARG B 509 35.54 -32.70 9.39
CA ARG B 509 35.08 -33.30 8.15
C ARG B 509 33.75 -32.67 7.71
N VAL B 510 33.73 -32.13 6.49
CA VAL B 510 32.59 -31.40 5.94
C VAL B 510 32.10 -32.08 4.67
N VAL B 511 30.79 -32.31 4.59
CA VAL B 511 30.11 -32.84 3.41
C VAL B 511 28.97 -31.90 3.03
N VAL B 512 29.03 -31.37 1.82
CA VAL B 512 28.03 -30.44 1.29
C VAL B 512 27.17 -31.19 0.28
N LEU B 513 25.86 -31.24 0.53
CA LEU B 513 24.89 -31.92 -0.34
C LEU B 513 24.15 -30.90 -1.19
N SER B 514 24.56 -30.77 -2.44
CA SER B 514 23.92 -29.86 -3.40
C SER B 514 22.87 -30.64 -4.18
N PHE B 515 21.67 -30.08 -4.27
CA PHE B 515 20.53 -30.74 -4.88
C PHE B 515 20.19 -30.13 -6.23
N GLU B 516 19.89 -30.98 -7.22
CA GLU B 516 19.41 -30.46 -8.50
C GLU B 516 17.95 -30.85 -8.65
N LEU B 517 17.10 -29.85 -8.82
CA LEU B 517 15.65 -29.99 -8.78
C LEU B 517 15.02 -29.64 -10.11
N LEU B 518 14.13 -30.52 -10.58
CA LEU B 518 13.24 -30.28 -11.72
C LEU B 518 13.97 -30.01 -13.03
N HIS B 519 15.28 -30.22 -13.09
CA HIS B 519 15.99 -30.01 -14.35
C HIS B 519 15.77 -31.16 -15.33
N ALA B 520 15.14 -32.23 -14.90
CA ALA B 520 14.99 -33.46 -15.65
C ALA B 520 13.94 -34.33 -14.95
N PRO B 521 13.56 -35.48 -15.51
CA PRO B 521 12.75 -36.43 -14.74
C PRO B 521 13.43 -36.81 -13.44
N ALA B 522 12.63 -37.21 -12.47
CA ALA B 522 13.15 -37.62 -11.17
C ALA B 522 13.87 -38.95 -11.24
N THR B 523 14.99 -39.03 -10.53
CA THR B 523 15.84 -40.23 -10.48
C THR B 523 16.16 -40.67 -9.07
N VAL B 524 16.14 -39.77 -8.09
CA VAL B 524 16.36 -40.09 -6.69
C VAL B 524 15.16 -39.56 -5.92
N CYS B 525 14.56 -40.40 -5.08
CA CYS B 525 13.39 -40.03 -4.32
C CYS B 525 13.46 -40.62 -2.92
N GLY B 526 12.55 -40.15 -2.06
CA GLY B 526 12.43 -40.70 -0.73
C GLY B 526 11.56 -41.94 -0.71
N PRO B 527 11.41 -42.49 0.49
CA PRO B 527 10.59 -43.70 0.63
C PRO B 527 9.10 -43.44 0.53
N LYS B 528 8.58 -43.21 -0.67
CA LYS B 528 7.15 -43.04 -0.83
C LYS B 528 6.50 -44.34 -1.28
N LYS B 529 5.22 -44.49 -0.93
CA LYS B 529 4.51 -45.73 -1.17
C LYS B 529 4.22 -45.97 -2.64
N SER B 530 3.98 -44.91 -3.41
CA SER B 530 3.68 -44.99 -4.84
C SER B 530 2.45 -45.87 -5.05
N THR B 531 1.33 -45.37 -4.52
CA THR B 531 0.04 -46.06 -4.62
C THR B 531 -0.53 -45.95 -6.03
N ASN B 532 -1.76 -46.39 -6.19
CA ASN B 532 -2.42 -46.51 -7.48
C ASN B 532 -3.13 -45.22 -7.84
N LEU B 533 -3.41 -45.05 -9.13
CA LEU B 533 -4.06 -43.85 -9.64
C LEU B 533 -5.57 -44.08 -9.78
N VAL B 534 -6.29 -42.98 -9.99
CA VAL B 534 -7.71 -42.99 -10.30
C VAL B 534 -7.95 -42.00 -11.43
N LYS B 535 -9.20 -41.96 -11.91
CA LYS B 535 -9.55 -41.11 -13.05
C LYS B 535 -10.96 -40.57 -12.88
N ASN B 536 -11.21 -39.45 -13.55
CA ASN B 536 -12.52 -38.81 -13.62
C ASN B 536 -13.07 -38.41 -12.26
N LYS B 537 -12.20 -38.04 -11.33
CA LYS B 537 -12.65 -37.59 -10.02
C LYS B 537 -11.71 -36.48 -9.55
N CYS B 538 -12.28 -35.44 -8.96
CA CYS B 538 -11.43 -34.40 -8.37
C CYS B 538 -10.73 -35.00 -7.17
N VAL B 539 -9.42 -35.12 -7.24
CA VAL B 539 -8.61 -35.77 -6.23
C VAL B 539 -7.34 -34.97 -6.03
N ASN B 540 -6.78 -35.09 -4.84
CA ASN B 540 -5.49 -34.48 -4.53
C ASN B 540 -4.38 -35.47 -4.85
N PHE B 541 -3.47 -35.07 -5.73
CA PHE B 541 -2.37 -35.87 -6.19
C PHE B 541 -1.06 -35.29 -5.71
N ASN B 542 -0.07 -36.17 -5.61
CA ASN B 542 1.31 -35.87 -5.23
C ASN B 542 2.15 -36.67 -6.21
N PHE B 543 1.84 -36.41 -7.47
CA PHE B 543 2.37 -37.01 -8.67
C PHE B 543 3.88 -36.80 -8.85
N ASN B 544 4.66 -37.65 -8.19
CA ASN B 544 6.12 -37.68 -8.30
C ASN B 544 6.77 -36.29 -8.18
N GLY B 545 6.70 -35.75 -6.97
CA GLY B 545 7.34 -34.47 -6.74
C GLY B 545 6.52 -33.28 -7.12
N LEU B 546 5.29 -33.48 -7.59
CA LEU B 546 4.42 -32.42 -8.05
C LEU B 546 3.05 -32.73 -7.45
N THR B 547 2.51 -31.77 -6.73
CA THR B 547 1.26 -31.95 -6.00
C THR B 547 0.25 -30.89 -6.38
N GLY B 548 -0.99 -31.20 -6.06
CA GLY B 548 -2.09 -30.30 -6.33
C GLY B 548 -3.37 -31.11 -6.43
N THR B 549 -4.43 -30.45 -6.87
CA THR B 549 -5.72 -31.10 -6.96
C THR B 549 -6.31 -30.94 -8.36
N GLY B 550 -7.19 -31.86 -8.71
CA GLY B 550 -7.91 -31.76 -9.97
C GLY B 550 -8.44 -33.11 -10.40
N VAL B 551 -8.91 -33.13 -11.64
CA VAL B 551 -9.48 -34.32 -12.25
C VAL B 551 -8.56 -34.77 -13.39
N LEU B 552 -8.08 -36.00 -13.27
CA LEU B 552 -7.10 -36.58 -14.16
C LEU B 552 -7.80 -37.38 -15.25
N THR B 553 -7.47 -37.09 -16.51
CA THR B 553 -8.10 -37.80 -17.61
C THR B 553 -7.04 -38.21 -18.62
N GLU B 554 -7.37 -39.20 -19.44
CA GLU B 554 -6.45 -39.69 -20.45
C GLU B 554 -6.21 -38.60 -21.48
N SER B 555 -5.03 -37.99 -21.46
CA SER B 555 -4.77 -36.84 -22.31
C SER B 555 -4.75 -37.24 -23.78
N ASN B 556 -5.50 -36.50 -24.60
CA ASN B 556 -5.44 -36.68 -26.04
C ASN B 556 -4.15 -36.13 -26.63
N LYS B 557 -3.54 -35.16 -25.96
CA LYS B 557 -2.30 -34.57 -26.48
C LYS B 557 -1.15 -35.55 -26.30
N LYS B 558 -0.25 -35.56 -27.27
CA LYS B 558 0.90 -36.45 -27.25
C LYS B 558 2.17 -35.68 -26.94
N PHE B 559 2.91 -36.15 -25.96
CA PHE B 559 4.25 -35.64 -25.70
C PHE B 559 5.24 -36.27 -26.67
N LEU B 560 6.50 -35.92 -26.49
CA LEU B 560 7.58 -36.54 -27.19
C LEU B 560 8.43 -37.30 -26.18
N PRO B 561 9.30 -38.20 -26.62
CA PRO B 561 10.11 -38.97 -25.66
C PRO B 561 10.89 -38.14 -24.64
N PHE B 562 11.01 -36.84 -24.84
CA PHE B 562 11.80 -36.00 -23.95
C PHE B 562 10.99 -34.89 -23.28
N GLN B 563 9.77 -35.17 -22.86
CA GLN B 563 9.01 -34.22 -22.06
C GLN B 563 8.36 -34.93 -20.89
N GLN B 564 8.38 -34.30 -19.73
CA GLN B 564 7.78 -34.89 -18.54
C GLN B 564 6.40 -34.31 -18.28
N PHE B 565 6.27 -33.00 -18.41
CA PHE B 565 4.99 -32.34 -18.24
C PHE B 565 5.02 -31.05 -19.03
N GLY B 566 3.83 -30.50 -19.29
CA GLY B 566 3.72 -29.24 -19.98
C GLY B 566 2.72 -28.34 -19.27
N ARG B 567 2.67 -27.09 -19.73
CA ARG B 567 1.71 -26.14 -19.21
C ARG B 567 1.12 -25.38 -20.38
N ASP B 568 -0.07 -24.81 -20.17
CA ASP B 568 -0.66 -23.98 -21.22
C ASP B 568 -0.12 -22.56 -21.16
N ILE B 569 -0.31 -21.90 -20.02
CA ILE B 569 0.12 -20.53 -19.83
C ILE B 569 0.06 -20.25 -18.33
N ALA B 570 0.92 -19.38 -17.84
CA ALA B 570 0.83 -18.91 -16.45
C ALA B 570 1.05 -20.05 -15.47
N ASP B 571 2.03 -20.91 -15.75
CA ASP B 571 2.62 -21.86 -14.82
C ASP B 571 1.65 -22.96 -14.39
N THR B 572 0.42 -22.99 -14.90
CA THR B 572 -0.50 -24.08 -14.58
C THR B 572 -0.26 -25.28 -15.50
N THR B 573 0.22 -26.37 -14.91
CA THR B 573 0.60 -27.55 -15.68
C THR B 573 -0.64 -28.28 -16.16
N ASP B 574 -0.69 -28.59 -17.45
CA ASP B 574 -1.85 -29.25 -18.02
C ASP B 574 -1.71 -30.76 -18.19
N ALA B 575 -0.54 -31.29 -18.49
CA ALA B 575 -0.40 -32.71 -18.73
C ALA B 575 0.86 -33.25 -18.08
N VAL B 576 0.79 -34.49 -17.57
CA VAL B 576 1.94 -35.10 -16.92
C VAL B 576 1.98 -36.58 -17.30
N ARG B 577 3.18 -37.12 -17.46
CA ARG B 577 3.39 -38.54 -17.71
C ARG B 577 3.53 -39.32 -16.41
N ASP B 578 2.75 -40.38 -16.26
CA ASP B 578 2.82 -41.19 -15.05
C ASP B 578 4.19 -41.84 -14.91
N PRO B 579 4.87 -41.70 -13.77
CA PRO B 579 6.17 -42.36 -13.60
C PRO B 579 6.13 -43.85 -13.88
N GLN B 580 5.07 -44.51 -13.44
CA GLN B 580 5.02 -45.97 -13.38
C GLN B 580 4.17 -46.58 -14.47
N THR B 581 3.60 -45.78 -15.36
CA THR B 581 2.82 -46.32 -16.47
C THR B 581 3.16 -45.69 -17.80
N LEU B 582 3.87 -44.56 -17.80
CA LEU B 582 4.27 -43.84 -19.00
C LEU B 582 3.07 -43.29 -19.76
N GLU B 583 1.93 -43.16 -19.09
CA GLU B 583 0.75 -42.57 -19.70
C GLU B 583 0.75 -41.07 -19.46
N ILE B 584 0.34 -40.32 -20.47
CA ILE B 584 0.25 -38.87 -20.37
C ILE B 584 -1.20 -38.55 -20.05
N LEU B 585 -1.43 -37.85 -18.95
CA LEU B 585 -2.79 -37.55 -18.50
C LEU B 585 -2.93 -36.07 -18.21
N ASP B 586 -4.08 -35.53 -18.60
CA ASP B 586 -4.42 -34.15 -18.36
C ASP B 586 -4.93 -33.95 -16.93
N ILE B 587 -4.72 -32.73 -16.43
CA ILE B 587 -5.21 -32.30 -15.12
C ILE B 587 -6.15 -31.12 -15.35
N THR B 588 -7.44 -31.41 -15.49
CA THR B 588 -8.44 -30.37 -15.70
C THR B 588 -8.92 -29.87 -14.33
N PRO B 589 -9.07 -28.53 -14.20
CA PRO B 589 -9.49 -27.92 -12.95
C PRO B 589 -10.84 -28.42 -12.47
N CYS B 590 -11.00 -28.56 -11.15
CA CYS B 590 -12.24 -29.04 -10.56
C CYS B 590 -13.29 -27.92 -10.56
N SER B 591 -14.50 -28.27 -10.96
CA SER B 591 -15.60 -27.29 -11.02
C SER B 591 -15.77 -26.53 -9.71
N PHE B 592 -15.98 -25.22 -9.83
CA PHE B 592 -16.16 -24.36 -8.66
C PHE B 592 -16.95 -23.14 -9.10
N GLY B 593 -17.42 -22.34 -8.14
CA GLY B 593 -18.11 -21.13 -8.55
C GLY B 593 -18.83 -20.46 -7.40
N GLY B 594 -19.60 -19.43 -7.76
CA GLY B 594 -20.38 -18.70 -6.78
C GLY B 594 -21.73 -19.33 -6.46
N VAL B 595 -22.25 -18.97 -5.29
CA VAL B 595 -23.58 -19.38 -4.85
C VAL B 595 -24.39 -18.12 -4.59
N SER B 596 -25.55 -18.01 -5.23
CA SER B 596 -26.44 -16.88 -5.05
C SER B 596 -27.74 -17.31 -4.39
N VAL B 597 -28.40 -16.36 -3.73
CA VAL B 597 -29.65 -16.64 -3.02
C VAL B 597 -30.76 -15.74 -3.55
N ILE B 598 -31.93 -16.34 -3.75
CA ILE B 598 -33.13 -15.67 -4.23
C ILE B 598 -34.17 -15.69 -3.12
N THR B 599 -34.71 -14.52 -2.80
CA THR B 599 -35.71 -14.39 -1.75
C THR B 599 -36.67 -13.28 -2.11
N PRO B 600 -37.95 -13.40 -1.73
CA PRO B 600 -38.87 -12.27 -1.80
C PRO B 600 -38.75 -11.23 -0.69
N GLY B 601 -37.71 -11.27 0.12
CA GLY B 601 -37.59 -10.32 1.20
C GLY B 601 -37.92 -10.98 2.53
N THR B 602 -37.33 -10.47 3.60
CA THR B 602 -37.56 -11.04 4.91
C THR B 602 -38.90 -10.69 5.51
N ASN B 603 -39.63 -9.73 4.96
CA ASN B 603 -40.93 -9.44 5.54
C ASN B 603 -42.03 -10.32 4.98
N THR B 604 -42.13 -10.41 3.65
CA THR B 604 -43.22 -11.17 3.04
C THR B 604 -43.15 -12.65 3.38
N SER B 605 -41.97 -13.24 3.33
CA SER B 605 -41.83 -14.66 3.63
C SER B 605 -40.38 -14.97 3.97
N ASN B 606 -40.14 -16.22 4.35
CA ASN B 606 -38.81 -16.70 4.69
C ASN B 606 -38.30 -17.76 3.73
N GLN B 607 -39.14 -18.29 2.85
CA GLN B 607 -38.71 -19.33 1.92
C GLN B 607 -37.72 -18.78 0.91
N VAL B 608 -36.62 -19.50 0.72
CA VAL B 608 -35.50 -19.04 -0.08
C VAL B 608 -35.11 -20.11 -1.08
N ALA B 609 -34.89 -19.70 -2.33
CA ALA B 609 -34.36 -20.57 -3.37
C ALA B 609 -32.88 -20.24 -3.57
N VAL B 610 -32.10 -21.22 -4.00
CA VAL B 610 -30.68 -20.97 -4.15
C VAL B 610 -30.27 -21.25 -5.58
N LEU B 611 -29.15 -20.67 -5.98
CA LEU B 611 -28.59 -20.90 -7.29
C LEU B 611 -27.11 -21.24 -7.18
N TYR B 612 -26.70 -22.29 -7.86
CA TYR B 612 -25.31 -22.68 -7.97
C TYR B 612 -24.84 -22.19 -9.33
N GLN B 613 -24.06 -21.12 -9.32
CA GLN B 613 -23.75 -20.41 -10.54
C GLN B 613 -22.91 -21.28 -11.47
N ASP B 614 -23.34 -21.36 -12.72
CA ASP B 614 -22.54 -21.93 -13.81
C ASP B 614 -21.97 -23.30 -13.47
N VAL B 615 -22.84 -24.18 -12.99
CA VAL B 615 -22.48 -25.57 -12.68
C VAL B 615 -23.71 -26.46 -12.90
N ASN B 616 -23.51 -27.75 -13.15
CA ASN B 616 -24.63 -28.69 -13.33
C ASN B 616 -24.99 -29.27 -11.97
N CYS B 617 -26.29 -29.35 -11.66
CA CYS B 617 -26.80 -29.91 -10.41
C CYS B 617 -26.69 -31.44 -10.21
N THR B 618 -26.17 -32.17 -11.19
CA THR B 618 -25.99 -33.61 -11.05
C THR B 618 -25.10 -33.82 -9.84
N GLU B 619 -23.96 -33.13 -9.83
CA GLU B 619 -23.05 -33.16 -8.69
C GLU B 619 -23.62 -32.20 -7.65
N VAL B 620 -23.26 -32.37 -6.38
CA VAL B 620 -23.82 -31.50 -5.34
C VAL B 620 -23.07 -30.19 -5.29
N THR B 638 -32.94 -28.49 -0.27
CA THR B 638 -32.51 -29.65 0.51
C THR B 638 -32.77 -30.94 -0.25
N GLY B 639 -32.54 -30.92 -1.56
CA GLY B 639 -32.74 -32.11 -2.35
C GLY B 639 -34.14 -32.30 -2.88
N SER B 640 -34.92 -31.23 -3.04
CA SER B 640 -36.30 -31.35 -3.50
C SER B 640 -36.46 -31.08 -4.99
N ASN B 641 -36.03 -29.90 -5.46
CA ASN B 641 -36.18 -29.59 -6.87
C ASN B 641 -34.85 -29.17 -7.45
N VAL B 642 -34.56 -29.67 -8.64
CA VAL B 642 -33.33 -29.36 -9.37
C VAL B 642 -33.72 -28.92 -10.77
N PHE B 643 -33.27 -27.74 -11.17
CA PHE B 643 -33.62 -27.22 -12.49
C PHE B 643 -32.40 -26.55 -13.09
N GLN B 644 -31.93 -27.05 -14.22
CA GLN B 644 -30.73 -26.53 -14.84
C GLN B 644 -31.07 -25.43 -15.83
N THR B 645 -30.41 -24.28 -15.72
CA THR B 645 -30.60 -23.22 -16.69
C THR B 645 -29.24 -22.79 -17.22
N ARG B 646 -29.26 -21.87 -18.18
CA ARG B 646 -28.02 -21.48 -18.85
C ARG B 646 -27.04 -20.87 -17.87
N ALA B 647 -27.53 -20.03 -16.98
CA ALA B 647 -26.73 -19.34 -15.98
C ALA B 647 -26.15 -20.25 -14.92
N GLY B 648 -26.54 -21.52 -14.87
CA GLY B 648 -26.20 -22.38 -13.75
C GLY B 648 -27.44 -23.10 -13.29
N CYS B 649 -27.28 -23.91 -12.25
CA CYS B 649 -28.50 -24.62 -11.90
C CYS B 649 -29.12 -24.10 -10.61
N LEU B 650 -30.46 -24.06 -10.64
CA LEU B 650 -31.35 -23.61 -9.58
C LEU B 650 -31.86 -24.74 -8.71
N ILE B 651 -31.98 -24.48 -7.41
CA ILE B 651 -32.58 -25.41 -6.47
C ILE B 651 -33.65 -24.71 -5.64
N GLY B 652 -34.86 -25.25 -5.63
CA GLY B 652 -35.95 -24.72 -4.83
C GLY B 652 -37.02 -23.96 -5.57
N ALA B 653 -36.79 -23.52 -6.79
CA ALA B 653 -37.81 -22.81 -7.56
C ALA B 653 -38.58 -23.75 -8.47
N GLU B 654 -39.90 -23.62 -8.48
CA GLU B 654 -40.79 -24.43 -9.30
C GLU B 654 -40.91 -23.79 -10.67
N HIS B 655 -40.51 -24.52 -11.72
CA HIS B 655 -40.58 -23.98 -13.07
C HIS B 655 -41.98 -24.05 -13.67
N VAL B 656 -42.37 -22.95 -14.31
CA VAL B 656 -43.62 -22.83 -15.03
C VAL B 656 -43.32 -22.26 -16.41
N ASN B 657 -44.30 -22.28 -17.31
CA ASN B 657 -44.07 -21.75 -18.66
C ASN B 657 -44.73 -20.41 -18.94
N ASN B 658 -45.85 -20.08 -18.31
CA ASN B 658 -46.56 -18.86 -18.68
C ASN B 658 -45.71 -17.64 -18.35
N SER B 659 -45.25 -16.94 -19.38
CA SER B 659 -44.33 -15.84 -19.19
C SER B 659 -45.01 -14.67 -18.47
N TYR B 660 -44.17 -13.83 -17.85
CA TYR B 660 -44.62 -12.64 -17.13
C TYR B 660 -43.49 -11.62 -17.18
N GLU B 661 -43.75 -10.45 -16.59
CA GLU B 661 -42.68 -9.48 -16.39
C GLU B 661 -41.61 -10.03 -15.46
N CYS B 662 -40.40 -9.49 -15.59
CA CYS B 662 -39.27 -9.91 -14.78
C CYS B 662 -39.33 -9.26 -13.41
N ASP B 663 -39.47 -10.07 -12.36
CA ASP B 663 -39.53 -9.54 -11.00
C ASP B 663 -38.14 -9.54 -10.36
N ILE B 664 -37.58 -10.73 -10.13
CA ILE B 664 -36.24 -10.89 -9.60
C ILE B 664 -35.36 -11.48 -10.71
N PRO B 665 -34.47 -10.70 -11.31
CA PRO B 665 -33.70 -11.22 -12.45
C PRO B 665 -32.72 -12.28 -11.99
N ILE B 666 -32.50 -13.26 -12.85
CA ILE B 666 -31.52 -14.29 -12.59
C ILE B 666 -30.47 -14.26 -13.68
N GLY B 667 -30.90 -14.39 -14.92
CA GLY B 667 -29.99 -14.33 -16.05
C GLY B 667 -30.52 -15.10 -17.23
N ALA B 668 -30.02 -14.74 -18.40
CA ALA B 668 -30.39 -15.42 -19.65
C ALA B 668 -31.90 -15.46 -19.83
N GLY B 669 -32.56 -14.36 -19.49
CA GLY B 669 -33.99 -14.25 -19.68
C GLY B 669 -34.86 -14.90 -18.63
N ILE B 670 -34.28 -15.51 -17.61
CA ILE B 670 -35.04 -16.20 -16.58
C ILE B 670 -35.15 -15.28 -15.37
N CYS B 671 -36.36 -15.14 -14.83
CA CYS B 671 -36.56 -14.33 -13.64
C CYS B 671 -37.46 -15.06 -12.66
N ALA B 672 -37.46 -14.59 -11.43
CA ALA B 672 -38.33 -15.17 -10.40
C ALA B 672 -39.40 -14.20 -9.90
N VAL B 687 -42.68 -14.77 -5.74
CA VAL B 687 -43.45 -15.83 -5.10
C VAL B 687 -44.92 -15.74 -5.51
N ALA B 688 -45.46 -16.86 -6.00
CA ALA B 688 -46.84 -16.91 -6.42
C ALA B 688 -47.35 -18.32 -6.20
N SER B 689 -48.64 -18.43 -5.87
CA SER B 689 -49.29 -19.70 -5.53
C SER B 689 -48.56 -20.37 -4.36
N GLN B 690 -48.03 -19.54 -3.46
CA GLN B 690 -47.35 -19.97 -2.24
C GLN B 690 -46.06 -20.73 -2.53
N SER B 691 -45.43 -20.45 -3.66
CA SER B 691 -44.08 -20.96 -3.91
C SER B 691 -43.32 -20.00 -4.80
N ILE B 692 -42.01 -20.17 -4.84
CA ILE B 692 -41.18 -19.38 -5.73
C ILE B 692 -41.28 -19.97 -7.12
N ILE B 693 -41.26 -19.13 -8.15
CA ILE B 693 -41.45 -19.56 -9.53
C ILE B 693 -40.32 -19.02 -10.38
N ALA B 694 -39.88 -19.83 -11.34
CA ALA B 694 -38.85 -19.48 -12.30
C ALA B 694 -39.44 -19.56 -13.70
N TYR B 695 -39.39 -18.46 -14.44
CA TYR B 695 -40.03 -18.40 -15.74
C TYR B 695 -39.20 -17.55 -16.68
N THR B 696 -39.59 -17.54 -17.95
CA THR B 696 -38.93 -16.73 -18.96
C THR B 696 -39.68 -15.42 -19.06
N MET B 697 -38.93 -14.33 -19.02
CA MET B 697 -39.58 -13.02 -19.01
C MET B 697 -40.23 -12.72 -20.35
N SER B 698 -41.35 -12.02 -20.28
CA SER B 698 -42.04 -11.50 -21.45
C SER B 698 -41.45 -10.14 -21.78
N LEU B 699 -41.49 -9.78 -23.05
CA LEU B 699 -40.99 -8.47 -23.41
C LEU B 699 -42.07 -7.40 -23.41
N GLY B 700 -43.32 -7.75 -23.13
CA GLY B 700 -44.39 -6.78 -23.10
C GLY B 700 -45.62 -7.24 -23.85
N ALA B 701 -46.67 -6.42 -23.72
CA ALA B 701 -47.96 -6.64 -24.35
C ALA B 701 -47.83 -6.63 -25.87
N GLU B 702 -48.04 -7.77 -26.51
CA GLU B 702 -47.93 -7.89 -27.97
C GLU B 702 -49.20 -7.37 -28.63
N ASN B 703 -49.19 -6.11 -29.05
CA ASN B 703 -50.30 -5.54 -29.78
C ASN B 703 -49.86 -5.27 -31.22
N SER B 704 -50.83 -5.04 -32.09
CA SER B 704 -50.49 -4.78 -33.49
C SER B 704 -51.48 -3.81 -34.10
N VAL B 705 -50.97 -2.64 -34.50
CA VAL B 705 -51.80 -1.64 -35.15
C VAL B 705 -52.15 -2.14 -36.54
N ALA B 706 -53.37 -1.87 -36.99
CA ALA B 706 -53.76 -2.27 -38.32
C ALA B 706 -53.31 -1.19 -39.30
N TYR B 707 -52.62 -1.61 -40.34
CA TYR B 707 -52.11 -0.67 -41.34
C TYR B 707 -52.91 -0.66 -42.64
N SER B 708 -53.36 0.54 -43.02
CA SER B 708 -54.13 0.73 -44.25
C SER B 708 -53.51 1.92 -44.97
N ASN B 709 -53.47 1.88 -46.30
CA ASN B 709 -52.87 2.98 -47.03
C ASN B 709 -53.87 4.10 -47.28
N ASN B 710 -55.08 3.97 -46.74
CA ASN B 710 -56.13 4.97 -46.88
C ASN B 710 -56.68 5.48 -45.55
N SER B 711 -56.43 4.79 -44.45
CA SER B 711 -57.00 5.15 -43.15
C SER B 711 -55.97 5.73 -42.18
N ILE B 712 -56.40 6.76 -41.45
CA ILE B 712 -55.57 7.44 -40.46
C ILE B 712 -56.39 7.59 -39.19
N ALA B 713 -55.73 7.46 -38.04
CA ALA B 713 -56.32 7.67 -36.72
C ALA B 713 -56.01 9.07 -36.20
N ILE B 714 -57.02 9.74 -35.64
CA ILE B 714 -56.83 11.09 -35.12
C ILE B 714 -57.34 11.20 -33.69
N PRO B 715 -56.48 11.67 -32.77
CA PRO B 715 -56.83 11.84 -31.36
C PRO B 715 -57.90 12.92 -31.19
N THR B 716 -58.82 12.71 -30.25
CA THR B 716 -59.89 13.66 -30.01
C THR B 716 -59.75 14.35 -28.65
N ASN B 717 -59.53 13.56 -27.61
CA ASN B 717 -59.37 14.09 -26.26
C ASN B 717 -57.90 14.15 -25.86
N PHE B 718 -57.63 14.83 -24.75
CA PHE B 718 -56.24 15.00 -24.34
C PHE B 718 -56.12 15.15 -22.82
N THR B 719 -55.10 14.49 -22.26
CA THR B 719 -54.79 14.53 -20.84
C THR B 719 -53.42 15.18 -20.64
N ILE B 720 -53.34 16.20 -19.81
CA ILE B 720 -52.06 16.76 -19.39
C ILE B 720 -51.59 15.99 -18.16
N SER B 721 -50.34 15.55 -18.16
CA SER B 721 -49.81 14.75 -17.06
C SER B 721 -48.45 15.26 -16.61
N VAL B 722 -48.28 15.35 -15.29
CA VAL B 722 -47.05 15.78 -14.64
C VAL B 722 -46.22 14.57 -14.21
N THR B 723 -44.92 14.61 -14.49
CA THR B 723 -44.01 13.51 -14.17
C THR B 723 -42.82 14.06 -13.39
N THR B 724 -42.19 13.22 -12.57
CA THR B 724 -41.10 13.65 -11.73
C THR B 724 -39.77 13.00 -12.16
N GLU B 725 -38.71 13.81 -12.21
CA GLU B 725 -37.40 13.27 -12.55
C GLU B 725 -36.35 13.84 -11.61
N ILE B 726 -35.60 12.96 -10.94
CA ILE B 726 -34.70 13.32 -9.85
C ILE B 726 -33.26 13.15 -10.31
N LEU B 727 -32.39 14.12 -9.97
CA LEU B 727 -30.99 14.03 -10.37
C LEU B 727 -30.08 14.54 -9.25
N PRO B 728 -29.07 13.77 -8.85
CA PRO B 728 -28.10 14.28 -7.87
C PRO B 728 -27.18 15.33 -8.46
N VAL B 729 -26.80 16.30 -7.64
CA VAL B 729 -25.85 17.33 -8.06
C VAL B 729 -24.75 17.66 -7.05
N SER B 730 -24.35 16.72 -6.18
CA SER B 730 -23.33 17.08 -5.21
C SER B 730 -22.90 15.85 -4.42
N MET B 731 -21.77 16.00 -3.71
CA MET B 731 -21.31 15.04 -2.72
C MET B 731 -20.73 15.78 -1.52
N THR B 732 -20.57 15.04 -0.43
CA THR B 732 -20.04 15.62 0.80
C THR B 732 -18.59 16.03 0.67
N LYS B 733 -18.29 17.27 1.03
CA LYS B 733 -16.97 17.88 0.88
C LYS B 733 -15.99 17.37 1.95
N THR B 734 -15.53 16.14 1.79
CA THR B 734 -14.69 15.52 2.81
C THR B 734 -13.26 16.07 2.76
N SER B 735 -12.51 15.86 3.84
CA SER B 735 -11.11 16.25 3.90
C SER B 735 -10.35 15.37 4.88
N VAL B 736 -9.11 15.01 4.53
CA VAL B 736 -8.31 14.11 5.35
C VAL B 736 -6.94 14.71 5.67
N ASP B 737 -6.60 14.75 6.96
CA ASP B 737 -5.28 15.12 7.46
C ASP B 737 -4.41 13.87 7.53
N CYS B 738 -3.48 13.73 6.58
CA CYS B 738 -2.70 12.50 6.48
C CYS B 738 -1.96 12.16 7.76
N THR B 739 -1.08 13.06 8.20
CA THR B 739 -0.17 12.76 9.31
C THR B 739 -0.90 12.25 10.54
N MET B 740 -2.05 12.84 10.87
CA MET B 740 -2.83 12.33 11.98
C MET B 740 -3.34 10.92 11.69
N TYR B 741 -3.78 10.67 10.46
CA TYR B 741 -4.31 9.36 10.10
C TYR B 741 -3.24 8.27 10.18
N ILE B 742 -2.09 8.52 9.55
CA ILE B 742 -1.05 7.50 9.48
C ILE B 742 -0.36 7.34 10.82
N CYS B 743 0.04 8.44 11.46
CA CYS B 743 0.89 8.36 12.64
C CYS B 743 0.17 8.75 13.93
N GLY B 744 -0.62 9.80 13.94
CA GLY B 744 -1.31 10.19 15.15
C GLY B 744 -0.43 10.55 16.32
N ASP B 745 0.20 11.71 16.26
CA ASP B 745 1.06 12.22 17.32
C ASP B 745 2.23 11.28 17.63
N SER B 746 2.83 10.71 16.59
CA SER B 746 3.99 9.84 16.77
C SER B 746 5.18 10.49 16.07
N THR B 747 6.19 10.88 16.86
CA THR B 747 7.36 11.52 16.29
C THR B 747 8.12 10.56 15.39
N GLU B 748 8.33 9.33 15.88
CA GLU B 748 9.08 8.32 15.15
C GLU B 748 8.37 7.96 13.86
N CYS B 749 7.04 7.81 13.92
CA CYS B 749 6.30 7.53 12.70
C CYS B 749 6.44 8.68 11.72
N SER B 750 6.42 9.92 12.21
CA SER B 750 6.59 11.05 11.31
C SER B 750 7.94 10.96 10.62
N ASN B 751 9.00 10.80 11.41
CA ASN B 751 10.34 10.58 10.87
C ASN B 751 10.35 9.49 9.83
N LEU B 752 9.58 8.43 10.05
CA LEU B 752 9.51 7.32 9.10
C LEU B 752 8.54 7.61 7.98
N LEU B 753 7.93 8.79 7.97
CA LEU B 753 7.05 9.24 6.92
C LEU B 753 7.75 10.19 5.97
N LEU B 754 8.63 11.04 6.49
CA LEU B 754 9.35 11.96 5.60
C LEU B 754 10.10 11.21 4.52
N GLN B 755 10.58 10.01 4.83
CA GLN B 755 11.30 9.22 3.84
C GLN B 755 10.45 8.91 2.61
N TYR B 756 9.13 9.09 2.68
CA TYR B 756 8.25 8.79 1.56
C TYR B 756 7.89 10.00 0.72
N GLY B 757 8.42 11.16 1.05
CA GLY B 757 8.24 12.36 0.23
C GLY B 757 6.92 13.10 0.27
N SER B 758 6.44 13.52 -0.90
CA SER B 758 5.28 14.40 -1.01
C SER B 758 3.94 13.69 -1.10
N PHE B 759 3.86 12.42 -0.69
CA PHE B 759 2.61 11.68 -0.81
C PHE B 759 1.43 12.44 -0.22
N CYS B 760 1.54 12.87 1.03
CA CYS B 760 0.41 13.53 1.68
C CYS B 760 0.02 14.83 1.00
N THR B 761 1.00 15.61 0.56
CA THR B 761 0.64 16.87 -0.09
C THR B 761 -0.22 16.59 -1.31
N GLN B 762 0.20 15.62 -2.11
CA GLN B 762 -0.55 15.25 -3.30
C GLN B 762 -1.96 14.78 -2.97
N LEU B 763 -2.10 13.92 -1.96
CA LEU B 763 -3.44 13.44 -1.61
C LEU B 763 -4.33 14.59 -1.15
N ASN B 764 -3.77 15.48 -0.33
CA ASN B 764 -4.54 16.60 0.17
C ASN B 764 -5.01 17.46 -0.98
N ARG B 765 -4.11 17.74 -1.92
CA ARG B 765 -4.47 18.55 -3.07
C ARG B 765 -5.60 17.91 -3.86
N ALA B 766 -5.57 16.59 -4.01
CA ALA B 766 -6.63 15.92 -4.75
C ALA B 766 -7.98 16.14 -4.08
N LEU B 767 -8.04 15.94 -2.76
CA LEU B 767 -9.31 16.15 -2.08
C LEU B 767 -9.75 17.60 -2.09
N THR B 768 -8.81 18.53 -2.19
CA THR B 768 -9.21 19.92 -2.28
C THR B 768 -9.83 20.21 -3.63
N GLY B 769 -9.24 19.64 -4.68
CA GLY B 769 -9.78 19.88 -6.00
C GLY B 769 -11.20 19.38 -6.12
N ILE B 770 -11.46 18.17 -5.63
CA ILE B 770 -12.83 17.65 -5.69
C ILE B 770 -13.78 18.54 -4.87
N ALA B 771 -13.39 18.91 -3.65
CA ALA B 771 -14.30 19.74 -2.86
C ALA B 771 -14.65 21.07 -3.54
N VAL B 772 -13.69 21.68 -4.23
CA VAL B 772 -14.00 22.88 -4.99
C VAL B 772 -14.96 22.56 -6.13
N GLU B 773 -14.77 21.41 -6.77
CA GLU B 773 -15.66 21.05 -7.85
C GLU B 773 -17.08 20.88 -7.32
N GLN B 774 -17.21 20.34 -6.11
CA GLN B 774 -18.53 20.15 -5.52
C GLN B 774 -19.22 21.48 -5.28
N ASP B 775 -18.46 22.50 -4.89
CA ASP B 775 -19.13 23.80 -4.73
C ASP B 775 -19.49 24.42 -6.07
N LYS B 776 -18.75 24.04 -7.11
CA LYS B 776 -19.00 24.60 -8.42
C LYS B 776 -20.21 23.97 -9.10
N ASN B 777 -20.44 22.68 -8.89
CA ASN B 777 -21.62 22.08 -9.54
C ASN B 777 -22.91 22.75 -9.09
N THR B 778 -22.97 23.20 -7.86
CA THR B 778 -24.20 23.83 -7.40
C THR B 778 -24.26 25.27 -7.86
N GLN B 779 -23.12 25.97 -7.85
CA GLN B 779 -23.16 27.32 -8.42
C GLN B 779 -23.54 27.27 -9.89
N GLU B 780 -23.19 26.20 -10.59
CA GLU B 780 -23.43 26.12 -12.02
C GLU B 780 -24.83 25.64 -12.35
N VAL B 781 -25.51 24.99 -11.43
CA VAL B 781 -26.85 24.49 -11.71
C VAL B 781 -27.92 25.45 -11.23
N PHE B 782 -27.85 25.91 -9.98
CA PHE B 782 -28.97 26.71 -9.51
C PHE B 782 -28.85 28.17 -9.91
N ALA B 783 -27.66 28.74 -9.89
CA ALA B 783 -27.49 30.18 -10.08
C ALA B 783 -27.55 30.53 -11.57
N GLN B 784 -28.73 30.33 -12.14
CA GLN B 784 -28.94 30.62 -13.56
C GLN B 784 -29.62 31.97 -13.78
N VAL B 785 -30.14 32.60 -12.74
CA VAL B 785 -30.90 33.84 -12.85
C VAL B 785 -30.18 34.91 -12.05
N LYS B 786 -30.07 36.11 -12.63
CA LYS B 786 -29.35 37.19 -11.97
C LYS B 786 -30.17 37.95 -10.93
N GLN B 787 -31.49 37.93 -11.01
CA GLN B 787 -32.32 38.63 -10.04
C GLN B 787 -33.10 37.64 -9.20
N ILE B 788 -33.74 38.16 -8.16
CA ILE B 788 -34.61 37.34 -7.33
C ILE B 788 -36.04 37.82 -7.52
N TYR B 789 -36.74 37.21 -8.46
CA TYR B 789 -38.12 37.58 -8.73
C TYR B 789 -39.00 37.14 -7.57
N LYS B 790 -40.10 37.85 -7.37
CA LYS B 790 -41.01 37.49 -6.30
C LYS B 790 -42.41 37.31 -6.84
N THR B 791 -43.10 36.30 -6.31
CA THR B 791 -44.49 36.06 -6.65
C THR B 791 -45.39 37.23 -6.29
N PRO B 792 -46.24 37.68 -7.20
CA PRO B 792 -47.18 38.76 -6.88
C PRO B 792 -48.01 38.41 -5.66
N PRO B 793 -48.42 39.40 -4.88
CA PRO B 793 -49.18 39.09 -3.65
C PRO B 793 -50.53 38.45 -3.92
N ILE B 794 -51.32 39.00 -4.83
CA ILE B 794 -52.57 38.37 -5.27
C ILE B 794 -52.27 37.30 -6.30
N LYS B 795 -52.96 36.18 -6.19
CA LYS B 795 -52.69 34.98 -6.99
C LYS B 795 -53.96 34.62 -7.75
N ASP B 796 -53.99 34.95 -9.03
CA ASP B 796 -55.13 34.73 -9.91
C ASP B 796 -54.69 34.12 -11.23
N PHE B 797 -53.91 33.04 -11.15
CA PHE B 797 -53.26 32.48 -12.32
C PHE B 797 -54.22 31.68 -13.17
N GLY B 798 -55.35 32.28 -13.51
CA GLY B 798 -56.30 31.65 -14.41
C GLY B 798 -56.87 30.35 -13.91
N GLY B 799 -56.94 30.15 -12.61
CA GLY B 799 -57.49 28.93 -12.07
C GLY B 799 -56.50 27.85 -11.72
N PHE B 800 -55.23 27.99 -12.09
CA PHE B 800 -54.28 26.92 -11.83
C PHE B 800 -53.74 27.02 -10.41
N ASN B 801 -53.97 25.96 -9.63
CA ASN B 801 -53.65 25.96 -8.21
C ASN B 801 -52.15 25.77 -8.03
N PHE B 802 -51.48 26.75 -7.45
CA PHE B 802 -50.04 26.68 -7.21
C PHE B 802 -49.63 26.57 -5.76
N SER B 803 -50.58 26.52 -4.84
CA SER B 803 -50.25 26.72 -3.44
C SER B 803 -49.32 25.64 -2.91
N GLN B 804 -49.32 24.46 -3.51
CA GLN B 804 -48.46 23.41 -3.00
C GLN B 804 -47.08 23.43 -3.64
N ILE B 805 -46.86 24.28 -4.62
CA ILE B 805 -45.59 24.37 -5.32
C ILE B 805 -44.73 25.51 -4.80
N LEU B 806 -45.35 26.63 -4.46
CA LEU B 806 -44.73 27.86 -3.98
C LEU B 806 -44.37 27.78 -2.51
N PRO B 807 -43.37 28.56 -2.08
CA PRO B 807 -43.09 28.69 -0.66
C PRO B 807 -44.26 29.20 0.15
N ASP B 808 -44.32 28.72 1.39
CA ASP B 808 -45.33 29.08 2.38
C ASP B 808 -44.65 29.83 3.51
N PRO B 809 -44.85 31.13 3.65
CA PRO B 809 -44.04 31.92 4.59
C PRO B 809 -44.19 31.50 6.05
N SER B 810 -44.95 30.43 6.29
CA SER B 810 -45.02 29.86 7.63
C SER B 810 -43.65 29.43 8.11
N LYS B 811 -42.91 28.70 7.29
CA LYS B 811 -41.58 28.25 7.67
C LYS B 811 -40.63 29.45 7.73
N ARG B 815 -39.68 27.08 2.81
CA ARG B 815 -39.75 26.13 1.71
C ARG B 815 -41.20 25.83 1.35
N SER B 816 -41.41 25.23 0.17
CA SER B 816 -42.74 24.81 -0.22
C SER B 816 -43.10 23.48 0.45
N PHE B 817 -44.38 23.14 0.36
CA PHE B 817 -44.85 21.89 0.96
C PHE B 817 -44.11 20.69 0.40
N ILE B 818 -44.01 20.59 -0.92
CA ILE B 818 -43.34 19.45 -1.54
C ILE B 818 -41.90 19.36 -1.06
N GLU B 819 -41.19 20.49 -1.00
CA GLU B 819 -39.81 20.44 -0.57
C GLU B 819 -39.69 19.88 0.85
N ASP B 820 -40.55 20.34 1.77
CA ASP B 820 -40.55 19.78 3.12
C ASP B 820 -40.77 18.28 3.08
N LEU B 821 -41.67 17.83 2.21
CA LEU B 821 -41.91 16.41 2.10
C LEU B 821 -40.65 15.71 1.64
N LEU B 822 -39.97 16.29 0.67
CA LEU B 822 -38.75 15.69 0.17
C LEU B 822 -37.71 15.58 1.28
N PHE B 823 -37.63 16.62 2.12
CA PHE B 823 -36.63 16.60 3.18
C PHE B 823 -37.03 15.68 4.31
N ASN B 824 -38.20 15.08 4.22
CA ASN B 824 -38.66 14.14 5.23
C ASN B 824 -38.52 12.70 4.76
N LYS B 825 -37.94 12.50 3.58
CA LYS B 825 -37.84 11.17 2.98
C LYS B 825 -36.41 10.67 2.85
N VAL B 826 -35.41 11.44 3.26
CA VAL B 826 -34.02 11.01 3.15
C VAL B 826 -33.48 10.74 4.55
N THR B 827 -32.39 10.00 4.61
CA THR B 827 -31.89 9.42 5.85
C THR B 827 -30.44 9.81 6.09
N LEU B 828 -30.17 11.11 6.00
CA LEU B 828 -28.84 11.65 6.30
C LEU B 828 -28.29 11.16 7.64
N GLN B 853 -20.47 11.74 11.15
CA GLN B 853 -19.57 12.57 11.94
C GLN B 853 -18.11 12.27 11.62
N LYS B 854 -17.21 13.00 12.27
CA LYS B 854 -15.77 12.81 12.11
C LYS B 854 -15.12 12.56 13.46
N PHE B 855 -14.05 11.78 13.46
CA PHE B 855 -13.41 11.48 14.74
C PHE B 855 -11.92 11.81 14.73
N ASN B 856 -11.16 11.31 13.76
CA ASN B 856 -9.73 11.62 13.74
C ASN B 856 -9.21 11.76 12.33
N GLY B 857 -8.51 12.85 12.06
CA GLY B 857 -7.85 13.08 10.79
C GLY B 857 -8.82 13.40 9.67
N LEU B 858 -10.07 13.02 9.90
CA LEU B 858 -11.16 13.15 8.95
C LEU B 858 -12.05 14.33 9.32
N THR B 859 -12.47 15.10 8.34
CA THR B 859 -13.43 16.15 8.60
C THR B 859 -14.34 16.32 7.39
N VAL B 860 -15.30 17.23 7.51
CA VAL B 860 -16.24 17.53 6.45
C VAL B 860 -16.43 19.04 6.41
N LEU B 861 -16.44 19.55 5.28
CA LEU B 861 -16.63 20.98 5.19
C LEU B 861 -18.07 21.31 4.87
N PRO B 862 -18.57 22.45 5.34
CA PRO B 862 -19.91 22.88 4.98
C PRO B 862 -19.96 23.34 3.54
N PRO B 863 -21.12 23.30 2.90
CA PRO B 863 -21.22 23.86 1.55
C PRO B 863 -21.23 25.38 1.57
N LEU B 864 -20.87 25.97 0.43
CA LEU B 864 -20.95 27.42 0.28
C LEU B 864 -22.39 27.91 0.34
N LEU B 865 -23.30 27.23 -0.37
CA LEU B 865 -24.69 27.67 -0.47
C LEU B 865 -25.56 26.86 0.50
N THR B 866 -26.19 27.56 1.43
CA THR B 866 -27.02 26.89 2.42
C THR B 866 -28.41 26.57 1.86
N ASP B 867 -29.13 25.73 2.60
CA ASP B 867 -30.46 25.28 2.17
C ASP B 867 -31.41 26.43 1.93
N GLU B 868 -31.50 27.36 2.86
CA GLU B 868 -32.43 28.48 2.68
C GLU B 868 -31.95 29.47 1.66
N MET B 869 -30.82 29.22 1.03
CA MET B 869 -30.38 29.99 -0.13
C MET B 869 -30.74 29.29 -1.42
N ILE B 870 -30.57 27.98 -1.46
CA ILE B 870 -30.97 27.24 -2.65
C ILE B 870 -32.47 27.32 -2.82
N ALA B 871 -33.22 27.12 -1.74
CA ALA B 871 -34.67 27.24 -1.87
C ALA B 871 -35.09 28.63 -2.30
N GLN B 872 -34.19 29.60 -2.24
CA GLN B 872 -34.52 30.92 -2.75
C GLN B 872 -34.18 31.06 -4.21
N TYR B 873 -33.24 30.26 -4.69
CA TYR B 873 -33.08 30.18 -6.14
C TYR B 873 -34.26 29.46 -6.77
N THR B 874 -34.71 28.37 -6.17
CA THR B 874 -35.85 27.65 -6.74
C THR B 874 -37.09 28.51 -6.72
N SER B 875 -37.38 29.15 -5.57
CA SER B 875 -38.51 30.05 -5.49
C SER B 875 -38.32 31.34 -6.27
N ALA B 876 -37.16 31.56 -6.88
CA ALA B 876 -37.10 32.66 -7.85
C ALA B 876 -37.31 32.17 -9.27
N LEU B 877 -36.69 31.05 -9.66
CA LEU B 877 -36.90 30.58 -11.01
C LEU B 877 -38.35 30.17 -11.22
N LEU B 878 -39.00 29.71 -10.16
CA LEU B 878 -40.38 29.29 -10.30
C LEU B 878 -41.33 30.47 -10.23
N ALA B 879 -40.94 31.55 -9.56
CA ALA B 879 -41.78 32.73 -9.60
C ALA B 879 -41.52 33.55 -10.83
N GLY B 880 -40.49 33.23 -11.59
CA GLY B 880 -40.28 33.86 -12.86
C GLY B 880 -40.99 33.15 -13.99
N THR B 881 -40.75 31.85 -14.15
CA THR B 881 -41.39 31.12 -15.23
C THR B 881 -42.90 31.29 -15.26
N ILE B 882 -43.53 31.51 -14.10
CA ILE B 882 -44.98 31.68 -14.04
C ILE B 882 -45.37 33.03 -14.61
N THR B 883 -44.80 34.09 -14.08
CA THR B 883 -45.31 35.39 -14.47
C THR B 883 -44.86 35.72 -15.88
N SER B 884 -43.60 35.48 -16.19
CA SER B 884 -43.03 36.02 -17.41
C SER B 884 -42.86 34.99 -18.54
N GLY B 885 -43.28 33.73 -18.36
CA GLY B 885 -42.97 32.86 -19.47
C GLY B 885 -41.48 32.68 -19.55
N TRP B 886 -40.97 32.38 -20.73
CA TRP B 886 -39.56 32.05 -20.87
C TRP B 886 -38.69 33.28 -21.08
N THR B 887 -39.28 34.45 -21.24
CA THR B 887 -38.48 35.63 -21.53
C THR B 887 -37.67 36.08 -20.32
N PHE B 888 -38.14 35.76 -19.13
CA PHE B 888 -37.43 36.16 -17.91
C PHE B 888 -35.95 35.83 -18.00
N GLY B 889 -35.62 34.64 -18.51
CA GLY B 889 -34.25 34.19 -18.59
C GLY B 889 -33.57 34.42 -19.92
N ALA B 890 -34.17 35.23 -20.79
CA ALA B 890 -33.67 35.58 -22.11
C ALA B 890 -33.17 37.01 -22.14
N GLY B 891 -33.83 37.88 -21.38
CA GLY B 891 -33.57 39.30 -21.28
C GLY B 891 -34.40 39.83 -20.14
N ALA B 892 -34.89 41.05 -20.22
CA ALA B 892 -35.73 41.60 -19.17
C ALA B 892 -37.02 40.79 -19.07
N ALA B 893 -37.47 40.53 -17.84
CA ALA B 893 -38.73 39.80 -17.68
C ALA B 893 -39.89 40.63 -18.23
N LEU B 894 -40.83 39.94 -18.89
CA LEU B 894 -42.01 40.58 -19.46
C LEU B 894 -43.28 39.93 -18.94
N GLN B 895 -44.01 40.63 -18.08
CA GLN B 895 -45.24 40.10 -17.50
C GLN B 895 -46.24 39.77 -18.60
N ILE B 896 -46.87 38.61 -18.49
CA ILE B 896 -47.88 38.19 -19.45
C ILE B 896 -48.94 37.40 -18.69
N PRO B 897 -50.22 37.59 -18.96
CA PRO B 897 -51.24 36.71 -18.39
C PRO B 897 -50.94 35.25 -18.63
N PHE B 898 -51.11 34.45 -17.59
CA PHE B 898 -50.74 33.04 -17.63
C PHE B 898 -51.49 32.30 -18.73
N ALA B 899 -52.81 32.50 -18.82
CA ALA B 899 -53.59 31.74 -19.80
C ALA B 899 -53.08 31.96 -21.21
N MET B 900 -52.68 33.17 -21.54
CA MET B 900 -52.14 33.41 -22.87
C MET B 900 -50.82 32.69 -23.07
N GLN B 901 -50.00 32.65 -22.02
CA GLN B 901 -48.75 31.91 -22.11
C GLN B 901 -49.02 30.44 -22.41
N MET B 902 -49.97 29.85 -21.71
CA MET B 902 -50.29 28.46 -22.00
C MET B 902 -50.80 28.30 -23.42
N ALA B 903 -51.61 29.25 -23.88
CA ALA B 903 -52.11 29.18 -25.25
C ALA B 903 -50.96 29.15 -26.23
N TYR B 904 -49.95 29.99 -25.99
CA TYR B 904 -48.79 29.97 -26.86
C TYR B 904 -48.10 28.61 -26.82
N ARG B 905 -47.92 28.06 -25.63
CA ARG B 905 -47.28 26.75 -25.54
C ARG B 905 -48.05 25.70 -26.35
N PHE B 906 -49.37 25.74 -26.30
CA PHE B 906 -50.16 24.81 -27.10
C PHE B 906 -49.89 25.05 -28.58
N ASN B 907 -49.84 26.30 -28.98
CA ASN B 907 -49.48 26.60 -30.36
C ASN B 907 -48.14 25.97 -30.72
N GLY B 908 -47.16 26.15 -29.85
CA GLY B 908 -45.83 25.61 -30.10
C GLY B 908 -45.78 24.10 -30.28
N ILE B 909 -46.54 23.35 -29.48
CA ILE B 909 -46.56 21.91 -29.71
C ILE B 909 -47.10 21.61 -31.10
N GLY B 910 -48.08 22.39 -31.55
CA GLY B 910 -48.76 22.16 -32.81
C GLY B 910 -50.26 21.95 -32.73
N VAL B 911 -50.86 22.52 -31.69
CA VAL B 911 -52.29 22.53 -31.49
C VAL B 911 -52.72 23.98 -31.56
N THR B 912 -53.72 24.28 -32.38
CA THR B 912 -54.15 25.66 -32.52
C THR B 912 -54.60 26.23 -31.18
N GLN B 913 -54.13 27.44 -30.89
CA GLN B 913 -54.38 28.10 -29.61
C GLN B 913 -55.80 27.98 -29.08
N ASN B 914 -56.80 28.18 -29.93
CA ASN B 914 -58.16 28.30 -29.41
C ASN B 914 -58.59 27.12 -28.58
N VAL B 915 -57.97 25.95 -28.77
CA VAL B 915 -58.41 24.77 -28.02
C VAL B 915 -58.28 25.05 -26.54
N LEU B 916 -57.18 25.69 -26.14
CA LEU B 916 -56.98 25.99 -24.74
C LEU B 916 -58.13 26.82 -24.22
N TYR B 917 -58.48 27.89 -24.91
CA TYR B 917 -59.48 28.78 -24.37
C TYR B 917 -60.79 28.05 -24.19
N GLU B 918 -61.16 27.25 -25.18
CA GLU B 918 -62.43 26.53 -25.09
C GLU B 918 -62.44 25.52 -23.95
N ASN B 919 -61.32 24.88 -23.67
CA ASN B 919 -61.24 23.83 -22.65
C ASN B 919 -60.47 24.24 -21.41
N GLN B 920 -60.33 25.54 -21.16
CA GLN B 920 -59.49 25.98 -20.05
C GLN B 920 -59.90 25.37 -18.71
N LYS B 921 -61.19 25.29 -18.43
CA LYS B 921 -61.61 24.81 -17.12
C LYS B 921 -61.27 23.34 -16.92
N LEU B 922 -61.33 22.54 -17.99
CA LEU B 922 -61.01 21.13 -17.86
C LEU B 922 -59.52 20.94 -17.72
N ILE B 923 -58.74 21.76 -18.43
CA ILE B 923 -57.30 21.66 -18.33
C ILE B 923 -56.86 22.01 -16.92
N ALA B 924 -57.41 23.09 -16.36
CA ALA B 924 -57.06 23.44 -15.00
C ALA B 924 -57.41 22.33 -14.02
N ASN B 925 -58.56 21.67 -14.23
CA ASN B 925 -58.95 20.60 -13.33
C ASN B 925 -57.96 19.44 -13.40
N GLN B 926 -57.59 19.05 -14.62
CA GLN B 926 -56.63 17.95 -14.77
C GLN B 926 -55.29 18.30 -14.14
N PHE B 927 -54.84 19.53 -14.34
CA PHE B 927 -53.58 19.97 -13.76
C PHE B 927 -53.61 19.83 -12.26
N ASN B 928 -54.66 20.36 -11.63
CA ASN B 928 -54.75 20.35 -10.17
C ASN B 928 -54.78 18.92 -9.64
N SER B 929 -55.67 18.09 -10.18
CA SER B 929 -55.70 16.71 -9.72
C SER B 929 -54.39 15.98 -9.97
N ALA B 930 -53.58 16.45 -10.92
CA ALA B 930 -52.30 15.78 -11.12
C ALA B 930 -51.30 16.20 -10.06
N ILE B 931 -51.33 17.47 -9.68
CA ILE B 931 -50.41 17.91 -8.63
C ILE B 931 -50.74 17.17 -7.34
N GLY B 932 -52.01 17.16 -6.96
CA GLY B 932 -52.37 16.41 -5.77
C GLY B 932 -52.02 14.93 -5.86
N LYS B 933 -51.93 14.40 -7.08
CA LYS B 933 -51.54 13.01 -7.21
C LYS B 933 -50.07 12.85 -6.87
N ILE B 934 -49.22 13.76 -7.36
CA ILE B 934 -47.80 13.65 -7.00
C ILE B 934 -47.61 13.81 -5.51
N GLN B 935 -48.27 14.80 -4.92
CA GLN B 935 -48.15 15.00 -3.47
C GLN B 935 -48.47 13.72 -2.69
N ASP B 936 -49.48 12.98 -3.14
CA ASP B 936 -49.79 11.75 -2.41
C ASP B 936 -48.84 10.61 -2.76
N SER B 937 -48.45 10.49 -4.04
CA SER B 937 -47.46 9.49 -4.41
C SER B 937 -46.18 9.65 -3.61
N LEU B 938 -45.72 10.89 -3.47
CA LEU B 938 -44.50 11.15 -2.70
C LEU B 938 -44.71 10.79 -1.23
N SER B 939 -45.70 11.39 -0.58
CA SER B 939 -45.78 11.24 0.87
C SER B 939 -46.07 9.79 1.25
N SER B 940 -47.04 9.16 0.60
CA SER B 940 -47.47 7.84 1.04
C SER B 940 -46.62 6.70 0.51
N THR B 941 -45.76 6.91 -0.48
CA THR B 941 -44.91 5.86 -1.02
C THR B 941 -43.44 6.20 -0.79
N ALA B 942 -42.81 5.47 0.12
CA ALA B 942 -41.40 5.63 0.42
C ALA B 942 -40.54 5.08 -0.72
N SER B 943 -39.23 5.21 -0.56
CA SER B 943 -38.22 4.75 -1.51
C SER B 943 -38.40 5.35 -2.91
N ALA B 944 -39.03 6.51 -3.01
CA ALA B 944 -39.15 7.20 -4.28
C ALA B 944 -37.93 8.04 -4.61
N LEU B 945 -36.96 8.13 -3.71
CA LEU B 945 -35.73 8.90 -3.93
C LEU B 945 -34.48 8.04 -3.82
N GLY B 946 -34.54 6.83 -4.40
CA GLY B 946 -33.39 5.96 -4.40
C GLY B 946 -32.12 6.56 -4.96
N LYS B 947 -32.24 7.42 -5.97
CA LYS B 947 -31.05 8.00 -6.58
C LYS B 947 -30.22 8.80 -5.58
N LEU B 948 -30.86 9.53 -4.67
CA LEU B 948 -30.10 10.32 -3.71
C LEU B 948 -29.61 9.47 -2.55
N GLN B 949 -30.45 8.54 -2.10
CA GLN B 949 -30.09 7.70 -0.96
C GLN B 949 -28.90 6.83 -1.27
N ASP B 950 -28.80 6.31 -2.51
CA ASP B 950 -27.64 5.51 -2.83
C ASP B 950 -26.36 6.31 -2.69
N VAL B 951 -26.35 7.55 -3.19
CA VAL B 951 -25.16 8.38 -3.08
C VAL B 951 -24.76 8.59 -1.63
N VAL B 952 -25.74 8.90 -0.78
CA VAL B 952 -25.40 9.09 0.63
C VAL B 952 -24.83 7.81 1.21
N ASN B 953 -25.47 6.69 0.93
CA ASN B 953 -25.02 5.41 1.47
C ASN B 953 -23.62 5.06 1.01
N GLN B 954 -23.32 5.27 -0.27
CA GLN B 954 -21.99 4.89 -0.75
C GLN B 954 -20.92 5.75 -0.12
N ASN B 955 -21.19 7.05 0.04
CA ASN B 955 -20.22 7.89 0.73
C ASN B 955 -19.97 7.39 2.15
N ALA B 956 -21.05 7.12 2.88
CA ALA B 956 -20.89 6.64 4.25
C ALA B 956 -20.14 5.32 4.29
N GLN B 957 -20.42 4.43 3.35
CA GLN B 957 -19.75 3.13 3.35
C GLN B 957 -18.25 3.29 3.10
N ALA B 958 -17.89 4.21 2.20
CA ALA B 958 -16.47 4.42 1.93
C ALA B 958 -15.77 4.94 3.17
N LEU B 959 -16.39 5.89 3.84
CA LEU B 959 -15.75 6.46 5.02
C LEU B 959 -15.65 5.42 6.13
N ASN B 960 -16.69 4.63 6.33
CA ASN B 960 -16.67 3.62 7.38
C ASN B 960 -15.57 2.59 7.13
N THR B 961 -15.47 2.08 5.91
CA THR B 961 -14.41 1.11 5.65
C THR B 961 -13.05 1.74 5.87
N LEU B 962 -12.87 2.97 5.41
CA LEU B 962 -11.57 3.61 5.59
C LEU B 962 -11.20 3.68 7.06
N VAL B 963 -12.16 4.05 7.92
CA VAL B 963 -11.87 4.12 9.35
C VAL B 963 -11.54 2.73 9.89
N LYS B 964 -12.33 1.73 9.52
CA LYS B 964 -12.11 0.38 10.01
C LYS B 964 -10.71 -0.12 9.71
N GLN B 965 -10.14 0.27 8.57
CA GLN B 965 -8.83 -0.22 8.18
C GLN B 965 -7.72 0.05 9.20
N LEU B 966 -7.88 1.02 10.10
CA LEU B 966 -6.82 1.29 11.07
C LEU B 966 -6.52 0.12 12.00
N SER B 967 -7.45 -0.81 12.21
CA SER B 967 -7.15 -1.91 13.10
C SER B 967 -6.49 -3.08 12.40
N SER B 968 -6.34 -3.02 11.08
CA SER B 968 -5.68 -4.08 10.34
C SER B 968 -4.20 -4.18 10.72
N ASN B 969 -3.69 -5.40 10.79
CA ASN B 969 -2.30 -5.61 11.19
C ASN B 969 -1.31 -5.44 10.05
N PHE B 970 -1.67 -5.90 8.84
CA PHE B 970 -0.78 -5.84 7.69
C PHE B 970 0.48 -6.66 7.94
N GLY B 971 0.33 -7.74 8.67
CA GLY B 971 1.45 -8.59 8.99
C GLY B 971 2.31 -8.10 10.12
N ALA B 972 1.95 -6.98 10.73
CA ALA B 972 2.75 -6.47 11.82
C ALA B 972 2.50 -7.29 13.07
N ILE B 973 3.37 -7.11 14.07
CA ILE B 973 3.16 -7.75 15.37
C ILE B 973 1.85 -7.29 16.00
N SER B 974 1.55 -6.00 15.90
CA SER B 974 0.34 -5.47 16.51
C SER B 974 -0.14 -4.26 15.72
N SER B 975 -1.47 -4.09 15.69
CA SER B 975 -2.10 -2.96 15.01
C SER B 975 -1.96 -1.62 15.70
N VAL B 976 -1.54 -1.57 16.96
CA VAL B 976 -1.47 -0.32 17.69
C VAL B 976 -0.02 0.14 17.74
N LEU B 977 0.22 1.35 17.22
CA LEU B 977 1.57 1.90 17.17
C LEU B 977 2.17 2.09 18.56
N ASN B 978 1.34 2.51 19.51
CA ASN B 978 1.84 2.80 20.84
C ASN B 978 2.38 1.56 21.53
N ASP B 979 1.84 0.38 21.22
CA ASP B 979 2.28 -0.80 21.96
C ASP B 979 3.52 -1.40 21.33
N ILE B 980 3.52 -1.54 20.00
CA ILE B 980 4.72 -1.99 19.32
C ILE B 980 5.89 -1.13 19.77
N LEU B 981 5.71 0.20 19.76
CA LEU B 981 6.82 1.05 20.18
C LEU B 981 7.13 0.84 21.65
N SER B 982 6.10 0.77 22.50
CA SER B 982 6.29 0.71 23.94
C SER B 982 7.01 -0.54 24.41
N ARG B 983 7.04 -1.61 23.61
CA ARG B 983 7.67 -2.83 24.10
C ARG B 983 8.74 -3.41 23.18
N LEU B 984 9.15 -2.71 22.14
CA LEU B 984 10.11 -3.21 21.16
C LEU B 984 11.31 -2.28 21.04
N ASP B 985 12.48 -2.88 20.84
CA ASP B 985 13.69 -2.11 20.55
C ASP B 985 13.54 -1.34 19.24
N PRO B 986 14.19 -0.17 19.15
CA PRO B 986 14.07 0.68 17.96
C PRO B 986 14.28 -0.06 16.63
N PRO B 987 15.26 -0.97 16.51
CA PRO B 987 15.39 -1.68 15.23
C PRO B 987 14.11 -2.37 14.74
N GLU B 988 13.70 -3.38 15.52
CA GLU B 988 12.51 -4.12 15.14
C GLU B 988 11.26 -3.26 15.23
N ALA B 989 11.21 -2.36 16.22
CA ALA B 989 10.04 -1.50 16.33
C ALA B 989 9.88 -0.71 15.05
N GLU B 990 10.98 -0.20 14.53
CA GLU B 990 10.96 0.57 13.29
C GLU B 990 10.52 -0.29 12.12
N VAL B 991 10.96 -1.54 12.07
CA VAL B 991 10.53 -2.41 10.98
C VAL B 991 9.01 -2.60 11.02
N GLN B 992 8.48 -2.84 12.21
CA GLN B 992 7.04 -3.04 12.36
C GLN B 992 6.29 -1.77 11.99
N ILE B 993 6.82 -0.62 12.39
CA ILE B 993 6.18 0.64 12.07
C ILE B 993 6.15 0.84 10.57
N ASP B 994 7.26 0.55 9.90
CA ASP B 994 7.29 0.65 8.45
C ASP B 994 6.20 -0.19 7.82
N ARG B 995 5.95 -1.38 8.38
CA ARG B 995 4.90 -2.23 7.81
C ARG B 995 3.53 -1.60 7.98
N LEU B 996 3.24 -1.08 9.17
CA LEU B 996 1.95 -0.43 9.37
C LEU B 996 1.80 0.79 8.49
N ILE B 997 2.86 1.57 8.34
CA ILE B 997 2.76 2.78 7.51
C ILE B 997 2.45 2.41 6.07
N THR B 998 3.23 1.52 5.47
CA THR B 998 2.95 1.15 4.09
C THR B 998 1.50 0.70 3.94
N GLY B 999 1.03 -0.19 4.82
CA GLY B 999 -0.35 -0.65 4.71
C GLY B 999 -1.38 0.47 4.75
N ARG B 1000 -1.29 1.32 5.78
CA ARG B 1000 -2.29 2.37 5.92
C ARG B 1000 -2.23 3.36 4.77
N LEU B 1001 -1.02 3.66 4.30
CA LEU B 1001 -0.89 4.57 3.17
C LEU B 1001 -1.58 4.01 1.95
N GLN B 1002 -1.40 2.72 1.69
CA GLN B 1002 -2.05 2.14 0.52
C GLN B 1002 -3.57 2.20 0.65
N SER B 1003 -4.09 1.92 1.84
CA SER B 1003 -5.54 1.96 2.00
C SER B 1003 -6.08 3.37 1.77
N LEU B 1004 -5.30 4.37 2.14
CA LEU B 1004 -5.75 5.74 1.94
C LEU B 1004 -5.71 6.12 0.47
N GLN B 1005 -4.65 5.73 -0.22
CA GLN B 1005 -4.56 6.05 -1.63
C GLN B 1005 -5.69 5.39 -2.41
N THR B 1006 -6.08 4.18 -2.01
CA THR B 1006 -7.20 3.52 -2.67
C THR B 1006 -8.48 4.33 -2.46
N TYR B 1007 -8.71 4.75 -1.23
CA TYR B 1007 -9.90 5.56 -0.96
C TYR B 1007 -9.94 6.80 -1.85
N VAL B 1008 -8.83 7.53 -1.92
CA VAL B 1008 -8.84 8.75 -2.72
C VAL B 1008 -9.14 8.44 -4.18
N THR B 1009 -8.53 7.39 -4.73
CA THR B 1009 -8.83 7.05 -6.13
C THR B 1009 -10.32 6.82 -6.35
N GLN B 1010 -10.96 6.06 -5.46
CA GLN B 1010 -12.38 5.82 -5.65
C GLN B 1010 -13.17 7.11 -5.56
N GLN B 1011 -12.76 8.01 -4.67
CA GLN B 1011 -13.49 9.27 -4.57
C GLN B 1011 -13.35 10.07 -5.86
N LEU B 1012 -12.18 10.05 -6.48
CA LEU B 1012 -12.03 10.80 -7.72
C LEU B 1012 -12.94 10.25 -8.81
N ILE B 1013 -13.02 8.93 -8.94
CA ILE B 1013 -13.88 8.37 -9.98
C ILE B 1013 -15.33 8.71 -9.73
N ARG B 1014 -15.78 8.51 -8.50
CA ARG B 1014 -17.17 8.83 -8.18
C ARG B 1014 -17.46 10.30 -8.44
N ALA B 1015 -16.54 11.18 -8.06
CA ALA B 1015 -16.76 12.60 -8.30
C ALA B 1015 -16.91 12.90 -9.78
N ALA B 1016 -16.12 12.24 -10.62
CA ALA B 1016 -16.27 12.47 -12.06
C ALA B 1016 -17.66 12.07 -12.53
N GLU B 1017 -18.20 10.97 -12.01
CA GLU B 1017 -19.52 10.57 -12.45
C GLU B 1017 -20.57 11.58 -11.98
N ILE B 1018 -20.42 12.08 -10.76
CA ILE B 1018 -21.35 13.09 -10.27
C ILE B 1018 -21.28 14.34 -11.11
N ARG B 1019 -20.07 14.76 -11.50
CA ARG B 1019 -19.93 15.91 -12.39
C ARG B 1019 -20.75 15.71 -13.65
N ALA B 1020 -20.65 14.52 -14.26
CA ALA B 1020 -21.43 14.28 -15.48
C ALA B 1020 -22.92 14.45 -15.20
N SER B 1021 -23.39 13.93 -14.07
CA SER B 1021 -24.79 14.08 -13.73
C SER B 1021 -25.18 15.55 -13.58
N ALA B 1022 -24.35 16.31 -12.87
CA ALA B 1022 -24.63 17.73 -12.67
C ALA B 1022 -24.70 18.46 -14.01
N ASN B 1023 -23.83 18.11 -14.95
CA ASN B 1023 -23.88 18.77 -16.24
C ASN B 1023 -25.22 18.50 -16.91
N LEU B 1024 -25.68 17.26 -16.85
CA LEU B 1024 -26.98 16.96 -17.44
C LEU B 1024 -28.08 17.74 -16.76
N ALA B 1025 -28.04 17.83 -15.43
CA ALA B 1025 -29.04 18.59 -14.70
C ALA B 1025 -29.05 20.04 -15.14
N ALA B 1026 -27.87 20.63 -15.31
CA ALA B 1026 -27.79 22.02 -15.75
C ALA B 1026 -28.43 22.18 -17.12
N THR B 1027 -28.16 21.25 -18.03
CA THR B 1027 -28.78 21.34 -19.35
C THR B 1027 -30.30 21.27 -19.23
N LYS B 1028 -30.81 20.32 -18.45
CA LYS B 1028 -32.27 20.23 -18.32
C LYS B 1028 -32.86 21.51 -17.76
N MET B 1029 -32.24 22.08 -16.73
CA MET B 1029 -32.78 23.32 -16.19
C MET B 1029 -32.78 24.41 -17.24
N SER B 1030 -31.67 24.54 -17.97
CA SER B 1030 -31.56 25.59 -18.97
C SER B 1030 -32.59 25.45 -20.08
N GLU B 1031 -32.74 24.25 -20.64
CA GLU B 1031 -33.59 24.07 -21.81
C GLU B 1031 -35.06 23.81 -21.51
N CYS B 1032 -35.39 23.15 -20.41
CA CYS B 1032 -36.77 22.79 -20.12
C CYS B 1032 -37.49 23.73 -19.17
N VAL B 1033 -36.79 24.48 -18.35
CA VAL B 1033 -37.43 25.35 -17.37
C VAL B 1033 -37.42 26.78 -17.88
N LEU B 1034 -36.29 27.24 -18.38
CA LEU B 1034 -36.17 28.61 -18.84
C LEU B 1034 -36.72 28.78 -20.24
N GLY B 1035 -37.30 27.72 -20.81
CA GLY B 1035 -37.87 27.78 -22.14
C GLY B 1035 -38.75 26.57 -22.43
N GLN B 1036 -38.86 26.17 -23.70
CA GLN B 1036 -39.67 25.02 -24.09
C GLN B 1036 -38.92 24.11 -25.05
N SER B 1037 -38.39 23.01 -24.54
CA SER B 1037 -37.65 22.09 -25.40
C SER B 1037 -38.59 21.39 -26.37
N LYS B 1038 -38.13 21.15 -27.59
CA LYS B 1038 -38.92 20.44 -28.56
C LYS B 1038 -38.45 19.02 -28.81
N ARG B 1039 -37.19 18.71 -28.48
CA ARG B 1039 -36.67 17.37 -28.67
C ARG B 1039 -37.51 16.38 -27.88
N VAL B 1040 -37.70 15.21 -28.44
CA VAL B 1040 -38.60 14.22 -27.86
C VAL B 1040 -37.93 13.46 -26.73
N ASP B 1041 -38.75 13.12 -25.73
CA ASP B 1041 -38.34 12.24 -24.64
C ASP B 1041 -37.12 12.76 -23.89
N PHE B 1042 -37.11 14.04 -23.64
CA PHE B 1042 -36.01 14.63 -22.90
C PHE B 1042 -36.50 15.20 -21.59
N CYS B 1043 -37.64 15.89 -21.62
CA CYS B 1043 -38.24 16.44 -20.42
C CYS B 1043 -39.62 15.84 -20.13
N GLY B 1044 -39.69 14.51 -20.16
CA GLY B 1044 -40.89 13.74 -19.89
C GLY B 1044 -41.34 12.93 -21.08
N LYS B 1045 -42.56 12.41 -20.97
CA LYS B 1045 -43.12 11.47 -21.95
C LYS B 1045 -44.33 12.11 -22.60
N GLY B 1046 -44.12 12.73 -23.74
CA GLY B 1046 -45.20 13.36 -24.45
C GLY B 1046 -44.72 14.65 -25.05
N TYR B 1047 -45.67 15.49 -25.42
CA TYR B 1047 -45.36 16.77 -26.02
C TYR B 1047 -45.15 17.79 -24.91
N HIS B 1048 -43.92 18.23 -24.74
CA HIS B 1048 -43.56 19.06 -23.60
C HIS B 1048 -44.33 20.37 -23.58
N LEU B 1049 -44.91 20.69 -22.42
CA LEU B 1049 -45.54 21.98 -22.19
C LEU B 1049 -44.67 22.87 -21.32
N MET B 1050 -44.32 22.41 -20.13
CA MET B 1050 -43.56 23.28 -19.23
C MET B 1050 -42.97 22.44 -18.11
N SER B 1051 -42.15 23.06 -17.28
CA SER B 1051 -41.61 22.30 -16.15
C SER B 1051 -41.32 23.23 -14.98
N PHE B 1052 -41.20 22.63 -13.79
CA PHE B 1052 -40.90 23.38 -12.59
C PHE B 1052 -39.78 22.70 -11.82
N PRO B 1053 -38.77 23.43 -11.38
CA PRO B 1053 -37.75 22.84 -10.52
C PRO B 1053 -38.21 22.79 -9.08
N GLN B 1054 -37.71 21.79 -8.36
CA GLN B 1054 -37.84 21.73 -6.91
C GLN B 1054 -36.53 21.28 -6.31
N SER B 1055 -36.36 21.60 -5.03
CA SER B 1055 -35.12 21.35 -4.31
C SER B 1055 -35.10 19.93 -3.76
N ALA B 1056 -33.99 19.59 -3.12
CA ALA B 1056 -33.67 18.26 -2.64
C ALA B 1056 -32.34 18.41 -1.91
N PRO B 1057 -31.98 17.54 -0.97
CA PRO B 1057 -30.72 17.77 -0.24
C PRO B 1057 -29.48 17.78 -1.13
N HIS B 1058 -29.26 16.74 -1.92
CA HIS B 1058 -28.11 16.70 -2.81
C HIS B 1058 -28.53 16.59 -4.26
N GLY B 1059 -29.69 17.14 -4.60
CA GLY B 1059 -30.14 17.02 -5.97
C GLY B 1059 -31.26 17.98 -6.29
N VAL B 1060 -31.76 17.82 -7.51
CA VAL B 1060 -32.85 18.64 -8.04
C VAL B 1060 -33.91 17.72 -8.60
N VAL B 1061 -35.17 18.01 -8.28
CA VAL B 1061 -36.32 17.25 -8.78
C VAL B 1061 -37.13 18.11 -9.73
N PHE B 1062 -37.40 17.61 -10.92
CA PHE B 1062 -38.17 18.35 -11.91
C PHE B 1062 -39.56 17.80 -12.06
N LEU B 1063 -40.54 18.70 -12.14
CA LEU B 1063 -41.92 18.36 -12.45
C LEU B 1063 -42.20 18.77 -13.89
N HIS B 1064 -42.33 17.78 -14.77
CA HIS B 1064 -42.50 18.01 -16.20
C HIS B 1064 -43.98 17.90 -16.54
N VAL B 1065 -44.56 18.97 -17.07
CA VAL B 1065 -45.96 18.99 -17.45
C VAL B 1065 -46.03 18.78 -18.95
N THR B 1066 -46.66 17.67 -19.37
CA THR B 1066 -46.69 17.29 -20.77
C THR B 1066 -48.13 17.06 -21.24
N TYR B 1067 -48.34 17.28 -22.53
CA TYR B 1067 -49.60 17.01 -23.22
C TYR B 1067 -49.61 15.61 -23.83
N VAL B 1068 -50.66 14.83 -23.56
CA VAL B 1068 -50.80 13.48 -24.09
C VAL B 1068 -52.16 13.30 -24.74
N PRO B 1069 -52.24 13.05 -26.05
CA PRO B 1069 -53.53 12.79 -26.69
C PRO B 1069 -54.06 11.39 -26.38
N ALA B 1070 -55.37 11.24 -26.51
CA ALA B 1070 -56.04 9.96 -26.28
C ALA B 1070 -57.44 10.03 -26.87
N GLN B 1071 -58.15 8.90 -26.81
CA GLN B 1071 -59.51 8.82 -27.32
C GLN B 1071 -59.57 9.24 -28.79
N GLU B 1072 -59.03 8.39 -29.65
CA GLU B 1072 -58.95 8.71 -31.06
C GLU B 1072 -59.82 7.80 -31.93
N LYS B 1073 -60.18 8.34 -33.09
CA LYS B 1073 -61.04 7.70 -34.06
C LYS B 1073 -60.32 7.52 -35.38
N ASN B 1074 -60.53 6.39 -36.04
CA ASN B 1074 -59.95 6.14 -37.35
C ASN B 1074 -60.90 6.54 -38.49
N PHE B 1075 -60.40 7.38 -39.37
CA PHE B 1075 -61.11 7.94 -40.50
C PHE B 1075 -60.39 7.54 -41.78
N THR B 1076 -61.06 7.65 -42.91
CA THR B 1076 -60.41 7.38 -44.17
C THR B 1076 -59.85 8.69 -44.72
N THR B 1077 -58.65 8.64 -45.27
CA THR B 1077 -58.02 9.86 -45.74
C THR B 1077 -57.72 9.80 -47.23
N ALA B 1078 -57.06 10.85 -47.73
CA ALA B 1078 -56.68 11.00 -49.13
C ALA B 1078 -55.54 12.00 -49.26
N PRO B 1079 -54.48 11.65 -49.97
CA PRO B 1079 -53.39 12.63 -50.20
C PRO B 1079 -53.79 13.99 -50.76
N ALA B 1080 -54.80 14.06 -51.64
CA ALA B 1080 -55.18 15.34 -52.23
C ALA B 1080 -56.58 15.22 -52.83
N ILE B 1081 -57.18 16.38 -53.13
CA ILE B 1081 -58.48 16.39 -53.78
C ILE B 1081 -58.39 17.09 -55.12
N CYS B 1082 -59.20 16.61 -56.07
CA CYS B 1082 -59.22 17.14 -57.43
C CYS B 1082 -60.46 18.00 -57.66
N HIS B 1083 -60.25 19.20 -58.18
CA HIS B 1083 -61.37 20.11 -58.44
C HIS B 1083 -61.07 20.92 -59.68
N ASP B 1084 -61.99 20.88 -60.64
CA ASP B 1084 -61.80 21.51 -61.95
C ASP B 1084 -60.50 21.07 -62.60
N GLY B 1085 -60.12 19.81 -62.36
CA GLY B 1085 -58.92 19.24 -62.89
C GLY B 1085 -57.64 19.64 -62.18
N LYS B 1086 -57.71 20.50 -61.16
CA LYS B 1086 -56.51 20.95 -60.49
C LYS B 1086 -56.39 20.20 -59.16
N ALA B 1087 -55.16 19.97 -58.74
CA ALA B 1087 -54.89 19.28 -57.48
C ALA B 1087 -54.79 20.29 -56.35
N HIS B 1088 -55.61 20.13 -55.32
CA HIS B 1088 -55.62 21.06 -54.20
C HIS B 1088 -55.06 20.34 -52.97
N PHE B 1089 -53.73 20.41 -52.81
CA PHE B 1089 -53.12 19.87 -51.60
C PHE B 1089 -53.50 20.73 -50.39
N PRO B 1090 -53.59 20.14 -49.20
CA PRO B 1090 -53.95 20.91 -48.02
C PRO B 1090 -52.82 21.82 -47.58
N ARG B 1091 -53.18 22.87 -46.85
CA ARG B 1091 -52.20 23.80 -46.32
C ARG B 1091 -51.66 23.41 -44.96
N GLU B 1092 -52.54 23.09 -44.02
CA GLU B 1092 -52.10 22.77 -42.65
C GLU B 1092 -53.00 21.69 -42.08
N GLY B 1093 -52.53 20.45 -42.09
CA GLY B 1093 -53.35 19.34 -41.66
C GLY B 1093 -53.56 18.27 -42.71
N VAL B 1094 -54.59 17.46 -42.54
CA VAL B 1094 -54.85 16.35 -43.42
C VAL B 1094 -56.31 16.33 -43.82
N PHE B 1095 -56.56 15.87 -45.05
CA PHE B 1095 -57.92 15.66 -45.51
C PHE B 1095 -58.44 14.38 -44.90
N VAL B 1096 -59.67 14.43 -44.39
CA VAL B 1096 -60.32 13.33 -43.71
C VAL B 1096 -61.70 13.16 -44.30
N SER B 1097 -62.33 12.03 -43.99
CA SER B 1097 -63.63 11.73 -44.57
C SER B 1097 -64.40 10.88 -43.59
N ASN B 1098 -65.51 11.43 -43.11
CA ASN B 1098 -66.47 10.72 -42.29
C ASN B 1098 -67.46 9.90 -43.11
N GLY B 1099 -66.95 9.15 -44.07
CA GLY B 1099 -67.81 8.30 -44.86
C GLY B 1099 -68.28 8.98 -46.13
N THR B 1100 -68.95 10.12 -46.02
CA THR B 1100 -69.41 10.82 -47.21
C THR B 1100 -68.84 12.22 -47.33
N HIS B 1101 -68.79 12.98 -46.25
CA HIS B 1101 -68.30 14.34 -46.30
C HIS B 1101 -66.80 14.34 -46.11
N TRP B 1102 -66.10 15.24 -46.80
CA TRP B 1102 -64.67 15.39 -46.67
C TRP B 1102 -64.36 16.71 -45.98
N PHE B 1103 -63.39 16.69 -45.06
CA PHE B 1103 -62.99 17.90 -44.35
C PHE B 1103 -61.47 17.94 -44.23
N VAL B 1104 -60.95 18.99 -43.61
CA VAL B 1104 -59.51 19.17 -43.40
C VAL B 1104 -59.28 19.56 -41.95
N THR B 1105 -58.46 18.78 -41.22
CA THR B 1105 -58.23 19.06 -39.81
C THR B 1105 -56.75 19.05 -39.46
N GLN B 1106 -56.40 19.63 -38.32
CA GLN B 1106 -55.02 19.58 -37.86
C GLN B 1106 -54.71 18.18 -37.35
N ARG B 1107 -53.48 17.72 -37.60
CA ARG B 1107 -53.11 16.36 -37.24
C ARG B 1107 -53.28 16.05 -35.76
N ASN B 1108 -53.04 16.99 -34.86
CA ASN B 1108 -53.05 16.67 -33.43
C ASN B 1108 -54.39 16.79 -32.74
N PHE B 1109 -55.47 17.11 -33.44
CA PHE B 1109 -56.74 17.25 -32.72
C PHE B 1109 -57.86 17.26 -33.76
N TYR B 1110 -58.88 16.44 -33.56
CA TYR B 1110 -59.97 16.34 -34.53
C TYR B 1110 -60.89 17.55 -34.42
N GLU B 1111 -60.74 18.51 -35.33
CA GLU B 1111 -61.65 19.66 -35.42
C GLU B 1111 -61.95 19.89 -36.89
N PRO B 1112 -63.05 19.33 -37.39
CA PRO B 1112 -63.29 19.32 -38.84
C PRO B 1112 -63.80 20.67 -39.35
N GLN B 1113 -63.20 21.14 -40.43
CA GLN B 1113 -63.62 22.36 -41.08
C GLN B 1113 -63.99 22.04 -42.52
N ILE B 1114 -64.89 22.86 -43.09
CA ILE B 1114 -65.22 22.73 -44.50
C ILE B 1114 -63.97 22.98 -45.33
N ILE B 1115 -63.80 22.18 -46.38
CA ILE B 1115 -62.63 22.31 -47.24
C ILE B 1115 -62.91 23.46 -48.20
N THR B 1116 -62.16 24.54 -48.03
CA THR B 1116 -62.35 25.77 -48.79
C THR B 1116 -61.06 26.14 -49.51
N THR B 1117 -61.19 26.98 -50.52
CA THR B 1117 -60.03 27.38 -51.31
C THR B 1117 -58.93 27.96 -50.45
N ASP B 1118 -59.28 28.80 -49.48
CA ASP B 1118 -58.25 29.50 -48.72
C ASP B 1118 -57.48 28.59 -47.78
N ASN B 1119 -57.94 27.35 -47.54
CA ASN B 1119 -57.21 26.44 -46.66
C ASN B 1119 -56.49 25.34 -47.44
N THR B 1120 -56.48 25.40 -48.76
CA THR B 1120 -55.80 24.41 -49.59
C THR B 1120 -55.10 25.15 -50.73
N PHE B 1121 -53.77 25.13 -50.74
CA PHE B 1121 -53.08 25.65 -51.92
C PHE B 1121 -53.19 24.67 -53.07
N VAL B 1122 -52.94 25.16 -54.28
CA VAL B 1122 -53.07 24.37 -55.50
C VAL B 1122 -51.74 24.37 -56.24
N SER B 1123 -51.35 23.19 -56.74
CA SER B 1123 -50.12 23.07 -57.50
C SER B 1123 -50.16 21.83 -58.36
N GLY B 1124 -50.03 21.98 -59.68
CA GLY B 1124 -50.08 20.86 -60.59
C GLY B 1124 -51.50 20.42 -60.92
N ASN B 1125 -51.60 19.54 -61.91
CA ASN B 1125 -52.91 19.07 -62.28
C ASN B 1125 -53.26 17.78 -61.55
N CYS B 1126 -54.48 17.31 -61.77
CA CYS B 1126 -54.96 16.04 -61.21
C CYS B 1126 -54.48 14.87 -62.07
N ASP B 1127 -53.16 14.72 -62.17
CA ASP B 1127 -52.64 13.71 -63.08
C ASP B 1127 -51.74 12.66 -62.46
N VAL B 1128 -50.75 13.04 -61.66
CA VAL B 1128 -49.73 12.10 -61.25
C VAL B 1128 -49.70 11.89 -59.74
N VAL B 1129 -50.73 12.30 -59.03
CA VAL B 1129 -50.76 12.15 -57.59
C VAL B 1129 -51.53 10.88 -57.27
N ILE B 1130 -50.85 9.91 -56.65
CA ILE B 1130 -51.44 8.62 -56.38
C ILE B 1130 -52.42 8.73 -55.22
N GLY B 1131 -53.63 8.22 -55.42
CA GLY B 1131 -54.64 8.25 -54.39
C GLY B 1131 -55.55 9.45 -54.37
N ILE B 1132 -55.49 10.33 -55.37
CA ILE B 1132 -56.37 11.48 -55.41
C ILE B 1132 -57.81 11.04 -55.44
N VAL B 1133 -58.69 11.89 -54.92
CA VAL B 1133 -60.12 11.60 -54.87
C VAL B 1133 -60.88 12.82 -55.37
N ASN B 1134 -61.95 12.58 -56.11
CA ASN B 1134 -62.74 13.67 -56.65
C ASN B 1134 -63.56 14.37 -55.57
N ASN B 1135 -63.61 15.69 -55.65
CA ASN B 1135 -64.41 16.49 -54.75
C ASN B 1135 -64.59 17.88 -55.33
N THR B 1136 -65.29 18.73 -54.60
CA THR B 1136 -65.43 20.13 -54.92
C THR B 1136 -64.81 20.96 -53.81
N VAL B 1137 -64.52 22.23 -54.10
CA VAL B 1137 -63.96 23.13 -53.10
C VAL B 1137 -64.79 24.40 -53.08
N TYR B 1138 -65.28 24.77 -51.90
CA TYR B 1138 -66.06 25.98 -51.72
C TYR B 1138 -65.15 27.20 -51.72
N ASP B 1139 -65.57 28.27 -52.40
CA ASP B 1139 -64.83 29.52 -52.40
C ASP B 1139 -65.78 30.63 -52.00
N PRO B 1140 -65.63 31.20 -50.81
CA PRO B 1140 -66.54 32.28 -50.36
C PRO B 1140 -66.73 33.41 -51.36
N LEU B 1141 -65.72 33.75 -52.15
CA LEU B 1141 -65.84 34.85 -53.10
C LEU B 1141 -67.10 34.73 -53.95
N GLN B 1142 -67.43 33.51 -54.37
CA GLN B 1142 -68.51 33.29 -55.33
C GLN B 1142 -69.88 33.78 -54.85
N PRO B 1143 -70.38 33.37 -53.68
CA PRO B 1143 -71.68 33.92 -53.23
C PRO B 1143 -71.65 35.39 -52.90
N GLU B 1144 -70.49 35.97 -52.58
CA GLU B 1144 -70.47 37.39 -52.26
C GLU B 1144 -70.75 38.25 -53.48
N LEU B 1145 -70.18 37.88 -54.63
CA LEU B 1145 -70.41 38.64 -55.84
C LEU B 1145 -71.85 38.57 -56.33
N ASP B 1146 -72.67 37.69 -55.74
CA ASP B 1146 -74.07 37.61 -56.13
C ASP B 1146 -74.98 38.02 -54.98
N ALA C 27 35.67 -19.04 -47.59
CA ALA C 27 34.52 -19.74 -48.12
C ALA C 27 33.32 -19.58 -47.19
N TYR C 28 33.12 -18.36 -46.71
CA TYR C 28 32.08 -18.08 -45.74
C TYR C 28 30.69 -18.37 -46.33
N THR C 29 29.72 -18.51 -45.44
CA THR C 29 28.33 -18.71 -45.87
C THR C 29 27.41 -18.18 -44.78
N ASN C 30 26.15 -17.95 -45.16
CA ASN C 30 25.16 -17.46 -44.22
C ASN C 30 24.50 -18.59 -43.44
N SER C 31 24.31 -18.37 -42.13
CA SER C 31 23.49 -19.24 -41.30
C SER C 31 22.07 -18.74 -41.41
N PHE C 32 21.36 -19.20 -42.45
CA PHE C 32 20.09 -18.58 -42.84
C PHE C 32 19.09 -18.60 -41.69
N THR C 33 18.69 -19.81 -41.28
CA THR C 33 17.72 -19.99 -40.22
C THR C 33 18.12 -21.06 -39.23
N ARG C 34 19.25 -21.73 -39.46
CA ARG C 34 19.62 -22.89 -38.66
C ARG C 34 20.00 -22.45 -37.24
N GLY C 35 20.02 -23.41 -36.33
CA GLY C 35 20.44 -23.13 -34.98
C GLY C 35 19.34 -23.05 -33.95
N VAL C 36 18.14 -23.44 -34.28
CA VAL C 36 17.03 -23.43 -33.34
C VAL C 36 16.97 -24.77 -32.60
N TYR C 37 16.70 -24.72 -31.30
CA TYR C 37 16.57 -25.94 -30.51
C TYR C 37 15.53 -25.73 -29.42
N TYR C 38 15.04 -26.82 -28.89
CA TYR C 38 14.07 -26.78 -27.79
C TYR C 38 14.75 -26.39 -26.49
N PRO C 39 14.52 -25.17 -25.97
CA PRO C 39 15.28 -24.73 -24.81
C PRO C 39 15.00 -25.52 -23.55
N ASP C 40 13.83 -26.13 -23.41
CA ASP C 40 13.51 -26.88 -22.21
C ASP C 40 12.46 -27.93 -22.54
N LYS C 41 12.50 -29.02 -21.79
CA LYS C 41 11.61 -30.16 -21.99
C LYS C 41 10.16 -29.91 -21.62
N VAL C 42 9.79 -28.69 -21.20
CA VAL C 42 8.39 -28.39 -20.96
C VAL C 42 7.62 -28.41 -22.28
N PHE C 43 6.38 -28.87 -22.23
CA PHE C 43 5.58 -29.03 -23.43
C PHE C 43 4.64 -27.85 -23.60
N ARG C 44 4.63 -27.27 -24.80
CA ARG C 44 3.73 -26.20 -25.18
C ARG C 44 3.21 -26.47 -26.58
N SER C 45 2.05 -25.88 -26.90
CA SER C 45 1.53 -25.98 -28.24
C SER C 45 0.65 -24.78 -28.53
N SER C 46 0.61 -24.40 -29.81
CA SER C 46 -0.19 -23.27 -30.28
C SER C 46 0.11 -21.99 -29.52
N VAL C 47 1.33 -21.86 -29.00
CA VAL C 47 1.75 -20.73 -28.20
C VAL C 47 2.96 -20.08 -28.86
N LEU C 48 2.94 -18.75 -28.95
CA LEU C 48 4.08 -17.99 -29.46
C LEU C 48 4.93 -17.56 -28.26
N HIS C 49 5.68 -18.51 -27.73
CA HIS C 49 6.43 -18.22 -26.52
C HIS C 49 7.76 -17.61 -26.89
N SER C 50 8.30 -16.77 -26.01
CA SER C 50 9.58 -16.13 -26.29
C SER C 50 10.53 -16.29 -25.12
N THR C 51 11.82 -16.24 -25.41
CA THR C 51 12.84 -16.42 -24.38
C THR C 51 14.17 -15.95 -24.94
N GLN C 52 15.24 -16.15 -24.17
CA GLN C 52 16.57 -15.74 -24.58
C GLN C 52 17.57 -16.80 -24.17
N ASP C 53 18.47 -17.14 -25.10
CA ASP C 53 19.49 -18.15 -24.86
C ASP C 53 20.62 -17.96 -25.86
N LEU C 54 21.61 -18.83 -25.74
CA LEU C 54 22.76 -18.87 -26.65
C LEU C 54 22.33 -19.49 -27.96
N PHE C 55 21.82 -18.67 -28.85
CA PHE C 55 21.34 -19.11 -30.15
C PHE C 55 22.30 -18.70 -31.24
N LEU C 56 22.18 -19.38 -32.38
CA LEU C 56 22.96 -19.03 -33.56
C LEU C 56 22.25 -17.92 -34.31
N PRO C 57 22.81 -16.72 -34.36
CA PRO C 57 22.13 -15.62 -35.04
C PRO C 57 21.82 -15.96 -36.49
N PHE C 58 20.63 -15.59 -36.92
CA PHE C 58 20.21 -15.93 -38.28
C PHE C 58 21.04 -15.15 -39.28
N PHE C 59 21.23 -15.76 -40.45
CA PHE C 59 21.97 -15.17 -41.57
C PHE C 59 23.40 -14.78 -41.20
N SER C 60 23.94 -15.30 -40.10
CA SER C 60 25.31 -14.98 -39.75
C SER C 60 26.29 -15.77 -40.62
N ASN C 61 27.55 -15.35 -40.59
CA ASN C 61 28.59 -16.02 -41.36
C ASN C 61 29.11 -17.25 -40.64
N VAL C 62 29.48 -18.26 -41.42
CA VAL C 62 30.04 -19.51 -40.92
C VAL C 62 31.37 -19.76 -41.61
N THR C 63 32.34 -20.26 -40.85
CA THR C 63 33.67 -20.52 -41.38
C THR C 63 33.67 -21.94 -41.92
N TRP C 64 33.63 -22.06 -43.24
CA TRP C 64 33.42 -23.33 -43.94
C TRP C 64 34.74 -24.05 -44.13
N PHE C 65 35.03 -25.01 -43.26
CA PHE C 65 36.23 -25.82 -43.44
C PHE C 65 35.97 -26.92 -44.44
N HIS C 66 36.99 -27.24 -45.24
CA HIS C 66 36.83 -28.22 -46.30
C HIS C 66 38.02 -29.17 -46.34
N ASP C 80 41.97 -30.53 -44.82
CA ASP C 80 42.55 -30.55 -43.48
C ASP C 80 41.69 -29.76 -42.50
N ASN C 81 41.60 -30.21 -41.26
CA ASN C 81 40.69 -29.60 -40.30
C ASN C 81 41.44 -29.15 -39.05
N PRO C 82 41.60 -27.86 -38.83
CA PRO C 82 42.30 -27.38 -37.62
C PRO C 82 41.45 -27.55 -36.38
N VAL C 83 42.11 -27.45 -35.24
CA VAL C 83 41.41 -27.43 -33.95
C VAL C 83 40.81 -26.04 -33.76
N LEU C 84 39.54 -26.00 -33.37
CA LEU C 84 38.83 -24.73 -33.47
C LEU C 84 38.40 -24.23 -32.08
N PRO C 85 38.45 -22.91 -31.87
CA PRO C 85 37.87 -22.32 -30.67
C PRO C 85 36.42 -22.74 -30.43
N PHE C 86 36.07 -22.91 -29.16
CA PHE C 86 34.72 -23.31 -28.77
C PHE C 86 33.79 -22.11 -28.62
N ASN C 87 34.25 -21.06 -27.96
CA ASN C 87 33.53 -19.79 -27.89
C ASN C 87 32.10 -19.95 -27.35
N ASP C 88 32.01 -20.54 -26.16
CA ASP C 88 30.75 -20.61 -25.42
C ASP C 88 29.66 -21.39 -26.13
N GLY C 89 30.01 -22.15 -27.17
CA GLY C 89 29.03 -23.00 -27.81
C GLY C 89 29.37 -23.16 -29.28
N VAL C 90 29.11 -24.32 -29.84
CA VAL C 90 29.43 -24.53 -31.25
C VAL C 90 28.33 -25.27 -32.01
N TYR C 91 27.58 -24.52 -32.80
CA TYR C 91 26.76 -25.14 -33.84
C TYR C 91 27.70 -25.90 -34.77
N PHE C 92 27.38 -27.14 -35.08
CA PHE C 92 28.17 -27.97 -35.97
C PHE C 92 27.26 -28.58 -37.02
N ALA C 93 27.74 -28.65 -38.26
CA ALA C 93 26.92 -29.30 -39.27
C ALA C 93 27.81 -29.98 -40.30
N SER C 94 27.40 -31.17 -40.74
CA SER C 94 28.22 -31.92 -41.69
C SER C 94 27.32 -32.70 -42.62
N THR C 95 27.94 -33.24 -43.67
CA THR C 95 27.21 -34.00 -44.68
C THR C 95 27.98 -35.27 -45.08
N ASN C 99 29.14 -40.91 -44.80
CA ASN C 99 29.33 -41.92 -43.76
C ASN C 99 30.80 -41.94 -43.37
N ILE C 100 31.39 -40.76 -43.32
CA ILE C 100 32.82 -40.62 -43.07
C ILE C 100 33.10 -39.95 -41.72
N ILE C 101 32.41 -38.84 -41.45
CA ILE C 101 32.81 -37.98 -40.34
C ILE C 101 32.79 -38.75 -39.02
N ARG C 102 33.55 -38.23 -38.05
CA ARG C 102 33.80 -38.91 -36.79
C ARG C 102 33.63 -37.99 -35.59
N GLY C 103 34.10 -38.45 -34.44
CA GLY C 103 33.98 -37.77 -33.16
C GLY C 103 34.66 -36.42 -33.08
N TRP C 104 34.73 -35.89 -31.86
CA TRP C 104 35.29 -34.57 -31.61
C TRP C 104 36.10 -34.62 -30.33
N ILE C 105 36.95 -33.62 -30.14
CA ILE C 105 37.81 -33.53 -28.96
C ILE C 105 37.75 -32.11 -28.44
N PHE C 106 37.46 -31.95 -27.16
CA PHE C 106 37.29 -30.62 -26.57
C PHE C 106 38.16 -30.47 -25.33
N GLY C 107 38.88 -29.37 -25.24
CA GLY C 107 39.70 -29.15 -24.06
C GLY C 107 40.35 -27.79 -24.09
N THR C 108 41.16 -27.54 -23.06
CA THR C 108 41.90 -26.28 -23.00
C THR C 108 43.21 -26.35 -23.78
N THR C 109 43.93 -27.46 -23.68
CA THR C 109 45.16 -27.64 -24.42
C THR C 109 45.26 -28.95 -25.18
N LEU C 110 44.32 -29.88 -24.97
CA LEU C 110 44.31 -31.16 -25.66
C LEU C 110 45.61 -31.94 -25.43
N ASP C 111 45.89 -32.22 -24.16
CA ASP C 111 47.11 -32.92 -23.78
C ASP C 111 46.91 -33.56 -22.41
N SER C 112 47.93 -34.29 -21.97
CA SER C 112 47.86 -34.95 -20.67
C SER C 112 48.06 -34.02 -19.49
N LYS C 113 48.51 -32.79 -19.72
CA LYS C 113 48.79 -31.89 -18.60
C LYS C 113 47.53 -31.70 -17.75
N THR C 114 46.49 -31.15 -18.34
CA THR C 114 45.23 -30.90 -17.65
C THR C 114 44.13 -31.75 -18.28
N GLN C 115 42.99 -31.80 -17.59
CA GLN C 115 41.82 -32.53 -18.06
C GLN C 115 41.42 -32.07 -19.46
N SER C 116 40.95 -33.03 -20.26
CA SER C 116 40.38 -32.74 -21.57
C SER C 116 39.30 -33.77 -21.84
N LEU C 117 38.72 -33.74 -23.04
CA LEU C 117 37.66 -34.68 -23.38
C LEU C 117 37.89 -35.16 -24.79
N LEU C 118 37.51 -36.42 -25.02
CA LEU C 118 37.57 -37.07 -26.33
C LEU C 118 36.26 -37.81 -26.52
N ILE C 119 35.27 -37.14 -27.11
CA ILE C 119 33.99 -37.78 -27.40
C ILE C 119 34.16 -38.37 -28.79
N VAL C 120 34.71 -39.58 -28.84
CA VAL C 120 35.07 -40.20 -30.10
C VAL C 120 33.85 -40.87 -30.71
N ASN C 121 33.96 -41.26 -31.99
CA ASN C 121 32.88 -41.87 -32.76
C ASN C 121 33.55 -43.01 -33.52
N ASN C 122 33.30 -44.24 -33.08
CA ASN C 122 33.98 -45.43 -33.54
C ASN C 122 33.22 -46.13 -34.67
N ALA C 123 32.07 -45.58 -35.08
CA ALA C 123 31.26 -46.09 -36.19
C ALA C 123 30.74 -47.50 -35.93
N THR C 124 31.07 -48.06 -34.77
CA THR C 124 30.42 -49.23 -34.21
C THR C 124 29.77 -48.93 -32.88
N ASN C 125 30.46 -48.14 -32.06
CA ASN C 125 29.96 -47.68 -30.77
C ASN C 125 30.41 -46.24 -30.58
N VAL C 126 29.68 -45.50 -29.75
CA VAL C 126 30.13 -44.19 -29.30
C VAL C 126 30.87 -44.34 -27.99
N VAL C 127 32.11 -43.88 -27.96
CA VAL C 127 32.99 -44.03 -26.81
C VAL C 127 33.44 -42.64 -26.38
N ILE C 128 33.32 -42.35 -25.09
CA ILE C 128 33.71 -41.05 -24.57
C ILE C 128 34.75 -41.27 -23.48
N LYS C 129 35.67 -40.31 -23.35
CA LYS C 129 36.70 -40.39 -22.33
C LYS C 129 37.15 -39.00 -21.92
N VAL C 130 37.10 -38.71 -20.63
CA VAL C 130 37.58 -37.42 -20.13
C VAL C 130 39.07 -37.58 -19.84
N CYS C 131 39.63 -38.69 -20.31
CA CYS C 131 41.05 -38.95 -20.12
C CYS C 131 41.92 -37.86 -20.74
N GLU C 132 43.04 -37.58 -20.07
CA GLU C 132 44.00 -36.58 -20.53
C GLU C 132 44.97 -37.23 -21.51
N PHE C 133 44.45 -37.48 -22.71
CA PHE C 133 45.28 -38.05 -23.76
C PHE C 133 46.36 -37.08 -24.18
N GLN C 134 47.49 -37.63 -24.63
CA GLN C 134 48.61 -36.78 -24.99
C GLN C 134 48.27 -35.98 -26.23
N PHE C 135 49.09 -34.98 -26.51
CA PHE C 135 48.84 -34.11 -27.65
C PHE C 135 48.99 -34.89 -28.95
N CYS C 136 47.95 -34.83 -29.79
CA CYS C 136 47.89 -35.50 -31.08
C CYS C 136 47.82 -34.41 -32.14
N ASN C 137 48.98 -34.07 -32.72
CA ASN C 137 49.01 -33.07 -33.78
C ASN C 137 48.17 -33.50 -34.97
N ASP C 138 48.25 -34.77 -35.36
CA ASP C 138 47.44 -35.31 -36.45
C ASP C 138 46.62 -36.48 -35.92
N PRO C 139 45.40 -36.24 -35.45
CA PRO C 139 44.58 -37.32 -34.91
C PRO C 139 44.16 -38.28 -36.01
N PHE C 140 44.16 -39.57 -35.69
CA PHE C 140 43.70 -40.59 -36.62
C PHE C 140 43.48 -41.92 -35.91
N PHE C 157 43.46 -46.18 -35.20
CA PHE C 157 43.07 -45.21 -34.19
C PHE C 157 44.29 -44.63 -33.48
N ARG C 158 45.09 -43.87 -34.23
CA ARG C 158 46.28 -43.24 -33.70
C ARG C 158 45.98 -41.98 -32.91
N VAL C 159 44.76 -41.44 -33.02
CA VAL C 159 44.33 -40.33 -32.19
C VAL C 159 44.33 -40.69 -30.70
N TYR C 160 44.25 -41.97 -30.36
CA TYR C 160 44.38 -42.35 -28.96
C TYR C 160 45.82 -42.26 -28.50
N SER C 161 46.19 -41.10 -27.93
CA SER C 161 47.57 -40.85 -27.54
C SER C 161 47.95 -41.54 -26.24
N SER C 162 47.23 -41.21 -25.15
CA SER C 162 47.54 -41.77 -23.83
C SER C 162 46.28 -41.83 -22.97
N ALA C 163 46.04 -42.98 -22.33
CA ALA C 163 44.86 -43.17 -21.51
C ALA C 163 45.11 -42.88 -20.03
N ASN C 164 46.01 -41.94 -19.73
CA ASN C 164 46.43 -41.70 -18.35
C ASN C 164 45.39 -40.91 -17.56
N ASN C 165 45.20 -41.27 -16.29
CA ASN C 165 44.42 -40.48 -15.34
C ASN C 165 42.97 -40.29 -15.79
N CYS C 166 42.35 -41.38 -16.25
CA CYS C 166 40.96 -41.30 -16.70
C CYS C 166 40.02 -41.13 -15.51
N THR C 167 38.98 -40.33 -15.71
CA THR C 167 37.99 -40.08 -14.68
C THR C 167 36.59 -40.51 -15.08
N PHE C 168 36.32 -40.62 -16.39
CA PHE C 168 35.01 -40.98 -16.91
C PHE C 168 35.23 -41.73 -18.22
N GLU C 169 34.49 -42.80 -18.41
CA GLU C 169 34.52 -43.55 -19.64
C GLU C 169 33.09 -43.99 -19.95
N TYR C 170 32.66 -43.88 -21.20
CA TYR C 170 31.32 -44.36 -21.49
C TYR C 170 31.26 -44.94 -22.90
N VAL C 171 30.37 -45.92 -23.08
CA VAL C 171 30.18 -46.57 -24.38
C VAL C 171 28.70 -46.78 -24.62
N SER C 172 28.27 -46.61 -25.87
CA SER C 172 26.88 -46.86 -26.24
C SER C 172 26.80 -47.09 -27.75
N GLN C 173 25.57 -47.10 -28.28
CA GLN C 173 25.33 -47.29 -29.70
C GLN C 173 25.75 -46.07 -30.52
N PRO C 174 26.16 -46.26 -31.78
CA PRO C 174 26.66 -45.16 -32.59
C PRO C 174 25.55 -44.28 -33.17
N PHE C 175 25.93 -43.04 -33.53
CA PHE C 175 25.00 -42.08 -34.11
C PHE C 175 24.61 -42.46 -35.53
N LEU C 176 25.60 -42.75 -36.37
CA LEU C 176 25.38 -43.14 -37.76
C LEU C 176 24.56 -42.09 -38.49
N LYS C 187 25.11 -37.37 -48.81
CA LYS C 187 23.72 -37.47 -49.23
C LYS C 187 22.78 -37.16 -48.07
N ASN C 188 23.35 -36.94 -46.89
CA ASN C 188 22.56 -36.59 -45.73
C ASN C 188 23.12 -35.31 -45.10
N LEU C 189 22.61 -34.93 -43.94
CA LEU C 189 23.18 -33.83 -43.18
C LEU C 189 22.90 -34.07 -41.70
N ARG C 190 23.97 -34.09 -40.91
CA ARG C 190 23.87 -34.22 -39.47
C ARG C 190 24.11 -32.85 -38.86
N GLU C 191 23.28 -32.50 -37.88
CA GLU C 191 23.41 -31.21 -37.22
C GLU C 191 23.53 -31.45 -35.73
N PHE C 192 24.45 -30.72 -35.09
CA PHE C 192 24.69 -30.82 -33.68
C PHE C 192 24.87 -29.42 -33.09
N VAL C 193 24.49 -29.28 -31.82
CA VAL C 193 24.76 -28.06 -31.06
C VAL C 193 25.44 -28.49 -29.78
N PHE C 194 26.57 -27.86 -29.45
CA PHE C 194 27.32 -28.24 -28.26
C PHE C 194 27.40 -27.05 -27.32
N LYS C 195 26.91 -27.22 -26.08
CA LYS C 195 26.98 -26.15 -25.10
C LYS C 195 27.49 -26.68 -23.77
N ASN C 196 28.34 -25.89 -23.11
CA ASN C 196 28.92 -26.25 -21.81
C ASN C 196 28.45 -25.22 -20.79
N ILE C 197 27.38 -25.53 -20.08
CA ILE C 197 26.77 -24.61 -19.12
C ILE C 197 26.86 -25.20 -17.73
N ASP C 198 27.59 -24.51 -16.84
CA ASP C 198 27.75 -24.93 -15.44
C ASP C 198 28.26 -26.36 -15.33
N GLY C 199 29.16 -26.73 -16.24
CA GLY C 199 29.74 -28.05 -16.25
C GLY C 199 28.89 -29.08 -16.95
N TYR C 200 27.67 -28.72 -17.33
CA TYR C 200 26.75 -29.61 -18.02
C TYR C 200 26.95 -29.45 -19.52
N PHE C 201 27.41 -30.51 -20.17
CA PHE C 201 27.79 -30.43 -21.57
C PHE C 201 26.63 -30.89 -22.43
N LYS C 202 25.61 -30.05 -22.46
CA LYS C 202 24.39 -30.36 -23.19
C LYS C 202 24.68 -30.52 -24.68
N ILE C 203 24.07 -31.53 -25.27
CA ILE C 203 24.30 -31.86 -26.68
C ILE C 203 22.96 -32.01 -27.38
N TYR C 204 22.74 -31.23 -28.41
CA TYR C 204 21.49 -31.21 -29.15
C TYR C 204 21.78 -31.75 -30.53
N SER C 205 20.79 -32.37 -31.17
CA SER C 205 21.12 -33.02 -32.43
C SER C 205 19.92 -33.12 -33.32
N LYS C 206 20.18 -33.58 -34.54
CA LYS C 206 19.17 -33.90 -35.55
C LYS C 206 19.87 -34.50 -36.77
N HIS C 207 19.06 -35.09 -37.63
CA HIS C 207 19.50 -35.77 -38.85
C HIS C 207 18.47 -35.53 -39.94
N THR C 208 18.93 -35.17 -41.14
CA THR C 208 17.98 -34.83 -42.20
C THR C 208 18.65 -35.16 -43.53
N PRO C 209 17.96 -35.80 -44.46
CA PRO C 209 18.56 -36.03 -45.78
C PRO C 209 18.84 -34.71 -46.49
N ILE C 210 19.69 -34.79 -47.51
CA ILE C 210 20.05 -33.64 -48.32
C ILE C 210 20.40 -34.10 -49.73
N ASN C 211 20.51 -33.15 -50.65
CA ASN C 211 21.05 -33.40 -51.98
C ASN C 211 22.05 -32.36 -52.45
N LEU C 212 22.02 -31.14 -51.91
CA LEU C 212 22.90 -30.05 -52.34
C LEU C 212 24.12 -30.01 -51.42
N VAL C 213 25.27 -30.42 -51.95
CA VAL C 213 26.50 -30.43 -51.17
C VAL C 213 27.36 -29.19 -51.36
N ARG C 214 27.12 -28.39 -52.41
CA ARG C 214 27.94 -27.22 -52.65
C ARG C 214 27.70 -26.15 -51.58
N ASP C 215 26.44 -25.85 -51.27
CA ASP C 215 26.10 -24.87 -50.25
C ASP C 215 25.18 -25.48 -49.21
N LEU C 216 25.09 -24.79 -48.07
CA LEU C 216 24.21 -25.23 -47.00
C LEU C 216 22.76 -25.16 -47.43
N PRO C 217 22.02 -26.27 -47.38
CA PRO C 217 20.61 -26.23 -47.80
C PRO C 217 19.79 -25.33 -46.90
N GLN C 218 18.72 -24.78 -47.47
CA GLN C 218 17.89 -23.78 -46.83
C GLN C 218 16.63 -24.43 -46.30
N GLY C 219 15.91 -23.68 -45.48
CA GLY C 219 14.71 -24.17 -44.84
C GLY C 219 14.78 -23.96 -43.35
N PHE C 220 13.85 -24.60 -42.64
CA PHE C 220 13.80 -24.51 -41.19
C PHE C 220 13.56 -25.90 -40.61
N SER C 221 14.22 -26.19 -39.50
CA SER C 221 14.02 -27.45 -38.80
C SER C 221 14.44 -27.27 -37.35
N ALA C 222 13.91 -28.12 -36.49
CA ALA C 222 14.09 -27.99 -35.05
C ALA C 222 15.06 -29.02 -34.51
N LEU C 223 15.67 -28.69 -33.38
CA LEU C 223 16.67 -29.54 -32.75
C LEU C 223 16.31 -29.79 -31.29
N GLU C 224 16.32 -31.06 -30.90
CA GLU C 224 16.01 -31.50 -29.55
C GLU C 224 17.28 -31.81 -28.78
N PRO C 225 17.25 -31.75 -27.46
CA PRO C 225 18.40 -32.21 -26.67
C PRO C 225 18.49 -33.72 -26.61
N LEU C 226 19.73 -34.20 -26.46
CA LEU C 226 19.99 -35.63 -26.36
C LEU C 226 20.58 -36.01 -25.00
N VAL C 227 21.71 -35.43 -24.62
CA VAL C 227 22.43 -35.89 -23.43
C VAL C 227 23.07 -34.71 -22.71
N ASP C 228 23.06 -34.79 -21.37
CA ASP C 228 23.74 -33.86 -20.48
C ASP C 228 24.87 -34.59 -19.76
N LEU C 229 25.97 -33.90 -19.52
CA LEU C 229 27.06 -34.55 -18.81
C LEU C 229 27.71 -33.61 -17.80
N PRO C 230 27.70 -33.95 -16.52
CA PRO C 230 28.29 -33.05 -15.49
C PRO C 230 29.80 -33.15 -15.45
N ILE C 231 30.45 -32.68 -16.51
CA ILE C 231 31.90 -32.86 -16.64
C ILE C 231 32.65 -31.84 -15.81
N GLY C 232 32.25 -30.57 -15.88
CA GLY C 232 32.87 -29.60 -15.00
C GLY C 232 34.27 -29.22 -15.41
N ILE C 233 34.56 -29.21 -16.70
CA ILE C 233 35.91 -28.96 -17.20
C ILE C 233 35.93 -27.62 -17.93
N ASN C 234 37.14 -27.08 -18.09
CA ASN C 234 37.38 -25.81 -18.75
C ASN C 234 37.83 -26.12 -20.18
N ILE C 235 36.99 -25.77 -21.16
CA ILE C 235 37.24 -26.04 -22.56
C ILE C 235 37.43 -24.72 -23.30
N THR C 236 38.58 -24.57 -23.95
CA THR C 236 38.85 -23.36 -24.73
C THR C 236 39.32 -23.72 -26.14
N ARG C 237 39.01 -24.91 -26.61
CA ARG C 237 39.43 -25.37 -27.94
C ARG C 237 38.72 -26.69 -28.25
N PHE C 238 38.60 -26.99 -29.54
CA PHE C 238 37.96 -28.24 -29.94
C PHE C 238 38.24 -28.50 -31.40
N GLN C 239 38.43 -29.78 -31.72
CA GLN C 239 38.73 -30.23 -33.08
C GLN C 239 37.85 -31.39 -33.50
N THR C 240 37.60 -31.47 -34.80
CA THR C 240 36.91 -32.61 -35.39
C THR C 240 37.95 -33.65 -35.79
N LEU C 241 37.54 -34.91 -35.76
CA LEU C 241 38.47 -36.01 -36.00
C LEU C 241 38.08 -36.81 -37.24
N LEU C 242 39.09 -37.44 -37.84
CA LEU C 242 38.91 -38.44 -38.90
C LEU C 242 40.20 -39.24 -38.99
N ALA C 243 40.10 -40.56 -38.75
CA ALA C 243 41.22 -41.47 -38.92
C ALA C 243 41.61 -41.64 -40.39
N LEU C 244 42.76 -41.08 -40.78
CA LEU C 244 43.11 -41.08 -42.19
C LEU C 244 43.46 -42.49 -42.63
N HIS C 245 42.98 -42.89 -43.80
CA HIS C 245 43.29 -44.21 -44.32
C HIS C 245 44.15 -44.15 -45.57
N GLY C 261 42.06 -29.98 -49.36
CA GLY C 261 41.02 -30.47 -50.24
C GLY C 261 40.17 -31.56 -49.61
N ALA C 262 40.24 -31.66 -48.29
CA ALA C 262 39.49 -32.68 -47.57
C ALA C 262 37.99 -32.40 -47.64
N ALA C 263 37.21 -33.32 -47.08
CA ALA C 263 35.76 -33.16 -47.00
C ALA C 263 35.42 -31.94 -46.15
N ALA C 264 34.18 -31.49 -46.26
CA ALA C 264 33.83 -30.22 -45.64
C ALA C 264 32.68 -30.34 -44.66
N TYR C 265 32.67 -29.39 -43.73
CA TYR C 265 31.65 -29.22 -42.71
C TYR C 265 31.54 -27.73 -42.42
N TYR C 266 30.57 -27.36 -41.56
CA TYR C 266 30.41 -25.97 -41.19
C TYR C 266 30.41 -25.84 -39.67
N VAL C 267 30.75 -24.64 -39.22
CA VAL C 267 30.84 -24.29 -37.80
C VAL C 267 30.38 -22.86 -37.58
N GLY C 268 29.51 -22.65 -36.59
CA GLY C 268 29.08 -21.34 -36.19
C GLY C 268 29.32 -21.12 -34.70
N TYR C 269 28.99 -19.92 -34.24
CA TYR C 269 29.15 -19.57 -32.85
C TYR C 269 27.85 -18.99 -32.30
N LEU C 270 27.59 -19.31 -31.03
CA LEU C 270 26.35 -18.94 -30.36
C LEU C 270 26.50 -17.64 -29.58
N GLN C 271 25.39 -16.91 -29.44
CA GLN C 271 25.39 -15.65 -28.72
C GLN C 271 24.09 -15.54 -27.92
N PRO C 272 24.08 -14.71 -26.87
CA PRO C 272 22.85 -14.51 -26.10
C PRO C 272 21.82 -13.71 -26.88
N ARG C 273 21.09 -14.35 -27.78
CA ARG C 273 20.11 -13.65 -28.60
C ARG C 273 18.69 -14.07 -28.25
N THR C 274 17.84 -13.08 -27.97
CA THR C 274 16.46 -13.35 -27.63
C THR C 274 15.71 -13.78 -28.88
N PHE C 275 15.01 -14.90 -28.78
CA PHE C 275 14.22 -15.43 -29.89
C PHE C 275 12.82 -15.76 -29.41
N LEU C 276 11.82 -15.31 -30.18
CA LEU C 276 10.48 -15.85 -29.98
C LEU C 276 10.28 -17.07 -30.89
N LEU C 277 9.52 -18.03 -30.38
CA LEU C 277 9.33 -19.34 -30.96
C LEU C 277 7.85 -19.65 -31.15
N LYS C 278 7.49 -20.12 -32.35
CA LYS C 278 6.12 -20.46 -32.70
C LYS C 278 5.90 -21.96 -32.54
N TYR C 279 5.04 -22.35 -31.60
CA TYR C 279 4.75 -23.74 -31.34
C TYR C 279 3.50 -24.17 -32.11
N ASN C 280 3.55 -25.35 -32.69
CA ASN C 280 2.47 -25.83 -33.54
C ASN C 280 1.46 -26.66 -32.75
N GLU C 281 0.52 -27.28 -33.48
CA GLU C 281 -0.57 -27.99 -32.84
C GLU C 281 -0.09 -29.22 -32.06
N ASN C 282 0.95 -29.90 -32.54
CA ASN C 282 1.45 -31.08 -31.85
C ASN C 282 2.55 -30.72 -30.88
N GLY C 283 2.77 -29.45 -30.62
CA GLY C 283 3.80 -29.04 -29.70
C GLY C 283 5.16 -28.95 -30.34
N THR C 284 5.24 -29.03 -31.66
CA THR C 284 6.49 -28.92 -32.39
C THR C 284 6.78 -27.46 -32.71
N ILE C 285 8.03 -27.06 -32.51
CA ILE C 285 8.43 -25.70 -32.84
C ILE C 285 8.61 -25.62 -34.35
N THR C 286 7.88 -24.70 -34.98
CA THR C 286 7.91 -24.63 -36.43
C THR C 286 8.48 -23.33 -36.98
N ASP C 287 8.54 -22.26 -36.18
CA ASP C 287 9.09 -21.02 -36.68
C ASP C 287 9.70 -20.23 -35.53
N ALA C 288 10.32 -19.10 -35.86
CA ALA C 288 10.94 -18.28 -34.83
C ALA C 288 11.27 -16.92 -35.42
N VAL C 289 11.34 -15.92 -34.55
CA VAL C 289 11.76 -14.57 -34.89
C VAL C 289 12.94 -14.18 -34.03
N ASP C 290 13.99 -13.70 -34.68
CA ASP C 290 15.19 -13.21 -34.03
C ASP C 290 14.99 -11.75 -33.65
N CYS C 291 14.84 -11.49 -32.37
CA CYS C 291 14.41 -10.23 -31.79
C CYS C 291 15.48 -9.15 -31.86
N ALA C 292 16.60 -9.36 -32.54
CA ALA C 292 17.57 -8.29 -32.69
C ALA C 292 18.18 -8.22 -34.09
N LEU C 293 17.71 -9.03 -35.02
CA LEU C 293 18.29 -9.03 -36.37
C LEU C 293 17.90 -7.77 -37.13
N ASP C 294 16.61 -7.49 -37.23
CA ASP C 294 16.12 -6.39 -38.03
C ASP C 294 15.09 -5.59 -37.24
N PRO C 295 15.03 -4.28 -37.44
CA PRO C 295 13.97 -3.48 -36.80
C PRO C 295 12.58 -4.04 -37.00
N LEU C 296 12.29 -4.58 -38.19
CA LEU C 296 10.96 -5.16 -38.40
C LEU C 296 10.75 -6.32 -37.45
N SER C 297 11.76 -7.18 -37.33
CA SER C 297 11.62 -8.28 -36.39
C SER C 297 11.68 -7.77 -34.97
N GLU C 298 12.21 -6.57 -34.74
CA GLU C 298 12.09 -6.00 -33.41
C GLU C 298 10.62 -5.70 -33.13
N THR C 299 9.90 -5.27 -34.16
CA THR C 299 8.50 -4.94 -33.98
C THR C 299 7.72 -6.21 -33.69
N LYS C 300 7.80 -7.17 -34.60
CA LYS C 300 7.23 -8.50 -34.37
C LYS C 300 7.51 -9.02 -32.97
N CYS C 301 8.73 -8.79 -32.49
CA CYS C 301 9.09 -9.25 -31.16
C CYS C 301 8.29 -8.53 -30.08
N THR C 302 8.15 -7.22 -30.18
CA THR C 302 7.42 -6.49 -29.15
C THR C 302 5.92 -6.74 -29.24
N LEU C 303 5.36 -6.70 -30.45
CA LEU C 303 3.94 -6.91 -30.68
C LEU C 303 3.51 -8.37 -30.51
N LYS C 304 4.46 -9.30 -30.37
CA LYS C 304 4.15 -10.71 -30.12
C LYS C 304 3.29 -11.29 -31.24
N SER C 305 3.73 -11.10 -32.49
CA SER C 305 2.97 -11.61 -33.61
C SER C 305 3.87 -11.74 -34.82
N PHE C 306 3.56 -12.71 -35.66
CA PHE C 306 4.29 -12.89 -36.91
C PHE C 306 3.72 -12.06 -38.04
N THR C 307 2.66 -11.31 -37.78
CA THR C 307 2.14 -10.33 -38.74
C THR C 307 1.90 -9.01 -38.02
N VAL C 308 2.36 -7.92 -38.63
CA VAL C 308 2.16 -6.59 -38.07
C VAL C 308 1.50 -5.72 -39.12
N GLU C 309 0.33 -5.19 -38.80
CA GLU C 309 -0.43 -4.40 -39.76
C GLU C 309 0.24 -3.07 -40.01
N LYS C 310 -0.37 -2.28 -40.89
CA LYS C 310 0.11 -0.95 -41.23
C LYS C 310 0.28 -0.09 -39.99
N GLY C 311 1.08 0.95 -40.08
CA GLY C 311 1.12 2.02 -39.11
C GLY C 311 2.47 2.17 -38.46
N ILE C 312 2.48 2.97 -37.40
CA ILE C 312 3.69 3.35 -36.67
C ILE C 312 3.70 2.67 -35.31
N TYR C 313 4.83 2.05 -34.97
CA TYR C 313 5.00 1.33 -33.72
C TYR C 313 6.30 1.77 -33.10
N GLN C 314 6.28 2.05 -31.80
CA GLN C 314 7.50 2.31 -31.04
C GLN C 314 8.03 1.01 -30.47
N THR C 315 9.29 0.68 -30.78
CA THR C 315 9.85 -0.60 -30.38
C THR C 315 10.91 -0.52 -29.31
N SER C 316 11.64 0.59 -29.18
CA SER C 316 12.67 0.63 -28.15
C SER C 316 13.15 2.07 -27.97
N ASN C 317 13.98 2.24 -26.96
CA ASN C 317 14.77 3.44 -26.79
C ASN C 317 16.14 3.27 -27.44
N PHE C 318 16.96 4.31 -27.34
CA PHE C 318 18.34 4.27 -27.78
C PHE C 318 19.12 5.29 -26.99
N ARG C 319 20.45 5.11 -27.00
CA ARG C 319 21.37 6.06 -26.41
C ARG C 319 22.74 5.79 -27.01
N VAL C 320 23.63 6.76 -26.87
CA VAL C 320 25.02 6.62 -27.29
C VAL C 320 25.87 6.22 -26.09
N GLN C 321 26.64 5.16 -26.24
CA GLN C 321 27.32 4.58 -25.08
C GLN C 321 28.57 5.38 -24.72
N PRO C 322 28.89 5.47 -23.43
CA PRO C 322 30.05 6.25 -23.01
C PRO C 322 31.35 5.61 -23.45
N THR C 323 32.36 6.46 -23.64
CA THR C 323 33.66 6.00 -24.11
C THR C 323 34.78 6.66 -23.30
N GLU C 324 35.91 5.95 -23.19
CA GLU C 324 37.17 6.50 -22.68
C GLU C 324 37.04 7.03 -21.24
N SER C 325 36.82 6.09 -20.33
CA SER C 325 36.62 6.39 -18.91
C SER C 325 37.68 7.32 -18.34
N ILE C 326 37.24 8.30 -17.55
CA ILE C 326 38.16 9.24 -16.93
C ILE C 326 37.94 9.29 -15.42
N VAL C 327 38.99 9.65 -14.70
CA VAL C 327 38.98 9.71 -13.24
C VAL C 327 39.87 10.85 -12.78
N ARG C 328 39.36 11.67 -11.87
CA ARG C 328 40.07 12.84 -11.36
C ARG C 328 39.97 12.77 -9.84
N PHE C 329 41.03 12.32 -9.19
CA PHE C 329 41.22 12.39 -7.76
C PHE C 329 42.11 13.56 -7.37
N PRO C 330 42.04 14.01 -6.12
CA PRO C 330 42.84 15.18 -5.71
C PRO C 330 44.34 14.91 -5.86
N ASN C 331 45.08 16.00 -6.00
CA ASN C 331 46.52 15.94 -6.26
C ASN C 331 47.34 15.54 -5.04
N ILE C 332 46.75 15.54 -3.83
CA ILE C 332 47.50 15.19 -2.62
C ILE C 332 48.05 13.76 -2.70
N THR C 333 49.32 13.60 -2.30
CA THR C 333 50.03 12.32 -2.40
C THR C 333 50.87 12.07 -1.13
N ASN C 334 50.26 11.42 -0.14
CA ASN C 334 50.98 11.02 1.08
C ASN C 334 50.05 10.13 1.90
N LEU C 335 50.62 9.11 2.54
CA LEU C 335 49.83 8.16 3.30
C LEU C 335 49.78 8.47 4.80
N CYS C 336 48.77 7.93 5.47
CA CYS C 336 48.63 8.04 6.91
C CYS C 336 49.44 7.00 7.67
N PRO C 337 49.74 7.27 8.94
CA PRO C 337 50.41 6.31 9.83
C PRO C 337 49.47 5.22 10.32
N PHE C 338 49.10 4.30 9.41
CA PHE C 338 48.18 3.25 9.82
C PHE C 338 48.81 2.31 10.84
N GLY C 339 50.12 2.08 10.72
CA GLY C 339 50.80 1.22 11.68
C GLY C 339 50.65 1.75 13.09
N GLU C 340 50.68 3.07 13.23
CA GLU C 340 50.55 3.72 14.53
C GLU C 340 49.20 3.45 15.18
N VAL C 341 48.24 2.98 14.39
CA VAL C 341 46.90 2.70 14.91
C VAL C 341 46.84 1.30 15.50
N PHE C 342 47.59 0.36 14.93
CA PHE C 342 47.54 -1.05 15.28
C PHE C 342 48.79 -1.51 16.01
N ASN C 343 49.92 -0.86 15.77
CA ASN C 343 51.19 -1.27 16.36
C ASN C 343 51.51 -0.34 17.53
N ALA C 344 50.78 -0.56 18.63
CA ALA C 344 50.97 0.24 19.83
C ALA C 344 50.32 -0.47 21.00
N THR C 345 50.93 -0.32 22.17
CA THR C 345 50.43 -0.93 23.41
C THR C 345 49.76 0.07 24.34
N ARG C 346 49.79 1.36 24.03
CA ARG C 346 49.14 2.36 24.86
C ARG C 346 47.65 2.50 24.57
N PHE C 347 46.91 1.41 24.57
CA PHE C 347 45.48 1.46 24.36
C PHE C 347 44.78 1.95 25.63
N ALA C 348 43.71 2.72 25.45
CA ALA C 348 42.97 3.28 26.57
C ALA C 348 42.00 2.26 27.16
N SER C 349 41.68 2.47 28.45
CA SER C 349 40.63 1.71 29.11
C SER C 349 39.28 2.03 28.49
N VAL C 350 38.33 1.09 28.65
CA VAL C 350 37.03 1.26 28.01
C VAL C 350 36.31 2.50 28.54
N TYR C 351 36.28 2.68 29.86
CA TYR C 351 35.61 3.85 30.42
C TYR C 351 36.26 5.14 29.96
N ALA C 352 37.53 5.09 29.57
CA ALA C 352 38.30 6.24 29.12
C ALA C 352 38.77 6.04 27.67
N TRP C 353 37.94 5.39 26.86
CA TRP C 353 38.30 5.06 25.49
C TRP C 353 38.85 6.27 24.74
N ASN C 354 40.01 6.09 24.12
CA ASN C 354 40.66 7.12 23.35
C ASN C 354 40.04 7.20 21.96
N ARG C 355 40.39 8.25 21.24
CA ARG C 355 39.95 8.42 19.87
C ARG C 355 40.85 9.42 19.18
N LYS C 356 41.29 9.09 17.98
CA LYS C 356 42.07 10.03 17.18
C LYS C 356 41.39 10.24 15.84
N ARG C 357 42.02 11.10 15.02
CA ARG C 357 41.50 11.43 13.71
C ARG C 357 42.52 11.11 12.64
N ILE C 358 42.02 10.74 11.47
CA ILE C 358 42.80 10.35 10.31
C ILE C 358 42.35 11.21 9.14
N SER C 359 43.27 12.00 8.60
CA SER C 359 42.92 12.95 7.55
C SER C 359 44.15 13.33 6.74
N ASN C 360 43.89 13.95 5.59
CA ASN C 360 44.90 14.54 4.72
C ASN C 360 45.98 13.53 4.33
N CYS C 361 45.55 12.38 3.84
CA CYS C 361 46.52 11.36 3.47
C CYS C 361 45.90 10.36 2.50
N VAL C 362 46.77 9.50 1.99
CA VAL C 362 46.37 8.38 1.14
C VAL C 362 46.01 7.20 2.01
N ALA C 363 44.85 6.60 1.76
CA ALA C 363 44.34 5.48 2.54
C ALA C 363 44.99 4.11 2.31
N ASP C 364 44.27 3.26 1.56
CA ASP C 364 44.66 1.88 1.22
C ASP C 364 44.74 0.94 2.43
N TYR C 365 43.65 0.24 2.71
CA TYR C 365 43.57 -0.66 3.86
C TYR C 365 43.60 -2.17 3.54
N SER C 366 43.89 -2.51 2.29
CA SER C 366 43.97 -3.91 1.88
C SER C 366 44.89 -4.72 2.79
N VAL C 367 45.95 -4.10 3.29
CA VAL C 367 46.85 -4.80 4.21
C VAL C 367 46.10 -5.19 5.47
N LEU C 368 45.24 -4.32 5.95
CA LEU C 368 44.50 -4.60 7.18
C LEU C 368 43.32 -5.53 6.88
N TYR C 369 42.70 -5.32 5.72
CA TYR C 369 41.51 -6.07 5.36
C TYR C 369 41.83 -7.56 5.18
N ASN C 370 42.81 -7.87 4.33
CA ASN C 370 43.02 -9.28 3.99
C ASN C 370 43.89 -10.01 5.00
N SER C 371 44.89 -9.35 5.58
CA SER C 371 45.82 -10.06 6.45
C SER C 371 45.13 -10.53 7.73
N ALA C 372 45.72 -11.57 8.34
CA ALA C 372 45.22 -12.13 9.59
C ALA C 372 45.59 -11.28 10.80
N SER C 373 46.10 -10.06 10.57
CA SER C 373 46.44 -9.17 11.67
C SER C 373 45.25 -8.92 12.59
N PHE C 374 44.04 -8.90 12.03
CA PHE C 374 42.84 -8.66 12.79
C PHE C 374 42.09 -9.97 13.02
N SER C 375 41.57 -10.13 14.23
CA SER C 375 40.74 -11.29 14.54
C SER C 375 39.28 -11.08 14.15
N THR C 376 38.81 -9.83 14.16
CA THR C 376 37.46 -9.51 13.74
C THR C 376 37.57 -8.36 12.74
N PHE C 377 36.88 -8.50 11.60
CA PHE C 377 36.83 -7.42 10.60
C PHE C 377 35.43 -7.35 10.04
N LYS C 378 34.62 -6.43 10.55
CA LYS C 378 33.23 -6.31 10.10
C LYS C 378 32.91 -4.84 9.93
N CYS C 379 32.32 -4.50 8.80
CA CYS C 379 31.99 -3.13 8.44
C CYS C 379 30.48 -2.97 8.38
N TYR C 380 29.98 -1.77 8.69
CA TYR C 380 28.54 -1.51 8.76
C TYR C 380 28.15 -0.52 7.67
N GLY C 381 27.52 -1.04 6.63
CA GLY C 381 27.08 -0.31 5.46
C GLY C 381 28.12 -0.06 4.40
N VAL C 382 29.33 -0.59 4.56
CA VAL C 382 30.41 -0.37 3.60
C VAL C 382 31.00 -1.73 3.22
N SER C 383 31.16 -1.97 1.93
CA SER C 383 31.78 -3.21 1.48
C SER C 383 33.28 -3.08 1.60
N PRO C 384 33.95 -3.91 2.40
CA PRO C 384 35.40 -3.77 2.58
C PRO C 384 36.19 -3.87 1.29
N THR C 385 35.67 -4.57 0.29
CA THR C 385 36.43 -4.81 -0.91
C THR C 385 36.48 -3.57 -1.78
N LYS C 386 35.75 -2.53 -1.39
CA LYS C 386 35.72 -1.26 -2.10
C LYS C 386 36.35 -0.16 -1.27
N LEU C 387 36.93 -0.52 -0.11
CA LEU C 387 37.42 0.49 0.81
C LEU C 387 38.45 1.40 0.16
N ASN C 388 39.34 0.83 -0.64
CA ASN C 388 40.39 1.62 -1.27
C ASN C 388 39.82 2.60 -2.30
N ASP C 389 38.67 2.28 -2.89
CA ASP C 389 38.11 3.12 -3.95
C ASP C 389 37.14 4.16 -3.44
N LEU C 390 36.95 4.25 -2.13
CA LEU C 390 36.00 5.18 -1.50
C LEU C 390 36.76 6.33 -0.87
N CYS C 391 36.47 7.55 -1.33
CA CYS C 391 37.13 8.73 -0.79
C CYS C 391 36.24 9.30 0.32
N PHE C 392 36.84 9.65 1.45
CA PHE C 392 36.07 10.19 2.56
C PHE C 392 36.66 11.50 3.02
N THR C 393 35.85 12.25 3.78
CA THR C 393 36.31 13.51 4.34
C THR C 393 37.31 13.29 5.46
N ASN C 394 36.86 12.64 6.55
CA ASN C 394 37.80 12.24 7.60
C ASN C 394 37.45 10.86 8.13
N VAL C 395 38.31 10.33 9.00
CA VAL C 395 38.02 9.08 9.69
C VAL C 395 38.33 9.26 11.16
N TYR C 396 37.43 8.78 12.02
CA TYR C 396 37.67 8.78 13.46
C TYR C 396 37.95 7.37 13.94
N ALA C 397 39.06 7.18 14.65
CA ALA C 397 39.45 5.88 15.18
C ALA C 397 39.26 5.88 16.69
N ASP C 398 38.30 5.09 17.17
CA ASP C 398 38.02 4.99 18.60
C ASP C 398 38.71 3.74 19.12
N SER C 399 39.71 3.94 19.98
CA SER C 399 40.57 2.89 20.51
C SER C 399 40.24 2.59 21.97
N PHE C 400 40.11 1.31 22.32
CA PHE C 400 39.95 0.95 23.72
C PHE C 400 40.18 -0.54 23.88
N VAL C 401 40.38 -0.97 25.12
CA VAL C 401 40.45 -2.38 25.47
C VAL C 401 39.16 -2.76 26.17
N ILE C 402 38.73 -4.01 25.99
CA ILE C 402 37.47 -4.48 26.56
C ILE C 402 37.56 -5.97 26.84
N ARG C 403 36.66 -6.45 27.69
CA ARG C 403 36.54 -7.87 27.97
C ARG C 403 36.17 -8.63 26.71
N GLY C 404 36.65 -9.87 26.62
CA GLY C 404 36.41 -10.68 25.43
C GLY C 404 34.93 -10.93 25.19
N ASP C 405 34.23 -11.46 26.20
CA ASP C 405 32.82 -11.78 26.05
C ASP C 405 31.97 -10.55 25.73
N GLU C 406 32.36 -9.37 26.19
CA GLU C 406 31.54 -8.17 26.00
C GLU C 406 31.59 -7.62 24.58
N VAL C 407 32.42 -8.22 23.71
CA VAL C 407 32.56 -7.74 22.34
C VAL C 407 31.20 -7.71 21.64
N ARG C 408 30.33 -8.67 21.95
CA ARG C 408 29.03 -8.72 21.31
C ARG C 408 28.19 -7.46 21.54
N GLN C 409 28.53 -6.65 22.54
CA GLN C 409 27.74 -5.43 22.77
C GLN C 409 28.18 -4.28 21.88
N ILE C 410 29.28 -4.42 21.16
CA ILE C 410 29.81 -3.34 20.31
C ILE C 410 29.12 -3.47 18.96
N ALA C 411 27.87 -3.03 18.91
CA ALA C 411 27.08 -3.14 17.70
C ALA C 411 25.89 -2.18 17.81
N PRO C 412 25.28 -1.79 16.70
CA PRO C 412 24.02 -1.07 16.77
C PRO C 412 22.90 -1.97 17.26
N GLY C 413 21.93 -1.36 17.93
CA GLY C 413 20.76 -2.09 18.39
C GLY C 413 21.03 -3.02 19.55
N GLN C 414 22.05 -2.74 20.36
CA GLN C 414 22.42 -3.60 21.47
C GLN C 414 22.06 -2.94 22.78
N THR C 415 21.90 -3.76 23.82
CA THR C 415 21.72 -3.30 25.18
C THR C 415 22.71 -4.01 26.09
N GLY C 416 22.90 -3.45 27.27
CA GLY C 416 23.79 -4.06 28.24
C GLY C 416 24.52 -3.00 29.04
N LYS C 417 25.53 -3.46 29.77
CA LYS C 417 26.31 -2.58 30.63
C LYS C 417 27.07 -1.56 29.78
N ILE C 418 27.81 -2.05 28.79
CA ILE C 418 28.64 -1.17 27.98
C ILE C 418 27.75 -0.27 27.14
N ALA C 419 26.77 -0.86 26.45
CA ALA C 419 25.89 -0.11 25.57
C ALA C 419 25.23 1.06 26.27
N ASP C 420 24.92 0.92 27.55
CA ASP C 420 24.21 1.96 28.28
C ASP C 420 25.13 2.89 29.05
N TYR C 421 26.21 2.38 29.64
CA TYR C 421 27.07 3.22 30.47
C TYR C 421 28.49 3.40 29.96
N ASN C 422 28.93 2.62 28.99
CA ASN C 422 30.32 2.75 28.55
C ASN C 422 30.49 3.18 27.11
N TYR C 423 29.74 2.61 26.17
CA TYR C 423 29.96 2.93 24.76
C TYR C 423 28.72 2.57 23.96
N LYS C 424 28.09 3.57 23.34
CA LYS C 424 26.86 3.38 22.58
C LYS C 424 27.16 3.69 21.12
N LEU C 425 26.52 2.95 20.22
CA LEU C 425 26.75 3.33 18.84
C LEU C 425 25.50 3.94 18.21
N PRO C 426 25.68 4.94 17.36
CA PRO C 426 24.52 5.53 16.67
C PRO C 426 23.95 4.54 15.67
N ASP C 427 22.65 4.66 15.40
CA ASP C 427 22.05 3.81 14.40
C ASP C 427 22.34 4.44 13.05
N ASP C 428 23.51 4.11 12.51
CA ASP C 428 23.99 4.71 11.28
C ASP C 428 25.08 3.81 10.72
N PHE C 429 25.64 4.21 9.59
CA PHE C 429 26.74 3.47 9.01
C PHE C 429 27.97 3.66 9.87
N THR C 430 28.78 2.63 9.98
CA THR C 430 30.05 2.79 10.67
C THR C 430 31.11 2.06 9.86
N GLY C 431 32.30 2.66 9.79
CA GLY C 431 33.27 2.17 8.84
C GLY C 431 33.51 0.71 9.04
N CYS C 432 34.21 0.35 10.12
CA CYS C 432 34.47 -1.05 10.42
C CYS C 432 34.80 -1.21 11.90
N VAL C 433 34.42 -2.36 12.46
CA VAL C 433 34.80 -2.72 13.82
C VAL C 433 35.93 -3.72 13.77
N ILE C 434 37.04 -3.42 14.44
CA ILE C 434 38.20 -4.32 14.46
C ILE C 434 38.51 -4.66 15.91
N ALA C 435 39.08 -5.84 16.12
CA ALA C 435 39.55 -6.22 17.45
C ALA C 435 40.56 -7.35 17.34
N TRP C 436 41.50 -7.37 18.29
CA TRP C 436 42.46 -8.45 18.36
C TRP C 436 42.80 -8.73 19.81
N ASN C 437 43.26 -9.96 20.07
CA ASN C 437 43.62 -10.36 21.42
C ASN C 437 44.91 -9.68 21.87
N SER C 438 45.05 -9.51 23.18
CA SER C 438 46.17 -8.75 23.72
C SER C 438 46.80 -9.43 24.94
N ASN C 439 46.63 -10.74 25.09
CA ASN C 439 47.21 -11.45 26.23
C ASN C 439 48.71 -11.25 26.33
N ASN C 440 49.39 -11.23 25.17
CA ASN C 440 50.84 -11.06 25.15
C ASN C 440 51.27 -9.67 25.63
N LEU C 441 50.37 -8.69 25.66
CA LEU C 441 50.74 -7.34 26.02
C LEU C 441 49.93 -6.72 27.15
N ASP C 442 48.80 -7.32 27.54
CA ASP C 442 47.94 -6.73 28.56
C ASP C 442 47.87 -7.56 29.84
N SER C 443 47.54 -8.83 29.74
CA SER C 443 47.43 -9.67 30.93
C SER C 443 48.79 -10.20 31.37
N TYR C 449 43.69 -5.65 35.21
CA TYR C 449 43.64 -5.16 36.57
C TYR C 449 43.61 -3.64 36.61
N ASN C 450 44.34 -3.01 35.69
CA ASN C 450 44.38 -1.56 35.60
C ASN C 450 43.20 -0.97 34.84
N TYR C 451 42.41 -1.78 34.16
CA TYR C 451 41.24 -1.34 33.41
C TYR C 451 39.98 -1.49 34.26
N LEU C 452 38.91 -0.86 33.79
CA LEU C 452 37.66 -0.83 34.56
C LEU C 452 36.55 -0.35 33.63
N TYR C 453 35.33 -0.75 33.98
CA TYR C 453 34.15 -0.32 33.24
C TYR C 453 33.03 0.03 34.20
N ARG C 454 32.07 0.79 33.72
CA ARG C 454 30.93 1.20 34.54
C ARG C 454 29.74 0.26 34.34
N ASN C 460 22.15 6.53 31.33
CA ASN C 460 22.54 6.01 30.02
C ASN C 460 23.00 7.15 29.11
N LEU C 461 24.26 7.10 28.68
CA LEU C 461 24.80 8.16 27.85
C LEU C 461 24.35 7.98 26.41
N LYS C 462 24.70 8.95 25.58
CA LYS C 462 24.36 8.97 24.16
C LYS C 462 25.47 8.31 23.35
N PRO C 463 25.21 7.98 22.08
CA PRO C 463 26.25 7.34 21.28
C PRO C 463 27.41 8.28 21.07
N PHE C 464 28.61 7.71 21.07
CA PHE C 464 29.85 8.46 20.82
C PHE C 464 29.99 9.60 21.84
N GLU C 465 30.05 9.21 23.10
CA GLU C 465 30.28 10.13 24.21
C GLU C 465 31.32 9.53 25.14
N ARG C 466 32.31 10.34 25.52
CA ARG C 466 33.39 9.89 26.39
C ARG C 466 33.02 10.32 27.80
N ASP C 467 32.49 9.38 28.58
CA ASP C 467 31.98 9.64 29.91
C ASP C 467 32.85 8.92 30.94
N ILE C 468 33.66 9.69 31.67
CA ILE C 468 34.52 9.13 32.71
C ILE C 468 34.23 9.72 34.08
N SER C 469 33.24 10.60 34.20
CA SER C 469 32.90 11.17 35.49
C SER C 469 32.37 10.09 36.43
N THR C 470 32.61 10.29 37.72
CA THR C 470 32.22 9.33 38.74
C THR C 470 31.51 10.03 39.88
N GLU C 471 30.63 9.30 40.56
CA GLU C 471 29.88 9.83 41.68
C GLU C 471 29.33 8.71 42.56
N ASN C 487 25.13 3.55 50.95
CA ASN C 487 24.58 3.58 49.61
C ASN C 487 25.33 4.56 48.71
N CYS C 488 26.51 4.99 49.16
CA CYS C 488 27.35 5.86 48.34
C CYS C 488 28.19 4.95 47.45
N TYR C 489 27.82 4.87 46.18
CA TYR C 489 28.42 3.93 45.23
C TYR C 489 28.91 4.68 44.01
N PHE C 490 30.05 4.26 43.48
CA PHE C 490 30.48 4.78 42.19
C PHE C 490 30.51 3.64 41.18
N PRO C 491 30.19 3.92 39.92
CA PRO C 491 29.94 2.82 38.96
C PRO C 491 31.17 2.00 38.63
N LEU C 492 32.34 2.62 38.47
CA LEU C 492 33.51 1.94 37.93
C LEU C 492 33.92 0.71 38.72
N GLN C 493 33.77 -0.46 38.08
CA GLN C 493 34.20 -1.75 38.58
C GLN C 493 35.39 -2.22 37.76
N SER C 494 36.46 -2.59 38.44
CA SER C 494 37.70 -2.96 37.78
C SER C 494 37.57 -4.27 37.02
N TYR C 495 38.48 -4.46 36.07
CA TYR C 495 38.60 -5.65 35.24
C TYR C 495 39.96 -6.31 35.44
N GLY C 496 39.95 -7.53 35.96
CA GLY C 496 41.18 -8.25 36.25
C GLY C 496 41.42 -9.24 35.13
N PHE C 497 42.59 -9.15 34.50
CA PHE C 497 42.93 -10.01 33.38
C PHE C 497 43.99 -11.02 33.78
N GLN C 498 43.80 -12.26 33.33
CA GLN C 498 44.73 -13.34 33.63
C GLN C 498 45.33 -13.89 32.35
N VAL C 503 39.82 -17.55 27.95
CA VAL C 503 39.82 -16.45 27.01
C VAL C 503 38.47 -15.73 27.07
N GLY C 504 37.51 -16.35 27.76
CA GLY C 504 36.19 -15.76 27.89
C GLY C 504 36.20 -14.37 28.50
N TYR C 505 37.28 -14.01 29.20
CA TYR C 505 37.46 -12.68 29.73
C TYR C 505 38.83 -12.11 29.38
N GLN C 506 39.54 -12.73 28.45
CA GLN C 506 40.81 -12.19 28.00
C GLN C 506 40.58 -10.78 27.45
N PRO C 507 41.55 -9.88 27.60
CA PRO C 507 41.39 -8.54 27.04
C PRO C 507 41.50 -8.57 25.53
N TYR C 508 40.73 -7.71 24.88
CA TYR C 508 40.85 -7.47 23.46
C TYR C 508 40.96 -5.98 23.21
N ARG C 509 41.80 -5.63 22.24
CA ARG C 509 41.93 -4.25 21.81
C ARG C 509 41.00 -4.05 20.62
N VAL C 510 40.13 -3.06 20.72
CA VAL C 510 39.09 -2.78 19.74
C VAL C 510 39.32 -1.39 19.18
N VAL C 511 39.27 -1.28 17.85
CA VAL C 511 39.34 -0.01 17.14
C VAL C 511 38.12 0.10 16.24
N VAL C 512 37.34 1.15 16.43
CA VAL C 512 36.15 1.42 15.63
C VAL C 512 36.47 2.55 14.67
N LEU C 513 36.33 2.28 13.37
CA LEU C 513 36.63 3.26 12.33
C LEU C 513 35.32 3.84 11.83
N SER C 514 35.06 5.10 12.22
CA SER C 514 33.88 5.88 11.87
C SER C 514 34.19 6.76 10.66
N PHE C 515 33.53 6.50 9.54
CA PHE C 515 33.80 7.22 8.30
C PHE C 515 32.99 8.51 8.26
N GLU C 516 33.66 9.63 8.01
CA GLU C 516 33.08 10.95 7.99
C GLU C 516 33.03 11.35 6.52
N LEU C 517 31.88 11.07 5.90
CA LEU C 517 31.68 11.14 4.46
C LEU C 517 30.72 12.28 4.11
N LEU C 518 30.99 12.96 3.01
CA LEU C 518 30.16 14.04 2.47
C LEU C 518 30.06 15.25 3.39
N HIS C 519 30.86 15.31 4.45
CA HIS C 519 30.87 16.48 5.33
C HIS C 519 31.81 17.56 4.83
N ALA C 520 32.60 17.28 3.81
CA ALA C 520 33.64 18.16 3.28
C ALA C 520 34.11 17.57 1.96
N PRO C 521 34.99 18.25 1.21
CA PRO C 521 35.66 17.57 0.11
C PRO C 521 36.50 16.43 0.64
N ALA C 522 36.27 15.24 0.09
CA ALA C 522 36.83 14.02 0.66
C ALA C 522 38.35 14.07 0.63
N THR C 523 39.06 13.75 1.70
CA THR C 523 40.52 13.81 1.69
C THR C 523 41.24 12.52 2.08
N VAL C 524 40.61 11.37 1.87
CA VAL C 524 41.24 10.08 2.22
C VAL C 524 40.67 8.90 1.43
N CYS C 525 41.51 8.29 0.60
CA CYS C 525 41.10 7.13 -0.19
C CYS C 525 42.26 6.28 -0.71
N GLY C 526 41.91 5.21 -1.43
CA GLY C 526 42.86 4.27 -1.99
C GLY C 526 43.71 4.75 -3.15
N PRO C 527 44.61 3.88 -3.63
CA PRO C 527 45.54 4.15 -4.72
C PRO C 527 44.96 3.90 -6.12
N LYS C 528 45.07 4.90 -6.98
CA LYS C 528 44.61 4.82 -8.37
C LYS C 528 45.20 6.05 -9.04
N LYS C 529 45.61 5.96 -10.30
CA LYS C 529 46.21 7.14 -10.92
C LYS C 529 45.20 7.92 -11.75
N SER C 530 45.03 9.20 -11.43
CA SER C 530 44.03 10.01 -12.09
C SER C 530 44.37 10.18 -13.57
N THR C 531 43.38 10.61 -14.34
CA THR C 531 43.57 10.89 -15.75
C THR C 531 43.07 12.29 -16.11
N ASN C 532 43.82 12.97 -16.97
CA ASN C 532 43.37 14.22 -17.55
C ASN C 532 42.07 14.02 -18.32
N LEU C 533 41.19 14.99 -18.25
CA LEU C 533 39.83 14.83 -18.74
C LEU C 533 39.74 15.20 -20.23
N VAL C 534 38.57 14.92 -20.81
CA VAL C 534 38.30 15.21 -22.22
C VAL C 534 37.10 16.14 -22.31
N LYS C 535 36.72 16.51 -23.53
CA LYS C 535 35.56 17.36 -23.72
C LYS C 535 34.69 16.84 -24.86
N ASN C 536 33.46 17.35 -24.89
CA ASN C 536 32.46 17.16 -25.94
C ASN C 536 32.10 15.70 -26.22
N LYS C 537 32.48 14.77 -25.36
CA LYS C 537 32.26 13.35 -25.63
C LYS C 537 31.57 12.72 -24.42
N CYS C 538 30.57 11.88 -24.68
CA CYS C 538 29.95 11.17 -23.57
C CYS C 538 30.98 10.20 -23.02
N VAL C 539 31.25 10.32 -21.72
CA VAL C 539 32.20 9.49 -21.01
C VAL C 539 31.62 9.05 -19.67
N ASN C 540 32.23 8.01 -19.11
CA ASN C 540 32.01 7.60 -17.74
C ASN C 540 33.15 8.17 -16.88
N PHE C 541 32.80 9.14 -16.06
CA PHE C 541 33.69 9.94 -15.24
C PHE C 541 33.57 9.52 -13.78
N ASN C 542 34.65 9.81 -13.04
CA ASN C 542 34.70 9.58 -11.60
C ASN C 542 35.53 10.70 -10.97
N PHE C 543 34.82 11.70 -10.43
CA PHE C 543 35.43 12.85 -9.78
C PHE C 543 35.42 12.70 -8.26
N ASN C 544 36.58 12.38 -7.70
CA ASN C 544 36.80 12.20 -6.27
C ASN C 544 35.72 11.37 -5.58
N GLY C 545 35.02 10.50 -6.30
CA GLY C 545 33.97 9.73 -5.65
C GLY C 545 32.63 9.80 -6.33
N LEU C 546 32.52 10.65 -7.35
CA LEU C 546 31.29 10.81 -8.12
C LEU C 546 31.48 9.99 -9.38
N THR C 547 30.57 9.05 -9.62
CA THR C 547 30.70 8.16 -10.77
C THR C 547 29.44 8.23 -11.61
N GLY C 548 29.56 8.82 -12.79
CA GLY C 548 28.43 8.87 -13.69
C GLY C 548 28.88 8.99 -15.12
N THR C 549 27.92 9.26 -15.99
CA THR C 549 28.23 9.43 -17.41
C THR C 549 27.70 10.76 -17.89
N GLY C 550 28.31 11.26 -18.96
CA GLY C 550 27.88 12.49 -19.59
C GLY C 550 29.04 13.13 -20.31
N VAL C 551 28.81 14.35 -20.78
CA VAL C 551 29.77 15.12 -21.54
C VAL C 551 30.21 16.30 -20.67
N LEU C 552 31.52 16.47 -20.53
CA LEU C 552 32.10 17.52 -19.72
C LEU C 552 32.46 18.69 -20.63
N THR C 553 31.97 19.87 -20.30
CA THR C 553 32.25 21.09 -21.05
C THR C 553 32.60 22.21 -20.11
N GLU C 554 33.42 23.16 -20.56
CA GLU C 554 33.81 24.26 -19.68
C GLU C 554 32.58 25.05 -19.26
N SER C 555 32.50 25.38 -17.97
CA SER C 555 31.32 26.00 -17.39
C SER C 555 31.52 27.51 -17.26
N ASN C 556 30.69 28.27 -18.00
CA ASN C 556 30.58 29.70 -17.78
C ASN C 556 29.84 30.07 -16.50
N LYS C 557 29.10 29.13 -15.91
CA LYS C 557 28.36 29.38 -14.67
C LYS C 557 29.34 29.66 -13.54
N LYS C 558 29.40 30.91 -13.11
CA LYS C 558 30.38 31.36 -12.13
C LYS C 558 30.10 30.72 -10.78
N PHE C 559 31.00 29.84 -10.35
CA PHE C 559 31.01 29.34 -9.00
C PHE C 559 31.52 30.41 -8.04
N LEU C 560 31.60 30.03 -6.77
CA LEU C 560 32.21 30.86 -5.75
C LEU C 560 33.32 30.04 -5.09
N PRO C 561 34.32 30.70 -4.50
CA PRO C 561 35.48 29.99 -3.94
C PRO C 561 35.19 28.80 -3.05
N PHE C 562 33.97 28.64 -2.57
CA PHE C 562 33.62 27.56 -1.66
C PHE C 562 32.52 26.69 -2.22
N GLN C 563 32.52 26.46 -3.53
CA GLN C 563 31.59 25.56 -4.18
C GLN C 563 32.35 24.60 -5.08
N GLN C 564 32.02 23.32 -4.97
CA GLN C 564 32.67 22.25 -5.71
C GLN C 564 31.85 21.85 -6.92
N PHE C 565 30.53 21.74 -6.73
CA PHE C 565 29.61 21.38 -7.80
C PHE C 565 28.27 22.01 -7.49
N GLY C 566 27.41 22.07 -8.50
CA GLY C 566 26.09 22.63 -8.33
C GLY C 566 25.01 21.74 -8.94
N ARG C 567 23.77 22.16 -8.73
CA ARG C 567 22.59 21.49 -9.26
C ARG C 567 21.64 22.58 -9.72
N ASP C 568 21.17 22.47 -10.95
CA ASP C 568 20.22 23.48 -11.43
C ASP C 568 18.82 23.28 -10.87
N ILE C 569 18.35 22.04 -10.79
CA ILE C 569 17.04 21.78 -10.19
C ILE C 569 16.91 20.30 -9.89
N ALA C 570 16.37 19.99 -8.71
CA ALA C 570 15.95 18.65 -8.32
C ALA C 570 17.08 17.63 -8.47
N ASP C 571 18.14 17.85 -7.70
CA ASP C 571 19.26 16.93 -7.55
C ASP C 571 19.98 16.66 -8.87
N THR C 572 19.66 17.42 -9.90
CA THR C 572 20.32 17.23 -11.18
C THR C 572 21.67 17.96 -11.17
N THR C 573 22.74 17.26 -10.80
CA THR C 573 24.05 17.89 -10.76
C THR C 573 24.39 18.42 -12.14
N ASP C 574 24.73 19.70 -12.20
CA ASP C 574 25.06 20.36 -13.45
C ASP C 574 26.56 20.44 -13.71
N ALA C 575 27.37 20.73 -12.70
CA ALA C 575 28.80 20.95 -12.92
C ALA C 575 29.60 20.23 -11.84
N VAL C 576 30.93 20.37 -11.94
CA VAL C 576 31.86 19.92 -10.90
C VAL C 576 33.22 20.55 -11.13
N ARG C 577 33.89 20.95 -10.05
CA ARG C 577 35.26 21.45 -10.12
C ARG C 577 36.27 20.31 -10.00
N ASP C 578 37.20 20.26 -10.95
CA ASP C 578 38.18 19.19 -10.98
C ASP C 578 39.08 19.25 -9.76
N PRO C 579 39.24 18.15 -9.02
CA PRO C 579 40.05 18.20 -7.79
C PRO C 579 41.53 18.46 -8.01
N GLN C 580 41.97 18.65 -9.25
CA GLN C 580 43.36 18.96 -9.53
C GLN C 580 43.55 20.36 -10.09
N THR C 581 42.81 20.69 -11.15
CA THR C 581 42.99 21.95 -11.84
C THR C 581 42.01 23.00 -11.35
N LEU C 582 41.08 22.60 -10.48
CA LEU C 582 40.10 23.50 -9.89
C LEU C 582 39.22 24.13 -10.98
N GLU C 583 39.01 23.42 -12.07
CA GLU C 583 38.17 23.94 -13.13
C GLU C 583 36.79 23.32 -13.01
N ILE C 584 35.78 24.08 -13.42
CA ILE C 584 34.39 23.64 -13.34
C ILE C 584 33.91 23.25 -14.72
N LEU C 585 33.45 22.03 -14.85
CA LEU C 585 32.95 21.50 -16.11
C LEU C 585 31.53 21.00 -15.87
N ASP C 586 30.67 21.31 -16.83
CA ASP C 586 29.30 20.86 -16.81
C ASP C 586 29.20 19.45 -17.38
N ILE C 587 28.20 18.71 -16.91
CA ILE C 587 27.93 17.35 -17.37
C ILE C 587 26.57 17.31 -18.06
N THR C 588 26.59 17.47 -19.38
CA THR C 588 25.37 17.41 -20.17
C THR C 588 25.27 16.00 -20.75
N PRO C 589 24.35 15.18 -20.20
CA PRO C 589 24.15 13.79 -20.65
C PRO C 589 24.05 13.64 -22.16
N CYS C 590 24.74 12.65 -22.71
CA CYS C 590 24.71 12.40 -24.15
C CYS C 590 23.28 12.09 -24.61
N SER C 591 22.93 12.59 -25.79
CA SER C 591 21.59 12.41 -26.35
C SER C 591 21.08 10.98 -26.38
N PHE C 592 19.78 10.83 -26.15
CA PHE C 592 19.10 9.54 -26.16
C PHE C 592 17.64 9.79 -26.48
N GLY C 593 16.90 8.72 -26.75
CA GLY C 593 15.47 8.89 -26.96
C GLY C 593 14.82 7.66 -27.57
N GLY C 594 13.58 7.86 -28.00
CA GLY C 594 12.78 6.78 -28.58
C GLY C 594 12.95 6.60 -30.07
N VAL C 595 12.87 5.35 -30.50
CA VAL C 595 12.93 5.00 -31.92
C VAL C 595 11.66 4.26 -32.30
N SER C 596 11.04 4.69 -33.39
CA SER C 596 9.79 4.13 -33.88
C SER C 596 9.94 3.63 -35.31
N VAL C 597 9.10 2.68 -35.69
CA VAL C 597 9.15 2.08 -37.02
C VAL C 597 7.90 2.41 -37.80
N ILE C 598 8.08 2.69 -39.08
CA ILE C 598 7.02 2.99 -40.04
C ILE C 598 6.94 1.84 -41.02
N THR C 599 5.78 1.19 -41.09
CA THR C 599 5.63 0.08 -42.01
C THR C 599 4.35 0.22 -42.79
N PRO C 600 4.30 -0.32 -44.02
CA PRO C 600 3.02 -0.53 -44.70
C PRO C 600 2.29 -1.80 -44.29
N GLY C 601 2.77 -2.53 -43.30
CA GLY C 601 2.11 -3.73 -42.85
C GLY C 601 3.01 -4.96 -42.93
N THR C 602 2.40 -6.10 -43.20
CA THR C 602 3.11 -7.36 -43.28
C THR C 602 3.05 -7.98 -44.67
N ASN C 603 1.90 -7.98 -45.31
CA ASN C 603 1.78 -8.53 -46.66
C ASN C 603 2.14 -7.52 -47.74
N THR C 604 1.84 -6.24 -47.52
CA THR C 604 2.07 -5.25 -48.58
C THR C 604 3.53 -5.09 -48.91
N SER C 605 4.41 -5.21 -47.91
CA SER C 605 5.85 -5.12 -48.11
C SER C 605 6.53 -5.52 -46.81
N ASN C 606 7.81 -5.87 -46.93
CA ASN C 606 8.64 -6.09 -45.76
C ASN C 606 9.61 -4.95 -45.54
N GLN C 607 9.50 -3.88 -46.31
CA GLN C 607 10.33 -2.70 -46.13
C GLN C 607 9.81 -1.87 -44.96
N VAL C 608 10.67 -0.97 -44.46
CA VAL C 608 10.40 -0.25 -43.22
C VAL C 608 11.26 1.00 -43.17
N ALA C 609 10.69 2.08 -42.66
CA ALA C 609 11.44 3.30 -42.36
C ALA C 609 11.55 3.49 -40.85
N VAL C 610 12.65 4.08 -40.41
CA VAL C 610 12.92 4.23 -38.99
C VAL C 610 12.98 5.69 -38.61
N LEU C 611 12.20 6.08 -37.60
CA LEU C 611 12.16 7.45 -37.11
C LEU C 611 12.82 7.54 -35.74
N TYR C 612 13.79 8.44 -35.60
CA TYR C 612 14.44 8.69 -34.32
C TYR C 612 13.84 9.96 -33.75
N GLN C 613 13.01 9.79 -32.72
CA GLN C 613 12.22 10.88 -32.18
C GLN C 613 13.10 11.98 -31.61
N ASP C 614 12.90 13.20 -32.11
CA ASP C 614 13.56 14.39 -31.60
C ASP C 614 15.07 14.21 -31.44
N VAL C 615 15.72 13.74 -32.49
CA VAL C 615 17.17 13.61 -32.51
C VAL C 615 17.68 14.22 -33.80
N ASN C 616 18.72 15.04 -33.70
CA ASN C 616 19.33 15.59 -34.90
C ASN C 616 20.17 14.50 -35.54
N CYS C 617 19.87 14.14 -36.78
CA CYS C 617 20.65 13.06 -37.39
C CYS C 617 22.08 13.49 -37.66
N THR C 618 22.88 13.37 -36.60
CA THR C 618 24.30 13.64 -36.61
C THR C 618 25.04 12.47 -36.03
N GLU C 619 24.36 11.67 -35.23
CA GLU C 619 24.83 10.44 -34.62
C GLU C 619 24.53 9.29 -35.57
N VAL C 620 24.58 8.06 -35.07
CA VAL C 620 24.23 6.91 -35.89
C VAL C 620 22.71 6.87 -36.05
N ASN C 641 17.41 6.78 -47.45
CA ASN C 641 17.87 8.15 -47.37
C ASN C 641 17.70 8.75 -45.98
N VAL C 642 18.21 9.95 -45.79
CA VAL C 642 18.19 10.66 -44.52
C VAL C 642 17.42 11.95 -44.68
N PHE C 643 16.36 12.15 -43.88
CA PHE C 643 15.54 13.33 -44.00
C PHE C 643 15.14 13.79 -42.62
N GLN C 644 15.28 15.08 -42.36
CA GLN C 644 15.02 15.65 -41.05
C GLN C 644 13.66 16.35 -41.00
N THR C 645 12.95 16.11 -39.90
CA THR C 645 11.64 16.70 -39.65
C THR C 645 11.68 17.43 -38.30
N ARG C 646 10.51 17.86 -37.83
CA ARG C 646 10.39 18.35 -36.47
C ARG C 646 10.07 17.26 -35.46
N ALA C 647 9.39 16.19 -35.89
CA ALA C 647 9.27 15.01 -35.04
C ALA C 647 10.62 14.42 -34.68
N GLY C 648 11.59 14.52 -35.57
CA GLY C 648 12.88 13.90 -35.38
C GLY C 648 13.45 13.56 -36.73
N CYS C 649 14.52 12.79 -36.74
CA CYS C 649 15.16 12.46 -38.00
C CYS C 649 14.69 11.10 -38.51
N LEU C 650 14.10 11.10 -39.69
CA LEU C 650 13.54 9.91 -40.31
C LEU C 650 14.48 9.38 -41.38
N ILE C 651 14.89 8.13 -41.26
CA ILE C 651 15.84 7.51 -42.16
C ILE C 651 15.17 6.30 -42.81
N GLY C 652 15.20 6.26 -44.13
CA GLY C 652 14.63 5.18 -44.91
C GLY C 652 13.51 5.61 -45.82
N ALA C 653 12.84 6.72 -45.51
CA ALA C 653 11.78 7.25 -46.35
C ALA C 653 12.30 8.21 -47.41
N GLU C 654 11.62 8.23 -48.55
CA GLU C 654 11.90 9.15 -49.64
C GLU C 654 11.00 10.38 -49.54
N HIS C 655 11.61 11.55 -49.46
CA HIS C 655 10.84 12.79 -49.39
C HIS C 655 10.30 13.22 -50.74
N VAL C 656 9.05 13.67 -50.77
CA VAL C 656 8.43 14.19 -51.98
C VAL C 656 7.88 15.57 -51.69
N ASN C 657 7.57 16.30 -52.77
CA ASN C 657 7.09 17.68 -52.64
C ASN C 657 5.57 17.80 -52.63
N ASN C 658 4.89 17.10 -53.53
CA ASN C 658 3.44 17.18 -53.59
C ASN C 658 2.80 16.66 -52.31
N SER C 659 1.57 17.11 -52.06
CA SER C 659 0.85 16.84 -50.83
C SER C 659 -0.28 15.86 -51.11
N TYR C 660 -0.70 15.17 -50.06
CA TYR C 660 -1.74 14.15 -50.19
C TYR C 660 -2.51 14.05 -48.88
N GLU C 661 -3.50 13.17 -48.88
CA GLU C 661 -4.23 12.82 -47.67
C GLU C 661 -3.35 12.00 -46.74
N CYS C 662 -3.34 12.36 -45.46
CA CYS C 662 -2.49 11.70 -44.48
C CYS C 662 -2.88 10.23 -44.31
N ASP C 663 -1.95 9.32 -44.62
CA ASP C 663 -2.20 7.90 -44.46
C ASP C 663 -1.69 7.35 -43.13
N ILE C 664 -0.38 7.39 -42.91
CA ILE C 664 0.24 6.95 -41.66
C ILE C 664 0.77 8.18 -40.94
N PRO C 665 0.17 8.58 -39.83
CA PRO C 665 0.60 9.81 -39.16
C PRO C 665 1.97 9.65 -38.53
N ILE C 666 2.77 10.70 -38.61
CA ILE C 666 4.09 10.75 -37.99
C ILE C 666 4.15 11.80 -36.89
N GLY C 667 3.87 13.04 -37.23
CA GLY C 667 3.88 14.13 -36.28
C GLY C 667 4.23 15.42 -36.99
N ALA C 668 3.79 16.52 -36.38
CA ALA C 668 4.08 17.86 -36.88
C ALA C 668 3.65 18.01 -38.33
N GLY C 669 2.49 17.44 -38.65
CA GLY C 669 1.90 17.59 -39.96
C GLY C 669 2.43 16.70 -41.05
N ILE C 670 3.41 15.86 -40.78
CA ILE C 670 4.00 15.01 -41.81
C ILE C 670 3.43 13.60 -41.68
N CYS C 671 3.02 13.02 -42.79
CA CYS C 671 2.53 11.65 -42.77
C CYS C 671 3.16 10.85 -43.91
N ALA C 672 3.09 9.54 -43.80
CA ALA C 672 3.60 8.66 -44.85
C ALA C 672 2.51 7.83 -45.50
N VAL C 687 2.81 4.65 -48.32
CA VAL C 687 3.50 3.89 -49.36
C VAL C 687 2.83 4.08 -50.72
N ALA C 688 3.64 4.30 -51.74
CA ALA C 688 3.13 4.51 -53.09
C ALA C 688 4.26 4.27 -54.07
N SER C 689 3.93 3.68 -55.21
CA SER C 689 4.89 3.35 -56.26
C SER C 689 6.06 2.52 -55.70
N GLN C 690 5.71 1.51 -54.90
CA GLN C 690 6.66 0.49 -54.45
C GLN C 690 7.78 1.05 -53.56
N SER C 691 7.45 2.04 -52.72
CA SER C 691 8.44 2.55 -51.78
C SER C 691 7.73 3.48 -50.79
N ILE C 692 8.43 3.79 -49.71
CA ILE C 692 7.90 4.70 -48.70
C ILE C 692 8.05 6.13 -49.20
N ILE C 693 7.08 6.97 -48.86
CA ILE C 693 7.10 8.39 -49.19
C ILE C 693 6.69 9.20 -47.98
N ALA C 694 7.36 10.34 -47.78
CA ALA C 694 7.06 11.26 -46.70
C ALA C 694 6.58 12.58 -47.30
N TYR C 695 5.42 13.04 -46.85
CA TYR C 695 4.82 14.22 -47.45
C TYR C 695 4.07 14.99 -46.38
N THR C 696 3.76 16.25 -46.70
CA THR C 696 2.92 17.07 -45.84
C THR C 696 1.47 16.79 -46.17
N MET C 697 0.64 16.59 -45.14
CA MET C 697 -0.74 16.23 -45.42
C MET C 697 -1.49 17.41 -46.03
N SER C 698 -2.36 17.11 -46.98
CA SER C 698 -3.31 18.07 -47.51
C SER C 698 -4.54 18.16 -46.62
N LEU C 699 -5.10 19.35 -46.49
CA LEU C 699 -6.33 19.47 -45.72
C LEU C 699 -7.58 19.25 -46.55
N GLY C 700 -7.49 19.34 -47.87
CA GLY C 700 -8.65 19.18 -48.72
C GLY C 700 -8.52 20.06 -49.94
N ALA C 701 -9.58 20.06 -50.75
CA ALA C 701 -9.59 20.89 -51.93
C ALA C 701 -9.71 22.36 -51.54
N GLU C 702 -9.27 23.23 -52.44
CA GLU C 702 -9.30 24.68 -52.23
C GLU C 702 -10.23 25.29 -53.28
N ASN C 703 -11.51 25.49 -52.95
CA ASN C 703 -12.43 26.16 -53.85
C ASN C 703 -13.08 27.36 -53.16
N SER C 704 -12.98 28.52 -53.80
CA SER C 704 -13.60 29.74 -53.31
C SER C 704 -14.98 29.94 -53.94
N VAL C 705 -15.92 30.41 -53.12
CA VAL C 705 -17.29 30.62 -53.55
C VAL C 705 -17.42 31.97 -54.22
N ALA C 706 -18.08 32.00 -55.39
CA ALA C 706 -18.30 33.24 -56.11
C ALA C 706 -19.36 34.07 -55.42
N TYR C 707 -19.00 34.68 -54.30
CA TYR C 707 -19.91 35.59 -53.60
C TYR C 707 -20.19 36.85 -54.40
N SER C 708 -21.44 37.29 -54.35
CA SER C 708 -21.91 38.53 -54.94
C SER C 708 -22.95 39.12 -53.99
N ASN C 709 -23.39 40.34 -54.26
CA ASN C 709 -24.40 40.94 -53.39
C ASN C 709 -25.76 41.01 -54.07
N ASN C 710 -25.97 40.22 -55.11
CA ASN C 710 -27.23 40.17 -55.82
C ASN C 710 -27.32 38.85 -56.56
N SER C 711 -26.70 37.80 -56.04
CA SER C 711 -26.66 36.52 -56.71
C SER C 711 -26.81 35.40 -55.69
N ILE C 712 -27.74 34.50 -55.95
CA ILE C 712 -28.00 33.35 -55.09
C ILE C 712 -27.95 32.07 -55.91
N ALA C 713 -27.47 31.02 -55.28
CA ALA C 713 -27.45 29.67 -55.84
C ALA C 713 -28.63 28.86 -55.32
N ILE C 714 -29.40 28.25 -56.21
CA ILE C 714 -30.53 27.45 -55.68
C ILE C 714 -30.57 26.03 -56.23
N PRO C 715 -30.65 25.03 -55.35
CA PRO C 715 -30.79 23.63 -55.77
C PRO C 715 -32.01 23.36 -56.63
N THR C 716 -31.82 22.50 -57.63
CA THR C 716 -32.93 22.08 -58.49
C THR C 716 -33.09 20.57 -58.52
N ASN C 717 -32.64 19.87 -57.48
CA ASN C 717 -32.77 18.41 -57.43
C ASN C 717 -32.37 17.94 -56.05
N PHE C 718 -32.59 16.66 -55.77
CA PHE C 718 -32.20 16.18 -54.45
C PHE C 718 -31.98 14.67 -54.43
N THR C 719 -31.04 14.25 -53.58
CA THR C 719 -30.67 12.86 -53.37
C THR C 719 -30.81 12.49 -51.90
N ILE C 720 -31.60 11.47 -51.60
CA ILE C 720 -31.69 10.95 -50.24
C ILE C 720 -30.60 9.90 -50.05
N SER C 721 -29.85 9.99 -48.95
CA SER C 721 -28.76 9.06 -48.67
C SER C 721 -28.85 8.52 -47.26
N VAL C 722 -28.60 7.22 -47.13
CA VAL C 722 -28.75 6.51 -45.86
C VAL C 722 -27.36 6.27 -45.27
N THR C 723 -26.90 7.18 -44.41
CA THR C 723 -25.66 6.93 -43.69
C THR C 723 -25.87 5.98 -42.51
N THR C 724 -24.77 5.51 -41.92
CA THR C 724 -24.78 4.58 -40.80
C THR C 724 -23.97 5.13 -39.64
N GLU C 725 -24.28 4.67 -38.42
CA GLU C 725 -23.54 5.09 -37.23
C GLU C 725 -23.48 3.92 -36.27
N ILE C 726 -22.34 3.76 -35.61
CA ILE C 726 -22.06 2.58 -34.78
C ILE C 726 -21.72 3.02 -33.36
N LEU C 727 -22.33 2.37 -32.36
CA LEU C 727 -22.05 2.74 -30.96
C LEU C 727 -22.03 1.52 -30.05
N PRO C 728 -21.00 1.36 -29.22
CA PRO C 728 -21.02 0.28 -28.24
C PRO C 728 -21.92 0.64 -27.07
N VAL C 729 -22.56 -0.39 -26.51
CA VAL C 729 -23.36 -0.16 -25.32
C VAL C 729 -23.20 -1.21 -24.23
N SER C 730 -22.07 -1.91 -24.18
CA SER C 730 -21.92 -2.94 -23.15
C SER C 730 -20.51 -3.52 -23.18
N MET C 731 -20.16 -4.26 -22.13
CA MET C 731 -18.97 -5.09 -22.12
C MET C 731 -19.31 -6.42 -21.45
N THR C 732 -18.35 -7.34 -21.48
CA THR C 732 -18.54 -8.63 -20.83
C THR C 732 -18.59 -8.49 -19.31
N LYS C 733 -19.64 -9.05 -18.70
CA LYS C 733 -19.85 -8.97 -17.26
C LYS C 733 -18.89 -9.90 -16.52
N THR C 734 -17.63 -9.49 -16.41
CA THR C 734 -16.60 -10.35 -15.83
C THR C 734 -16.70 -10.39 -14.31
N SER C 735 -16.10 -11.40 -13.70
CA SER C 735 -16.01 -11.50 -12.25
C SER C 735 -14.80 -12.34 -11.88
N VAL C 736 -14.10 -11.95 -10.82
CA VAL C 736 -12.92 -12.68 -10.35
C VAL C 736 -13.02 -12.92 -8.85
N ASP C 737 -12.77 -14.17 -8.45
CA ASP C 737 -12.70 -14.58 -7.04
C ASP C 737 -11.35 -14.18 -6.45
N CYS C 738 -11.36 -13.20 -5.55
CA CYS C 738 -10.10 -12.62 -5.06
C CYS C 738 -9.27 -13.63 -4.28
N THR C 739 -9.89 -14.43 -3.41
CA THR C 739 -9.11 -15.36 -2.62
C THR C 739 -8.53 -16.47 -3.48
N MET C 740 -9.32 -17.03 -4.39
CA MET C 740 -8.77 -18.08 -5.23
C MET C 740 -7.66 -17.54 -6.11
N TYR C 741 -7.83 -16.30 -6.60
CA TYR C 741 -6.80 -15.70 -7.42
C TYR C 741 -5.49 -15.57 -6.65
N ILE C 742 -5.58 -15.11 -5.40
CA ILE C 742 -4.36 -14.90 -4.63
C ILE C 742 -3.82 -16.21 -4.09
N CYS C 743 -4.67 -17.02 -3.46
CA CYS C 743 -4.21 -18.21 -2.76
C CYS C 743 -4.61 -19.48 -3.48
N GLY C 744 -5.89 -19.69 -3.75
CA GLY C 744 -6.31 -20.91 -4.40
C GLY C 744 -6.19 -22.18 -3.58
N ASP C 745 -7.08 -22.32 -2.59
CA ASP C 745 -7.10 -23.46 -1.69
C ASP C 745 -5.80 -23.62 -0.91
N SER C 746 -5.26 -22.51 -0.43
CA SER C 746 -4.07 -22.53 0.41
C SER C 746 -4.48 -21.96 1.76
N THR C 747 -4.44 -22.81 2.79
CA THR C 747 -4.90 -22.37 4.11
C THR C 747 -4.02 -21.27 4.65
N GLU C 748 -2.70 -21.46 4.57
CA GLU C 748 -1.78 -20.48 5.12
C GLU C 748 -1.86 -19.16 4.37
N CYS C 749 -1.97 -19.23 3.05
CA CYS C 749 -2.10 -18.00 2.29
C CYS C 749 -3.35 -17.25 2.71
N SER C 750 -4.42 -17.99 3.03
CA SER C 750 -5.61 -17.33 3.51
C SER C 750 -5.31 -16.64 4.83
N ASN C 751 -4.88 -17.42 5.83
CA ASN C 751 -4.54 -16.90 7.14
C ASN C 751 -3.80 -15.58 7.05
N LEU C 752 -2.73 -15.53 6.25
CA LEU C 752 -2.02 -14.27 6.10
C LEU C 752 -2.88 -13.21 5.41
N LEU C 753 -3.65 -13.61 4.41
CA LEU C 753 -4.48 -12.63 3.69
C LEU C 753 -5.43 -11.92 4.62
N LEU C 754 -6.00 -12.64 5.59
CA LEU C 754 -6.95 -11.99 6.49
C LEU C 754 -6.33 -10.88 7.32
N GLN C 755 -5.00 -10.77 7.35
CA GLN C 755 -4.39 -9.72 8.14
C GLN C 755 -4.32 -8.40 7.39
N TYR C 756 -4.72 -8.37 6.12
CA TYR C 756 -4.64 -7.16 5.33
C TYR C 756 -5.95 -6.40 5.27
N GLY C 757 -6.94 -6.79 6.05
CA GLY C 757 -8.17 -6.03 6.05
C GLY C 757 -9.21 -6.48 5.05
N SER C 758 -10.01 -5.53 4.59
CA SER C 758 -11.18 -5.80 3.75
C SER C 758 -10.93 -5.55 2.28
N PHE C 759 -9.68 -5.54 1.84
CA PHE C 759 -9.36 -5.30 0.44
C PHE C 759 -10.17 -6.22 -0.48
N CYS C 760 -10.15 -7.52 -0.19
CA CYS C 760 -10.83 -8.51 -1.02
C CYS C 760 -12.29 -8.16 -1.22
N THR C 761 -12.98 -7.81 -0.12
CA THR C 761 -14.38 -7.46 -0.20
C THR C 761 -14.59 -6.22 -1.05
N GLN C 762 -13.77 -5.20 -0.85
CA GLN C 762 -13.96 -3.97 -1.59
C GLN C 762 -13.81 -4.21 -3.09
N LEU C 763 -12.82 -5.02 -3.48
CA LEU C 763 -12.64 -5.34 -4.89
C LEU C 763 -13.84 -6.08 -5.44
N ASN C 764 -14.28 -7.12 -4.74
CA ASN C 764 -15.43 -7.88 -5.22
C ASN C 764 -16.63 -6.99 -5.39
N ARG C 765 -16.86 -6.07 -4.44
CA ARG C 765 -18.01 -5.18 -4.55
C ARG C 765 -17.91 -4.31 -5.79
N ALA C 766 -16.72 -3.78 -6.07
CA ALA C 766 -16.56 -2.93 -7.25
C ALA C 766 -16.90 -3.69 -8.52
N LEU C 767 -16.41 -4.92 -8.65
CA LEU C 767 -16.71 -5.67 -9.86
C LEU C 767 -18.19 -6.02 -9.96
N THR C 768 -18.84 -6.28 -8.83
CA THR C 768 -20.28 -6.53 -8.88
C THR C 768 -21.02 -5.28 -9.35
N GLY C 769 -20.52 -4.11 -8.98
CA GLY C 769 -21.18 -2.88 -9.39
C GLY C 769 -21.11 -2.68 -10.89
N ILE C 770 -19.91 -2.83 -11.46
CA ILE C 770 -19.82 -2.65 -12.91
C ILE C 770 -20.68 -3.69 -13.62
N ALA C 771 -20.63 -4.93 -13.15
CA ALA C 771 -21.41 -5.99 -13.78
C ALA C 771 -22.90 -5.65 -13.83
N VAL C 772 -23.47 -5.14 -12.74
CA VAL C 772 -24.90 -4.79 -12.83
C VAL C 772 -25.14 -3.49 -13.60
N GLU C 773 -24.12 -2.65 -13.74
CA GLU C 773 -24.28 -1.47 -14.56
C GLU C 773 -24.43 -1.87 -16.04
N GLN C 774 -23.74 -2.92 -16.47
CA GLN C 774 -23.85 -3.28 -17.89
C GLN C 774 -25.28 -3.67 -18.25
N ASP C 775 -25.96 -4.41 -17.37
CA ASP C 775 -27.35 -4.74 -17.65
C ASP C 775 -28.23 -3.52 -17.57
N LYS C 776 -27.81 -2.50 -16.81
CA LYS C 776 -28.62 -1.29 -16.78
C LYS C 776 -28.47 -0.55 -18.10
N ASN C 777 -27.27 -0.51 -18.64
CA ASN C 777 -27.06 0.18 -19.92
C ASN C 777 -27.90 -0.45 -21.01
N THR C 778 -27.84 -1.78 -21.14
CA THR C 778 -28.62 -2.43 -22.19
C THR C 778 -30.11 -2.20 -21.99
N GLN C 779 -30.57 -2.20 -20.75
CA GLN C 779 -31.99 -1.97 -20.50
C GLN C 779 -32.39 -0.56 -20.89
N GLU C 780 -31.57 0.43 -20.56
CA GLU C 780 -31.97 1.80 -20.83
C GLU C 780 -31.93 2.10 -22.32
N VAL C 781 -30.91 1.62 -23.02
CA VAL C 781 -30.83 1.92 -24.45
C VAL C 781 -31.95 1.22 -25.22
N PHE C 782 -32.17 -0.08 -24.99
CA PHE C 782 -33.15 -0.73 -25.86
C PHE C 782 -34.60 -0.69 -25.39
N ALA C 783 -34.87 -0.88 -24.11
CA ALA C 783 -36.25 -1.02 -23.65
C ALA C 783 -36.93 0.34 -23.51
N GLN C 784 -37.07 1.01 -24.65
CA GLN C 784 -37.70 2.33 -24.71
C GLN C 784 -39.16 2.27 -25.16
N VAL C 785 -39.68 1.09 -25.46
CA VAL C 785 -41.06 0.95 -25.93
C VAL C 785 -41.82 -0.01 -25.03
N LYS C 786 -43.07 0.33 -24.74
CA LYS C 786 -43.89 -0.47 -23.84
C LYS C 786 -44.43 -1.75 -24.48
N GLN C 787 -44.91 -1.69 -25.71
CA GLN C 787 -45.50 -2.84 -26.37
C GLN C 787 -44.63 -3.36 -27.50
N ILE C 788 -44.89 -4.60 -27.88
CA ILE C 788 -44.20 -5.26 -28.98
C ILE C 788 -45.14 -5.22 -30.18
N TYR C 789 -44.96 -4.22 -31.04
CA TYR C 789 -45.85 -4.08 -32.17
C TYR C 789 -45.54 -5.17 -33.19
N LYS C 790 -46.52 -5.53 -34.00
CA LYS C 790 -46.29 -6.53 -35.03
C LYS C 790 -46.34 -5.91 -36.41
N THR C 791 -45.55 -6.49 -37.31
CA THR C 791 -45.52 -6.04 -38.68
C THR C 791 -46.81 -6.41 -39.41
N PRO C 792 -47.43 -5.49 -40.13
CA PRO C 792 -48.63 -5.82 -40.89
C PRO C 792 -48.29 -6.74 -42.05
N PRO C 793 -49.07 -7.82 -42.24
CA PRO C 793 -48.61 -8.88 -43.16
C PRO C 793 -48.43 -8.38 -44.60
N ILE C 794 -49.46 -7.75 -45.15
CA ILE C 794 -49.37 -7.16 -46.48
C ILE C 794 -48.40 -6.00 -46.44
N LYS C 795 -47.59 -5.86 -47.48
CA LYS C 795 -46.53 -4.86 -47.49
C LYS C 795 -46.68 -4.01 -48.74
N ASP C 796 -47.20 -2.80 -48.56
CA ASP C 796 -47.52 -1.89 -49.64
C ASP C 796 -47.07 -0.48 -49.30
N PHE C 797 -45.82 -0.34 -48.85
CA PHE C 797 -45.40 0.91 -48.26
C PHE C 797 -45.08 1.96 -49.31
N GLY C 798 -45.97 2.16 -50.27
CA GLY C 798 -45.75 3.21 -51.23
C GLY C 798 -44.62 2.97 -52.20
N GLY C 799 -44.10 1.75 -52.26
CA GLY C 799 -42.96 1.44 -53.09
C GLY C 799 -41.65 1.31 -52.35
N PHE C 800 -41.62 1.60 -51.05
CA PHE C 800 -40.38 1.54 -50.29
C PHE C 800 -40.19 0.10 -49.82
N ASN C 801 -39.07 -0.50 -50.18
CA ASN C 801 -38.83 -1.92 -49.91
C ASN C 801 -37.99 -2.08 -48.64
N PHE C 802 -38.62 -2.60 -47.58
CA PHE C 802 -38.00 -2.73 -46.27
C PHE C 802 -37.60 -4.17 -45.97
N SER C 803 -37.56 -5.02 -46.99
CA SER C 803 -37.37 -6.44 -46.76
C SER C 803 -36.05 -6.77 -46.11
N GLN C 804 -35.04 -5.91 -46.24
CA GLN C 804 -33.74 -6.25 -45.69
C GLN C 804 -33.53 -5.80 -44.26
N ILE C 805 -34.43 -5.01 -43.71
CA ILE C 805 -34.30 -4.55 -42.33
C ILE C 805 -35.21 -5.35 -41.39
N LEU C 806 -36.37 -5.76 -41.87
CA LEU C 806 -37.31 -6.53 -41.07
C LEU C 806 -36.82 -7.97 -40.89
N PRO C 807 -37.24 -8.63 -39.82
CA PRO C 807 -36.86 -10.03 -39.62
C PRO C 807 -37.46 -10.99 -40.63
N ASP C 808 -36.73 -12.09 -40.81
CA ASP C 808 -37.08 -13.19 -41.70
C ASP C 808 -37.32 -14.42 -40.85
N PRO C 809 -38.56 -14.87 -40.67
CA PRO C 809 -38.83 -16.00 -39.76
C PRO C 809 -38.06 -17.28 -40.03
N SER C 810 -37.21 -17.30 -41.06
CA SER C 810 -36.28 -18.42 -41.23
C SER C 810 -35.41 -18.63 -39.99
N LYS C 811 -35.02 -17.55 -39.32
CA LYS C 811 -34.19 -17.64 -38.12
C LYS C 811 -35.01 -17.55 -36.85
N ARG C 815 -34.33 -13.10 -37.12
CA ARG C 815 -33.48 -11.93 -37.14
C ARG C 815 -33.44 -11.35 -38.56
N SER C 816 -33.04 -10.10 -38.70
CA SER C 816 -32.94 -9.50 -40.04
C SER C 816 -31.69 -9.96 -40.77
N PHE C 817 -31.70 -9.75 -42.08
CA PHE C 817 -30.54 -10.05 -42.90
C PHE C 817 -29.33 -9.22 -42.48
N ILE C 818 -29.50 -7.91 -42.35
CA ILE C 818 -28.38 -7.05 -41.98
C ILE C 818 -27.82 -7.46 -40.63
N GLU C 819 -28.69 -7.72 -39.66
CA GLU C 819 -28.20 -8.12 -38.35
C GLU C 819 -27.34 -9.37 -38.45
N ASP C 820 -27.79 -10.36 -39.23
CA ASP C 820 -26.99 -11.56 -39.41
C ASP C 820 -25.64 -11.22 -40.00
N LEU C 821 -25.61 -10.31 -40.97
CA LEU C 821 -24.32 -9.91 -41.54
C LEU C 821 -23.42 -9.30 -40.48
N LEU C 822 -23.99 -8.45 -39.62
CA LEU C 822 -23.18 -7.81 -38.58
C LEU C 822 -22.61 -8.85 -37.64
N PHE C 823 -23.42 -9.84 -37.25
CA PHE C 823 -22.88 -10.84 -36.35
C PHE C 823 -21.79 -11.64 -37.04
N ASN C 824 -21.94 -11.85 -38.35
CA ASN C 824 -20.91 -12.57 -39.07
C ASN C 824 -19.65 -11.74 -39.27
N LYS C 825 -19.69 -10.46 -38.94
CA LYS C 825 -18.54 -9.58 -39.15
C LYS C 825 -17.68 -9.39 -37.91
N VAL C 826 -17.95 -10.09 -36.81
CA VAL C 826 -17.14 -9.94 -35.60
C VAL C 826 -16.76 -11.33 -35.11
N THR C 827 -15.70 -11.38 -34.32
CA THR C 827 -14.97 -12.61 -34.03
C THR C 827 -14.86 -12.88 -32.54
N LEU C 828 -15.99 -12.83 -31.84
CA LEU C 828 -16.05 -13.12 -30.41
C LEU C 828 -15.26 -14.37 -30.03
N GLN C 853 -12.64 -18.96 -22.19
CA GLN C 853 -12.55 -20.00 -21.17
C GLN C 853 -12.03 -19.41 -19.87
N LYS C 854 -12.39 -20.03 -18.74
CA LYS C 854 -11.92 -19.61 -17.43
C LYS C 854 -10.85 -20.56 -16.92
N PHE C 855 -10.07 -20.11 -15.95
CA PHE C 855 -9.02 -20.98 -15.47
C PHE C 855 -9.02 -21.13 -13.96
N ASN C 856 -8.92 -20.02 -13.23
CA ASN C 856 -8.78 -20.09 -11.78
C ASN C 856 -9.35 -18.81 -11.18
N GLY C 857 -10.55 -18.93 -10.61
CA GLY C 857 -11.19 -17.80 -9.96
C GLY C 857 -11.80 -16.81 -10.91
N LEU C 858 -11.78 -17.08 -12.19
CA LEU C 858 -12.35 -16.19 -13.19
C LEU C 858 -13.68 -16.74 -13.67
N THR C 859 -14.59 -15.84 -14.03
CA THR C 859 -15.83 -16.29 -14.63
C THR C 859 -16.45 -15.12 -15.36
N VAL C 860 -17.37 -15.44 -16.26
CA VAL C 860 -18.13 -14.45 -17.00
C VAL C 860 -19.60 -14.70 -16.74
N LEU C 861 -20.30 -13.67 -16.31
CA LEU C 861 -21.70 -13.88 -16.09
C LEU C 861 -22.45 -13.72 -17.41
N PRO C 862 -23.54 -14.44 -17.62
CA PRO C 862 -24.35 -14.21 -18.81
C PRO C 862 -25.12 -12.90 -18.67
N PRO C 863 -25.50 -12.29 -19.79
CA PRO C 863 -26.35 -11.10 -19.70
C PRO C 863 -27.77 -11.46 -19.33
N LEU C 864 -28.49 -10.46 -18.80
CA LEU C 864 -29.91 -10.63 -18.52
C LEU C 864 -30.73 -10.76 -19.80
N LEU C 865 -30.45 -9.94 -20.80
CA LEU C 865 -31.23 -9.94 -22.03
C LEU C 865 -30.46 -10.67 -23.12
N THR C 866 -31.04 -11.74 -23.64
CA THR C 866 -30.39 -12.52 -24.68
C THR C 866 -30.53 -11.87 -26.04
N ASP C 867 -29.74 -12.35 -27.01
CA ASP C 867 -29.75 -11.78 -28.34
C ASP C 867 -31.10 -11.84 -29.03
N GLU C 868 -31.94 -12.79 -28.66
CA GLU C 868 -33.25 -12.86 -29.30
C GLU C 868 -34.17 -11.79 -28.76
N MET C 869 -34.08 -11.50 -27.46
CA MET C 869 -34.92 -10.46 -26.91
C MET C 869 -34.49 -9.10 -27.44
N ILE C 870 -33.19 -8.87 -27.59
CA ILE C 870 -32.74 -7.62 -28.18
C ILE C 870 -33.22 -7.53 -29.62
N ALA C 871 -33.05 -8.60 -30.40
CA ALA C 871 -33.54 -8.55 -31.78
C ALA C 871 -35.04 -8.31 -31.83
N GLN C 872 -35.76 -8.61 -30.75
CA GLN C 872 -37.19 -8.39 -30.79
C GLN C 872 -37.55 -6.99 -30.36
N TYR C 873 -36.74 -6.38 -29.52
CA TYR C 873 -36.94 -4.96 -29.28
C TYR C 873 -36.61 -4.16 -30.53
N THR C 874 -35.50 -4.48 -31.20
CA THR C 874 -35.13 -3.77 -32.41
C THR C 874 -36.07 -4.06 -33.56
N SER C 875 -36.95 -5.05 -33.41
CA SER C 875 -37.99 -5.27 -34.41
C SER C 875 -39.28 -4.55 -34.05
N ALA C 876 -39.61 -4.45 -32.77
CA ALA C 876 -40.78 -3.68 -32.40
C ALA C 876 -40.57 -2.19 -32.64
N LEU C 877 -39.40 -1.65 -32.31
CA LEU C 877 -39.18 -0.23 -32.57
C LEU C 877 -39.20 0.08 -34.05
N LEU C 878 -38.93 -0.91 -34.88
CA LEU C 878 -38.92 -0.66 -36.31
C LEU C 878 -40.32 -0.77 -36.89
N ALA C 879 -41.11 -1.75 -36.46
CA ALA C 879 -42.45 -1.77 -37.01
C ALA C 879 -43.30 -0.68 -36.40
N GLY C 880 -42.84 -0.07 -35.32
CA GLY C 880 -43.50 1.08 -34.76
C GLY C 880 -43.17 2.27 -35.61
N THR C 881 -41.89 2.59 -35.77
CA THR C 881 -41.56 3.79 -36.55
C THR C 881 -42.05 3.68 -37.98
N ILE C 882 -42.29 2.47 -38.49
CA ILE C 882 -42.79 2.35 -39.85
C ILE C 882 -44.29 2.56 -39.89
N THR C 883 -45.04 1.95 -38.98
CA THR C 883 -46.47 2.07 -39.20
C THR C 883 -47.07 3.34 -38.62
N SER C 884 -46.79 3.65 -37.36
CA SER C 884 -47.47 4.76 -36.71
C SER C 884 -46.62 6.01 -36.62
N GLY C 885 -45.33 5.88 -36.84
CA GLY C 885 -44.48 7.02 -37.10
C GLY C 885 -44.11 7.80 -35.86
N TRP C 886 -44.30 9.12 -35.94
CA TRP C 886 -43.79 10.00 -34.90
C TRP C 886 -44.42 9.73 -33.56
N THR C 887 -45.63 9.17 -33.52
CA THR C 887 -46.30 9.05 -32.26
C THR C 887 -46.27 7.65 -31.67
N PHE C 888 -45.59 6.68 -32.29
CA PHE C 888 -45.59 5.33 -31.73
C PHE C 888 -45.19 5.37 -30.27
N GLY C 889 -44.12 6.09 -29.97
CA GLY C 889 -43.60 6.22 -28.63
C GLY C 889 -44.17 7.43 -27.93
N ALA C 890 -44.60 8.45 -28.68
CA ALA C 890 -45.09 9.66 -28.03
C ALA C 890 -46.30 9.37 -27.16
N GLY C 891 -47.13 8.44 -27.57
CA GLY C 891 -48.36 8.09 -26.88
C GLY C 891 -48.99 6.92 -27.61
N ALA C 892 -50.30 6.92 -27.80
CA ALA C 892 -50.93 5.85 -28.54
C ALA C 892 -50.37 5.78 -29.96
N ALA C 893 -50.16 4.56 -30.46
CA ALA C 893 -49.72 4.37 -31.84
C ALA C 893 -50.89 4.56 -32.78
N LEU C 894 -50.77 5.49 -33.74
CA LEU C 894 -51.85 5.80 -34.65
C LEU C 894 -51.41 5.47 -36.07
N GLN C 895 -52.13 4.57 -36.73
CA GLN C 895 -51.74 4.15 -38.07
C GLN C 895 -51.91 5.28 -39.07
N ILE C 896 -50.83 5.67 -39.72
CA ILE C 896 -50.83 6.68 -40.75
C ILE C 896 -50.18 6.08 -42.00
N PRO C 897 -50.83 6.10 -43.16
CA PRO C 897 -50.19 5.55 -44.36
C PRO C 897 -48.81 6.13 -44.58
N PHE C 898 -47.86 5.24 -44.85
CA PHE C 898 -46.44 5.60 -44.94
C PHE C 898 -46.17 6.79 -45.85
N ALA C 899 -46.78 6.82 -47.03
CA ALA C 899 -46.49 7.91 -47.95
C ALA C 899 -46.83 9.25 -47.32
N MET C 900 -47.90 9.30 -46.53
CA MET C 900 -48.24 10.57 -45.92
C MET C 900 -47.27 10.92 -44.82
N GLN C 901 -46.71 9.92 -44.15
CA GLN C 901 -45.72 10.21 -43.13
C GLN C 901 -44.45 10.77 -43.77
N MET C 902 -44.02 10.19 -44.89
CA MET C 902 -42.84 10.72 -45.55
C MET C 902 -43.09 12.14 -46.01
N ALA C 903 -44.29 12.39 -46.56
CA ALA C 903 -44.60 13.76 -46.98
C ALA C 903 -44.52 14.70 -45.80
N TYR C 904 -45.03 14.28 -44.65
CA TYR C 904 -44.96 15.09 -43.45
C TYR C 904 -43.52 15.41 -43.09
N ARG C 905 -42.65 14.42 -43.11
CA ARG C 905 -41.26 14.68 -42.73
C ARG C 905 -40.57 15.60 -43.72
N PHE C 906 -40.87 15.43 -45.01
CA PHE C 906 -40.36 16.35 -46.02
C PHE C 906 -40.79 17.77 -45.70
N ASN C 907 -42.06 17.95 -45.37
CA ASN C 907 -42.55 19.26 -44.98
C ASN C 907 -41.79 19.74 -43.75
N GLY C 908 -41.48 18.81 -42.86
CA GLY C 908 -40.70 19.15 -41.67
C GLY C 908 -39.42 19.86 -41.99
N ILE C 909 -38.61 19.30 -42.89
CA ILE C 909 -37.36 19.97 -43.24
C ILE C 909 -37.65 21.31 -43.90
N GLY C 910 -38.70 21.39 -44.71
CA GLY C 910 -39.03 22.66 -45.34
C GLY C 910 -39.30 22.62 -46.83
N VAL C 911 -39.71 21.45 -47.31
CA VAL C 911 -40.05 21.24 -48.71
C VAL C 911 -41.54 20.90 -48.75
N THR C 912 -42.32 21.70 -49.48
CA THR C 912 -43.75 21.47 -49.57
C THR C 912 -44.06 20.07 -50.08
N GLN C 913 -44.98 19.39 -49.41
CA GLN C 913 -45.26 17.98 -49.67
C GLN C 913 -45.63 17.69 -51.12
N ASN C 914 -46.11 18.67 -51.88
CA ASN C 914 -46.41 18.37 -53.27
C ASN C 914 -45.20 17.78 -53.93
N VAL C 915 -44.01 18.23 -53.53
CA VAL C 915 -42.78 17.73 -54.15
C VAL C 915 -42.66 16.23 -53.88
N LEU C 916 -42.92 15.83 -52.63
CA LEU C 916 -42.82 14.41 -52.30
C LEU C 916 -43.79 13.60 -53.13
N TYR C 917 -45.05 14.03 -53.20
CA TYR C 917 -46.04 13.24 -53.92
C TYR C 917 -45.73 13.15 -55.40
N GLU C 918 -45.35 14.27 -56.02
CA GLU C 918 -45.05 14.27 -57.44
C GLU C 918 -43.89 13.36 -57.79
N ASN C 919 -42.88 13.27 -56.93
CA ASN C 919 -41.67 12.50 -57.24
C ASN C 919 -41.55 11.22 -56.44
N GLN C 920 -42.66 10.70 -55.92
CA GLN C 920 -42.63 9.53 -55.06
C GLN C 920 -41.84 8.37 -55.65
N LYS C 921 -42.03 8.09 -56.94
CA LYS C 921 -41.34 6.96 -57.57
C LYS C 921 -39.82 7.12 -57.50
N LEU C 922 -39.32 8.25 -58.02
CA LEU C 922 -37.89 8.47 -58.03
C LEU C 922 -37.30 8.34 -56.63
N ILE C 923 -38.02 8.82 -55.63
CA ILE C 923 -37.52 8.75 -54.26
C ILE C 923 -37.46 7.31 -53.79
N ALA C 924 -38.50 6.53 -54.06
CA ALA C 924 -38.44 5.14 -53.65
C ALA C 924 -37.26 4.43 -54.29
N ASN C 925 -36.98 4.74 -55.55
CA ASN C 925 -35.86 4.10 -56.22
C ASN C 925 -34.54 4.47 -55.57
N GLN C 926 -34.35 5.76 -55.27
CA GLN C 926 -33.11 6.17 -54.64
C GLN C 926 -32.94 5.52 -53.27
N PHE C 927 -34.02 5.44 -52.52
CA PHE C 927 -33.98 4.80 -51.21
C PHE C 927 -33.52 3.35 -51.34
N ASN C 928 -34.15 2.61 -52.25
CA ASN C 928 -33.83 1.20 -52.41
C ASN C 928 -32.38 1.01 -52.82
N SER C 929 -31.93 1.75 -53.83
CA SER C 929 -30.54 1.62 -54.24
C SER C 929 -29.57 2.05 -53.14
N ALA C 930 -30.04 2.83 -52.17
CA ALA C 930 -29.15 3.15 -51.06
C ALA C 930 -29.06 1.99 -50.09
N ILE C 931 -30.17 1.31 -49.83
CA ILE C 931 -30.11 0.18 -48.91
C ILE C 931 -29.22 -0.90 -49.51
N GLY C 932 -29.39 -1.18 -50.80
CA GLY C 932 -28.50 -2.15 -51.44
C GLY C 932 -27.04 -1.74 -51.40
N LYS C 933 -26.77 -0.43 -51.46
CA LYS C 933 -25.38 -0.04 -51.36
C LYS C 933 -24.84 -0.31 -49.96
N ILE C 934 -25.68 -0.14 -48.95
CA ILE C 934 -25.18 -0.33 -47.58
C ILE C 934 -24.91 -1.80 -47.34
N GLN C 935 -25.84 -2.67 -47.76
CA GLN C 935 -25.58 -4.09 -47.55
C GLN C 935 -24.31 -4.52 -48.26
N ASP C 936 -23.97 -3.86 -49.36
CA ASP C 936 -22.71 -4.21 -50.01
C ASP C 936 -21.52 -3.69 -49.21
N SER C 937 -21.57 -2.42 -48.80
CA SER C 937 -20.49 -1.84 -48.02
C SER C 937 -20.19 -2.71 -46.80
N LEU C 938 -21.24 -3.11 -46.07
CA LEU C 938 -21.03 -3.92 -44.88
C LEU C 938 -20.50 -5.30 -45.24
N SER C 939 -21.02 -5.91 -46.31
CA SER C 939 -20.63 -7.29 -46.59
C SER C 939 -19.19 -7.34 -47.06
N SER C 940 -18.88 -6.70 -48.18
CA SER C 940 -17.58 -6.92 -48.79
C SER C 940 -16.46 -6.21 -48.02
N THR C 941 -16.67 -4.95 -47.65
CA THR C 941 -15.62 -4.19 -46.97
C THR C 941 -15.41 -4.68 -45.55
N ALA C 942 -14.21 -5.20 -45.28
CA ALA C 942 -13.82 -5.70 -43.97
C ALA C 942 -13.54 -4.54 -43.01
N SER C 943 -13.52 -4.90 -41.71
CA SER C 943 -13.21 -3.98 -40.62
C SER C 943 -14.12 -2.75 -40.59
N ALA C 944 -15.41 -2.98 -40.82
CA ALA C 944 -16.41 -1.93 -40.73
C ALA C 944 -16.93 -1.71 -39.32
N LEU C 945 -16.57 -2.58 -38.38
CA LEU C 945 -16.99 -2.48 -36.99
C LEU C 945 -15.81 -2.40 -36.05
N GLY C 946 -14.81 -1.60 -36.41
CA GLY C 946 -13.62 -1.47 -35.58
C GLY C 946 -13.87 -1.06 -34.15
N LYS C 947 -14.86 -0.20 -33.90
CA LYS C 947 -15.11 0.23 -32.53
C LYS C 947 -15.51 -0.93 -31.61
N LEU C 948 -16.27 -1.87 -32.14
CA LEU C 948 -16.73 -2.97 -31.30
C LEU C 948 -15.62 -3.99 -31.11
N GLN C 949 -14.86 -4.23 -32.17
CA GLN C 949 -13.75 -5.16 -32.04
C GLN C 949 -12.74 -4.60 -31.05
N ASP C 950 -12.57 -3.28 -31.08
CA ASP C 950 -11.66 -2.62 -30.17
C ASP C 950 -12.07 -2.86 -28.73
N VAL C 951 -13.36 -2.70 -28.44
CA VAL C 951 -13.81 -2.93 -27.07
C VAL C 951 -13.52 -4.37 -26.64
N VAL C 952 -13.84 -5.34 -27.51
CA VAL C 952 -13.59 -6.73 -27.15
C VAL C 952 -12.10 -6.98 -26.94
N ASN C 953 -11.27 -6.45 -27.83
CA ASN C 953 -9.84 -6.66 -27.72
C ASN C 953 -9.28 -6.07 -26.44
N GLN C 954 -9.73 -4.88 -26.05
CA GLN C 954 -9.21 -4.30 -24.83
C GLN C 954 -9.58 -5.15 -23.62
N ASN C 955 -10.82 -5.64 -23.59
CA ASN C 955 -11.20 -6.49 -22.46
C ASN C 955 -10.34 -7.75 -22.41
N ALA C 956 -10.18 -8.40 -23.56
CA ALA C 956 -9.39 -9.62 -23.61
C ALA C 956 -7.95 -9.34 -23.18
N GLN C 957 -7.40 -8.23 -23.63
CA GLN C 957 -6.03 -7.89 -23.29
C GLN C 957 -5.87 -7.71 -21.80
N ALA C 958 -6.82 -7.02 -21.16
CA ALA C 958 -6.72 -6.83 -19.73
C ALA C 958 -6.71 -8.16 -19.00
N LEU C 959 -7.57 -9.09 -19.43
CA LEU C 959 -7.60 -10.38 -18.75
C LEU C 959 -6.34 -11.17 -19.00
N ASN C 960 -5.83 -11.13 -20.23
CA ASN C 960 -4.62 -11.88 -20.54
C ASN C 960 -3.45 -11.37 -19.73
N THR C 961 -3.34 -10.06 -19.56
CA THR C 961 -2.25 -9.52 -18.75
C THR C 961 -2.40 -9.96 -17.31
N LEU C 962 -3.62 -9.86 -16.78
CA LEU C 962 -3.85 -10.26 -15.39
C LEU C 962 -3.43 -11.69 -15.18
N VAL C 963 -3.80 -12.59 -16.09
CA VAL C 963 -3.44 -14.00 -15.93
C VAL C 963 -1.93 -14.15 -16.03
N LYS C 964 -1.32 -13.50 -17.01
CA LYS C 964 0.13 -13.62 -17.18
C LYS C 964 0.86 -13.26 -15.90
N GLN C 965 0.38 -12.25 -15.18
CA GLN C 965 1.07 -11.80 -13.97
C GLN C 965 1.23 -12.88 -12.90
N LEU C 966 0.47 -13.96 -12.95
CA LEU C 966 0.70 -15.02 -11.97
C LEU C 966 2.07 -15.66 -12.08
N SER C 967 2.75 -15.52 -13.21
CA SER C 967 4.05 -16.16 -13.35
C SER C 967 5.18 -15.31 -12.78
N SER C 968 4.90 -14.11 -12.31
CA SER C 968 5.94 -13.27 -11.75
C SER C 968 6.30 -13.72 -10.35
N ASN C 969 7.59 -13.72 -10.04
CA ASN C 969 8.05 -14.15 -8.72
C ASN C 969 7.91 -13.07 -7.66
N PHE C 970 8.09 -11.80 -8.02
CA PHE C 970 8.06 -10.71 -7.07
C PHE C 970 9.13 -10.85 -6.00
N GLY C 971 10.19 -11.58 -6.30
CA GLY C 971 11.26 -11.82 -5.35
C GLY C 971 11.13 -13.10 -4.57
N ALA C 972 10.03 -13.83 -4.73
CA ALA C 972 9.90 -15.12 -4.04
C ALA C 972 10.80 -16.17 -4.65
N ILE C 973 11.02 -17.24 -3.88
CA ILE C 973 11.81 -18.37 -4.35
C ILE C 973 11.21 -18.97 -5.62
N SER C 974 9.89 -19.08 -5.68
CA SER C 974 9.23 -19.66 -6.84
C SER C 974 7.84 -19.07 -7.00
N SER C 975 7.43 -18.92 -8.26
CA SER C 975 6.08 -18.43 -8.54
C SER C 975 4.99 -19.42 -8.20
N VAL C 976 5.32 -20.69 -8.01
CA VAL C 976 4.32 -21.71 -7.71
C VAL C 976 4.17 -21.82 -6.20
N LEU C 977 2.98 -21.47 -5.71
CA LEU C 977 2.73 -21.49 -4.28
C LEU C 977 2.93 -22.88 -3.68
N ASN C 978 2.49 -23.92 -4.38
CA ASN C 978 2.57 -25.26 -3.82
C ASN C 978 4.00 -25.70 -3.58
N ASP C 979 4.95 -25.20 -4.37
CA ASP C 979 6.32 -25.67 -4.19
C ASP C 979 7.01 -24.94 -3.06
N ILE C 980 6.97 -23.61 -3.09
CA ILE C 980 7.47 -22.83 -1.95
C ILE C 980 6.89 -23.38 -0.66
N LEU C 981 5.56 -23.45 -0.58
CA LEU C 981 4.93 -23.91 0.64
C LEU C 981 5.37 -25.33 0.98
N SER C 982 5.46 -26.18 -0.03
CA SER C 982 5.77 -27.59 0.18
C SER C 982 7.16 -27.78 0.78
N ARG C 983 8.20 -27.24 0.12
CA ARG C 983 9.57 -27.54 0.48
C ARG C 983 10.20 -26.55 1.45
N LEU C 984 9.44 -25.89 2.30
CA LEU C 984 10.05 -24.89 3.16
C LEU C 984 9.34 -24.82 4.50
N ASP C 985 10.14 -24.55 5.53
CA ASP C 985 9.63 -24.46 6.90
C ASP C 985 8.56 -23.38 7.00
N PRO C 986 7.36 -23.71 7.47
CA PRO C 986 6.25 -22.74 7.50
C PRO C 986 6.63 -21.39 8.11
N PRO C 987 7.43 -21.35 9.20
CA PRO C 987 7.87 -20.04 9.69
C PRO C 987 8.62 -19.28 8.63
N GLU C 988 9.81 -19.75 8.24
CA GLU C 988 10.52 -19.08 7.15
C GLU C 988 9.61 -18.87 5.95
N ALA C 989 8.78 -19.85 5.65
CA ALA C 989 7.89 -19.80 4.49
C ALA C 989 6.99 -18.57 4.47
N GLU C 990 6.57 -18.10 5.65
CA GLU C 990 5.63 -16.98 5.65
C GLU C 990 6.18 -15.74 4.95
N VAL C 991 7.49 -15.49 5.01
CA VAL C 991 8.02 -14.30 4.35
C VAL C 991 7.85 -14.42 2.84
N GLN C 992 8.20 -15.58 2.29
CA GLN C 992 8.09 -15.80 0.85
C GLN C 992 6.62 -15.67 0.43
N ILE C 993 5.73 -16.17 1.28
CA ILE C 993 4.31 -16.12 0.94
C ILE C 993 3.84 -14.68 0.97
N ASP C 994 4.22 -13.94 2.00
CA ASP C 994 3.87 -12.53 2.09
C ASP C 994 4.31 -11.77 0.85
N ARG C 995 5.52 -12.04 0.37
CA ARG C 995 6.01 -11.36 -0.83
C ARG C 995 5.09 -11.65 -2.02
N LEU C 996 4.75 -12.93 -2.21
CA LEU C 996 3.87 -13.25 -3.33
C LEU C 996 2.51 -12.59 -3.18
N ILE C 997 1.98 -12.58 -1.96
CA ILE C 997 0.67 -11.98 -1.72
C ILE C 997 0.66 -10.51 -2.06
N THR C 998 1.63 -9.74 -1.55
CA THR C 998 1.63 -8.32 -1.86
C THR C 998 1.72 -8.08 -3.36
N GLY C 999 2.64 -8.78 -4.03
CA GLY C 999 2.75 -8.61 -5.47
C GLY C 999 1.42 -8.84 -6.19
N ARG C 1000 0.81 -10.01 -5.94
CA ARG C 1000 -0.41 -10.34 -6.65
C ARG C 1000 -1.54 -9.38 -6.32
N LEU C 1001 -1.66 -8.99 -5.05
CA LEU C 1001 -2.71 -8.06 -4.68
C LEU C 1001 -2.53 -6.73 -5.42
N GLN C 1002 -1.30 -6.29 -5.58
CA GLN C 1002 -1.08 -5.05 -6.30
C GLN C 1002 -1.52 -5.17 -7.75
N SER C 1003 -1.32 -6.36 -8.33
CA SER C 1003 -1.68 -6.49 -9.74
C SER C 1003 -3.20 -6.56 -9.89
N LEU C 1004 -3.88 -7.14 -8.92
CA LEU C 1004 -5.33 -7.19 -8.99
C LEU C 1004 -5.93 -5.81 -8.82
N GLN C 1005 -5.37 -5.01 -7.91
CA GLN C 1005 -5.87 -3.67 -7.71
C GLN C 1005 -5.70 -2.84 -8.97
N THR C 1006 -4.58 -3.01 -9.67
CA THR C 1006 -4.39 -2.26 -10.91
C THR C 1006 -5.46 -2.65 -11.91
N TYR C 1007 -5.69 -3.95 -12.06
CA TYR C 1007 -6.71 -4.41 -13.02
C TYR C 1007 -8.06 -3.77 -12.72
N VAL C 1008 -8.50 -3.83 -11.46
CA VAL C 1008 -9.83 -3.32 -11.15
C VAL C 1008 -9.91 -1.82 -11.41
N THR C 1009 -8.83 -1.10 -11.14
CA THR C 1009 -8.84 0.33 -11.42
C THR C 1009 -9.08 0.58 -12.91
N GLN C 1010 -8.35 -0.14 -13.75
CA GLN C 1010 -8.51 0.08 -15.18
C GLN C 1010 -9.91 -0.27 -15.62
N GLN C 1011 -10.47 -1.35 -15.08
CA GLN C 1011 -11.83 -1.72 -15.47
C GLN C 1011 -12.83 -0.64 -15.07
N LEU C 1012 -12.65 -0.04 -13.90
CA LEU C 1012 -13.58 1.01 -13.49
C LEU C 1012 -13.54 2.19 -14.45
N ILE C 1013 -12.35 2.60 -14.86
CA ILE C 1013 -12.26 3.73 -15.78
C ILE C 1013 -12.93 3.39 -17.11
N ARG C 1014 -12.60 2.22 -17.66
CA ARG C 1014 -13.19 1.84 -18.93
C ARG C 1014 -14.70 1.75 -18.84
N ALA C 1015 -15.22 1.17 -17.75
CA ALA C 1015 -16.66 1.06 -17.59
C ALA C 1015 -17.31 2.43 -17.58
N ALA C 1016 -16.68 3.40 -16.91
CA ALA C 1016 -17.26 4.74 -16.90
C ALA C 1016 -17.33 5.31 -18.30
N GLU C 1017 -16.29 5.06 -19.11
CA GLU C 1017 -16.31 5.59 -20.46
C GLU C 1017 -17.42 4.95 -21.28
N ILE C 1018 -17.61 3.65 -21.15
CA ILE C 1018 -18.69 3.00 -21.89
C ILE C 1018 -20.03 3.54 -21.43
N ARG C 1019 -20.21 3.75 -20.12
CA ARG C 1019 -21.46 4.37 -19.65
C ARG C 1019 -21.72 5.67 -20.40
N ALA C 1020 -20.71 6.52 -20.52
CA ALA C 1020 -20.91 7.76 -21.26
C ALA C 1020 -21.37 7.47 -22.69
N SER C 1021 -20.76 6.48 -23.33
CA SER C 1021 -21.16 6.13 -24.68
C SER C 1021 -22.62 5.67 -24.73
N ALA C 1022 -23.00 4.82 -23.79
CA ALA C 1022 -24.37 4.34 -23.76
C ALA C 1022 -25.36 5.48 -23.59
N ASN C 1023 -25.02 6.47 -22.77
CA ASN C 1023 -25.92 7.61 -22.60
C ASN C 1023 -26.10 8.33 -23.92
N LEU C 1024 -25.01 8.52 -24.67
CA LEU C 1024 -25.14 9.17 -25.96
C LEU C 1024 -26.04 8.35 -26.88
N ALA C 1025 -25.81 7.04 -26.92
CA ALA C 1025 -26.62 6.17 -27.77
C ALA C 1025 -28.10 6.25 -27.41
N ALA C 1026 -28.42 6.25 -26.11
CA ALA C 1026 -29.82 6.36 -25.71
C ALA C 1026 -30.42 7.67 -26.17
N THR C 1027 -29.67 8.75 -26.04
CA THR C 1027 -30.18 10.05 -26.46
C THR C 1027 -30.45 10.03 -27.95
N LYS C 1028 -29.50 9.51 -28.74
CA LYS C 1028 -29.71 9.48 -30.17
C LYS C 1028 -30.93 8.63 -30.52
N MET C 1029 -31.10 7.50 -29.85
CA MET C 1029 -32.28 6.67 -30.10
C MET C 1029 -33.56 7.47 -29.87
N SER C 1030 -33.64 8.14 -28.73
CA SER C 1030 -34.87 8.86 -28.39
C SER C 1030 -35.16 10.00 -29.36
N GLU C 1031 -34.14 10.79 -29.70
CA GLU C 1031 -34.39 12.02 -30.46
C GLU C 1031 -34.34 11.84 -31.97
N CYS C 1032 -33.69 10.82 -32.48
CA CYS C 1032 -33.57 10.57 -33.92
C CYS C 1032 -34.49 9.48 -34.45
N VAL C 1033 -34.91 8.53 -33.62
CA VAL C 1033 -35.72 7.41 -34.07
C VAL C 1033 -37.19 7.66 -33.75
N LEU C 1034 -37.48 8.09 -32.54
CA LEU C 1034 -38.86 8.30 -32.15
C LEU C 1034 -39.38 9.64 -32.63
N GLY C 1035 -38.57 10.38 -33.37
CA GLY C 1035 -38.96 11.68 -33.88
C GLY C 1035 -37.99 12.13 -34.95
N GLN C 1036 -38.16 13.37 -35.37
CA GLN C 1036 -37.31 13.96 -36.41
C GLN C 1036 -36.52 15.10 -35.77
N SER C 1037 -35.21 14.89 -35.63
CA SER C 1037 -34.35 15.87 -35.01
C SER C 1037 -34.07 17.04 -35.93
N LYS C 1038 -33.98 18.22 -35.34
CA LYS C 1038 -33.63 19.42 -36.07
C LYS C 1038 -32.19 19.84 -35.78
N ARG C 1039 -31.62 19.41 -34.66
CA ARG C 1039 -30.25 19.78 -34.33
C ARG C 1039 -29.32 19.34 -35.45
N VAL C 1040 -28.57 20.30 -35.99
CA VAL C 1040 -27.75 20.03 -37.16
C VAL C 1040 -26.67 19.01 -36.86
N ASP C 1041 -26.47 18.07 -37.78
CA ASP C 1041 -25.37 17.12 -37.77
C ASP C 1041 -25.43 16.12 -36.61
N PHE C 1042 -26.51 16.09 -35.85
CA PHE C 1042 -26.53 15.15 -34.74
C PHE C 1042 -26.76 13.74 -35.24
N CYS C 1043 -27.71 13.56 -36.15
CA CYS C 1043 -28.02 12.26 -36.74
C CYS C 1043 -27.80 12.28 -38.25
N GLY C 1044 -26.54 12.07 -38.62
CA GLY C 1044 -26.04 12.04 -39.98
C GLY C 1044 -26.05 13.37 -40.71
N LYS C 1045 -25.13 13.48 -41.68
CA LYS C 1045 -24.98 14.68 -42.46
C LYS C 1045 -26.24 14.97 -43.28
N GLY C 1046 -26.53 16.26 -43.45
CA GLY C 1046 -27.71 16.71 -44.15
C GLY C 1046 -28.92 16.92 -43.25
N TYR C 1047 -30.07 16.96 -43.91
CA TYR C 1047 -31.35 17.21 -43.24
C TYR C 1047 -31.98 15.89 -42.80
N HIS C 1048 -32.07 15.66 -41.49
CA HIS C 1048 -32.54 14.38 -40.98
C HIS C 1048 -33.99 14.15 -41.40
N LEU C 1049 -34.25 12.99 -41.99
CA LEU C 1049 -35.60 12.59 -42.36
C LEU C 1049 -36.12 11.40 -41.56
N MET C 1050 -35.30 10.38 -41.33
CA MET C 1050 -35.82 9.17 -40.70
C MET C 1050 -34.65 8.35 -40.20
N SER C 1051 -34.90 7.44 -39.25
CA SER C 1051 -33.84 6.50 -38.91
C SER C 1051 -34.40 5.17 -38.48
N PHE C 1052 -33.57 4.14 -38.58
CA PHE C 1052 -33.96 2.80 -38.17
C PHE C 1052 -32.82 2.20 -37.35
N PRO C 1053 -33.11 1.62 -36.19
CA PRO C 1053 -32.09 0.90 -35.43
C PRO C 1053 -31.87 -0.52 -35.92
N GLN C 1054 -30.65 -1.01 -35.72
CA GLN C 1054 -30.32 -2.40 -35.93
C GLN C 1054 -29.41 -2.88 -34.81
N SER C 1055 -29.53 -4.17 -34.51
CA SER C 1055 -28.79 -4.81 -33.43
C SER C 1055 -27.33 -5.00 -33.82
N ALA C 1056 -26.57 -5.54 -32.89
CA ALA C 1056 -25.12 -5.70 -32.95
C ALA C 1056 -24.74 -6.47 -31.69
N PRO C 1057 -23.63 -7.20 -31.64
CA PRO C 1057 -23.35 -7.98 -30.43
C PRO C 1057 -23.17 -7.15 -29.16
N HIS C 1058 -22.31 -6.15 -29.16
CA HIS C 1058 -22.15 -5.30 -27.97
C HIS C 1058 -22.41 -3.85 -28.30
N GLY C 1059 -23.35 -3.60 -29.20
CA GLY C 1059 -23.66 -2.24 -29.53
C GLY C 1059 -24.91 -2.15 -30.36
N VAL C 1060 -25.17 -0.95 -30.86
CA VAL C 1060 -26.32 -0.66 -31.70
C VAL C 1060 -25.83 0.12 -32.90
N VAL C 1061 -26.31 -0.25 -34.09
CA VAL C 1061 -25.98 0.45 -35.32
C VAL C 1061 -27.26 1.09 -35.83
N PHE C 1062 -27.21 2.38 -36.12
CA PHE C 1062 -28.37 3.11 -36.60
C PHE C 1062 -28.15 3.45 -38.07
N LEU C 1063 -29.22 3.36 -38.86
CA LEU C 1063 -29.23 3.87 -40.22
C LEU C 1063 -30.02 5.16 -40.27
N HIS C 1064 -29.35 6.25 -40.58
CA HIS C 1064 -29.97 7.58 -40.63
C HIS C 1064 -30.16 7.94 -42.10
N VAL C 1065 -31.41 8.12 -42.50
CA VAL C 1065 -31.77 8.45 -43.88
C VAL C 1065 -32.04 9.95 -43.94
N THR C 1066 -31.25 10.66 -44.74
CA THR C 1066 -31.31 12.12 -44.83
C THR C 1066 -31.45 12.60 -46.28
N TYR C 1067 -32.05 13.78 -46.40
CA TYR C 1067 -32.21 14.52 -47.66
C TYR C 1067 -31.02 15.44 -47.95
N VAL C 1068 -30.49 15.38 -49.16
CA VAL C 1068 -29.37 16.21 -49.56
C VAL C 1068 -29.66 16.94 -50.87
N PRO C 1069 -29.59 18.26 -50.91
CA PRO C 1069 -29.82 19.00 -52.16
C PRO C 1069 -28.72 18.77 -53.18
N ALA C 1070 -29.05 19.02 -54.45
CA ALA C 1070 -28.06 18.90 -55.52
C ALA C 1070 -28.54 19.62 -56.77
N GLN C 1071 -27.60 19.86 -57.69
CA GLN C 1071 -27.88 20.46 -59.00
C GLN C 1071 -28.48 21.85 -58.85
N GLU C 1072 -27.65 22.79 -58.41
CA GLU C 1072 -28.10 24.14 -58.15
C GLU C 1072 -27.67 25.10 -59.25
N LYS C 1073 -28.51 26.12 -59.48
CA LYS C 1073 -28.37 27.07 -60.58
C LYS C 1073 -28.00 28.45 -60.07
N ASN C 1074 -27.82 29.37 -61.02
CA ASN C 1074 -27.48 30.77 -60.79
C ASN C 1074 -28.73 31.65 -60.88
N PHE C 1075 -29.10 32.34 -59.82
CA PHE C 1075 -30.21 33.27 -59.88
C PHE C 1075 -29.80 34.64 -59.37
N THR C 1076 -30.43 35.68 -59.91
CA THR C 1076 -30.30 37.03 -59.39
C THR C 1076 -31.41 37.28 -58.38
N THR C 1077 -31.13 38.05 -57.32
CA THR C 1077 -32.13 38.28 -56.28
C THR C 1077 -32.36 39.76 -56.02
N ALA C 1078 -33.27 40.00 -55.09
CA ALA C 1078 -33.66 41.31 -54.61
C ALA C 1078 -34.37 41.15 -53.28
N PRO C 1079 -33.90 41.84 -52.24
CA PRO C 1079 -34.57 41.78 -50.94
C PRO C 1079 -36.06 42.03 -50.95
N ALA C 1080 -36.55 42.95 -51.78
CA ALA C 1080 -37.96 43.30 -51.77
C ALA C 1080 -38.30 43.96 -53.09
N ILE C 1081 -39.59 44.13 -53.34
CA ILE C 1081 -39.97 44.73 -54.61
C ILE C 1081 -40.75 46.01 -54.37
N CYS C 1082 -40.67 46.93 -55.33
CA CYS C 1082 -41.40 48.19 -55.25
C CYS C 1082 -42.54 48.07 -56.25
N HIS C 1083 -43.75 48.40 -55.81
CA HIS C 1083 -44.91 48.36 -56.70
C HIS C 1083 -45.87 49.44 -56.26
N ASP C 1084 -46.09 50.42 -57.14
CA ASP C 1084 -47.03 51.51 -56.87
C ASP C 1084 -46.69 52.23 -55.58
N GLY C 1085 -45.42 52.23 -55.20
CA GLY C 1085 -44.99 52.93 -54.02
C GLY C 1085 -44.90 52.09 -52.77
N LYS C 1086 -45.22 50.80 -52.83
CA LYS C 1086 -45.21 49.96 -51.65
C LYS C 1086 -44.13 48.89 -51.79
N ALA C 1087 -43.55 48.50 -50.66
CA ALA C 1087 -42.57 47.43 -50.63
C ALA C 1087 -43.28 46.10 -50.40
N HIS C 1088 -43.04 45.17 -51.30
CA HIS C 1088 -43.62 43.83 -51.24
C HIS C 1088 -42.54 42.83 -50.87
N PHE C 1089 -42.51 42.40 -49.55
CA PHE C 1089 -41.59 41.37 -49.10
C PHE C 1089 -42.19 39.98 -49.31
N PRO C 1090 -41.37 38.98 -49.60
CA PRO C 1090 -41.91 37.62 -49.79
C PRO C 1090 -42.33 37.03 -48.46
N ARG C 1091 -43.31 36.12 -48.50
CA ARG C 1091 -43.68 35.45 -47.25
C ARG C 1091 -42.78 34.26 -46.98
N GLU C 1092 -42.92 33.21 -47.78
CA GLU C 1092 -42.18 31.96 -47.61
C GLU C 1092 -41.22 31.71 -48.77
N GLY C 1093 -40.05 32.28 -48.72
CA GLY C 1093 -39.14 32.13 -49.81
C GLY C 1093 -38.47 33.43 -50.19
N VAL C 1094 -37.84 33.43 -51.35
CA VAL C 1094 -37.11 34.60 -51.83
C VAL C 1094 -37.49 34.92 -53.25
N PHE C 1095 -37.56 36.22 -53.55
CA PHE C 1095 -37.82 36.68 -54.91
C PHE C 1095 -36.55 36.42 -55.71
N VAL C 1096 -36.67 35.75 -56.84
CA VAL C 1096 -35.51 35.41 -57.66
C VAL C 1096 -35.78 35.80 -59.10
N SER C 1097 -34.75 36.25 -59.79
CA SER C 1097 -34.88 36.71 -61.16
C SER C 1097 -34.11 35.76 -62.06
N ASN C 1098 -34.71 35.41 -63.19
CA ASN C 1098 -34.07 34.63 -64.23
C ASN C 1098 -33.49 35.50 -65.33
N GLY C 1099 -33.05 36.71 -64.98
CA GLY C 1099 -32.49 37.59 -65.98
C GLY C 1099 -33.51 38.58 -66.50
N THR C 1100 -34.62 38.09 -67.05
CA THR C 1100 -35.65 38.97 -67.56
C THR C 1100 -37.01 38.80 -66.90
N HIS C 1101 -37.16 37.90 -65.94
CA HIS C 1101 -38.43 37.77 -65.26
C HIS C 1101 -38.18 37.59 -63.77
N TRP C 1102 -39.20 37.83 -62.96
CA TRP C 1102 -39.08 37.71 -61.52
C TRP C 1102 -40.11 36.73 -60.98
N PHE C 1103 -39.73 35.95 -59.97
CA PHE C 1103 -40.62 34.97 -59.37
C PHE C 1103 -40.37 34.94 -57.87
N VAL C 1104 -41.02 34.01 -57.18
CA VAL C 1104 -40.87 33.81 -55.74
C VAL C 1104 -40.82 32.32 -55.48
N THR C 1105 -39.86 31.86 -54.68
CA THR C 1105 -39.76 30.41 -54.50
C THR C 1105 -39.23 30.04 -53.13
N GLN C 1106 -39.51 28.80 -52.71
CA GLN C 1106 -38.99 28.32 -51.43
C GLN C 1106 -37.49 28.10 -51.54
N ARG C 1107 -36.78 28.42 -50.46
CA ARG C 1107 -35.33 28.37 -50.47
C ARG C 1107 -34.76 26.97 -50.60
N ASN C 1108 -35.54 25.93 -50.32
CA ASN C 1108 -35.03 24.57 -50.40
C ASN C 1108 -35.03 23.96 -51.80
N PHE C 1109 -35.89 24.42 -52.70
CA PHE C 1109 -36.00 23.73 -53.99
C PHE C 1109 -36.72 24.59 -55.01
N TYR C 1110 -36.07 24.79 -56.16
CA TYR C 1110 -36.58 25.69 -57.19
C TYR C 1110 -37.97 25.31 -57.68
N GLU C 1111 -38.94 26.18 -57.42
CA GLU C 1111 -40.31 25.98 -57.88
C GLU C 1111 -40.93 27.35 -58.14
N PRO C 1112 -40.65 27.93 -59.30
CA PRO C 1112 -41.02 29.34 -59.53
C PRO C 1112 -42.52 29.55 -59.62
N GLN C 1113 -42.95 30.73 -59.15
CA GLN C 1113 -44.35 31.12 -59.17
C GLN C 1113 -44.41 32.63 -59.41
N ILE C 1114 -45.55 33.09 -59.93
CA ILE C 1114 -45.74 34.52 -60.15
C ILE C 1114 -45.84 35.25 -58.81
N ILE C 1115 -45.23 36.42 -58.75
CA ILE C 1115 -45.25 37.24 -57.54
C ILE C 1115 -46.61 37.91 -57.48
N THR C 1116 -47.44 37.50 -56.54
CA THR C 1116 -48.81 37.96 -56.43
C THR C 1116 -49.08 38.55 -55.05
N THR C 1117 -50.20 39.24 -54.94
CA THR C 1117 -50.55 39.90 -53.69
C THR C 1117 -50.67 38.94 -52.52
N ASP C 1118 -51.08 37.69 -52.75
CA ASP C 1118 -51.35 36.80 -51.64
C ASP C 1118 -50.18 35.91 -51.24
N ASN C 1119 -49.01 36.07 -51.84
CA ASN C 1119 -47.84 35.33 -51.39
C ASN C 1119 -46.77 36.28 -50.87
N THR C 1120 -47.02 37.59 -50.88
CA THR C 1120 -46.08 38.61 -50.44
C THR C 1120 -46.82 39.56 -49.54
N PHE C 1121 -46.27 39.84 -48.36
CA PHE C 1121 -46.86 40.89 -47.54
C PHE C 1121 -46.25 42.25 -47.86
N VAL C 1122 -46.97 43.29 -47.49
CA VAL C 1122 -46.58 44.67 -47.79
C VAL C 1122 -46.42 45.45 -46.49
N SER C 1123 -45.36 46.25 -46.41
CA SER C 1123 -45.08 47.05 -45.22
C SER C 1123 -44.17 48.23 -45.54
N GLY C 1124 -44.41 49.35 -44.85
CA GLY C 1124 -43.62 50.55 -45.04
C GLY C 1124 -43.79 51.17 -46.41
N ASN C 1125 -42.78 51.91 -46.86
CA ASN C 1125 -42.82 52.57 -48.15
C ASN C 1125 -41.81 51.97 -49.12
N CYS C 1126 -41.88 52.37 -50.39
CA CYS C 1126 -40.98 51.88 -51.41
C CYS C 1126 -39.53 52.28 -51.11
N ASP C 1127 -39.31 53.57 -50.90
CA ASP C 1127 -37.98 54.09 -50.60
C ASP C 1127 -37.68 54.04 -49.11
N VAL C 1128 -37.01 52.97 -48.68
CA VAL C 1128 -36.67 52.80 -47.27
C VAL C 1128 -35.54 51.79 -47.10
N VAL C 1129 -35.66 50.65 -47.78
CA VAL C 1129 -34.66 49.59 -47.70
C VAL C 1129 -33.80 49.55 -48.95
N ILE C 1130 -32.48 49.59 -48.76
CA ILE C 1130 -31.54 49.55 -49.87
C ILE C 1130 -31.63 48.21 -50.57
N GLY C 1131 -31.77 48.23 -51.88
CA GLY C 1131 -31.82 47.02 -52.65
C GLY C 1131 -33.13 46.62 -53.27
N ILE C 1132 -34.10 47.54 -53.36
CA ILE C 1132 -35.35 47.13 -53.99
C ILE C 1132 -35.19 47.19 -55.49
N VAL C 1133 -36.15 46.60 -56.22
CA VAL C 1133 -36.18 46.62 -57.67
C VAL C 1133 -37.58 46.94 -58.14
N ASN C 1134 -37.67 47.60 -59.28
CA ASN C 1134 -38.97 47.99 -59.82
C ASN C 1134 -39.59 46.85 -60.62
N ASN C 1135 -40.78 46.43 -60.22
CA ASN C 1135 -41.44 45.30 -60.85
C ASN C 1135 -42.95 45.48 -60.68
N THR C 1136 -43.72 44.51 -61.13
CA THR C 1136 -45.17 44.56 -60.98
C THR C 1136 -45.66 43.36 -60.20
N VAL C 1137 -46.84 43.51 -59.60
CA VAL C 1137 -47.49 42.43 -58.84
C VAL C 1137 -48.87 42.18 -59.40
N TYR C 1138 -49.17 40.92 -59.67
CA TYR C 1138 -50.46 40.54 -60.22
C TYR C 1138 -51.46 40.41 -59.07
N ASP C 1139 -52.64 40.98 -59.24
CA ASP C 1139 -53.69 40.89 -58.25
C ASP C 1139 -54.81 39.97 -58.69
N PRO C 1140 -54.90 38.75 -58.14
CA PRO C 1140 -55.90 37.79 -58.61
C PRO C 1140 -57.33 38.27 -58.54
N LEU C 1141 -57.65 39.26 -57.70
CA LEU C 1141 -59.04 39.69 -57.60
C LEU C 1141 -59.51 40.39 -58.87
N GLN C 1142 -58.67 41.24 -59.44
CA GLN C 1142 -59.13 42.12 -60.51
C GLN C 1142 -59.66 41.40 -61.73
N PRO C 1143 -59.10 40.26 -62.18
CA PRO C 1143 -59.72 39.55 -63.31
C PRO C 1143 -61.15 39.11 -63.04
N GLU C 1144 -61.57 39.09 -61.79
CA GLU C 1144 -62.91 38.63 -61.47
C GLU C 1144 -63.91 39.76 -61.65
N LEU C 1145 -63.46 41.00 -61.51
CA LEU C 1145 -64.36 42.13 -61.64
C LEU C 1145 -64.72 42.42 -63.09
N ASP C 1146 -64.32 41.55 -64.01
CA ASP C 1146 -64.66 41.72 -65.41
C ASP C 1146 -65.27 40.44 -65.99
N GLU D 1 42.15 -23.09 80.80
CA GLU D 1 40.81 -23.03 81.36
C GLU D 1 40.30 -24.45 81.65
N VAL D 2 41.10 -25.43 81.26
CA VAL D 2 40.79 -26.83 81.47
C VAL D 2 41.54 -27.28 82.72
N GLN D 3 40.83 -27.93 83.63
CA GLN D 3 41.48 -28.39 84.85
C GLN D 3 41.07 -29.82 85.15
N LEU D 4 42.05 -30.63 85.52
CA LEU D 4 41.85 -32.01 85.93
C LEU D 4 42.56 -32.20 87.25
N VAL D 5 41.95 -32.96 88.16
CA VAL D 5 42.56 -33.22 89.45
C VAL D 5 42.28 -34.65 89.87
N GLU D 6 43.34 -35.42 90.07
CA GLU D 6 43.26 -36.81 90.50
C GLU D 6 43.33 -36.86 92.02
N SER D 7 42.52 -37.73 92.62
CA SER D 7 42.53 -37.93 94.06
C SER D 7 42.44 -39.41 94.35
N GLY D 8 43.03 -39.83 95.46
CA GLY D 8 43.00 -41.21 95.87
C GLY D 8 44.00 -41.54 96.96
N PRO D 9 44.01 -42.80 97.39
CA PRO D 9 44.95 -43.23 98.43
C PRO D 9 46.36 -43.40 97.90
N GLY D 10 47.33 -42.94 98.70
CA GLY D 10 48.73 -43.03 98.34
C GLY D 10 49.32 -44.42 98.49
N LEU D 11 48.71 -45.27 99.31
CA LEU D 11 49.20 -46.62 99.54
C LEU D 11 48.02 -47.57 99.59
N VAL D 12 48.12 -48.67 98.84
CA VAL D 12 47.10 -49.69 98.76
C VAL D 12 47.77 -51.05 98.85
N LYS D 13 47.07 -52.01 99.42
CA LYS D 13 47.76 -53.29 99.51
C LYS D 13 47.46 -54.14 98.28
N PRO D 14 48.41 -55.02 97.91
CA PRO D 14 48.19 -55.91 96.76
C PRO D 14 46.89 -56.70 96.88
N SER D 15 46.26 -56.92 95.72
CA SER D 15 45.01 -57.65 95.52
C SER D 15 43.79 -56.79 95.87
N GLU D 16 43.97 -55.60 96.44
CA GLU D 16 42.85 -54.76 96.82
C GLU D 16 42.39 -53.93 95.63
N THR D 17 41.28 -53.24 95.81
CA THR D 17 40.71 -52.39 94.77
C THR D 17 41.11 -50.94 95.01
N LEU D 18 41.65 -50.31 93.97
CA LEU D 18 42.08 -48.91 94.03
C LEU D 18 41.02 -48.05 93.36
N SER D 19 40.64 -46.96 94.02
CA SER D 19 39.66 -46.05 93.46
C SER D 19 40.23 -44.66 93.38
N LEU D 20 40.34 -44.13 92.17
CA LEU D 20 40.87 -42.80 91.91
C LEU D 20 39.74 -41.96 91.33
N THR D 21 39.71 -40.67 91.67
CA THR D 21 38.67 -39.79 91.19
C THR D 21 39.30 -38.60 90.48
N CYS D 22 38.75 -38.26 89.32
CA CYS D 22 39.19 -37.13 88.52
C CYS D 22 38.07 -36.10 88.47
N THR D 23 38.37 -34.90 88.96
CA THR D 23 37.42 -33.80 88.94
C THR D 23 37.94 -32.82 87.90
N VAL D 24 37.07 -32.38 87.00
CA VAL D 24 37.51 -31.53 85.91
C VAL D 24 36.62 -30.30 85.79
N SER D 25 37.12 -29.35 85.00
CA SER D 25 36.44 -28.12 84.68
C SER D 25 36.91 -27.65 83.31
N GLY D 26 36.06 -26.87 82.66
CA GLY D 26 36.34 -26.35 81.34
C GLY D 26 35.63 -27.11 80.23
N GLY D 27 35.03 -28.24 80.56
CA GLY D 27 34.31 -29.07 79.61
C GLY D 27 33.36 -29.99 80.35
N SER D 28 32.39 -30.50 79.62
CA SER D 28 31.40 -31.41 80.20
C SER D 28 31.60 -32.80 79.61
N ILE D 29 31.43 -33.82 80.44
CA ILE D 29 31.61 -35.19 79.98
C ILE D 29 30.34 -35.67 79.29
N SER D 30 29.41 -34.75 79.07
CA SER D 30 28.15 -35.05 78.39
C SER D 30 28.14 -34.57 76.95
N SER D 31 29.18 -33.87 76.51
CA SER D 31 29.21 -33.36 75.15
C SER D 31 29.44 -34.46 74.13
N SER D 32 28.70 -34.37 73.02
CA SER D 32 28.77 -35.35 71.94
C SER D 32 30.22 -35.58 71.53
N SER D 33 30.62 -36.86 71.53
CA SER D 33 31.94 -37.36 71.15
C SER D 33 33.04 -37.01 72.14
N TYR D 34 32.75 -36.23 73.18
CA TYR D 34 33.77 -35.91 74.18
C TYR D 34 34.23 -37.19 74.87
N TYR D 35 35.48 -37.24 75.32
CA TYR D 35 35.99 -38.44 75.97
C TYR D 35 36.72 -38.05 77.25
N TRP D 36 36.86 -39.04 78.12
CA TRP D 36 37.60 -38.89 79.37
C TRP D 36 38.43 -40.15 79.47
N GLY D 37 39.75 -40.02 79.61
CA GLY D 37 40.60 -41.18 79.70
C GLY D 37 41.49 -41.18 80.93
N TRP D 38 42.08 -42.37 81.16
CA TRP D 38 43.03 -42.61 82.23
C TRP D 38 44.30 -43.15 81.58
N ILE D 39 45.44 -42.65 82.05
CA ILE D 39 46.77 -42.99 81.57
C ILE D 39 47.70 -43.13 82.76
N ARG D 40 48.61 -44.09 82.72
CA ARG D 40 49.55 -44.27 83.82
C ARG D 40 50.98 -44.03 83.32
N GLN D 41 51.85 -43.73 84.29
CA GLN D 41 53.27 -43.49 84.03
C GLN D 41 54.03 -44.20 85.13
N PRO D 42 54.59 -45.38 84.84
CA PRO D 42 55.37 -46.09 85.85
C PRO D 42 56.64 -45.36 86.20
N PRO D 43 57.19 -45.58 87.40
CA PRO D 43 58.43 -44.90 87.83
C PRO D 43 59.52 -44.80 86.77
N GLY D 44 59.89 -43.57 86.44
CA GLY D 44 60.95 -43.31 85.47
C GLY D 44 60.75 -43.91 84.09
N LYS D 45 59.51 -44.14 83.69
CA LYS D 45 59.22 -44.71 82.38
C LYS D 45 58.25 -43.80 81.61
N GLY D 46 57.85 -44.28 80.44
CA GLY D 46 56.95 -43.56 79.56
C GLY D 46 55.49 -43.67 79.96
N LEU D 47 54.65 -42.91 79.26
CA LEU D 47 53.23 -42.92 79.52
C LEU D 47 52.60 -44.19 78.99
N GLU D 48 51.62 -44.71 79.73
CA GLU D 48 50.92 -45.95 79.38
C GLU D 48 49.42 -45.72 79.43
N TRP D 49 48.75 -45.94 78.30
CA TRP D 49 47.32 -45.76 78.20
C TRP D 49 46.59 -46.86 78.99
N ILE D 50 45.58 -46.45 79.76
CA ILE D 50 44.82 -47.35 80.61
C ILE D 50 43.40 -47.54 80.13
N GLY D 51 42.70 -46.46 79.82
CA GLY D 51 41.31 -46.62 79.44
C GLY D 51 40.68 -45.33 78.99
N SER D 52 39.47 -45.47 78.44
CA SER D 52 38.73 -44.30 77.97
C SER D 52 37.23 -44.56 78.07
N ILE D 53 36.49 -43.49 78.32
CA ILE D 53 35.03 -43.49 78.46
C ILE D 53 34.45 -42.36 77.65
N TYR D 54 33.27 -42.59 77.06
CA TYR D 54 32.61 -41.63 76.19
C TYR D 54 31.36 -41.06 76.85
N TYR D 55 30.85 -39.99 76.25
CA TYR D 55 29.64 -39.32 76.73
C TYR D 55 28.46 -40.28 76.82
N ARG D 56 28.54 -41.40 76.11
CA ARG D 56 27.44 -42.33 75.90
C ARG D 56 27.64 -43.59 76.74
N GLY D 57 28.58 -43.54 77.68
CA GLY D 57 28.98 -44.63 78.53
C GLY D 57 29.76 -45.73 77.86
N SER D 58 30.14 -45.59 76.59
CA SER D 58 30.99 -46.58 75.96
C SER D 58 32.39 -46.45 76.57
N THR D 59 33.10 -47.58 76.66
CA THR D 59 34.42 -47.52 77.24
C THR D 59 35.35 -48.63 76.75
N TYR D 60 36.64 -48.34 76.77
CA TYR D 60 37.68 -49.32 76.46
C TYR D 60 38.69 -49.31 77.60
N TYR D 61 39.45 -50.40 77.66
CA TYR D 61 40.55 -50.57 78.58
C TYR D 61 41.67 -51.30 77.85
N ASN D 62 42.90 -51.11 78.33
CA ASN D 62 44.01 -51.83 77.75
C ASN D 62 43.75 -53.34 77.89
N PRO D 63 43.82 -54.09 76.79
CA PRO D 63 43.52 -55.54 76.86
C PRO D 63 44.25 -56.30 77.96
N SER D 64 45.54 -56.04 78.18
CA SER D 64 46.21 -56.78 79.23
C SER D 64 45.68 -56.41 80.62
N LEU D 65 45.06 -55.24 80.76
CA LEU D 65 44.52 -54.83 82.05
C LEU D 65 43.00 -54.68 82.02
N LYS D 66 42.37 -54.94 80.87
CA LYS D 66 40.93 -54.81 80.69
C LYS D 66 40.09 -55.38 81.83
N SER D 67 40.36 -56.63 82.20
CA SER D 67 39.56 -57.28 83.24
C SER D 67 39.76 -56.66 84.62
N ARG D 68 40.85 -55.92 84.83
CA ARG D 68 41.10 -55.34 86.14
C ARG D 68 40.83 -53.84 86.20
N VAL D 69 40.66 -53.17 85.06
CA VAL D 69 40.43 -51.73 85.05
C VAL D 69 38.95 -51.47 84.79
N THR D 70 38.41 -50.44 85.44
CA THR D 70 37.02 -50.04 85.27
C THR D 70 36.93 -48.53 85.38
N ILE D 71 36.29 -47.88 84.42
CA ILE D 71 36.13 -46.42 84.44
C ILE D 71 34.64 -46.12 84.40
N SER D 72 34.25 -45.13 85.20
CA SER D 72 32.86 -44.70 85.33
C SER D 72 32.83 -43.19 85.35
N VAL D 73 31.67 -42.63 85.03
CA VAL D 73 31.49 -41.17 84.98
C VAL D 73 30.34 -40.75 85.87
N ASP D 74 30.39 -39.47 86.27
CA ASP D 74 29.38 -38.80 87.08
C ASP D 74 29.21 -37.42 86.45
N THR D 75 28.26 -37.35 85.51
CA THR D 75 27.96 -36.13 84.78
C THR D 75 27.56 -34.98 85.70
N SER D 76 26.80 -35.27 86.76
CA SER D 76 26.34 -34.19 87.64
C SER D 76 27.52 -33.47 88.28
N LYS D 77 28.57 -34.21 88.65
CA LYS D 77 29.72 -33.59 89.27
C LYS D 77 30.88 -33.42 88.29
N ASN D 78 30.70 -33.81 87.04
CA ASN D 78 31.78 -33.73 86.05
C ASN D 78 33.02 -34.44 86.58
N GLN D 79 32.83 -35.70 86.96
CA GLN D 79 33.92 -36.48 87.53
C GLN D 79 33.98 -37.87 86.91
N PHE D 80 35.20 -38.43 86.90
CA PHE D 80 35.45 -39.76 86.38
C PHE D 80 36.16 -40.57 87.45
N SER D 81 35.71 -41.80 87.66
CA SER D 81 36.31 -42.67 88.67
C SER D 81 36.92 -43.89 88.00
N LEU D 82 38.11 -44.25 88.46
CA LEU D 82 38.82 -45.41 87.95
C LEU D 82 39.07 -46.39 89.09
N LYS D 83 38.58 -47.62 88.93
CA LYS D 83 38.73 -48.70 89.88
C LYS D 83 39.63 -49.77 89.27
N LEU D 84 40.62 -50.21 90.05
CA LEU D 84 41.55 -51.25 89.60
C LEU D 84 41.53 -52.37 90.62
N SER D 85 41.13 -53.56 90.17
CA SER D 85 41.04 -54.74 91.01
C SER D 85 42.34 -55.55 90.93
N SER D 86 42.50 -56.45 91.89
CA SER D 86 43.66 -57.35 91.99
C SER D 86 44.94 -56.59 91.69
N VAL D 87 45.15 -55.51 92.45
CA VAL D 87 46.33 -54.69 92.26
C VAL D 87 47.58 -55.43 92.76
N THR D 88 48.72 -55.01 92.23
CA THR D 88 50.01 -55.57 92.62
C THR D 88 51.03 -54.45 92.62
N ALA D 89 52.18 -54.70 93.26
CA ALA D 89 53.23 -53.69 93.31
C ALA D 89 53.65 -53.24 91.91
N ALA D 90 53.34 -54.04 90.88
CA ALA D 90 53.66 -53.66 89.51
C ALA D 90 52.85 -52.48 89.05
N ASP D 91 51.71 -52.21 89.70
CA ASP D 91 50.83 -51.12 89.32
C ASP D 91 51.22 -49.80 89.98
N THR D 92 52.29 -49.78 90.78
CA THR D 92 52.72 -48.53 91.37
C THR D 92 53.10 -47.58 90.26
N ALA D 93 52.58 -46.35 90.31
CA ALA D 93 52.83 -45.38 89.24
C ALA D 93 52.06 -44.09 89.45
N VAL D 94 52.30 -43.10 88.58
CA VAL D 94 51.57 -41.85 88.61
C VAL D 94 50.41 -41.98 87.62
N TYR D 95 49.21 -41.65 88.08
CA TYR D 95 48.00 -41.75 87.27
C TYR D 95 47.54 -40.36 86.86
N TYR D 96 47.23 -40.22 85.58
CA TYR D 96 46.74 -38.98 84.99
C TYR D 96 45.39 -39.24 84.34
N CYS D 97 44.49 -38.29 84.45
CA CYS D 97 43.24 -38.30 83.73
C CYS D 97 43.32 -37.23 82.65
N ALA D 98 42.58 -37.41 81.56
CA ALA D 98 42.69 -36.45 80.49
C ALA D 98 41.40 -36.30 79.72
N ARG D 99 41.24 -35.10 79.14
CA ARG D 99 40.09 -34.71 78.36
C ARG D 99 40.37 -34.92 76.88
N HIS D 100 39.36 -35.39 76.15
CA HIS D 100 39.46 -35.59 74.71
C HIS D 100 38.33 -34.79 74.07
N VAL D 101 38.69 -33.77 73.29
CA VAL D 101 37.73 -32.80 72.79
C VAL D 101 37.01 -33.41 71.59
N ARG D 102 35.73 -33.69 71.78
CA ARG D 102 34.81 -34.32 70.81
C ARG D 102 35.56 -35.39 70.02
N SER D 103 35.59 -35.32 68.69
CA SER D 103 36.28 -36.37 67.96
C SER D 103 37.76 -36.06 67.85
N ALA D 104 38.26 -35.97 66.63
CA ALA D 104 39.64 -35.66 66.38
C ALA D 104 39.77 -34.19 66.00
N TYR D 105 40.90 -33.81 65.41
CA TYR D 105 41.06 -32.46 64.93
C TYR D 105 39.97 -32.34 63.86
N TYR D 106 38.91 -31.57 64.15
CA TYR D 106 37.82 -31.49 63.19
C TYR D 106 38.22 -30.77 61.92
N TYR D 107 39.00 -29.70 62.03
CA TYR D 107 39.54 -29.10 60.82
C TYR D 107 40.68 -29.99 60.31
N GLY D 108 40.54 -30.42 59.06
CA GLY D 108 41.49 -31.36 58.47
C GLY D 108 40.91 -32.75 58.42
N SER D 109 40.33 -33.13 57.28
CA SER D 109 39.68 -34.40 57.00
C SER D 109 38.31 -34.53 57.67
N GLY D 110 37.87 -33.56 58.45
CA GLY D 110 36.61 -33.69 59.16
C GLY D 110 36.64 -34.61 60.36
N SER D 111 37.76 -34.65 61.10
CA SER D 111 37.95 -35.56 62.22
C SER D 111 37.85 -37.02 61.77
N TYR D 112 38.19 -37.29 60.52
CA TYR D 112 38.10 -38.65 59.97
C TYR D 112 39.42 -39.40 60.22
N ARG D 113 39.70 -39.62 61.50
CA ARG D 113 40.92 -40.31 61.94
C ARG D 113 40.73 -40.94 63.31
N ASP D 114 39.71 -41.78 63.46
CA ASP D 114 39.46 -42.48 64.72
C ASP D 114 39.39 -41.50 65.88
N GLU D 115 40.56 -41.07 66.34
CA GLU D 115 40.68 -40.12 67.43
C GLU D 115 41.88 -39.21 67.20
N GLY D 116 42.10 -38.76 65.95
CA GLY D 116 43.29 -38.00 65.69
C GLY D 116 44.46 -38.84 66.13
N ASN D 117 44.96 -38.58 67.32
CA ASN D 117 46.03 -39.39 67.88
C ASN D 117 45.75 -39.60 69.36
N TRP D 118 45.55 -38.51 70.10
CA TRP D 118 45.29 -38.61 71.53
C TRP D 118 44.59 -37.37 72.09
N PHE D 119 45.13 -36.85 73.19
CA PHE D 119 44.57 -35.67 73.83
C PHE D 119 45.56 -34.52 73.85
N ASP D 120 45.36 -33.61 74.81
CA ASP D 120 46.23 -32.44 74.95
C ASP D 120 46.39 -32.06 76.42
N PRO D 121 45.30 -31.61 77.06
CA PRO D 121 45.30 -31.20 78.46
C PRO D 121 45.61 -32.37 79.39
N TRP D 122 46.24 -32.08 80.52
CA TRP D 122 46.60 -33.11 81.50
C TRP D 122 46.40 -32.60 82.92
N GLY D 123 46.29 -33.53 83.86
CA GLY D 123 46.12 -33.19 85.27
C GLY D 123 47.48 -33.15 85.95
N GLN D 124 47.49 -33.03 87.28
CA GLN D 124 48.77 -32.99 87.98
C GLN D 124 49.35 -34.39 88.19
N GLY D 125 48.48 -35.39 88.30
CA GLY D 125 48.86 -36.78 88.49
C GLY D 125 48.88 -37.15 89.96
N THR D 126 48.62 -38.43 90.23
CA THR D 126 48.64 -38.94 91.59
C THR D 126 49.50 -40.19 91.65
N LEU D 127 50.42 -40.23 92.62
CA LEU D 127 51.31 -41.36 92.79
C LEU D 127 50.64 -42.41 93.68
N VAL D 128 50.53 -43.63 93.17
CA VAL D 128 49.90 -44.71 93.92
C VAL D 128 50.92 -45.82 94.06
N THR D 129 51.12 -46.25 95.31
CA THR D 129 52.06 -47.30 95.67
C THR D 129 51.26 -48.51 96.15
N VAL D 130 51.66 -49.69 95.69
CA VAL D 130 51.00 -50.93 96.10
C VAL D 130 52.02 -51.75 96.87
N SER D 131 51.74 -51.96 98.16
CA SER D 131 52.65 -52.71 99.02
C SER D 131 51.87 -53.15 100.26
N SER D 132 52.31 -54.25 100.87
CA SER D 132 51.69 -54.76 102.08
C SER D 132 52.59 -54.55 103.29
N GLN E 1 54.21 -55.30 71.47
CA GLN E 1 54.13 -55.11 72.92
C GLN E 1 54.03 -53.64 73.27
N SER E 2 53.82 -53.34 74.55
CA SER E 2 53.31 -52.03 74.96
C SER E 2 54.51 -51.15 75.22
N VAL E 3 54.90 -50.38 74.20
CA VAL E 3 55.77 -49.20 74.25
C VAL E 3 56.38 -49.03 72.86
N LEU E 4 56.49 -47.79 72.41
CA LEU E 4 57.32 -47.48 71.26
C LEU E 4 58.72 -47.22 71.77
N THR E 5 59.72 -47.59 70.97
CA THR E 5 61.11 -47.47 71.39
C THR E 5 61.75 -46.22 70.79
N GLN E 6 62.25 -45.36 71.66
CA GLN E 6 63.04 -44.16 71.40
C GLN E 6 64.41 -44.30 72.07
N PRO E 7 65.44 -43.65 71.54
CA PRO E 7 66.69 -43.53 72.29
C PRO E 7 66.47 -42.71 73.54
N PRO E 8 66.97 -43.17 74.69
CA PRO E 8 66.57 -42.54 75.97
C PRO E 8 67.00 -41.09 76.10
N SER E 9 68.01 -40.66 75.34
CA SER E 9 68.38 -39.25 75.32
C SER E 9 68.97 -38.90 73.96
N VAL E 10 68.87 -37.62 73.61
CA VAL E 10 69.47 -37.06 72.41
C VAL E 10 69.95 -35.65 72.74
N SER E 11 71.15 -35.30 72.30
CA SER E 11 71.78 -34.05 72.68
C SER E 11 72.34 -33.34 71.46
N GLY E 12 72.74 -32.09 71.67
CA GLY E 12 73.51 -31.34 70.71
C GLY E 12 73.73 -29.94 71.20
N ALA E 13 74.55 -29.20 70.46
CA ALA E 13 74.83 -27.83 70.83
C ALA E 13 73.84 -26.88 70.15
N PRO E 14 73.62 -25.70 70.75
CA PRO E 14 72.61 -24.77 70.20
C PRO E 14 72.87 -24.44 68.73
N GLY E 15 71.85 -24.66 67.91
CA GLY E 15 71.93 -24.49 66.48
C GLY E 15 72.16 -25.76 65.69
N GLN E 16 72.53 -26.85 66.36
CA GLN E 16 72.71 -28.13 65.67
C GLN E 16 71.37 -28.73 65.28
N ARG E 17 71.43 -29.72 64.39
CA ARG E 17 70.30 -30.57 64.07
C ARG E 17 70.32 -31.77 65.00
N VAL E 18 69.22 -31.97 65.73
CA VAL E 18 69.08 -33.10 66.64
C VAL E 18 67.87 -33.92 66.22
N THR E 19 68.08 -35.21 66.03
CA THR E 19 66.98 -36.09 65.66
C THR E 19 66.73 -37.13 66.74
N ILE E 20 65.48 -37.54 66.83
CA ILE E 20 64.99 -38.50 67.80
C ILE E 20 64.32 -39.62 67.04
N SER E 21 64.76 -40.85 67.24
CA SER E 21 64.15 -41.97 66.56
C SER E 21 63.07 -42.60 67.42
N CYS E 22 62.23 -43.40 66.77
CA CYS E 22 61.02 -43.91 67.39
C CYS E 22 60.68 -45.23 66.70
N THR E 23 60.95 -46.33 67.41
CA THR E 23 60.92 -47.66 66.83
C THR E 23 59.65 -48.35 67.31
N GLY E 24 58.84 -48.83 66.37
CA GLY E 24 57.57 -49.42 66.72
C GLY E 24 57.41 -50.83 66.21
N THR E 25 56.16 -51.23 65.98
CA THR E 25 55.88 -52.52 65.35
C THR E 25 54.96 -52.31 64.16
N ARG E 26 54.69 -53.42 63.46
CA ARG E 26 53.77 -53.40 62.33
C ARG E 26 52.43 -52.76 62.69
N SER E 27 51.96 -52.97 63.92
CA SER E 27 50.61 -52.59 64.29
C SER E 27 50.47 -51.12 64.66
N ASN E 28 51.57 -50.45 65.02
CA ASN E 28 51.47 -49.02 65.30
C ASN E 28 52.20 -48.18 64.26
N ILE E 29 53.53 -48.08 64.36
CA ILE E 29 54.26 -47.24 63.41
C ILE E 29 54.15 -47.80 61.99
N GLY E 30 54.18 -49.12 61.84
CA GLY E 30 54.03 -49.71 60.52
C GLY E 30 52.69 -49.53 59.82
N ALA E 31 51.78 -50.47 60.07
CA ALA E 31 50.44 -50.45 59.50
C ALA E 31 49.41 -49.79 60.41
N GLY E 32 49.84 -49.06 61.44
CA GLY E 32 48.90 -48.41 62.33
C GLY E 32 48.21 -47.17 61.80
N HIS E 33 48.02 -46.22 62.72
CA HIS E 33 47.35 -44.94 62.49
C HIS E 33 48.33 -43.85 62.89
N ASP E 34 49.22 -43.47 61.96
CA ASP E 34 50.23 -42.40 62.05
C ASP E 34 50.82 -42.10 63.42
N VAL E 35 52.03 -41.54 63.43
CA VAL E 35 52.75 -41.29 64.67
C VAL E 35 52.79 -39.79 64.93
N HIS E 36 52.49 -39.42 66.17
CA HIS E 36 52.54 -38.06 66.66
C HIS E 36 53.72 -37.91 67.60
N TRP E 37 54.14 -36.67 67.81
CA TRP E 37 55.26 -36.36 68.69
C TRP E 37 54.82 -35.40 69.79
N TYR E 38 55.33 -35.62 71.00
CA TYR E 38 55.00 -34.77 72.13
C TYR E 38 56.23 -34.07 72.70
N GLN E 39 56.01 -32.89 73.29
CA GLN E 39 57.10 -32.11 73.88
C GLN E 39 56.61 -31.33 75.09
N GLN E 40 56.85 -31.89 76.28
CA GLN E 40 56.43 -31.24 77.52
C GLN E 40 57.36 -31.62 78.66
N LEU E 41 57.50 -30.72 79.64
CA LEU E 41 58.35 -30.96 80.78
C LEU E 41 57.88 -32.17 81.58
N PRO E 42 58.83 -32.95 82.12
CA PRO E 42 58.50 -34.15 82.91
C PRO E 42 57.47 -33.90 84.00
N GLY E 43 56.45 -34.77 84.02
CA GLY E 43 55.34 -34.66 84.97
C GLY E 43 54.29 -33.63 84.66
N THR E 44 54.47 -32.81 83.63
CA THR E 44 53.49 -31.80 83.26
C THR E 44 52.76 -32.24 82.01
N ALA E 45 51.59 -31.64 81.78
CA ALA E 45 50.79 -31.98 80.61
C ALA E 45 51.65 -31.89 79.35
N PRO E 46 51.68 -32.93 78.52
CA PRO E 46 52.31 -32.80 77.21
C PRO E 46 51.58 -31.81 76.31
N LYS E 47 52.23 -31.51 75.20
CA LYS E 47 51.69 -30.62 74.17
C LYS E 47 52.01 -31.27 72.83
N LEU E 48 50.99 -31.39 71.98
CA LEU E 48 51.22 -31.93 70.65
C LEU E 48 52.17 -31.04 69.86
N LEU E 49 53.24 -31.64 69.36
CA LEU E 49 54.30 -30.98 68.60
C LEU E 49 54.24 -31.33 67.13
N ILE E 50 53.97 -32.59 66.82
CA ILE E 50 53.83 -33.10 65.47
C ILE E 50 52.61 -34.02 65.45
N TYR E 51 51.70 -33.81 64.49
CA TYR E 51 50.60 -34.74 64.30
C TYR E 51 50.68 -35.37 62.92
N GLY E 52 50.05 -36.53 62.79
CA GLY E 52 49.95 -37.28 61.55
C GLY E 52 51.28 -37.42 60.82
N ASN E 53 52.27 -37.96 61.54
CA ASN E 53 53.62 -38.20 61.05
C ASN E 53 54.37 -36.88 60.84
N ASN E 54 53.72 -35.92 60.19
CA ASN E 54 54.43 -34.79 59.62
C ASN E 54 53.68 -33.47 59.69
N ASN E 55 52.47 -33.44 60.24
CA ASN E 55 51.75 -32.19 60.45
C ASN E 55 52.26 -31.50 61.71
N ARG E 56 52.17 -30.17 61.73
CA ARG E 56 52.51 -29.43 62.92
C ARG E 56 51.27 -28.70 63.44
N PRO E 57 50.96 -28.80 64.72
CA PRO E 57 49.96 -27.90 65.32
C PRO E 57 50.48 -26.48 65.37
N SER E 58 49.54 -25.54 65.33
CA SER E 58 49.89 -24.13 65.33
C SER E 58 50.48 -23.74 66.69
N GLY E 59 51.60 -23.03 66.65
CA GLY E 59 52.38 -22.73 67.84
C GLY E 59 53.69 -23.48 67.89
N VAL E 60 53.79 -24.62 67.21
CA VAL E 60 55.03 -25.38 67.10
C VAL E 60 55.92 -24.73 66.04
N PRO E 61 57.13 -24.31 66.40
CA PRO E 61 58.06 -23.76 65.40
C PRO E 61 58.21 -24.64 64.18
N ASP E 62 58.28 -23.99 63.00
CA ASP E 62 58.40 -24.70 61.72
C ASP E 62 59.64 -25.60 61.66
N ARG E 63 60.59 -25.44 62.57
CA ARG E 63 61.84 -26.20 62.54
C ARG E 63 61.69 -27.61 63.10
N PHE E 64 60.53 -27.95 63.66
CA PHE E 64 60.24 -29.32 64.07
C PHE E 64 59.53 -30.01 62.91
N SER E 65 60.12 -31.11 62.44
CA SER E 65 59.51 -31.92 61.39
C SER E 65 59.48 -33.39 61.81
N GLY E 66 58.54 -34.12 61.24
CA GLY E 66 58.42 -35.55 61.48
C GLY E 66 58.54 -36.34 60.20
N ALA E 67 58.98 -37.59 60.33
CA ALA E 67 59.07 -38.50 59.21
C ALA E 67 58.75 -39.92 59.67
N LYS E 68 58.16 -40.70 58.78
CA LYS E 68 57.87 -42.10 59.05
C LYS E 68 58.23 -42.93 57.82
N SER E 69 58.67 -44.15 58.07
CA SER E 69 58.87 -45.13 56.99
C SER E 69 58.91 -46.52 57.60
N GLY E 70 58.11 -47.42 57.05
CA GLY E 70 58.05 -48.77 57.57
C GLY E 70 57.59 -48.77 59.01
N THR E 71 58.38 -49.43 59.86
CA THR E 71 58.13 -49.51 61.29
C THR E 71 59.03 -48.58 62.09
N SER E 72 59.63 -47.57 61.44
CA SER E 72 60.45 -46.60 62.15
C SER E 72 60.03 -45.18 61.82
N ALA E 73 60.21 -44.29 62.79
CA ALA E 73 59.82 -42.89 62.65
C ALA E 73 60.92 -42.03 63.26
N SER E 74 60.97 -40.77 62.85
CA SER E 74 61.91 -39.83 63.44
C SER E 74 61.27 -38.45 63.60
N LEU E 75 61.79 -37.72 64.58
CA LEU E 75 61.57 -36.29 64.75
C LEU E 75 62.88 -35.58 64.45
N ALA E 76 62.83 -34.54 63.64
CA ALA E 76 63.98 -33.68 63.36
C ALA E 76 63.76 -32.30 63.97
N ILE E 77 64.74 -31.85 64.75
CA ILE E 77 64.79 -30.50 65.30
C ILE E 77 65.94 -29.81 64.60
N THR E 78 65.60 -28.90 63.68
CA THR E 78 66.52 -28.40 62.67
C THR E 78 67.04 -27.04 63.12
N GLY E 79 68.09 -27.07 63.93
CA GLY E 79 68.55 -25.89 64.62
C GLY E 79 68.15 -25.91 66.08
N LEU E 80 68.75 -26.84 66.82
CA LEU E 80 68.47 -26.99 68.25
C LEU E 80 68.65 -25.66 68.96
N GLN E 81 67.62 -25.26 69.69
CA GLN E 81 67.61 -24.02 70.46
C GLN E 81 67.43 -24.34 71.93
N ALA E 82 67.72 -23.36 72.79
CA ALA E 82 67.64 -23.57 74.23
C ALA E 82 66.25 -24.05 74.63
N GLU E 83 65.21 -23.64 73.90
CA GLU E 83 63.86 -24.03 74.26
C GLU E 83 63.63 -25.52 74.03
N ASP E 84 64.45 -26.15 73.18
CA ASP E 84 64.27 -27.54 72.82
C ASP E 84 64.74 -28.51 73.89
N GLU E 85 65.21 -28.01 75.04
CA GLU E 85 65.57 -28.88 76.15
C GLU E 85 64.29 -29.29 76.86
N ALA E 86 63.71 -30.40 76.43
CA ALA E 86 62.52 -30.97 77.04
C ALA E 86 62.57 -32.49 76.84
N ASP E 87 61.52 -33.15 77.30
CA ASP E 87 61.26 -34.52 76.87
C ASP E 87 60.47 -34.50 75.57
N TYR E 88 60.67 -35.53 74.75
CA TYR E 88 59.91 -35.72 73.54
C TYR E 88 59.41 -37.15 73.53
N TYR E 89 58.11 -37.32 73.28
CA TYR E 89 57.51 -38.64 73.18
C TYR E 89 56.90 -38.81 71.81
N CYS E 90 57.08 -39.99 71.23
CA CYS E 90 56.25 -40.39 70.10
C CYS E 90 55.09 -41.23 70.59
N GLN E 91 54.06 -41.31 69.76
CA GLN E 91 52.84 -42.02 70.13
C GLN E 91 52.14 -42.47 68.86
N SER E 92 51.43 -43.59 68.97
CA SER E 92 50.74 -44.19 67.82
C SER E 92 49.75 -45.23 68.32
N TYR E 93 48.65 -45.37 67.59
CA TYR E 93 47.67 -46.41 67.90
C TYR E 93 48.15 -47.77 67.42
N ASP E 94 48.07 -48.77 68.30
CA ASP E 94 48.48 -50.13 67.99
C ASP E 94 47.22 -50.95 67.77
N ARG E 95 47.04 -51.37 66.51
CA ARG E 95 45.87 -52.12 66.06
C ARG E 95 45.83 -53.52 66.64
N THR E 96 46.98 -54.12 66.95
CA THR E 96 46.98 -55.47 67.49
C THR E 96 46.57 -55.45 68.95
N LEU E 97 47.10 -54.52 69.72
CA LEU E 97 46.74 -54.43 71.11
C LEU E 97 45.45 -53.64 71.27
N THR E 98 44.99 -52.98 70.21
CA THR E 98 43.92 -52.00 70.26
C THR E 98 44.12 -51.05 71.43
N SER E 99 45.28 -50.40 71.44
CA SER E 99 45.57 -49.42 72.48
C SER E 99 46.39 -48.29 71.88
N TYR E 100 46.31 -47.11 72.47
CA TYR E 100 47.14 -46.02 72.00
C TYR E 100 48.42 -46.01 72.82
N VAL E 101 49.55 -46.27 72.16
CA VAL E 101 50.80 -46.58 72.82
C VAL E 101 51.72 -45.37 72.66
N PHE E 102 52.20 -44.86 73.78
CA PHE E 102 53.20 -43.81 73.77
C PHE E 102 54.60 -44.40 73.69
N GLY E 103 55.53 -43.60 73.17
CA GLY E 103 56.93 -43.96 73.21
C GLY E 103 57.53 -43.74 74.58
N THR E 104 58.70 -44.36 74.80
CA THR E 104 59.33 -44.28 76.10
C THR E 104 59.94 -42.91 76.33
N GLY E 105 60.16 -42.15 75.28
CA GLY E 105 60.49 -40.73 75.39
C GLY E 105 61.97 -40.46 75.41
N THR E 106 62.32 -39.26 74.96
CA THR E 106 63.70 -38.82 74.80
C THR E 106 63.80 -37.42 75.42
N LYS E 107 64.78 -37.22 76.29
CA LYS E 107 65.09 -35.88 76.78
C LYS E 107 66.22 -35.24 75.98
N VAL E 108 65.98 -34.02 75.53
CA VAL E 108 66.98 -33.22 74.83
C VAL E 108 67.57 -32.23 75.81
N THR E 109 68.87 -32.02 75.76
CA THR E 109 69.51 -30.93 76.50
C THR E 109 70.33 -30.08 75.54
N VAL E 110 70.16 -28.76 75.62
CA VAL E 110 70.95 -27.84 74.81
C VAL E 110 72.26 -27.63 75.57
N LEU E 111 73.31 -28.31 75.14
CA LEU E 111 74.55 -28.37 75.91
C LEU E 111 75.23 -27.01 76.00
#